data_6A5U
#
_entry.id   6A5U
#
_cell.length_a   1
_cell.length_b   1
_cell.length_c   1
_cell.angle_alpha   90
_cell.angle_beta   90
_cell.angle_gamma   90
#
_symmetry.space_group_name_H-M   'P 1'
#
loop_
_entity.id
_entity.type
_entity.pdbx_description
1 polymer 'DNA-directed RNA polymerase subunit'
2 polymer 'DNA-directed RNA polymerase subunit beta'
3 polymer 'RNA polymerase II third largest subunit B44, part of central core'
4 polymer 'RNA polymerase II subunit B32'
5 polymer 'RNA polymerase subunit ABC27, common to RNA polymerases I, II, and III'
6 polymer 'RNA polymerase subunit ABC23, common to RNA polymerases I, II, and III'
7 polymer 'RNA polymerase II subunit'
8 polymer 'DNA-directed RNA polymerases I, II, and III subunit RPABC3'
9 polymer 'DNA-directed RNA polymerase subunit'
10 polymer 'RNA polymerase subunit ABC10-beta, common to RNA polymerases I, II, and III'
11 polymer 'RNA polymerase II subunit B12.5'
12 polymer 'RNA polymerase subunit ABC10-alpha'
13 polymer "RNA (5'-R(P*GP*GP*UP*GP*UP*CP*UP*UP*GP*GP*G)-3')"
14 polymer 'DNA (198-MER)'
15 polymer 'DNA (198-MER)'
16 polymer 'Histone H3.3'
17 polymer 'Histone H4'
18 polymer 'Histone H2A, Histone H2A type 1-B/E'
19 polymer 'Histone H2B, Histone H2B type 1-J'
20 polymer 'DNA (40-MER)'
21 polymer 'DNA (40-MER)'
22 non-polymer 'ZINC ION'
23 non-polymer 'MAGNESIUM ION'
#
loop_
_entity_poly.entity_id
_entity_poly.type
_entity_poly.pdbx_seq_one_letter_code
_entity_poly.pdbx_strand_id
1 'polypeptide(L)'
;MSQFPYSSAPLRSVKEVQFGLLSPEEIRAISVVKIEYPEIMDESRQRPREGGLNDPKLGSIDRNFKCQTCGEGMAECPGH
FGHMELAKPVFHIGFIPKIKKVCECICMNCGKLLLDETNPTMAQAIRIRDPKKRFNAVWQLCKTKMVCEADAPVDEYSEQ
KVVSRGGCGNTQPVVRKDGMKLWGTWKKSGFSDRDAQPERKLLTPGEILNVFKHISPEDCFRLGFNEDYARPEWMIITVL
PVPPPQVRPSIAMDETTQGQDDLTHKLSDILKANINVQKLEMDGSPQHIINEVEQLLQFHVATYMDNDIAGQPQALQKSG
RPVKAIRARLKGKEGRLRGNLMGKRVDFSARTVISGDPNLELDQVGVPISIAKTLSYPETVTQYNIHRLTEYVRNGPNEH
PGAKYVIRDNGDRIDLRYHKRAGDIVLQYGWKVERHLMDDDPVLFNRQPSLHKMSMMAHRVKVMPYSTFRLNLSVTSPYN
ADFDGDEMNLHVPQSEETRAELSQLCAVPLQIVSPQSNKPVMGIVQDTLCGVRKMTLRDTFIEYEQVMNMLFWVPSWDGV
VPQPAILKPKPLWTGKQLLSIAIPSGIHLQRTDGGNSLLSPKDNGMLIVDGKVMFGVVDKKTVGSGGGGLIHTVMREKGP
KICAELFGNIQKVVNYWLLHNGFSIGIGDAIADASTMKEITHAISSAKEQVQEIIYKAQHNELELKPGMTLRESFEGEVS
RTLNDARDSAGRSAEMNLKDLNNVKQMVSAGSKGSFINIAQMSACVGQQMVEGKRIAFGFADRSLPHFTKDDFSPESKGF
VENSYLRGLTPQEFFFHAMAGREGLIDTAVKTAETGYIQRRLVKALEDIMVHYDGTTRNSLGDIIQFLYGEDGLDGTQVE
RQTIDTIPGSDKAFHKRYYVDLMDEKNSIKPDVIEYAADILGDVELQKELNSEYEQLVSDRKFLREIVFVNGDHNWPLPV
NLRRIIQNAQQIFHLDRAKASDLTIPEIIHGVRDLCKKLFVLRGENELIKEAQQNATSLFQCLVRARLATRRILEEFRLN
RDAFEWVLGTIEAQFQRSLVHPGEMVGVIAAQSIGEPATQMTLNTFHYAGVSSKNVTLGVPRLKEILNVAKNIKTPALTV
YLDREIALDIEKAKVIQSSIEYTTLKNVTSATEIYYDPDPTSTVIEEDFDTVEAYFSIPDEKVEETIDKQSPWLLRLELD
RARMLDKQLTMNQVADKISEVFSDDLFVMWSEDNADKLIIRCRVIRDPKAMDEELEAEEDQMLKRIEAHMLDLIALRGIP
GISKVYMVKHKVSVPDESGEYKNEELWALETDGINLAEVMAVPGVDSSRTYSNSFVEILSVLGIEATRSSLYKEILNVIA
FDGSYVNYRHMALLVDVMTSRGYLMAITRHGINRADTGALMRCSFEETVEILFEAGAAAELDDCRGVSENVMLGQLAPMG
TGAFDVMIDEKLLTSLPADYAPTMPLFKGKATQGSATPYDNNAQYDDEFNHDDVADVMFSPMAETGSGDDRSGGLTEYAG
IQSPYQPTSPGLSATSPGFAPTSPGFAPTSPRYSPTSPGYSPTSPSYSPTSPSYSPTSPSYSPTSPSYSPTSPSYSPTSP
SYSPTSPSYSPTSPSYSPTSPSYSPTSPQYSPTSPQYSPTSPQYSPTSPQYSPTSPQYSPTSPQYSPTSPQYSPTSPQYS
PTSPQYSPTSPQYSPTSPQYSPTSPQYSPTSPQYSPTSPQYSPASPQYSPSRHSPNGESKEGE
;
A
2 'polypeptide(L)'
;MSYDPYSIDDTITTEDCWTVISAFFEEKGLVSQQLDSFDEFMETSIQDLVWEEPRLILDQPAQHTNEKDNINKRYEIRFG
KIYLSRPTMTEADGTTHAMFPQEARLRNLTYSSPVYLDMEKSMFTSIDDEGNPNATLDWQQVHEPIKDGVEEGNKVHIGK
VPIMLRSKFCSLRTLDEVDLYKMKECPYDMGGYFVINGSEKVLIAQERSAANIVQVFKKAAPSPISHVAEIRSALEKGSR
LISTMQIKLYGREDKGTGRTIKATLPYVKQDIPIVIVFRALGVVPDGEILQHICYDENDWQMLEMLKPCIEEGFVIQDKE
VALDFIGRRGSAALGIRREKRIQYAKDILQKELLPHITQEEGFETRKTFFLGYMVNRLLLCALERKDQDDRDHFGKKRLD
LAGPLLANLFRILFRKLTREIYRYMQRCIETDRDFNLNLAVKSTTITSGLKYSLATGNWGEQKKAMSSRAGVSQVLNRYT
YSSTLSHLRRTNTPIGRDGKLAKPRQLHNTHWGLVCPAETPEGQACGLVKNLSLLSGISIGSPSEPIINFLEEWGMEPLE
DYDPAQHTKSTRIFVNGVWTGIHRDPSMLVSTMRDLRRSGAISPEVSIIRDIREREFKIFTDVGRVYRPLFIVEDDESKD
NKGELRITKEHIRKIQQGYDDDAMNDDSEEQEQDVYGWSSLVTSGVIEYVDGEEEETIMIAMTPEDLQTRSLEQKEIDLN
DTAKRIKPEMSTSSHHTFTHCEIHPSMILGVAASIIPFPDHNQSPRNTYQSAMGKQAMGVFLTNYNVRMDTMANILYYPQ
KPLAKTQAMEYLKFRELPAGQNAIVAIACYSGYNQEDSMIMNQSSIDRGLFRSLFFRSYMDQEKRFGISIVEEFEKPTRA
TTLRLKHGTYEKLDEDGLIAPGVRVSGDDIIIGKTTPIPPDTEELGQRTKYHTKRDASTPLRSTENGIVDQVLLTTNQEG
LKFVKVRMRTTKVPQIGDKFASRHGQKGTIGVTYRHEDMPFSAEGIVPDLIINPHAIPSRMTVAHLIECLLSKVGSIRGY
EGDATPFTDLTVDAVSNLLRDNGYQSRGFEVMYNGHTGKKLMAQVFFGPTYYQRLRHMVDDKIHARARGPVQVLTRQPVE
GRSRDGGLRFGEMERDCMIAHGAAGFLKERLMEASDAFRVHVCGICGLMSVIANLKKNQFECRSCKNKTNIYQLHIPYAA
KLLFQELMAMNIAPRLYTERSGVSMRS
;
B
3 'polypeptide(L)'
;MSKEPKVNIINAQDDEVELMLSDVNLSLANSLRRTMLAEVPTLAIDLVEIKMNTSVLADEFISHRLGLIPLVSEDVEEMK
YSRDCTCEDYCDECSVVLELSARHEGEEGTTDVYSSSLIKVSGPGNLNVGEPVRRDDYDQGILLCKLRNHQELNIRCIAK
KGIAKEHAKWSPCSAIAFEYDPHNKLKHTDFWFEVDAKKEWPDSKYATWEEPPKPGEVFDYKAKPNRFYMTVETTGSLKA
NQVFSRGIKTLQEKLANVLFELENSRPANTTAYGGATAYGGQTVYGRETSYGGNTNYGDYNAPY
;
C
4 'polypeptide(L)'
;MNVSTSTVGARRRRAKQQVDDEENATLLRLGPEFALKQYDHDGNEHDLIALSLSESRLLIREALKARSRARNGGVDIESS
NGEIDDDELAKVTSGAVANGVVKKTLDYLNTFARFKDEETCTAVDQLLHNSSDCSVLHPFEIAQLSSLGCEDVDEAITLI
PSLAAKKEVNLQRILDELNRLEDPYK
;
D
5 'polypeptide(L)'
;MEDNNRIISRLWRSFRTVKEMAADRGYFISQEEMDQSLEEFRSKICDSMGNPQRKLMSFLANPTPEALEKYSDLGTLWVE
FCDEPSVGIKTMRNFCLRIQEKNFSTGIFIYQNNITPSANKMIPTVSPAIIETFQESDLVVNITHHELVPKHIRLSDGEK
SQLLQRYKLKESQLPRIQREDPVARYLGLKRGQVVKIIRRSETSGRYASYRICL
;
E
6 'polypeptide(L)'
;MSEDEAFNEQTENFENFEDEHFSDDNFEDRSTQPEDYAVGVTADGRQIINGDGIQEVNGTIKAHRKRSNKELAILKEERT
TTPYLTKYERARILGTRALQISMNAPVLVDIEGETDPLQIAMKELSQRKIPLVIRRYLPDGSYEDWGCDELIVDN
;
F
7 'polypeptide(L)'
;MFFLKDLSLILTLHPSYFGPQMNQYLREKLLTDVEGTCTGQFGYIVTVLDGMNIDVGKGRIIPGSGSAEFEVKYRAVVWK
PFKGEVVDAIVSNVSPIGFFADVGPLNVFVSTRLIPDNLVYNPSNSPPAYMSNDELITKGSKVRLKVVGTRTDVNEIYAI
GSIKEDFLGAI
;
G
8 'polypeptide(L)'
;MSSALFDDIFTVQTVDNGRYNKVSRIIGISTTNSAIKLTLDINNEMFPVSQDDSLTVTLANSLSLDGEDESANFSKSWRP
PKPTDKSLADDYDYVMFGTVYKFEEGDEDKIKVYVSFGGLLMCLEGGYKSLASLKQDNLYILIRR
;
H
9 'polypeptide(L)'
;MASFRFCLECNNMLYPKEDKENQRLLYSCRNCDYTELAEDPKVYRHELITNIGETAGIVDDIGQDPTLPRSDKECPECHS
RDCVFFQSQQRRKDTNMTLFYVCLNCKKTFRDESE
;
I
10 'polypeptide(L)' MIIPVRCFSCGKVVGDKWDAYLRLLEEGKQEGDALDELKLKRYCCRRMVLTHVDLIEKFLRYNPLEKKDFDS J
11 'polypeptide(L)'
;MNAPDRFELFILPDDVPKLKITPDSRVPNCIIIKFEREDHTLANLLREELALYPDVTFVAYKVEHPLFANFVMRLQTEEG
TRPKQALERACASIINKLKTLDHKFNEEWNIKNFSLND
;
K
12 'polypeptide(L)' MSREGFVAPSGTDLAAAASGVAPNKHYGVKYTCGACAHNFSLNKSDPVRCKECGHRVIYKARTKRMIQFDAR L
13 'polyribonucleotide' GGUGUCUUGGG P
14 'polydeoxyribonucleotide'
;(DA)(DT)(DC)(DA)(DG)(DA)(DA)(DT)(DC)(DC)(DC)(DG)(DG)(DT)(DG)(DC)(DC)(DG)(DA)(DG)
(DG)(DC)(DC)(DG)(DC)(DT)(DC)(DA)(DA)(DT)(DT)(DG)(DG)(DT)(DC)(DG)(DT)(DA)(DG)(DA)
(DC)(DA)(DG)(DC)(DT)(DC)(DT)(DA)(DG)(DC)(DA)(DC)(DC)(DG)(DC)(DT)(DT)(DA)(DA)(DA)
(DC)(DG)(DC)(DA)(DC)(DG)(DT)(DA)(DC)(DG)(DC)(DG)(DC)(DT)(DG)(DT)(DC)(DC)(DC)(DC)
(DC)(DG)(DC)(DG)(DT)(DT)(DT)(DT)(DA)(DA)(DC)(DC)(DG)(DC)(DC)(DA)(DA)(DG)(DG)(DG)
(DG)(DA)(DT)(DT)(DA)(DC)(DA)(DC)(DC)(DC)(DA)(DA)(DG)(DA)(DC)(DA)(DC)(DC)(DA)(DG)
(DG)(DC)(DA)(DC)(DG)(DA)(DG)(DA)(DC)(DA)(DG)(DA)(DA)(DA)(DA)(DA)(DA)(DA)(DC)(DA)
(DA)(DC)(DG)(DA)(DA)(DA)(DA)(DC)(DG)(DG)(DC)(DC)(DA)(DC)(DC)(DA)(DC)(DC)(DC)(DA)
(DA)(DA)(DC)(DA)(DC)(DA)(DC)(DC)(DA)(DA)(DA)(DC)(DA)(DC)(DA)(DA)(DG)(DA)(DG)(DC)
(DT)(DA)(DA)(DT)(DT)(DG)(DA)(DC)(DT)(DG)(DA)(DC)(DG)(DT)(DA)(DA)(DG)(DC)
;
T
15 'polydeoxyribonucleotide'
;(DG)(DC)(DT)(DT)(DA)(DC)(DG)(DT)(DC)(DA)(DG)(DT)(DC)(DT)(DG)(DG)(DC)(DC)(DA)(DT)
(DC)(DT)(DT)(DT)(DG)(DT)(DG)(DT)(DT)(DT)(DG)(DG)(DT)(DG)(DT)(DG)(DT)(DT)(DT)(DG)
(DG)(DG)(DT)(DG)(DG)(DT)(DG)(DG)(DC)(DC)(DG)(DT)(DT)(DT)(DT)(DC)(DG)(DT)(DT)(DG)
(DT)(DT)(DT)(DT)(DT)(DT)(DT)(DC)(DT)(DG)(DT)(DC)(DT)(DC)(DG)(DT)(DG)(DC)(DC)(DT)
(DG)(DG)(DT)(DG)(DT)(DC)(DT)(DT)(DG)(DG)(DG)(DT)(DG)(DT)(DA)(DA)(DT)(DC)(DC)(DC)
(DC)(DT)(DT)(DG)(DG)(DC)(DG)(DG)(DT)(DT)(DA)(DA)(DA)(DA)(DC)(DG)(DC)(DG)(DG)(DG)
(DG)(DG)(DA)(DC)(DA)(DG)(DC)(DG)(DC)(DG)(DT)(DA)(DC)(DG)(DT)(DG)(DC)(DG)(DT)(DT)
(DT)(DA)(DA)(DG)(DC)(DG)(DG)(DT)(DG)(DC)(DT)(DA)(DG)(DA)(DG)(DC)(DT)(DG)(DT)(DC)
(DT)(DA)(DC)(DG)(DA)(DC)(DC)(DA)(DA)(DT)(DT)(DG)(DA)(DG)(DC)(DG)(DG)(DC)(DC)(DT)
(DC)(DG)(DG)(DC)(DA)(DC)(DC)(DG)(DG)(DG)(DA)(DT)(DT)(DC)(DT)(DG)(DA)(DT)
;
N
16 'polypeptide(L)'
;GSHMARTKQTARKSTGGKAPRKQLATKAARKSAPSTGGVKKPHRYRPGTVALREIRRYQKSTELLIRKLPFQRLVREIAQ
DFKTDLRFQSAAIGALQEASEAYLVGLFEDTNLCAIHAKRVTIMPKDIQLARRIRGERA
;
a,e
17 'polypeptide(L)'
;GSHMSGRGKGGKGLGKGGAKRHRKVLRDNIQGITKPAIRRLARRGGVKRISGLIYEETRGVLKVFLENVIRDAVTYTEHA
KRKTVTAMDVVYALKRQGRTLYGFGG
;
b,f
18 'polypeptide(L)'
;GSHMSGRGKQGGKARAKAKTRSSRAGLQFPVGRVHRLLRKGNYSERVGAGAPVYLAAVLEYLTAEILELAGNAARDNKKT
RIIPRHLQLAIRNDEELNKLLGRVTIAQGGVLPNIQAVLLPKKTESHHKAKGK
;
c,g
19 'polypeptide(L)'
;GSHMPEPAKSAPAPKKGSKKAVTKAQKKDGKKRKRSRKESYSIYVYKVLKQVHPDTGISSKAMGIMNSFVNDIFERIAGE
ASRLAHYNKRSTITSREIQTAVRLLLPGELAKHAVSEGTKAVTKYTSAK
;
d,h
20 'polydeoxyribonucleotide'
;(DG)(DG)(DA)(DT)(DT)(DA)(DC)(DA)(DC)(DC)(DC)(DA)(DA)(DG)(DA)(DC)(DA)(DC)(DC)(DA)
(DG)(DG)(DC)(DA)(DC)(DG)(DA)(DG)(DA)(DC)(DA)(DG)(DA)(DA)(DA)(DA)(DA)(DA)(DA)(DC)
;
0
21 'polydeoxyribonucleotide'
;(DG)(DT)(DT)(DT)(DT)(DT)(DT)(DT)(DC)(DT)(DG)(DT)(DC)(DT)(DC)(DG)(DT)(DG)(DC)(DC)
(DT)(DG)(DG)(DT)(DG)(DT)(DC)(DT)(DT)(DG)(DG)(DG)(DT)(DG)(DT)(DA)(DA)(DT)(DC)(DC)
;
1
#
# COMPACT_ATOMS: atom_id res chain seq x y z
N SER A 2 -36.78 18.70 14.06
CA SER A 2 -37.47 18.64 15.34
C SER A 2 -38.39 17.45 15.39
N GLN A 3 -38.09 16.45 14.56
CA GLN A 3 -38.91 15.27 14.46
C GLN A 3 -38.69 14.29 15.61
N PHE A 4 -38.04 14.71 16.68
CA PHE A 4 -37.79 13.80 17.77
C PHE A 4 -38.82 13.99 18.87
N PRO A 5 -39.52 12.93 19.24
CA PRO A 5 -40.57 13.05 20.25
C PRO A 5 -40.00 13.54 21.55
N TYR A 6 -40.76 14.40 22.20
CA TYR A 6 -40.28 15.20 23.31
C TYR A 6 -39.84 14.32 24.48
N SER A 7 -38.93 14.88 25.28
CA SER A 7 -38.47 14.30 26.53
C SER A 7 -37.95 15.42 27.40
N SER A 8 -37.41 15.07 28.57
CA SER A 8 -36.86 16.09 29.45
C SER A 8 -35.36 15.96 29.65
N ALA A 9 -34.73 14.97 29.05
CA ALA A 9 -33.29 14.94 29.06
C ALA A 9 -32.76 16.17 28.33
N PRO A 10 -32.14 17.10 29.01
CA PRO A 10 -31.74 18.35 28.37
C PRO A 10 -30.78 18.06 27.22
N LEU A 11 -30.70 18.99 26.31
CA LEU A 11 -29.88 18.78 25.13
C LEU A 11 -28.44 19.19 25.41
N ARG A 12 -27.51 18.29 25.11
CA ARG A 12 -26.09 18.58 25.18
C ARG A 12 -25.36 17.65 24.23
N SER A 13 -24.27 18.13 23.66
CA SER A 13 -23.52 17.34 22.71
C SER A 13 -22.22 16.83 23.31
N VAL A 14 -21.56 15.93 22.59
CA VAL A 14 -20.39 15.23 23.11
C VAL A 14 -19.21 16.17 23.24
N LYS A 15 -18.31 15.85 24.17
CA LYS A 15 -17.07 16.60 24.35
C LYS A 15 -15.85 15.73 24.57
N GLU A 16 -15.97 14.55 25.15
CA GLU A 16 -14.79 13.78 25.53
C GLU A 16 -15.04 12.29 25.35
N VAL A 17 -14.23 11.65 24.51
CA VAL A 17 -14.25 10.20 24.39
C VAL A 17 -13.22 9.63 25.35
N GLN A 18 -13.58 8.59 26.08
CA GLN A 18 -12.73 7.98 27.10
C GLN A 18 -12.72 6.47 26.88
N PHE A 19 -11.73 5.97 26.16
CA PHE A 19 -11.75 4.55 25.91
C PHE A 19 -11.25 3.78 27.10
N GLY A 20 -11.84 2.61 27.31
CA GLY A 20 -11.44 1.74 28.39
C GLY A 20 -12.05 0.38 28.13
N LEU A 21 -11.49 -0.62 28.75
CA LEU A 21 -12.01 -1.95 28.55
C LEU A 21 -13.24 -2.11 29.44
N LEU A 22 -13.75 -3.33 29.53
CA LEU A 22 -15.03 -3.58 30.16
C LEU A 22 -14.87 -4.56 31.31
N SER A 23 -15.28 -4.15 32.50
CA SER A 23 -15.21 -5.07 33.62
C SER A 23 -16.31 -6.10 33.49
N PRO A 24 -16.00 -7.36 33.69
CA PRO A 24 -17.07 -8.34 33.83
C PRO A 24 -18.21 -7.86 34.70
N GLU A 25 -17.94 -7.12 35.78
CA GLU A 25 -19.06 -6.52 36.49
C GLU A 25 -19.80 -5.53 35.61
N GLU A 26 -19.07 -4.72 34.85
CA GLU A 26 -19.72 -3.72 34.02
C GLU A 26 -20.72 -4.37 33.07
N ILE A 27 -20.31 -5.47 32.45
CA ILE A 27 -21.23 -6.31 31.70
C ILE A 27 -22.44 -6.64 32.57
N ARG A 28 -22.21 -7.43 33.62
CA ARG A 28 -23.33 -7.95 34.40
C ARG A 28 -24.26 -6.85 34.86
N ALA A 29 -23.79 -5.63 34.86
CA ALA A 29 -24.61 -4.53 35.30
C ALA A 29 -25.40 -3.87 34.19
N ILE A 30 -24.87 -3.84 32.96
CA ILE A 30 -25.64 -3.21 31.89
C ILE A 30 -26.68 -4.12 31.28
N SER A 31 -26.43 -5.41 31.22
CA SER A 31 -27.26 -6.31 30.44
C SER A 31 -28.58 -6.53 31.15
N VAL A 32 -29.50 -7.23 30.50
CA VAL A 32 -30.79 -7.56 31.09
C VAL A 32 -31.19 -9.01 30.87
N VAL A 33 -30.30 -9.86 30.42
CA VAL A 33 -30.66 -11.26 30.27
C VAL A 33 -29.39 -12.09 30.22
N LYS A 34 -29.40 -13.19 30.97
CA LYS A 34 -28.43 -14.23 30.73
C LYS A 34 -28.98 -15.16 29.67
N ILE A 35 -28.13 -15.50 28.71
CA ILE A 35 -28.55 -16.21 27.52
C ILE A 35 -28.19 -17.68 27.67
N GLU A 36 -29.05 -18.55 27.15
CA GLU A 36 -28.88 -19.95 27.54
C GLU A 36 -28.84 -20.96 26.41
N TYR A 37 -29.63 -20.78 25.36
CA TYR A 37 -29.90 -21.96 24.53
C TYR A 37 -29.45 -21.76 23.10
N PRO A 38 -28.61 -22.64 22.58
CA PRO A 38 -28.24 -22.53 21.16
C PRO A 38 -29.42 -22.59 20.24
N GLU A 39 -30.50 -23.20 20.69
CA GLU A 39 -31.72 -23.24 19.89
C GLU A 39 -32.35 -21.85 19.82
N ILE A 40 -32.43 -21.31 18.60
CA ILE A 40 -33.05 -20.02 18.39
C ILE A 40 -34.55 -20.14 18.51
N MET A 41 -35.17 -20.79 17.54
CA MET A 41 -36.59 -21.06 17.57
C MET A 41 -36.95 -21.79 18.85
N ASP A 42 -38.20 -21.65 19.25
CA ASP A 42 -38.70 -22.55 20.28
C ASP A 42 -38.57 -23.95 19.71
N GLU A 43 -39.45 -24.28 18.78
CA GLU A 43 -39.30 -25.41 17.86
C GLU A 43 -39.92 -25.02 16.51
N SER A 44 -39.64 -23.78 16.08
CA SER A 44 -40.44 -23.07 15.09
C SER A 44 -41.86 -22.82 15.60
N ARG A 45 -41.96 -21.95 16.61
CA ARG A 45 -43.22 -21.76 17.34
C ARG A 45 -43.52 -20.29 17.61
N GLN A 46 -43.41 -19.44 16.59
CA GLN A 46 -44.17 -18.18 16.66
C GLN A 46 -43.81 -17.26 17.82
N ARG A 47 -42.76 -16.42 17.66
CA ARG A 47 -42.02 -15.72 18.71
C ARG A 47 -41.11 -16.68 19.45
N PRO A 48 -39.96 -16.99 18.86
CA PRO A 48 -39.05 -18.00 19.43
C PRO A 48 -38.66 -17.74 20.87
N ARG A 49 -38.01 -18.76 21.40
CA ARG A 49 -37.78 -18.93 22.82
C ARG A 49 -37.26 -17.67 23.48
N GLU A 50 -37.63 -17.46 24.75
CA GLU A 50 -36.92 -16.51 25.58
C GLU A 50 -35.67 -17.18 26.14
N GLY A 51 -34.61 -16.42 26.29
CA GLY A 51 -33.34 -16.95 26.74
C GLY A 51 -32.47 -17.45 25.61
N GLY A 52 -32.97 -17.43 24.39
CA GLY A 52 -32.18 -17.68 23.22
C GLY A 52 -31.57 -16.40 22.70
N LEU A 53 -31.30 -16.38 21.40
CA LEU A 53 -30.58 -15.25 20.85
C LEU A 53 -31.50 -14.16 20.32
N ASN A 54 -32.79 -14.21 20.62
CA ASN A 54 -33.74 -13.23 20.12
C ASN A 54 -34.79 -12.89 21.17
N ASP A 55 -34.42 -13.05 22.42
CA ASP A 55 -35.32 -12.76 23.53
C ASP A 55 -35.90 -11.36 23.40
N PRO A 56 -37.23 -11.22 23.32
CA PRO A 56 -37.83 -9.91 23.09
C PRO A 56 -37.62 -8.92 24.21
N LYS A 57 -36.85 -9.27 25.22
CA LYS A 57 -36.34 -8.21 26.07
C LYS A 57 -35.32 -7.35 25.35
N LEU A 58 -34.62 -7.92 24.37
CA LEU A 58 -33.51 -7.22 23.75
C LEU A 58 -33.96 -6.03 22.92
N GLY A 59 -35.24 -5.96 22.59
CA GLY A 59 -35.69 -4.95 21.66
C GLY A 59 -36.16 -5.66 20.41
N SER A 60 -37.41 -5.49 20.05
CA SER A 60 -37.97 -6.22 18.92
C SER A 60 -37.86 -5.37 17.66
N ILE A 61 -37.80 -6.04 16.52
CA ILE A 61 -37.65 -5.37 15.24
C ILE A 61 -38.93 -5.46 14.42
N ASP A 62 -40.07 -5.66 15.07
CA ASP A 62 -41.37 -5.79 14.40
C ASP A 62 -42.25 -4.60 14.73
N ARG A 63 -42.86 -4.03 13.70
CA ARG A 63 -43.51 -2.74 13.85
C ARG A 63 -44.67 -2.80 14.82
N ASN A 64 -45.34 -3.94 14.92
CA ASN A 64 -46.55 -4.04 15.73
C ASN A 64 -46.26 -4.25 17.21
N PHE A 65 -45.10 -4.79 17.57
CA PHE A 65 -44.83 -5.21 18.94
C PHE A 65 -43.84 -4.25 19.57
N LYS A 66 -44.35 -3.34 20.40
CA LYS A 66 -43.46 -2.56 21.24
C LYS A 66 -42.50 -3.49 21.98
N CYS A 67 -41.31 -2.99 22.26
CA CYS A 67 -40.38 -3.74 23.08
C CYS A 67 -40.79 -3.71 24.54
N GLN A 68 -40.77 -4.88 25.17
CA GLN A 68 -41.10 -4.97 26.58
C GLN A 68 -40.24 -4.06 27.42
N THR A 69 -38.96 -3.94 27.08
CA THR A 69 -37.99 -3.31 27.96
C THR A 69 -38.13 -1.79 27.91
N CYS A 70 -37.92 -1.18 26.76
CA CYS A 70 -38.04 0.26 26.69
C CYS A 70 -39.48 0.74 26.72
N GLY A 71 -40.36 0.06 26.00
CA GLY A 71 -41.70 0.57 25.86
C GLY A 71 -41.87 1.59 24.75
N GLU A 72 -41.09 1.49 23.69
CA GLU A 72 -41.17 2.40 22.56
C GLU A 72 -41.36 1.61 21.27
N GLY A 73 -41.31 2.32 20.14
CA GLY A 73 -41.34 1.69 18.84
C GLY A 73 -39.94 1.39 18.34
N MET A 74 -39.88 0.81 17.15
CA MET A 74 -38.59 0.48 16.56
C MET A 74 -37.82 1.71 16.10
N ALA A 75 -38.27 2.89 16.48
CA ALA A 75 -37.55 4.10 16.11
C ALA A 75 -36.85 4.72 17.30
N GLU A 76 -37.17 4.29 18.51
CA GLU A 76 -36.55 4.86 19.69
C GLU A 76 -35.67 3.89 20.45
N CYS A 77 -35.93 2.60 20.36
CA CYS A 77 -35.22 1.66 21.20
C CYS A 77 -33.85 1.40 20.61
N PRO A 78 -32.78 1.96 21.16
CA PRO A 78 -31.46 1.74 20.58
C PRO A 78 -31.05 0.29 20.55
N GLY A 79 -31.66 -0.55 21.36
CA GLY A 79 -31.13 -1.86 21.66
C GLY A 79 -30.93 -2.04 23.15
N HIS A 80 -30.55 -3.25 23.52
CA HIS A 80 -30.24 -3.56 24.90
C HIS A 80 -29.34 -4.78 24.86
N PHE A 81 -28.21 -4.77 25.58
CA PHE A 81 -27.28 -5.87 25.39
C PHE A 81 -27.62 -7.09 26.22
N GLY A 82 -27.17 -8.25 25.74
CA GLY A 82 -27.15 -9.44 26.52
C GLY A 82 -25.72 -9.78 26.89
N HIS A 83 -25.55 -10.95 27.50
CA HIS A 83 -24.22 -11.42 27.82
C HIS A 83 -24.26 -12.93 27.96
N MET A 84 -23.53 -13.60 27.10
CA MET A 84 -23.46 -15.04 27.11
C MET A 84 -22.40 -15.40 28.14
N GLU A 85 -22.54 -16.56 28.76
CA GLU A 85 -21.60 -16.97 29.81
C GLU A 85 -20.60 -17.98 29.28
N LEU A 86 -19.33 -17.62 29.35
CA LEU A 86 -18.29 -18.58 29.04
C LEU A 86 -18.08 -19.49 30.23
N ALA A 87 -17.66 -20.73 29.94
CA ALA A 87 -17.27 -21.62 31.03
C ALA A 87 -15.81 -21.44 31.36
N LYS A 88 -15.03 -21.43 30.41
CA LYS A 88 -13.60 -21.21 30.50
C LYS A 88 -13.26 -19.84 29.97
N PRO A 89 -13.08 -18.82 30.80
CA PRO A 89 -12.90 -17.46 30.28
C PRO A 89 -11.70 -17.38 29.37
N VAL A 90 -11.86 -16.58 28.31
CA VAL A 90 -11.06 -16.71 27.11
C VAL A 90 -10.28 -15.45 26.82
N PHE A 91 -9.28 -15.62 25.98
CA PHE A 91 -8.53 -14.50 25.41
C PHE A 91 -9.47 -13.53 24.70
N HIS A 92 -8.97 -12.32 24.53
CA HIS A 92 -9.51 -11.40 23.55
C HIS A 92 -8.62 -11.57 22.34
N ILE A 93 -9.10 -11.28 21.13
CA ILE A 93 -8.21 -11.56 20.02
C ILE A 93 -7.28 -10.41 19.66
N GLY A 94 -7.67 -9.18 19.96
CA GLY A 94 -6.82 -8.05 19.68
C GLY A 94 -5.73 -7.81 20.70
N PHE A 95 -5.41 -8.79 21.53
CA PHE A 95 -4.57 -8.55 22.67
C PHE A 95 -3.61 -9.68 22.97
N ILE A 96 -3.54 -10.70 22.12
CA ILE A 96 -2.51 -11.69 22.30
C ILE A 96 -1.13 -11.03 22.32
N PRO A 97 -0.75 -10.19 21.35
CA PRO A 97 0.60 -9.60 21.42
C PRO A 97 0.78 -8.69 22.62
N LYS A 98 -0.20 -7.84 22.93
CA LYS A 98 0.01 -6.98 24.10
C LYS A 98 0.05 -7.77 25.39
N ILE A 99 -0.78 -8.80 25.52
CA ILE A 99 -0.68 -9.57 26.75
C ILE A 99 0.61 -10.36 26.78
N LYS A 100 1.14 -10.75 25.62
CA LYS A 100 2.49 -11.25 25.58
C LYS A 100 3.45 -10.25 26.20
N LYS A 101 3.35 -8.99 25.80
CA LYS A 101 4.23 -8.00 26.39
C LYS A 101 4.12 -8.01 27.92
N VAL A 102 2.91 -7.85 28.41
CA VAL A 102 2.75 -7.69 29.85
C VAL A 102 3.24 -8.94 30.57
N CYS A 103 2.96 -10.12 30.04
CA CYS A 103 3.47 -11.31 30.69
C CYS A 103 4.97 -11.43 30.58
N GLU A 104 5.61 -10.79 29.61
CA GLU A 104 7.06 -10.72 29.69
C GLU A 104 7.50 -9.82 30.83
N CYS A 105 6.72 -8.79 31.13
CA CYS A 105 7.20 -7.80 32.10
C CYS A 105 7.31 -8.36 33.51
N ILE A 106 6.28 -9.05 33.99
CA ILE A 106 6.15 -9.24 35.42
C ILE A 106 6.37 -10.69 35.81
N CYS A 107 6.28 -10.99 37.09
CA CYS A 107 6.58 -12.33 37.58
C CYS A 107 5.54 -13.34 37.13
N MET A 108 5.81 -14.60 37.43
CA MET A 108 4.88 -15.70 37.21
C MET A 108 4.17 -16.12 38.47
N ASN A 109 4.74 -15.90 39.63
CA ASN A 109 4.13 -16.35 40.87
C ASN A 109 3.39 -15.22 41.56
N CYS A 110 3.97 -14.04 41.61
CA CYS A 110 3.34 -12.91 42.28
C CYS A 110 2.68 -11.96 41.31
N GLY A 111 3.29 -11.75 40.16
CA GLY A 111 2.77 -10.76 39.27
C GLY A 111 3.17 -9.40 39.74
N LYS A 112 4.47 -9.17 39.84
CA LYS A 112 5.00 -7.84 39.97
C LYS A 112 6.19 -7.65 39.03
N LEU A 113 6.46 -6.40 38.70
CA LEU A 113 7.40 -6.10 37.64
C LEU A 113 8.82 -6.44 38.04
N LEU A 114 9.53 -7.15 37.17
CA LEU A 114 10.88 -7.63 37.46
C LEU A 114 11.81 -6.57 38.04
N LEU A 115 11.43 -5.29 38.05
CA LEU A 115 12.34 -4.23 38.46
C LEU A 115 11.58 -3.15 39.20
N ASP A 116 12.31 -2.45 40.08
CA ASP A 116 11.81 -1.25 40.72
C ASP A 116 12.80 -0.11 40.53
N GLU A 117 12.53 1.02 41.17
CA GLU A 117 13.29 2.25 40.99
C GLU A 117 14.71 2.17 41.53
N THR A 118 15.20 0.96 41.77
CA THR A 118 16.62 0.75 42.07
C THR A 118 17.49 1.21 40.92
N ASN A 119 17.36 0.57 39.77
CA ASN A 119 17.97 1.12 38.58
C ASN A 119 17.41 2.51 38.35
N PRO A 120 18.23 3.56 38.44
CA PRO A 120 17.68 4.91 38.23
C PRO A 120 17.10 5.11 36.86
N THR A 121 17.54 4.35 35.85
CA THR A 121 16.91 4.46 34.55
C THR A 121 15.44 4.11 34.65
N MET A 122 15.10 3.12 35.47
CA MET A 122 13.71 2.83 35.78
C MET A 122 13.02 4.04 36.41
N ALA A 123 13.66 4.64 37.40
CA ALA A 123 13.08 5.77 38.11
C ALA A 123 13.00 7.00 37.23
N GLN A 124 13.61 6.97 36.05
CA GLN A 124 13.41 8.06 35.12
C GLN A 124 12.41 7.72 34.04
N ALA A 125 12.43 6.47 33.56
CA ALA A 125 11.39 6.00 32.64
C ALA A 125 10.02 6.20 33.22
N ILE A 126 9.85 5.86 34.51
CA ILE A 126 8.62 6.16 35.21
C ILE A 126 8.34 7.65 35.23
N ARG A 127 9.37 8.48 35.09
CA ARG A 127 9.05 9.91 35.06
C ARG A 127 8.59 10.40 33.69
N ILE A 128 8.21 9.50 32.78
CA ILE A 128 7.63 9.93 31.51
C ILE A 128 6.11 9.94 31.66
N ARG A 129 5.43 10.67 30.80
CA ARG A 129 3.98 10.77 30.93
C ARG A 129 3.21 10.05 29.84
N ASP A 130 3.86 9.52 28.82
CA ASP A 130 3.12 8.86 27.76
C ASP A 130 2.87 7.39 28.07
N PRO A 131 1.63 6.92 27.99
CA PRO A 131 1.37 5.51 28.24
C PRO A 131 2.16 4.59 27.34
N LYS A 132 2.11 4.78 26.01
CA LYS A 132 2.88 3.90 25.14
C LYS A 132 4.35 3.95 25.49
N LYS A 133 4.89 5.17 25.61
CA LYS A 133 6.31 5.34 25.88
C LYS A 133 6.71 4.80 27.24
N ARG A 134 5.87 5.04 28.24
CA ARG A 134 6.07 4.42 29.54
C ARG A 134 6.20 2.92 29.40
N PHE A 135 5.23 2.29 28.74
CA PHE A 135 5.28 0.85 28.62
C PHE A 135 6.49 0.41 27.84
N ASN A 136 6.89 1.17 26.84
CA ASN A 136 8.01 0.75 26.01
C ASN A 136 9.32 0.81 26.78
N ALA A 137 9.52 1.88 27.55
CA ALA A 137 10.69 1.95 28.40
C ALA A 137 10.70 0.83 29.42
N VAL A 138 9.56 0.61 30.09
CA VAL A 138 9.53 -0.45 31.08
C VAL A 138 9.87 -1.78 30.44
N TRP A 139 9.29 -2.06 29.29
CA TRP A 139 9.54 -3.36 28.65
C TRP A 139 10.94 -3.46 28.12
N GLN A 140 11.54 -2.34 27.73
CA GLN A 140 12.91 -2.41 27.25
C GLN A 140 13.86 -2.71 28.39
N LEU A 141 13.55 -2.22 29.59
CA LEU A 141 14.29 -2.68 30.75
C LEU A 141 14.01 -4.13 31.09
N CYS A 142 12.75 -4.53 31.18
CA CYS A 142 12.40 -5.78 31.83
C CYS A 142 12.38 -6.98 30.90
N LYS A 143 12.51 -6.76 29.59
CA LYS A 143 12.76 -7.87 28.68
C LYS A 143 14.18 -8.40 28.83
N THR A 144 15.03 -7.65 29.52
CA THR A 144 16.41 -8.03 29.77
C THR A 144 16.54 -9.03 30.91
N LYS A 145 15.80 -8.81 31.98
CA LYS A 145 15.80 -9.70 33.14
C LYS A 145 15.37 -11.09 32.69
N MET A 146 15.99 -12.13 33.24
CA MET A 146 15.61 -13.49 32.87
C MET A 146 15.19 -14.33 34.07
N VAL A 147 15.69 -14.02 35.26
CA VAL A 147 15.32 -14.72 36.47
C VAL A 147 14.63 -13.74 37.40
N CYS A 148 13.49 -14.13 37.95
CA CYS A 148 12.64 -13.20 38.68
C CYS A 148 13.35 -12.59 39.88
N GLU A 149 12.70 -11.64 40.51
CA GLU A 149 13.08 -11.29 41.87
C GLU A 149 12.00 -11.68 42.85
N ALA A 150 12.33 -12.60 43.74
CA ALA A 150 11.60 -12.67 45.00
C ALA A 150 11.78 -11.37 45.77
N ASP A 151 13.03 -11.00 46.04
CA ASP A 151 13.40 -9.78 46.73
C ASP A 151 12.97 -8.56 45.92
N ALA A 152 12.94 -7.40 46.55
CA ALA A 152 12.86 -6.15 45.79
C ALA A 152 14.12 -5.98 44.96
N PRO A 153 14.04 -6.01 43.62
CA PRO A 153 15.13 -6.20 42.66
C PRO A 153 16.35 -5.30 42.90
N LYS A 161 17.04 -11.58 57.81
CA LYS A 161 16.03 -10.75 57.18
C LYS A 161 16.11 -10.82 55.67
N VAL A 162 15.02 -11.25 55.05
CA VAL A 162 14.88 -11.27 53.59
C VAL A 162 13.59 -10.57 53.22
N VAL A 163 13.70 -9.53 52.41
CA VAL A 163 12.52 -8.72 52.00
C VAL A 163 12.24 -9.07 50.54
N SER A 164 11.17 -9.83 50.33
CA SER A 164 10.78 -10.28 48.99
C SER A 164 9.74 -9.35 48.40
N ARG A 165 10.04 -8.81 47.22
CA ARG A 165 9.11 -7.92 46.52
C ARG A 165 7.79 -8.58 46.17
N GLY A 166 7.72 -9.91 46.22
CA GLY A 166 6.52 -10.61 45.83
C GLY A 166 6.81 -11.86 45.03
N GLY A 167 7.74 -11.77 44.08
CA GLY A 167 8.14 -12.95 43.35
C GLY A 167 8.63 -14.03 44.27
N CYS A 168 8.73 -15.24 43.74
CA CYS A 168 9.16 -16.37 44.55
C CYS A 168 10.65 -16.62 44.50
N GLY A 169 11.35 -15.98 43.56
CA GLY A 169 12.75 -16.24 43.31
C GLY A 169 12.98 -17.10 42.10
N ASN A 170 12.02 -17.95 41.74
CA ASN A 170 12.17 -18.74 40.53
C ASN A 170 12.31 -17.83 39.32
N THR A 171 12.84 -18.41 38.25
CA THR A 171 13.12 -17.63 37.05
C THR A 171 11.83 -17.10 36.45
N GLN A 172 11.99 -16.31 35.39
CA GLN A 172 10.84 -15.94 34.57
C GLN A 172 11.00 -16.53 33.19
N PRO A 173 9.94 -17.09 32.63
CA PRO A 173 10.08 -17.87 31.41
C PRO A 173 10.33 -16.99 30.21
N VAL A 174 10.53 -17.65 29.08
CA VAL A 174 10.52 -16.99 27.78
C VAL A 174 9.13 -17.18 27.21
N VAL A 175 8.42 -16.08 26.98
CA VAL A 175 7.03 -16.11 26.52
C VAL A 175 7.01 -15.82 25.02
N ARG A 176 6.44 -16.73 24.26
CA ARG A 176 6.29 -16.57 22.82
C ARG A 176 4.81 -16.54 22.44
N LYS A 177 4.54 -16.00 21.26
CA LYS A 177 3.23 -16.10 20.65
C LYS A 177 3.27 -17.25 19.67
N ASP A 178 2.19 -18.01 19.57
CA ASP A 178 2.09 -19.04 18.55
C ASP A 178 0.63 -19.44 18.42
N GLY A 179 -0.01 -18.98 17.35
CA GLY A 179 -1.44 -19.17 17.19
C GLY A 179 -2.16 -18.45 18.30
N MET A 180 -3.22 -19.07 18.82
CA MET A 180 -3.88 -18.55 20.01
C MET A 180 -3.18 -19.02 21.26
N LYS A 181 -2.00 -19.61 21.12
CA LYS A 181 -1.36 -20.37 22.17
C LYS A 181 -0.10 -19.64 22.63
N LEU A 182 0.12 -19.64 23.94
CA LEU A 182 1.29 -18.99 24.50
C LEU A 182 2.26 -20.03 25.04
N TRP A 183 3.40 -20.14 24.38
CA TRP A 183 4.43 -21.10 24.78
C TRP A 183 5.39 -20.41 25.73
N GLY A 184 5.55 -21.02 26.91
CA GLY A 184 6.54 -20.56 27.87
C GLY A 184 7.65 -21.58 28.00
N THR A 185 8.88 -21.13 27.83
CA THR A 185 10.05 -21.98 27.92
C THR A 185 10.92 -21.45 29.06
N TRP A 186 10.88 -22.12 30.19
CA TRP A 186 11.85 -21.85 31.24
C TRP A 186 13.16 -22.54 30.92
N LYS A 187 14.15 -22.30 31.76
CA LYS A 187 15.31 -23.18 31.87
C LYS A 187 15.20 -24.03 33.14
N LYS A 188 14.07 -24.71 33.30
CA LYS A 188 13.69 -25.24 34.61
C LYS A 188 14.73 -26.22 35.12
N SER A 189 15.54 -25.75 36.06
CA SER A 189 16.47 -26.60 36.80
C SER A 189 15.69 -27.57 37.68
N ARG A 194 21.82 -25.03 36.46
CA ARG A 194 21.10 -23.86 35.96
C ARG A 194 20.17 -24.23 34.82
N ASP A 195 20.72 -24.80 33.75
CA ASP A 195 19.90 -25.24 32.63
C ASP A 195 19.49 -26.70 32.78
N ALA A 196 18.20 -26.97 32.63
CA ALA A 196 17.68 -28.33 32.59
C ALA A 196 16.42 -28.32 31.74
N GLN A 197 15.63 -29.40 31.85
CA GLN A 197 14.46 -29.63 31.00
C GLN A 197 13.50 -28.46 30.99
N PRO A 198 13.36 -27.76 29.86
CA PRO A 198 12.43 -26.63 29.77
C PRO A 198 10.99 -27.12 29.64
N GLU A 199 10.16 -26.80 30.64
CA GLU A 199 8.74 -27.12 30.59
C GLU A 199 8.05 -26.18 29.62
N ARG A 200 8.43 -26.28 28.34
CA ARG A 200 7.78 -25.45 27.34
C ARG A 200 6.31 -25.84 27.30
N LYS A 201 5.47 -24.93 27.80
CA LYS A 201 4.12 -25.32 28.17
C LYS A 201 3.15 -24.20 27.84
N LEU A 202 1.88 -24.52 27.94
CA LEU A 202 0.83 -23.61 27.56
C LEU A 202 0.44 -22.73 28.72
N LEU A 203 0.69 -21.44 28.59
CA LEU A 203 0.30 -20.49 29.63
C LEU A 203 -1.22 -20.31 29.55
N THR A 204 -1.92 -20.87 30.51
CA THR A 204 -3.35 -21.05 30.36
C THR A 204 -4.08 -19.73 30.57
N PRO A 205 -5.25 -19.55 29.96
CA PRO A 205 -6.04 -18.35 30.22
C PRO A 205 -6.37 -18.15 31.67
N GLY A 206 -6.92 -19.15 32.35
CA GLY A 206 -7.33 -18.93 33.73
C GLY A 206 -6.17 -18.59 34.64
N GLU A 207 -5.03 -19.26 34.45
CA GLU A 207 -3.90 -19.02 35.34
C GLU A 207 -3.39 -17.59 35.18
N ILE A 208 -3.17 -17.17 33.95
CA ILE A 208 -2.79 -15.79 33.72
C ILE A 208 -3.86 -14.84 34.23
N LEU A 209 -5.12 -15.27 34.24
CA LEU A 209 -6.16 -14.36 34.72
C LEU A 209 -6.02 -14.12 36.21
N ASN A 210 -5.92 -15.19 37.00
CA ASN A 210 -5.67 -15.00 38.41
C ASN A 210 -4.38 -14.24 38.64
N VAL A 211 -3.39 -14.41 37.76
CA VAL A 211 -2.13 -13.71 37.93
C VAL A 211 -2.35 -12.21 37.81
N PHE A 212 -2.98 -11.78 36.73
CA PHE A 212 -3.20 -10.35 36.58
C PHE A 212 -4.08 -9.81 37.70
N LYS A 213 -5.00 -10.63 38.21
CA LYS A 213 -5.90 -10.10 39.24
C LYS A 213 -5.19 -9.75 40.54
N HIS A 214 -3.87 -9.84 40.62
CA HIS A 214 -3.16 -9.66 41.88
C HIS A 214 -2.36 -8.37 41.93
N ILE A 215 -2.49 -7.46 40.97
CA ILE A 215 -1.55 -6.37 40.81
C ILE A 215 -2.12 -5.09 41.38
N SER A 216 -1.42 -4.52 42.35
CA SER A 216 -1.89 -3.30 42.98
C SER A 216 -1.71 -2.15 42.00
N PRO A 217 -2.32 -0.99 42.28
CA PRO A 217 -2.14 0.16 41.38
C PRO A 217 -0.68 0.56 41.18
N GLU A 218 0.26 -0.10 41.85
CA GLU A 218 1.64 0.35 41.77
C GLU A 218 2.29 -0.09 40.46
N ASP A 219 2.57 -1.39 40.32
CA ASP A 219 3.02 -1.89 39.02
C ASP A 219 1.95 -1.75 37.96
N CYS A 220 0.67 -1.66 38.36
CA CYS A 220 -0.36 -1.31 37.40
C CYS A 220 -0.07 0.02 36.74
N PHE A 221 -0.02 1.08 37.53
CA PHE A 221 0.23 2.39 36.95
C PHE A 221 1.56 2.45 36.25
N ARG A 222 2.56 1.71 36.74
CA ARG A 222 3.83 1.73 36.04
C ARG A 222 3.71 1.17 34.64
N LEU A 223 2.92 0.13 34.44
CA LEU A 223 2.85 -0.41 33.09
C LEU A 223 2.16 0.52 32.13
N GLY A 224 1.69 1.67 32.60
CA GLY A 224 1.01 2.59 31.71
C GLY A 224 -0.41 2.22 31.39
N PHE A 225 -0.95 1.21 32.04
CA PHE A 225 -2.37 0.92 32.00
C PHE A 225 -3.08 1.97 32.81
N ASN A 226 -4.34 1.74 33.15
CA ASN A 226 -4.95 2.68 34.07
C ASN A 226 -6.11 2.01 34.76
N GLU A 227 -5.96 1.84 36.07
CA GLU A 227 -6.90 1.03 36.84
C GLU A 227 -8.34 1.34 36.49
N ASP A 228 -8.78 2.54 36.80
CA ASP A 228 -10.20 2.83 36.79
C ASP A 228 -10.81 2.89 35.40
N TYR A 229 -10.03 2.73 34.38
CA TYR A 229 -10.69 2.53 33.10
C TYR A 229 -10.08 1.40 32.31
N ALA A 230 -8.80 1.10 32.50
CA ALA A 230 -8.12 0.11 31.67
C ALA A 230 -7.31 -0.81 32.57
N ARG A 231 -7.86 -1.98 32.84
CA ARG A 231 -7.35 -2.87 33.85
C ARG A 231 -6.59 -4.00 33.20
N PRO A 232 -5.45 -4.39 33.69
CA PRO A 232 -4.66 -5.38 32.98
C PRO A 232 -5.19 -6.80 33.08
N GLU A 233 -6.21 -7.06 33.89
CA GLU A 233 -6.82 -8.39 33.86
C GLU A 233 -8.15 -8.41 33.16
N TRP A 234 -8.57 -7.33 32.54
CA TRP A 234 -9.77 -7.37 31.72
C TRP A 234 -9.44 -7.65 30.27
N MET A 235 -8.19 -7.80 29.94
CA MET A 235 -7.82 -8.19 28.59
C MET A 235 -8.01 -9.63 28.35
N ILE A 236 -8.77 -10.32 29.18
CA ILE A 236 -9.14 -11.69 28.91
C ILE A 236 -10.63 -11.82 29.14
N ILE A 237 -11.36 -12.16 28.08
CA ILE A 237 -12.81 -12.12 28.08
C ILE A 237 -13.31 -13.12 29.09
N THR A 238 -14.20 -12.69 29.97
CA THR A 238 -14.85 -13.64 30.83
C THR A 238 -16.27 -13.92 30.39
N VAL A 239 -17.09 -12.89 30.28
CA VAL A 239 -18.49 -13.05 29.92
C VAL A 239 -18.75 -12.19 28.69
N LEU A 240 -18.77 -12.84 27.53
CA LEU A 240 -18.89 -12.15 26.24
C LEU A 240 -20.22 -11.47 26.09
N PRO A 241 -20.27 -10.17 25.86
CA PRO A 241 -21.55 -9.52 25.65
C PRO A 241 -22.13 -9.90 24.31
N VAL A 242 -23.42 -9.66 24.17
CA VAL A 242 -24.18 -10.06 22.99
C VAL A 242 -24.93 -8.85 22.46
N PRO A 243 -24.84 -8.55 21.17
CA PRO A 243 -25.43 -7.33 20.64
C PRO A 243 -26.91 -7.51 20.35
N PRO A 244 -27.73 -6.51 20.66
CA PRO A 244 -29.15 -6.59 20.35
C PRO A 244 -29.37 -6.78 18.87
N PRO A 245 -30.55 -7.21 18.45
CA PRO A 245 -30.74 -7.61 17.05
C PRO A 245 -30.58 -6.49 16.04
N GLN A 246 -30.62 -5.20 16.43
CA GLN A 246 -30.38 -4.17 15.43
C GLN A 246 -29.04 -4.35 14.75
N VAL A 247 -28.01 -4.70 15.51
CA VAL A 247 -26.73 -4.95 14.90
C VAL A 247 -26.74 -6.16 14.02
N ARG A 248 -27.66 -7.07 14.23
CA ARG A 248 -27.55 -8.22 13.36
C ARG A 248 -28.92 -8.60 12.82
N PRO A 249 -29.68 -7.64 12.30
CA PRO A 249 -31.05 -7.94 11.91
C PRO A 249 -31.05 -8.98 10.81
N SER A 250 -31.77 -10.07 11.06
CA SER A 250 -31.77 -11.15 10.10
C SER A 250 -32.50 -10.72 8.84
N ILE A 251 -31.81 -10.83 7.71
CA ILE A 251 -32.40 -10.56 6.41
C ILE A 251 -33.31 -11.73 6.05
N ALA A 252 -34.43 -11.42 5.39
CA ALA A 252 -35.34 -12.45 4.94
C ALA A 252 -34.79 -13.11 3.68
N MET A 253 -34.46 -14.40 3.78
CA MET A 253 -33.86 -15.17 2.69
C MET A 253 -34.70 -14.97 1.43
N ASP A 254 -35.97 -15.37 1.47
CA ASP A 254 -36.94 -15.00 0.46
C ASP A 254 -38.22 -14.51 1.14
N GLU A 255 -38.14 -13.31 1.71
CA GLU A 255 -39.25 -12.56 2.29
C GLU A 255 -40.12 -13.34 3.27
N THR A 256 -39.79 -14.61 3.53
CA THR A 256 -40.49 -15.42 4.52
C THR A 256 -39.50 -16.24 5.35
N THR A 257 -38.39 -16.63 4.73
CA THR A 257 -37.34 -17.39 5.38
C THR A 257 -36.27 -16.44 5.87
N GLN A 258 -35.95 -16.49 7.16
CA GLN A 258 -35.04 -15.51 7.73
C GLN A 258 -33.61 -16.00 7.60
N GLY A 259 -32.96 -15.62 6.51
CA GLY A 259 -31.55 -15.93 6.35
C GLY A 259 -30.72 -15.15 7.34
N GLN A 260 -30.27 -15.84 8.38
CA GLN A 260 -29.76 -15.18 9.56
C GLN A 260 -28.49 -14.38 9.29
N ASP A 261 -28.42 -13.23 9.94
CA ASP A 261 -27.25 -12.39 9.96
C ASP A 261 -26.08 -13.17 10.55
N ASP A 262 -24.91 -13.04 9.94
CA ASP A 262 -23.79 -13.92 10.29
C ASP A 262 -23.38 -13.80 11.75
N LEU A 263 -23.65 -12.67 12.41
CA LEU A 263 -23.43 -12.60 13.84
C LEU A 263 -24.31 -13.60 14.58
N THR A 264 -25.55 -13.76 14.14
CA THR A 264 -26.40 -14.73 14.79
C THR A 264 -25.82 -16.14 14.67
N HIS A 265 -25.30 -16.50 13.50
CA HIS A 265 -24.70 -17.83 13.39
C HIS A 265 -23.43 -17.96 14.22
N LYS A 266 -22.57 -16.95 14.20
CA LYS A 266 -21.38 -17.12 15.01
C LYS A 266 -21.72 -17.21 16.48
N LEU A 267 -22.75 -16.49 16.93
CA LEU A 267 -23.15 -16.63 18.31
C LEU A 267 -23.74 -18.00 18.59
N SER A 268 -24.46 -18.58 17.64
CA SER A 268 -24.95 -19.92 17.83
C SER A 268 -23.82 -20.91 18.00
N ASP A 269 -22.79 -20.81 17.18
CA ASP A 269 -21.68 -21.76 17.31
C ASP A 269 -20.93 -21.54 18.62
N ILE A 270 -20.79 -20.29 19.04
CA ILE A 270 -20.23 -20.04 20.36
C ILE A 270 -21.09 -20.65 21.46
N LEU A 271 -22.40 -20.49 21.38
CA LEU A 271 -23.22 -20.98 22.47
C LEU A 271 -23.21 -22.51 22.51
N LYS A 272 -23.22 -23.14 21.34
CA LYS A 272 -23.06 -24.60 21.31
C LYS A 272 -21.76 -25.02 21.96
N ALA A 273 -20.63 -24.50 21.47
CA ALA A 273 -19.38 -24.94 22.06
C ALA A 273 -19.28 -24.58 23.53
N ASN A 274 -19.96 -23.51 23.95
CA ASN A 274 -20.02 -23.18 25.36
C ASN A 274 -20.62 -24.32 26.15
N ILE A 275 -21.85 -24.70 25.80
CA ILE A 275 -22.48 -25.75 26.57
C ILE A 275 -21.69 -27.04 26.47
N ASN A 276 -21.14 -27.33 25.30
CA ASN A 276 -20.38 -28.57 25.16
C ASN A 276 -19.00 -28.51 25.78
N VAL A 277 -18.56 -27.35 26.26
CA VAL A 277 -17.46 -27.31 27.22
C VAL A 277 -17.97 -27.59 28.62
N GLN A 278 -19.05 -26.92 29.03
CA GLN A 278 -19.55 -27.16 30.38
C GLN A 278 -19.79 -28.63 30.66
N LYS A 279 -20.54 -29.32 29.80
CA LYS A 279 -20.97 -30.66 30.15
C LYS A 279 -19.81 -31.60 30.40
N LEU A 280 -18.61 -31.30 29.89
CA LEU A 280 -17.53 -32.23 30.16
C LEU A 280 -17.06 -32.19 31.61
N GLU A 281 -16.91 -31.02 32.21
CA GLU A 281 -16.45 -31.07 33.59
C GLU A 281 -17.55 -31.47 34.55
N MET A 282 -18.63 -32.07 34.05
CA MET A 282 -19.58 -32.81 34.89
C MET A 282 -19.74 -34.25 34.44
N ASP A 283 -18.73 -34.83 33.79
CA ASP A 283 -18.75 -36.24 33.43
C ASP A 283 -17.36 -36.65 32.94
N GLY A 284 -17.27 -37.86 32.38
CA GLY A 284 -16.02 -38.47 31.98
C GLY A 284 -15.48 -38.02 30.64
N SER A 285 -14.15 -37.93 30.53
CA SER A 285 -13.49 -37.29 29.41
C SER A 285 -11.99 -37.56 29.47
N PRO A 286 -11.34 -37.97 28.36
CA PRO A 286 -9.92 -38.36 28.43
C PRO A 286 -8.95 -37.19 28.40
N GLN A 287 -9.35 -36.06 28.97
CA GLN A 287 -8.46 -34.95 29.31
C GLN A 287 -7.77 -34.35 28.07
N HIS A 288 -8.00 -34.93 26.91
CA HIS A 288 -7.60 -34.29 25.67
C HIS A 288 -8.79 -33.78 24.89
N ILE A 289 -9.90 -34.51 24.88
CA ILE A 289 -11.13 -33.97 24.33
C ILE A 289 -11.58 -32.75 25.11
N ILE A 290 -11.37 -32.75 26.43
CA ILE A 290 -11.64 -31.54 27.21
C ILE A 290 -10.92 -30.36 26.61
N ASN A 291 -9.61 -30.48 26.48
CA ASN A 291 -8.81 -29.40 25.93
C ASN A 291 -9.25 -29.06 24.52
N GLU A 292 -9.70 -30.05 23.76
CA GLU A 292 -10.12 -29.74 22.41
C GLU A 292 -11.39 -28.91 22.42
N VAL A 293 -12.36 -29.25 23.26
CA VAL A 293 -13.58 -28.47 23.24
C VAL A 293 -13.30 -27.08 23.78
N GLU A 294 -12.39 -26.98 24.75
CA GLU A 294 -11.98 -25.66 25.22
C GLU A 294 -11.40 -24.84 24.09
N GLN A 295 -10.36 -25.37 23.45
CA GLN A 295 -9.71 -24.67 22.35
C GLN A 295 -10.70 -24.36 21.25
N LEU A 296 -11.74 -25.17 21.10
CA LEU A 296 -12.78 -24.85 20.14
C LEU A 296 -13.55 -23.61 20.54
N LEU A 297 -14.02 -23.56 21.78
CA LEU A 297 -14.68 -22.33 22.23
C LEU A 297 -13.77 -21.15 21.97
N GLN A 298 -12.49 -21.32 22.26
CA GLN A 298 -11.56 -20.23 22.00
C GLN A 298 -11.59 -19.83 20.54
N PHE A 299 -11.58 -20.81 19.65
CA PHE A 299 -11.52 -20.56 18.22
C PHE A 299 -12.74 -19.80 17.76
N HIS A 300 -13.91 -20.13 18.30
CA HIS A 300 -15.11 -19.39 17.91
C HIS A 300 -15.09 -17.97 18.44
N VAL A 301 -14.71 -17.77 19.70
CA VAL A 301 -14.64 -16.38 20.15
C VAL A 301 -13.62 -15.63 19.35
N ALA A 302 -12.57 -16.30 18.89
CA ALA A 302 -11.58 -15.63 18.08
C ALA A 302 -12.19 -15.21 16.76
N THR A 303 -12.57 -16.18 15.93
CA THR A 303 -13.13 -15.85 14.64
C THR A 303 -14.31 -14.89 14.74
N TYR A 304 -14.97 -14.80 15.89
CA TYR A 304 -16.04 -13.82 16.02
C TYR A 304 -15.51 -12.41 16.14
N MET A 305 -14.42 -12.21 16.89
CA MET A 305 -13.84 -10.89 16.96
C MET A 305 -12.84 -10.64 15.86
N ASP A 306 -12.67 -11.58 14.93
CA ASP A 306 -11.82 -11.38 13.75
C ASP A 306 -11.93 -12.59 12.83
N ASN A 307 -11.93 -12.38 11.54
CA ASN A 307 -11.64 -13.48 10.63
C ASN A 307 -10.43 -13.15 9.77
N ASP A 308 -9.45 -12.48 10.35
CA ASP A 308 -8.20 -12.18 9.68
C ASP A 308 -7.00 -12.74 10.43
N ILE A 309 -7.22 -13.69 11.33
CA ILE A 309 -6.12 -14.27 12.06
C ILE A 309 -5.19 -14.99 11.10
N ALA A 310 -3.90 -14.70 11.22
CA ALA A 310 -2.91 -15.37 10.39
C ALA A 310 -2.77 -16.83 10.80
N GLY A 311 -2.01 -17.57 10.01
CA GLY A 311 -1.67 -18.93 10.35
C GLY A 311 -2.80 -19.93 10.28
N GLN A 312 -4.02 -19.49 10.28
CA GLN A 312 -5.03 -20.52 10.29
C GLN A 312 -5.94 -20.41 9.08
N PRO A 313 -6.69 -21.45 8.76
CA PRO A 313 -7.73 -21.31 7.75
C PRO A 313 -8.86 -20.44 8.26
N GLN A 314 -9.33 -19.56 7.40
CA GLN A 314 -10.45 -18.70 7.72
C GLN A 314 -11.69 -19.54 7.96
N ALA A 315 -12.34 -19.30 9.09
CA ALA A 315 -13.54 -20.05 9.44
C ALA A 315 -14.64 -19.70 8.44
N LEU A 316 -15.29 -20.72 7.92
CA LEU A 316 -16.08 -20.58 6.70
C LEU A 316 -17.56 -20.45 7.01
N GLN A 317 -18.29 -19.88 6.07
CA GLN A 317 -19.73 -20.04 6.03
C GLN A 317 -20.08 -21.39 5.40
N LYS A 318 -21.37 -21.67 5.32
CA LYS A 318 -21.88 -22.90 4.75
C LYS A 318 -21.91 -22.85 3.23
N SER A 319 -21.01 -22.07 2.64
CA SER A 319 -21.10 -21.78 1.22
C SER A 319 -19.77 -21.79 0.48
N GLY A 320 -18.66 -21.55 1.16
CA GLY A 320 -17.39 -21.41 0.51
C GLY A 320 -16.74 -20.04 0.63
N ARG A 321 -17.44 -19.08 1.18
CA ARG A 321 -16.91 -17.75 1.40
C ARG A 321 -16.62 -17.55 2.88
N PRO A 322 -15.69 -16.66 3.21
CA PRO A 322 -15.36 -16.42 4.62
C PRO A 322 -16.48 -15.71 5.33
N VAL A 323 -16.39 -15.77 6.65
CA VAL A 323 -17.42 -15.24 7.53
C VAL A 323 -17.10 -13.80 7.88
N LYS A 324 -18.11 -12.94 7.82
CA LYS A 324 -17.95 -11.54 8.13
C LYS A 324 -17.77 -11.38 9.64
N ALA A 325 -16.58 -10.99 10.08
CA ALA A 325 -16.36 -10.76 11.50
C ALA A 325 -17.04 -9.49 11.99
N ILE A 326 -16.61 -8.97 13.14
CA ILE A 326 -16.82 -7.56 13.41
C ILE A 326 -15.63 -6.75 12.94
N ARG A 327 -14.45 -7.35 12.85
CA ARG A 327 -13.29 -6.64 12.33
C ARG A 327 -13.48 -6.28 10.87
N ALA A 328 -13.79 -7.26 10.02
CA ALA A 328 -13.99 -6.95 8.62
C ALA A 328 -15.10 -5.93 8.41
N ARG A 329 -15.90 -5.66 9.42
CA ARG A 329 -16.91 -4.64 9.26
C ARG A 329 -16.42 -3.27 9.63
N LEU A 330 -15.18 -3.11 10.04
CA LEU A 330 -14.75 -1.76 10.33
C LEU A 330 -13.63 -1.27 9.42
N LYS A 331 -12.90 -2.17 8.77
CA LYS A 331 -11.73 -1.76 8.04
C LYS A 331 -12.06 -1.55 6.57
N GLY A 332 -11.02 -1.55 5.75
CA GLY A 332 -11.16 -1.60 4.31
C GLY A 332 -11.80 -0.35 3.74
N LYS A 333 -12.07 -0.41 2.43
CA LYS A 333 -12.70 0.72 1.78
C LYS A 333 -14.17 0.84 2.19
N GLU A 334 -14.73 -0.23 2.75
CA GLU A 334 -16.17 -0.33 2.93
C GLU A 334 -16.57 -0.67 4.36
N GLY A 335 -15.83 -0.19 5.33
CA GLY A 335 -16.13 -0.48 6.72
C GLY A 335 -17.33 0.28 7.22
N ARG A 336 -17.17 0.82 8.42
CA ARG A 336 -18.15 1.76 8.95
C ARG A 336 -17.63 3.19 8.90
N LEU A 337 -16.35 3.39 9.23
CA LEU A 337 -15.81 4.74 9.15
C LEU A 337 -15.61 5.15 7.70
N ARG A 338 -14.69 4.50 7.00
CA ARG A 338 -14.62 4.71 5.57
C ARG A 338 -15.90 4.29 4.88
N GLY A 339 -16.81 3.64 5.61
CA GLY A 339 -18.00 3.09 5.02
C GLY A 339 -19.25 3.90 5.25
N ASN A 340 -19.45 4.45 6.44
CA ASN A 340 -20.67 5.21 6.67
C ASN A 340 -20.54 6.35 7.66
N LEU A 341 -19.43 6.52 8.36
CA LEU A 341 -19.29 7.67 9.25
C LEU A 341 -18.38 8.74 8.67
N MET A 342 -17.37 8.36 7.89
CA MET A 342 -16.65 9.37 7.12
C MET A 342 -17.57 9.97 6.07
N GLY A 343 -17.96 9.18 5.09
CA GLY A 343 -18.82 9.65 4.03
C GLY A 343 -19.94 8.66 3.77
N LYS A 344 -21.14 9.19 3.67
CA LYS A 344 -22.32 8.37 3.63
C LYS A 344 -23.18 8.85 2.48
N ARG A 345 -24.05 7.98 2.00
CA ARG A 345 -25.07 8.41 1.06
C ARG A 345 -25.95 9.42 1.77
N VAL A 346 -26.58 10.30 1.01
CA VAL A 346 -27.47 11.29 1.59
C VAL A 346 -28.63 11.57 0.65
N ASP A 347 -29.44 12.54 1.04
CA ASP A 347 -30.71 12.80 0.40
C ASP A 347 -30.78 14.21 -0.17
N PHE A 348 -31.92 14.47 -0.79
CA PHE A 348 -32.10 15.68 -1.55
C PHE A 348 -30.94 15.90 -2.49
N SER A 349 -30.52 14.85 -3.14
CA SER A 349 -29.50 14.97 -4.15
C SER A 349 -30.15 14.95 -5.52
N ALA A 350 -29.32 14.82 -6.55
CA ALA A 350 -29.75 14.50 -7.90
C ALA A 350 -28.51 14.40 -8.76
N ARG A 351 -28.54 13.50 -9.72
CA ARG A 351 -27.46 13.23 -10.65
C ARG A 351 -28.01 13.55 -12.02
N THR A 352 -27.17 13.59 -13.05
CA THR A 352 -27.68 13.63 -14.41
C THR A 352 -26.55 13.67 -15.42
N VAL A 353 -26.91 13.96 -16.67
CA VAL A 353 -25.97 14.42 -17.68
C VAL A 353 -26.16 15.92 -17.84
N ILE A 354 -25.07 16.65 -18.06
CA ILE A 354 -25.07 18.10 -18.06
C ILE A 354 -24.97 18.64 -19.49
N SER A 355 -25.27 19.94 -19.66
CA SER A 355 -25.20 20.55 -20.98
C SER A 355 -24.93 22.06 -20.89
N GLY A 356 -24.23 22.56 -21.91
CA GLY A 356 -23.70 23.92 -21.85
C GLY A 356 -24.56 24.90 -22.61
N ASP A 357 -24.62 26.12 -22.09
CA ASP A 357 -25.65 27.01 -22.60
C ASP A 357 -25.32 28.47 -22.35
N PRO A 358 -24.59 29.08 -23.28
CA PRO A 358 -24.03 30.41 -23.04
C PRO A 358 -25.03 31.50 -22.76
N ASN A 359 -26.32 31.26 -22.80
CA ASN A 359 -27.27 32.38 -22.68
C ASN A 359 -27.73 32.59 -21.23
N LEU A 360 -26.78 32.41 -20.32
CA LEU A 360 -27.05 32.42 -18.91
C LEU A 360 -26.16 33.49 -18.30
N GLU A 361 -26.28 33.66 -17.00
CA GLU A 361 -25.24 34.41 -16.31
C GLU A 361 -24.07 33.46 -16.06
N LEU A 362 -23.23 33.81 -15.10
CA LEU A 362 -22.19 32.87 -14.70
C LEU A 362 -22.58 32.05 -13.49
N ASP A 363 -23.19 32.67 -12.50
CA ASP A 363 -23.58 31.97 -11.29
C ASP A 363 -25.01 31.44 -11.39
N GLN A 364 -25.32 30.79 -12.51
CA GLN A 364 -26.61 30.11 -12.62
C GLN A 364 -26.42 28.70 -13.16
N VAL A 365 -27.35 27.83 -12.80
CA VAL A 365 -27.35 26.43 -13.22
C VAL A 365 -28.77 26.07 -13.63
N GLY A 366 -28.91 25.21 -14.62
CA GLY A 366 -30.23 24.95 -15.16
C GLY A 366 -30.75 23.57 -14.78
N VAL A 367 -31.82 23.57 -14.00
CA VAL A 367 -32.48 22.35 -13.54
C VAL A 367 -33.65 22.05 -14.45
N PRO A 368 -33.80 20.82 -14.93
CA PRO A 368 -35.01 20.46 -15.68
C PRO A 368 -36.24 20.54 -14.80
N ILE A 369 -37.41 20.59 -15.41
CA ILE A 369 -38.58 20.86 -14.59
C ILE A 369 -38.88 19.69 -13.67
N SER A 370 -38.67 18.46 -14.12
CA SER A 370 -39.01 17.35 -13.25
C SER A 370 -38.18 17.37 -11.98
N ILE A 371 -36.86 17.40 -12.11
CA ILE A 371 -36.04 17.42 -10.92
C ILE A 371 -36.44 18.56 -10.01
N ALA A 372 -36.93 19.66 -10.57
CA ALA A 372 -37.39 20.72 -9.70
C ALA A 372 -38.69 20.38 -9.00
N LYS A 373 -39.56 19.59 -9.62
CA LYS A 373 -40.80 19.26 -8.92
C LYS A 373 -40.59 18.12 -7.93
N THR A 374 -39.54 17.32 -8.14
CA THR A 374 -39.25 16.21 -7.24
C THR A 374 -38.64 16.70 -5.94
N LEU A 375 -37.51 17.38 -6.01
CA LEU A 375 -36.88 17.90 -4.81
C LEU A 375 -37.77 18.93 -4.16
N SER A 376 -37.29 19.51 -3.08
CA SER A 376 -38.05 20.55 -2.42
C SER A 376 -37.14 21.30 -1.46
N TYR A 377 -37.53 22.51 -1.16
CA TYR A 377 -36.90 23.38 -0.25
C TYR A 377 -37.93 23.61 0.82
N PRO A 378 -37.59 23.47 2.05
CA PRO A 378 -38.54 23.83 3.11
C PRO A 378 -38.49 25.29 3.49
N GLU A 379 -39.52 26.02 3.10
CA GLU A 379 -39.67 27.41 3.46
C GLU A 379 -40.63 27.56 4.63
N THR A 380 -40.29 28.45 5.54
CA THR A 380 -41.15 28.70 6.68
C THR A 380 -42.02 29.92 6.40
N VAL A 381 -43.26 29.89 6.88
CA VAL A 381 -44.20 30.95 6.58
C VAL A 381 -43.90 32.14 7.48
N THR A 382 -44.12 33.34 7.00
CA THR A 382 -43.83 34.55 7.76
C THR A 382 -45.00 35.50 7.71
N GLN A 383 -44.82 36.68 8.31
CA GLN A 383 -45.78 37.75 8.16
C GLN A 383 -45.55 38.55 6.89
N TYR A 384 -44.95 37.96 5.88
CA TYR A 384 -44.84 38.63 4.60
C TYR A 384 -45.25 37.78 3.42
N ASN A 385 -45.15 36.46 3.52
CA ASN A 385 -45.20 35.70 2.30
C ASN A 385 -46.17 34.53 2.36
N ILE A 386 -47.32 34.71 3.02
CA ILE A 386 -48.33 33.67 2.95
C ILE A 386 -48.86 33.57 1.53
N HIS A 387 -48.72 34.63 0.75
CA HIS A 387 -49.43 34.71 -0.51
C HIS A 387 -48.86 33.72 -1.51
N ARG A 388 -47.58 33.88 -1.86
CA ARG A 388 -46.97 32.96 -2.79
C ARG A 388 -47.08 31.53 -2.29
N LEU A 389 -47.04 31.33 -0.98
CA LEU A 389 -47.09 29.99 -0.47
C LEU A 389 -48.46 29.36 -0.71
N THR A 390 -49.53 30.08 -0.43
CA THR A 390 -50.84 29.58 -0.81
C THR A 390 -50.88 29.28 -2.30
N GLU A 391 -50.23 30.12 -3.09
CA GLU A 391 -50.16 29.86 -4.51
C GLU A 391 -49.55 28.52 -4.80
N TYR A 392 -48.45 28.20 -4.12
CA TYR A 392 -47.76 26.94 -4.41
C TYR A 392 -48.62 25.78 -3.95
N VAL A 393 -49.34 25.98 -2.85
CA VAL A 393 -50.37 25.04 -2.43
C VAL A 393 -51.27 24.72 -3.61
N ARG A 394 -51.87 25.76 -4.18
CA ARG A 394 -52.87 25.53 -5.21
C ARG A 394 -52.27 24.90 -6.46
N ASN A 395 -51.09 25.31 -6.88
CA ASN A 395 -50.46 24.58 -7.97
C ASN A 395 -50.22 23.13 -7.57
N GLY A 396 -50.22 22.84 -6.28
CA GLY A 396 -50.21 21.49 -5.84
C GLY A 396 -48.92 20.80 -6.17
N PRO A 397 -48.95 19.47 -6.26
CA PRO A 397 -47.72 18.68 -6.27
C PRO A 397 -47.30 18.16 -7.63
N ASN A 398 -47.94 18.56 -8.71
CA ASN A 398 -47.54 18.04 -9.99
C ASN A 398 -47.56 19.10 -11.07
N GLU A 399 -47.88 20.33 -10.71
CA GLU A 399 -47.84 21.44 -11.66
C GLU A 399 -46.94 22.51 -11.05
N HIS A 400 -45.74 22.59 -11.55
CA HIS A 400 -44.84 23.64 -11.11
C HIS A 400 -45.37 25.01 -11.52
N PRO A 401 -45.21 26.05 -10.71
CA PRO A 401 -44.50 26.14 -9.43
C PRO A 401 -45.32 25.63 -8.27
N GLY A 402 -44.99 24.46 -7.73
CA GLY A 402 -45.92 23.81 -6.84
C GLY A 402 -45.36 23.35 -5.52
N ALA A 403 -46.20 22.73 -4.69
CA ALA A 403 -45.84 22.37 -3.32
C ALA A 403 -46.06 20.89 -3.09
N LYS A 404 -45.57 20.38 -1.96
CA LYS A 404 -45.75 18.98 -1.60
C LYS A 404 -46.16 18.73 -0.16
N TYR A 405 -45.68 19.53 0.79
CA TYR A 405 -46.01 19.27 2.18
C TYR A 405 -46.23 20.58 2.89
N VAL A 406 -47.30 20.64 3.66
CA VAL A 406 -47.54 21.71 4.61
C VAL A 406 -47.50 21.07 5.98
N ILE A 407 -46.39 21.23 6.67
CA ILE A 407 -46.17 20.50 7.91
C ILE A 407 -46.41 21.42 9.09
N ARG A 408 -47.21 20.95 10.04
CA ARG A 408 -47.43 21.73 11.25
C ARG A 408 -46.14 21.81 12.05
N ASP A 409 -46.14 22.75 13.00
CA ASP A 409 -45.03 22.87 13.93
C ASP A 409 -45.05 21.81 15.02
N ASN A 410 -45.97 20.84 14.94
CA ASN A 410 -45.97 19.71 15.84
C ASN A 410 -45.28 18.47 15.28
N GLY A 411 -45.33 18.28 13.97
CA GLY A 411 -44.70 17.13 13.36
C GLY A 411 -45.68 16.35 12.52
N ASP A 412 -46.87 16.90 12.37
CA ASP A 412 -47.93 16.25 11.61
C ASP A 412 -47.85 16.73 10.16
N ARG A 413 -47.61 15.79 9.25
CA ARG A 413 -47.44 16.10 7.85
C ARG A 413 -48.76 16.05 7.13
N ILE A 414 -49.06 17.08 6.37
CA ILE A 414 -50.24 17.14 5.52
C ILE A 414 -49.73 16.84 4.11
N ASP A 415 -49.62 15.57 3.78
CA ASP A 415 -49.06 15.17 2.50
C ASP A 415 -50.01 15.53 1.38
N LEU A 416 -49.51 16.22 0.36
CA LEU A 416 -50.37 16.80 -0.66
C LEU A 416 -50.42 16.03 -1.97
N ARG A 417 -50.17 14.74 -1.95
CA ARG A 417 -50.67 13.94 -3.06
C ARG A 417 -51.99 13.27 -2.73
N TYR A 418 -52.22 12.90 -1.48
CA TYR A 418 -53.40 12.13 -1.08
C TYR A 418 -54.34 12.98 -0.25
N HIS A 419 -54.48 14.25 -0.57
CA HIS A 419 -55.39 15.11 0.18
C HIS A 419 -56.40 15.66 -0.80
N LYS A 420 -57.57 14.99 -0.86
CA LYS A 420 -58.55 15.24 -1.90
C LYS A 420 -59.00 16.69 -1.95
N ARG A 421 -58.81 17.43 -0.85
CA ARG A 421 -59.48 18.70 -0.64
C ARG A 421 -58.47 19.75 -0.16
N ALA A 422 -57.36 19.85 -0.90
CA ALA A 422 -56.29 20.75 -0.50
C ALA A 422 -56.79 22.18 -0.28
N GLY A 423 -57.83 22.60 -0.98
CA GLY A 423 -58.27 23.98 -0.91
C GLY A 423 -58.76 24.44 0.44
N ASP A 424 -58.74 23.55 1.45
CA ASP A 424 -59.34 23.82 2.75
C ASP A 424 -58.31 24.19 3.81
N ILE A 425 -57.23 24.87 3.44
CA ILE A 425 -56.07 24.99 4.33
C ILE A 425 -55.65 26.46 4.41
N VAL A 426 -56.03 27.11 5.49
CA VAL A 426 -55.42 28.39 5.84
C VAL A 426 -54.30 28.11 6.84
N LEU A 427 -53.30 28.98 6.85
CA LEU A 427 -52.03 28.68 7.47
C LEU A 427 -51.82 29.53 8.71
N GLN A 428 -50.85 29.12 9.52
CA GLN A 428 -50.46 29.84 10.72
C GLN A 428 -49.03 30.30 10.59
N TYR A 429 -48.71 31.41 11.23
CA TYR A 429 -47.33 31.86 11.23
C TYR A 429 -46.47 30.85 11.97
N GLY A 430 -45.69 30.07 11.23
CA GLY A 430 -44.73 29.18 11.83
C GLY A 430 -44.66 27.79 11.24
N TRP A 431 -45.57 27.42 10.36
CA TRP A 431 -45.51 26.07 9.80
C TRP A 431 -44.39 25.98 8.80
N LYS A 432 -44.23 24.80 8.23
CA LYS A 432 -43.27 24.61 7.16
C LYS A 432 -43.97 24.25 5.86
N VAL A 433 -43.29 24.47 4.74
CA VAL A 433 -43.72 23.98 3.44
C VAL A 433 -42.52 23.39 2.73
N GLU A 434 -42.62 22.15 2.30
CA GLU A 434 -41.65 21.67 1.32
C GLU A 434 -42.20 22.12 -0.01
N ARG A 435 -41.85 23.33 -0.41
CA ARG A 435 -42.27 23.80 -1.71
C ARG A 435 -41.23 23.44 -2.76
N HIS A 436 -41.61 23.64 -4.00
CA HIS A 436 -40.75 23.29 -5.10
C HIS A 436 -39.53 24.16 -5.12
N LEU A 437 -38.71 23.95 -6.14
CA LEU A 437 -37.42 24.58 -6.26
C LEU A 437 -37.54 25.69 -7.29
N MET A 438 -38.00 26.87 -6.87
CA MET A 438 -38.28 27.92 -7.83
C MET A 438 -37.01 28.61 -8.28
N ASP A 439 -37.18 29.77 -8.90
CA ASP A 439 -36.07 30.43 -9.55
C ASP A 439 -35.08 30.99 -8.55
N ASP A 440 -33.82 30.64 -8.75
CA ASP A 440 -32.71 31.22 -8.00
C ASP A 440 -32.80 30.92 -6.51
N ASP A 441 -32.87 29.67 -6.16
CA ASP A 441 -32.53 29.33 -4.80
C ASP A 441 -31.22 28.59 -4.80
N PRO A 442 -30.24 29.03 -4.02
CA PRO A 442 -28.88 28.60 -4.29
C PRO A 442 -28.70 27.12 -4.05
N VAL A 443 -28.55 26.38 -5.14
CA VAL A 443 -28.23 24.98 -4.96
C VAL A 443 -26.75 24.82 -5.15
N LEU A 444 -26.27 23.67 -4.76
CA LEU A 444 -24.85 23.40 -4.85
C LEU A 444 -24.58 22.77 -6.21
N PHE A 445 -23.40 22.20 -6.36
CA PHE A 445 -23.09 21.45 -7.56
C PHE A 445 -21.88 20.63 -7.19
N ASN A 446 -21.46 19.74 -8.08
CA ASN A 446 -20.30 18.95 -7.71
C ASN A 446 -19.87 18.13 -8.89
N ARG A 447 -18.80 17.38 -8.72
CA ARG A 447 -18.39 16.41 -9.69
C ARG A 447 -17.37 15.50 -9.06
N GLN A 448 -17.69 14.24 -8.93
CA GLN A 448 -16.64 13.31 -8.61
C GLN A 448 -15.70 13.24 -9.80
N PRO A 449 -14.41 13.16 -9.57
CA PRO A 449 -13.86 13.23 -8.23
C PRO A 449 -13.65 14.69 -7.86
N SER A 450 -13.86 15.11 -6.61
CA SER A 450 -13.63 16.52 -6.27
C SER A 450 -12.18 16.74 -5.86
N LEU A 451 -11.37 17.14 -6.81
CA LEU A 451 -9.94 17.22 -6.57
C LEU A 451 -9.40 18.59 -6.21
N HIS A 452 -10.24 19.57 -5.93
CA HIS A 452 -9.78 20.82 -5.37
C HIS A 452 -10.96 21.76 -5.21
N LYS A 453 -10.86 22.63 -4.20
CA LYS A 453 -12.04 23.27 -3.65
C LYS A 453 -12.86 24.02 -4.67
N MET A 454 -12.56 23.94 -5.96
CA MET A 454 -13.49 24.40 -6.97
C MET A 454 -14.47 23.34 -7.42
N SER A 455 -14.16 22.06 -7.30
CA SER A 455 -15.18 21.11 -7.71
C SER A 455 -16.48 21.29 -6.94
N MET A 456 -16.60 22.29 -6.09
CA MET A 456 -17.87 22.57 -5.43
C MET A 456 -18.05 24.05 -5.33
N MET A 457 -18.97 24.58 -6.09
CA MET A 457 -19.35 25.96 -5.94
C MET A 457 -20.85 25.98 -5.88
N ALA A 458 -21.41 27.02 -5.30
CA ALA A 458 -22.83 27.21 -5.42
C ALA A 458 -23.22 27.43 -6.87
N HIS A 459 -24.48 27.76 -7.06
CA HIS A 459 -24.91 28.43 -8.26
C HIS A 459 -26.18 29.19 -7.93
N ARG A 460 -26.98 29.46 -8.95
CA ARG A 460 -28.38 29.79 -8.78
C ARG A 460 -29.16 29.01 -9.82
N VAL A 461 -30.46 28.89 -9.60
CA VAL A 461 -31.30 28.00 -10.40
C VAL A 461 -32.13 28.79 -11.38
N LYS A 462 -32.13 28.36 -12.63
CA LYS A 462 -33.12 28.81 -13.60
C LYS A 462 -33.67 27.57 -14.28
N VAL A 463 -35.00 27.53 -14.42
CA VAL A 463 -35.73 26.30 -14.66
C VAL A 463 -36.01 26.13 -16.13
N MET A 464 -35.39 25.14 -16.76
CA MET A 464 -35.39 25.04 -18.21
C MET A 464 -35.75 23.61 -18.60
N PRO A 465 -36.54 23.43 -19.62
CA PRO A 465 -37.08 22.09 -19.92
C PRO A 465 -36.11 21.17 -20.59
N TYR A 466 -36.56 20.00 -21.07
CA TYR A 466 -35.67 19.08 -21.74
C TYR A 466 -34.56 18.57 -20.83
N SER A 467 -34.85 17.56 -20.03
CA SER A 467 -34.08 17.30 -18.81
C SER A 467 -32.62 16.92 -19.03
N THR A 468 -31.75 17.92 -18.93
CA THR A 468 -30.33 17.78 -18.62
C THR A 468 -29.95 18.96 -17.74
N PHE A 469 -28.68 19.05 -17.39
CA PHE A 469 -28.21 20.20 -16.61
C PHE A 469 -27.67 21.30 -17.47
N ARG A 470 -28.09 22.50 -17.19
CA ARG A 470 -27.55 23.66 -17.86
C ARG A 470 -26.47 24.30 -17.01
N LEU A 471 -25.31 24.47 -17.62
CA LEU A 471 -24.22 25.29 -17.13
C LEU A 471 -24.08 26.51 -18.02
N ASN A 472 -23.28 27.44 -17.56
CA ASN A 472 -22.65 28.44 -18.41
C ASN A 472 -21.30 27.93 -18.83
N LEU A 473 -20.77 28.47 -19.91
CA LEU A 473 -19.50 27.92 -20.35
C LEU A 473 -18.26 28.61 -19.85
N SER A 474 -18.36 29.48 -18.87
CA SER A 474 -17.09 29.83 -18.27
C SER A 474 -16.62 28.76 -17.30
N VAL A 475 -17.50 27.88 -16.84
CA VAL A 475 -17.18 27.00 -15.71
C VAL A 475 -17.09 25.57 -16.15
N THR A 476 -16.39 25.31 -17.24
CA THR A 476 -16.05 23.93 -17.51
C THR A 476 -14.68 23.63 -16.95
N SER A 477 -13.88 24.65 -16.70
CA SER A 477 -12.50 24.40 -16.32
C SER A 477 -12.35 24.00 -14.87
N PRO A 478 -12.89 24.72 -13.89
CA PRO A 478 -12.77 24.20 -12.53
C PRO A 478 -13.42 22.84 -12.41
N TYR A 479 -14.68 22.72 -12.82
CA TYR A 479 -15.30 21.40 -12.87
C TYR A 479 -14.52 20.45 -13.74
N ASN A 480 -13.55 20.94 -14.50
CA ASN A 480 -12.74 20.14 -15.39
C ASN A 480 -13.60 19.10 -16.10
N ALA A 481 -14.79 19.53 -16.43
CA ALA A 481 -15.80 18.64 -16.96
C ALA A 481 -16.20 19.10 -18.35
N ASP A 482 -15.99 18.24 -19.32
CA ASP A 482 -16.35 18.45 -20.70
C ASP A 482 -17.81 18.09 -20.89
N PHE A 483 -18.20 17.77 -22.10
CA PHE A 483 -19.57 17.37 -22.36
C PHE A 483 -19.63 16.03 -23.06
N ASP A 484 -18.58 15.24 -22.93
CA ASP A 484 -18.59 13.90 -23.52
C ASP A 484 -19.44 12.96 -22.70
N GLY A 485 -20.32 13.49 -21.86
CA GLY A 485 -21.22 12.72 -21.04
C GLY A 485 -20.89 12.79 -19.57
N ASP A 486 -20.20 13.84 -19.16
CA ASP A 486 -19.93 13.94 -17.75
C ASP A 486 -21.23 13.98 -17.00
N GLU A 487 -21.18 13.61 -15.73
CA GLU A 487 -22.33 13.41 -14.89
C GLU A 487 -22.04 14.08 -13.57
N MET A 488 -22.93 14.94 -13.09
CA MET A 488 -22.59 15.72 -11.92
C MET A 488 -23.70 15.75 -10.90
N ASN A 489 -23.35 15.50 -9.65
CA ASN A 489 -24.28 15.49 -8.54
C ASN A 489 -24.66 16.91 -8.15
N LEU A 490 -25.88 17.09 -7.68
CA LEU A 490 -26.44 18.41 -7.41
C LEU A 490 -27.17 18.37 -6.07
N HIS A 491 -26.46 18.71 -5.01
CA HIS A 491 -27.09 18.72 -3.70
C HIS A 491 -27.98 19.93 -3.59
N VAL A 492 -28.62 20.07 -2.44
CA VAL A 492 -29.55 21.14 -2.18
C VAL A 492 -29.37 21.56 -0.73
N PRO A 493 -29.48 22.82 -0.39
CA PRO A 493 -29.56 23.17 1.01
C PRO A 493 -30.94 22.79 1.50
N GLN A 494 -31.11 22.74 2.81
CA GLN A 494 -32.40 22.37 3.37
C GLN A 494 -32.90 23.34 4.41
N SER A 495 -32.10 24.32 4.80
CA SER A 495 -32.61 25.25 5.79
C SER A 495 -31.75 26.48 5.80
N GLU A 496 -32.18 27.46 6.57
CA GLU A 496 -31.74 28.82 6.30
C GLU A 496 -30.24 28.98 6.45
N GLU A 497 -29.68 28.53 7.57
CA GLU A 497 -28.26 28.73 7.80
C GLU A 497 -27.45 28.35 6.59
N THR A 498 -27.68 27.15 6.06
CA THR A 498 -26.79 26.72 5.01
C THR A 498 -27.10 27.38 3.68
N ARG A 499 -28.34 27.83 3.47
CA ARG A 499 -28.53 28.82 2.43
C ARG A 499 -27.51 29.93 2.57
N ALA A 500 -27.63 30.72 3.63
CA ALA A 500 -26.75 31.86 3.74
C ALA A 500 -25.29 31.46 3.61
N GLU A 501 -24.92 30.27 4.08
CA GLU A 501 -23.52 29.87 3.94
C GLU A 501 -23.15 29.72 2.48
N LEU A 502 -23.99 29.08 1.68
CA LEU A 502 -23.61 29.03 0.28
C LEU A 502 -23.70 30.39 -0.37
N SER A 503 -24.64 31.21 0.06
CA SER A 503 -24.82 32.49 -0.60
C SER A 503 -23.65 33.43 -0.33
N GLN A 504 -23.00 33.30 0.81
CA GLN A 504 -21.94 34.23 1.12
C GLN A 504 -20.56 33.61 1.09
N LEU A 505 -20.43 32.31 0.85
CA LEU A 505 -19.13 31.70 0.79
C LEU A 505 -18.76 31.10 -0.55
N CYS A 506 -19.59 30.27 -1.14
CA CYS A 506 -19.15 29.50 -2.29
C CYS A 506 -19.95 29.78 -3.55
N ALA A 507 -20.42 31.00 -3.75
CA ALA A 507 -20.98 31.36 -5.04
C ALA A 507 -19.85 31.82 -5.95
N VAL A 508 -19.88 31.35 -7.20
CA VAL A 508 -18.69 31.33 -8.04
C VAL A 508 -17.90 32.64 -8.04
N PRO A 509 -18.52 33.81 -8.08
CA PRO A 509 -17.73 35.05 -8.05
C PRO A 509 -16.63 35.06 -7.00
N LEU A 510 -16.87 34.51 -5.82
CA LEU A 510 -15.83 34.43 -4.81
C LEU A 510 -14.87 33.29 -5.06
N GLN A 511 -14.80 32.76 -6.26
CA GLN A 511 -14.01 31.59 -6.54
C GLN A 511 -13.12 31.79 -7.75
N ILE A 512 -13.07 33.01 -8.25
CA ILE A 512 -12.36 33.21 -9.50
C ILE A 512 -10.87 33.08 -9.31
N VAL A 513 -10.37 33.53 -8.16
CA VAL A 513 -8.94 33.57 -7.90
C VAL A 513 -8.62 32.41 -6.99
N SER A 514 -7.80 31.49 -7.47
CA SER A 514 -7.50 30.30 -6.70
C SER A 514 -6.33 30.54 -5.78
N PRO A 515 -6.44 30.19 -4.50
CA PRO A 515 -5.25 30.06 -3.67
C PRO A 515 -4.28 29.01 -4.18
N GLN A 516 -4.50 28.43 -5.35
CA GLN A 516 -3.47 27.54 -5.87
C GLN A 516 -2.31 28.35 -6.40
N SER A 517 -2.55 29.18 -7.40
CA SER A 517 -1.47 29.95 -8.00
C SER A 517 -1.88 31.39 -8.14
N ASN A 518 -2.57 31.91 -7.13
CA ASN A 518 -3.04 33.29 -7.04
C ASN A 518 -3.39 33.88 -8.41
N LYS A 519 -4.03 33.07 -9.25
CA LYS A 519 -4.39 33.42 -10.61
C LYS A 519 -5.85 33.05 -10.82
N PRO A 520 -6.50 33.63 -11.82
CA PRO A 520 -7.83 33.16 -12.18
C PRO A 520 -7.76 31.72 -12.62
N VAL A 521 -8.91 31.08 -12.65
CA VAL A 521 -8.99 29.68 -13.06
C VAL A 521 -10.05 29.48 -14.13
N MET A 522 -10.99 30.41 -14.24
CA MET A 522 -12.12 30.28 -15.14
C MET A 522 -11.91 31.25 -16.28
N GLY A 523 -11.15 30.83 -17.28
CA GLY A 523 -10.74 31.76 -18.31
C GLY A 523 -11.86 32.07 -19.27
N ILE A 524 -11.60 32.00 -20.56
CA ILE A 524 -12.64 31.94 -21.56
C ILE A 524 -12.30 30.77 -22.46
N VAL A 525 -13.32 30.04 -22.87
CA VAL A 525 -13.13 28.70 -23.40
C VAL A 525 -13.47 28.65 -24.88
N GLN A 526 -13.45 27.46 -25.47
CA GLN A 526 -13.09 27.25 -26.86
C GLN A 526 -13.49 28.34 -27.86
N ASP A 527 -14.78 28.43 -28.18
CA ASP A 527 -15.18 29.34 -29.24
C ASP A 527 -15.02 30.76 -28.81
N THR A 528 -15.78 31.17 -27.81
CA THR A 528 -15.78 32.55 -27.41
C THR A 528 -14.37 33.13 -27.42
N LEU A 529 -13.38 32.29 -27.12
CA LEU A 529 -11.99 32.73 -27.30
C LEU A 529 -11.63 32.90 -28.76
N CYS A 530 -11.70 31.81 -29.56
CA CYS A 530 -11.26 31.98 -30.94
C CYS A 530 -11.97 33.13 -31.61
N GLY A 531 -13.26 33.25 -31.35
CA GLY A 531 -13.98 34.42 -31.77
C GLY A 531 -13.32 35.70 -31.30
N VAL A 532 -13.36 35.98 -30.01
CA VAL A 532 -12.94 37.31 -29.59
C VAL A 532 -11.52 37.58 -30.02
N ARG A 533 -10.86 36.61 -30.61
CA ARG A 533 -9.69 37.04 -31.35
C ARG A 533 -10.06 37.48 -32.75
N LYS A 534 -10.64 36.59 -33.56
CA LYS A 534 -11.00 36.99 -34.92
C LYS A 534 -11.75 38.31 -34.95
N MET A 535 -12.52 38.60 -33.92
CA MET A 535 -13.33 39.80 -33.99
C MET A 535 -12.47 41.04 -33.83
N THR A 536 -11.46 40.98 -32.99
CA THR A 536 -10.62 42.17 -32.80
C THR A 536 -9.26 42.00 -33.43
N LEU A 537 -9.20 41.55 -34.67
CA LEU A 537 -8.02 41.89 -35.41
C LEU A 537 -7.94 43.39 -35.57
N ARG A 538 -7.20 43.80 -36.59
CA ARG A 538 -7.31 45.20 -36.93
C ARG A 538 -8.34 45.40 -38.02
N ASP A 539 -8.48 44.43 -38.92
CA ASP A 539 -9.29 44.64 -40.10
C ASP A 539 -10.71 44.10 -39.96
N THR A 540 -11.33 44.31 -38.82
CA THR A 540 -12.74 44.00 -38.62
C THR A 540 -13.53 45.28 -38.77
N PHE A 541 -14.55 45.24 -39.61
CA PHE A 541 -15.43 46.39 -39.69
C PHE A 541 -16.86 45.93 -39.66
N ILE A 542 -17.65 46.63 -38.87
CA ILE A 542 -18.98 46.18 -38.53
C ILE A 542 -19.98 47.28 -38.82
N GLU A 543 -20.96 46.96 -39.62
CA GLU A 543 -21.88 47.93 -40.18
C GLU A 543 -22.73 48.51 -39.07
N TYR A 544 -23.64 49.40 -39.43
CA TYR A 544 -24.47 50.01 -38.39
C TYR A 544 -25.56 49.06 -37.93
N GLU A 545 -26.25 48.42 -38.86
CA GLU A 545 -27.33 47.51 -38.49
C GLU A 545 -26.86 46.55 -37.42
N GLN A 546 -25.93 45.69 -37.80
CA GLN A 546 -25.45 44.65 -36.90
C GLN A 546 -25.06 45.23 -35.54
N VAL A 547 -24.58 46.47 -35.49
CA VAL A 547 -24.09 46.95 -34.22
C VAL A 547 -25.23 47.41 -33.33
N MET A 548 -26.31 47.89 -33.91
CA MET A 548 -27.46 48.14 -33.04
C MET A 548 -27.78 46.91 -32.22
N ASN A 549 -27.88 45.77 -32.87
CA ASN A 549 -28.06 44.53 -32.12
C ASN A 549 -26.94 44.36 -31.11
N MET A 550 -25.71 44.19 -31.60
CA MET A 550 -24.60 43.82 -30.71
C MET A 550 -24.43 44.80 -29.57
N LEU A 551 -25.17 45.89 -29.60
CA LEU A 551 -25.28 46.68 -28.40
C LEU A 551 -26.56 46.45 -27.66
N PHE A 552 -27.52 45.71 -28.20
CA PHE A 552 -28.60 45.37 -27.27
C PHE A 552 -28.17 44.24 -26.37
N TRP A 553 -27.51 43.22 -26.90
CA TRP A 553 -27.20 42.02 -26.14
C TRP A 553 -26.52 42.29 -24.82
N VAL A 554 -25.67 43.30 -24.73
CA VAL A 554 -24.97 43.52 -23.47
C VAL A 554 -25.98 43.87 -22.38
N PRO A 555 -26.02 43.09 -21.30
CA PRO A 555 -26.95 43.41 -20.22
C PRO A 555 -26.57 44.65 -19.49
N SER A 556 -25.29 44.87 -19.25
CA SER A 556 -24.85 45.97 -18.41
C SER A 556 -24.91 47.29 -19.14
N TRP A 557 -25.26 47.27 -20.42
CA TRP A 557 -25.01 48.41 -21.29
C TRP A 557 -25.80 49.63 -20.86
N ASP A 558 -25.23 50.80 -21.13
CA ASP A 558 -25.82 52.02 -20.65
C ASP A 558 -27.04 52.39 -21.46
N GLY A 559 -26.95 52.22 -22.77
CA GLY A 559 -27.94 52.76 -23.66
C GLY A 559 -27.44 53.96 -24.43
N VAL A 560 -26.16 53.95 -24.80
CA VAL A 560 -25.53 55.05 -25.51
C VAL A 560 -24.59 54.46 -26.55
N VAL A 561 -24.92 54.62 -27.81
CA VAL A 561 -24.05 54.10 -28.86
C VAL A 561 -22.69 54.76 -28.76
N PRO A 562 -21.63 54.11 -29.19
CA PRO A 562 -20.33 54.78 -29.24
C PRO A 562 -20.29 55.70 -30.45
N GLN A 563 -19.24 56.49 -30.54
CA GLN A 563 -19.04 57.23 -31.77
C GLN A 563 -18.22 56.40 -32.74
N PRO A 564 -18.69 56.22 -33.94
CA PRO A 564 -18.14 55.18 -34.80
C PRO A 564 -16.80 55.59 -35.33
N ALA A 565 -15.83 54.72 -35.22
CA ALA A 565 -14.47 55.07 -35.57
C ALA A 565 -14.33 55.65 -36.97
N ILE A 566 -15.33 55.52 -37.83
CA ILE A 566 -15.33 56.21 -39.11
C ILE A 566 -16.66 56.93 -39.26
N LEU A 567 -16.66 58.09 -39.90
CA LEU A 567 -17.90 58.81 -40.12
C LEU A 567 -18.27 58.96 -41.58
N LYS A 568 -17.36 58.70 -42.48
CA LYS A 568 -17.62 59.02 -43.87
C LYS A 568 -16.52 58.37 -44.67
N PRO A 569 -16.81 57.67 -45.75
CA PRO A 569 -18.00 57.47 -46.55
C PRO A 569 -19.18 56.77 -45.90
N LYS A 570 -19.04 55.60 -45.30
CA LYS A 570 -20.26 55.12 -44.67
C LYS A 570 -19.97 54.51 -43.32
N PRO A 571 -20.62 55.02 -42.27
CA PRO A 571 -20.19 54.72 -40.90
C PRO A 571 -19.87 53.26 -40.70
N LEU A 572 -18.79 52.99 -39.99
CA LEU A 572 -18.51 51.64 -39.56
C LEU A 572 -18.34 51.65 -38.05
N TRP A 573 -17.78 50.59 -37.53
CA TRP A 573 -17.30 50.49 -36.17
C TRP A 573 -16.19 49.48 -36.17
N THR A 574 -15.48 49.39 -35.06
CA THR A 574 -14.35 48.49 -34.98
C THR A 574 -14.40 47.67 -33.72
N GLY A 575 -14.17 46.37 -33.89
CA GLY A 575 -14.45 45.42 -32.83
C GLY A 575 -13.95 45.88 -31.49
N LYS A 576 -12.73 46.38 -31.46
CA LYS A 576 -12.17 46.79 -30.19
C LYS A 576 -13.11 47.71 -29.44
N GLN A 577 -13.82 48.60 -30.13
CA GLN A 577 -14.77 49.42 -29.38
C GLN A 577 -15.80 48.57 -28.69
N LEU A 578 -16.38 47.62 -29.39
CA LEU A 578 -17.42 46.83 -28.77
C LEU A 578 -16.89 46.05 -27.60
N LEU A 579 -15.86 45.25 -27.86
CA LEU A 579 -15.15 44.56 -26.79
C LEU A 579 -14.77 45.54 -25.69
N SER A 580 -14.80 46.83 -25.98
CA SER A 580 -14.71 47.81 -24.92
C SER A 580 -16.06 48.18 -24.32
N ILE A 581 -17.16 47.89 -24.99
CA ILE A 581 -18.40 48.21 -24.32
C ILE A 581 -18.56 47.35 -23.08
N ALA A 582 -18.11 46.11 -23.14
CA ALA A 582 -18.26 45.22 -21.99
C ALA A 582 -17.39 45.68 -20.84
N ILE A 583 -16.09 45.73 -21.05
CA ILE A 583 -15.07 45.95 -20.04
C ILE A 583 -15.41 47.17 -19.21
N PRO A 584 -15.94 47.00 -18.02
CA PRO A 584 -16.56 48.12 -17.31
C PRO A 584 -15.63 49.29 -17.11
N SER A 585 -16.19 50.49 -17.04
CA SER A 585 -15.40 51.71 -17.03
C SER A 585 -14.50 51.73 -15.80
N GLY A 586 -13.21 51.98 -16.01
CA GLY A 586 -12.32 52.18 -14.90
C GLY A 586 -11.21 51.16 -14.74
N ILE A 587 -10.65 50.69 -15.83
CA ILE A 587 -9.58 49.71 -15.75
C ILE A 587 -8.30 50.38 -16.22
N HIS A 588 -7.20 49.69 -16.04
CA HIS A 588 -6.01 50.00 -16.80
C HIS A 588 -5.29 48.70 -17.06
N LEU A 589 -4.50 48.69 -18.11
CA LEU A 589 -3.72 47.50 -18.39
C LEU A 589 -2.66 47.86 -19.40
N GLN A 590 -1.45 47.37 -19.21
CA GLN A 590 -0.36 47.51 -20.15
C GLN A 590 0.37 46.19 -20.19
N ARG A 591 0.56 45.63 -21.36
CA ARG A 591 1.37 44.44 -21.47
C ARG A 591 2.15 44.50 -22.76
N THR A 592 3.39 44.04 -22.74
CA THR A 592 4.30 44.18 -23.87
C THR A 592 5.05 42.89 -24.20
N ASP A 593 4.69 42.27 -25.30
CA ASP A 593 5.48 41.22 -25.89
C ASP A 593 6.54 41.86 -26.77
N GLY A 594 7.52 41.07 -27.20
CA GLY A 594 8.44 41.45 -28.25
C GLY A 594 9.07 42.81 -28.11
N GLY A 595 8.84 43.48 -26.99
CA GLY A 595 9.34 44.83 -26.81
C GLY A 595 8.75 45.79 -27.82
N ASN A 596 7.45 45.65 -28.10
CA ASN A 596 6.83 46.47 -29.13
C ASN A 596 6.87 47.94 -28.74
N SER A 597 6.56 48.78 -29.70
CA SER A 597 6.58 50.22 -29.49
C SER A 597 5.27 50.65 -28.84
N LEU A 598 4.99 51.94 -28.88
CA LEU A 598 3.62 52.39 -28.77
C LEU A 598 2.97 52.54 -30.12
N LEU A 599 3.67 52.14 -31.18
CA LEU A 599 3.13 52.17 -32.53
C LEU A 599 2.62 50.83 -33.01
N SER A 600 3.31 49.75 -32.69
CA SER A 600 2.76 48.41 -32.80
C SER A 600 2.48 47.95 -34.22
N PRO A 601 3.48 47.63 -35.00
CA PRO A 601 3.23 47.22 -36.37
C PRO A 601 2.47 45.92 -36.49
N LYS A 602 2.96 44.86 -35.85
CA LYS A 602 2.31 43.58 -35.92
C LYS A 602 1.06 43.51 -35.05
N ASP A 603 0.75 44.60 -34.37
CA ASP A 603 -0.44 44.73 -33.54
C ASP A 603 -0.56 43.64 -32.48
N ASN A 604 0.51 43.41 -31.72
CA ASN A 604 0.43 42.61 -30.51
C ASN A 604 0.64 43.49 -29.29
N GLY A 605 0.67 42.91 -28.12
CA GLY A 605 0.71 43.69 -26.90
C GLY A 605 -0.69 44.05 -26.47
N MET A 606 -0.77 45.02 -25.57
CA MET A 606 -2.07 45.54 -25.16
C MET A 606 -1.89 46.78 -24.31
N LEU A 607 -2.64 47.80 -24.63
CA LEU A 607 -2.80 48.95 -23.77
C LEU A 607 -4.26 49.29 -23.69
N ILE A 608 -4.82 49.21 -22.50
CA ILE A 608 -6.22 49.52 -22.30
C ILE A 608 -6.28 50.62 -21.26
N VAL A 609 -7.01 51.66 -21.59
CA VAL A 609 -7.07 52.88 -20.80
C VAL A 609 -8.52 53.15 -20.48
N ASP A 610 -8.77 53.43 -19.22
CA ASP A 610 -10.07 53.91 -18.74
C ASP A 610 -11.18 52.91 -19.04
N GLY A 611 -10.88 51.88 -19.80
CA GLY A 611 -11.90 50.92 -20.14
C GLY A 611 -12.26 50.85 -21.60
N LYS A 612 -11.46 51.41 -22.48
CA LYS A 612 -11.69 51.28 -23.90
C LYS A 612 -10.43 50.76 -24.54
N VAL A 613 -10.47 49.53 -25.03
CA VAL A 613 -9.29 48.99 -25.69
C VAL A 613 -8.73 50.04 -26.63
N MET A 614 -7.42 50.19 -26.63
CA MET A 614 -6.75 51.16 -27.45
C MET A 614 -5.97 50.53 -28.58
N PHE A 615 -5.40 49.36 -28.37
CA PHE A 615 -4.83 48.64 -29.50
C PHE A 615 -4.51 47.23 -29.04
N GLY A 616 -4.61 46.27 -29.95
CA GLY A 616 -4.02 44.97 -29.69
C GLY A 616 -4.85 43.71 -29.77
N VAL A 617 -4.36 42.76 -30.56
CA VAL A 617 -4.96 41.43 -30.69
C VAL A 617 -5.12 40.80 -29.32
N VAL A 618 -6.36 40.49 -28.95
CA VAL A 618 -6.67 39.96 -27.62
C VAL A 618 -6.77 38.44 -27.70
N ASP A 619 -5.99 37.72 -26.90
CA ASP A 619 -6.13 36.27 -26.90
C ASP A 619 -5.80 35.68 -25.55
N LYS A 620 -5.43 34.40 -25.53
CA LYS A 620 -5.29 33.70 -24.26
C LYS A 620 -4.44 34.51 -23.29
N LYS A 621 -3.37 35.12 -23.77
CA LYS A 621 -2.47 35.79 -22.86
C LYS A 621 -3.11 36.95 -22.14
N THR A 622 -4.29 37.42 -22.53
CA THR A 622 -4.84 38.61 -21.90
C THR A 622 -6.15 38.38 -21.18
N VAL A 623 -7.16 37.86 -21.87
CA VAL A 623 -8.43 37.52 -21.23
C VAL A 623 -8.47 36.07 -20.81
N GLY A 624 -7.47 35.30 -21.21
CA GLY A 624 -7.51 33.90 -20.85
C GLY A 624 -7.26 33.63 -19.38
N SER A 625 -6.90 32.40 -19.08
CA SER A 625 -6.61 32.01 -17.71
C SER A 625 -5.29 32.57 -17.20
N GLY A 626 -4.66 33.46 -17.96
CA GLY A 626 -3.33 33.90 -17.60
C GLY A 626 -3.34 34.77 -16.36
N GLY A 627 -2.36 34.57 -15.48
CA GLY A 627 -2.27 35.39 -14.30
C GLY A 627 -1.99 36.84 -14.65
N GLY A 628 -2.59 37.74 -13.89
CA GLY A 628 -2.47 39.13 -14.26
C GLY A 628 -3.05 39.45 -15.61
N GLY A 629 -3.85 38.56 -16.17
CA GLY A 629 -4.62 38.84 -17.36
C GLY A 629 -5.72 39.82 -17.06
N LEU A 630 -6.60 40.02 -18.03
CA LEU A 630 -7.63 41.02 -17.82
C LEU A 630 -8.52 40.64 -16.66
N ILE A 631 -9.12 39.45 -16.72
CA ILE A 631 -10.13 39.05 -15.76
C ILE A 631 -9.63 39.24 -14.35
N HIS A 632 -8.41 38.78 -14.08
CA HIS A 632 -7.81 39.02 -12.79
C HIS A 632 -7.87 40.49 -12.43
N THR A 633 -7.50 41.35 -13.36
CA THR A 633 -7.34 42.74 -12.99
C THR A 633 -8.68 43.33 -12.63
N VAL A 634 -9.68 43.05 -13.46
CA VAL A 634 -10.98 43.61 -13.16
C VAL A 634 -11.51 43.06 -11.86
N MET A 635 -11.23 41.79 -11.57
CA MET A 635 -11.63 41.24 -10.29
C MET A 635 -11.05 42.05 -9.15
N ARG A 636 -9.73 42.14 -9.10
CA ARG A 636 -9.10 42.92 -8.04
C ARG A 636 -9.68 44.31 -7.96
N GLU A 637 -10.05 44.89 -9.08
CA GLU A 637 -10.45 46.28 -9.14
C GLU A 637 -11.93 46.50 -8.87
N LYS A 638 -12.74 45.46 -8.84
CA LYS A 638 -14.15 45.71 -8.64
C LYS A 638 -14.84 44.72 -7.72
N GLY A 639 -14.14 43.75 -7.16
CA GLY A 639 -14.82 42.75 -6.40
C GLY A 639 -15.41 41.72 -7.33
N PRO A 640 -16.20 40.85 -6.81
CA PRO A 640 -16.66 39.72 -7.60
C PRO A 640 -17.79 40.03 -8.54
N LYS A 641 -18.89 40.56 -7.99
CA LYS A 641 -20.13 40.69 -8.74
C LYS A 641 -19.93 41.29 -10.13
N ILE A 642 -19.10 42.33 -10.21
CA ILE A 642 -18.74 42.86 -11.51
C ILE A 642 -17.96 41.85 -12.30
N CYS A 643 -17.03 41.14 -11.67
CA CYS A 643 -16.28 40.18 -12.46
C CYS A 643 -17.20 39.09 -12.97
N ALA A 644 -18.31 38.88 -12.28
CA ALA A 644 -19.31 37.97 -12.79
C ALA A 644 -19.89 38.52 -14.08
N GLU A 645 -20.54 39.67 -14.01
CA GLU A 645 -21.15 40.16 -15.24
C GLU A 645 -20.14 40.40 -16.35
N LEU A 646 -18.84 40.47 -16.06
CA LEU A 646 -17.89 40.50 -17.16
C LEU A 646 -18.13 39.33 -18.10
N PHE A 647 -18.04 38.11 -17.57
CA PHE A 647 -18.21 36.92 -18.38
C PHE A 647 -19.50 36.96 -19.17
N GLY A 648 -20.59 37.40 -18.55
CA GLY A 648 -21.82 37.55 -19.30
C GLY A 648 -21.64 38.45 -20.50
N ASN A 649 -21.06 39.62 -20.31
CA ASN A 649 -20.97 40.56 -21.40
C ASN A 649 -20.13 39.99 -22.53
N ILE A 650 -18.92 39.54 -22.21
CA ILE A 650 -18.04 39.05 -23.27
C ILE A 650 -18.67 37.89 -24.01
N GLN A 651 -19.28 36.95 -23.28
CA GLN A 651 -19.79 35.79 -24.00
C GLN A 651 -20.99 36.13 -24.87
N LYS A 652 -21.99 36.83 -24.36
CA LYS A 652 -23.08 37.17 -25.27
C LYS A 652 -22.56 37.92 -26.48
N VAL A 653 -21.74 38.96 -26.29
CA VAL A 653 -21.29 39.73 -27.44
C VAL A 653 -20.63 38.82 -28.45
N VAL A 654 -19.49 38.25 -28.07
CA VAL A 654 -18.69 37.59 -29.06
C VAL A 654 -19.39 36.39 -29.64
N ASN A 655 -20.32 35.77 -28.91
CA ASN A 655 -21.09 34.73 -29.56
C ASN A 655 -21.96 35.30 -30.65
N TYR A 656 -22.71 36.36 -30.37
CA TYR A 656 -23.62 36.84 -31.40
C TYR A 656 -22.86 37.34 -32.62
N TRP A 657 -21.72 37.95 -32.39
CA TRP A 657 -20.93 38.32 -33.54
C TRP A 657 -20.32 37.11 -34.22
N LEU A 658 -19.90 36.10 -33.46
CA LEU A 658 -19.38 34.91 -34.09
C LEU A 658 -20.41 34.28 -34.98
N LEU A 659 -21.64 34.25 -34.52
CA LEU A 659 -22.77 33.80 -35.30
C LEU A 659 -22.78 34.54 -36.63
N HIS A 660 -23.05 35.84 -36.60
CA HIS A 660 -23.23 36.50 -37.89
C HIS A 660 -21.99 36.50 -38.75
N ASN A 661 -20.82 36.32 -38.17
CA ASN A 661 -19.66 36.02 -38.99
C ASN A 661 -19.72 34.57 -39.42
N GLY A 662 -19.74 33.68 -38.44
CA GLY A 662 -19.45 32.30 -38.72
C GLY A 662 -17.95 32.05 -38.72
N PHE A 663 -17.61 30.78 -38.70
CA PHE A 663 -16.24 30.31 -38.57
C PHE A 663 -16.26 28.82 -38.74
N SER A 664 -15.26 28.28 -39.42
CA SER A 664 -15.16 26.84 -39.44
C SER A 664 -13.77 26.40 -39.84
N ILE A 665 -13.62 25.10 -39.99
CA ILE A 665 -12.39 24.48 -40.43
C ILE A 665 -12.71 23.66 -41.66
N GLY A 666 -11.71 23.47 -42.54
CA GLY A 666 -11.84 22.54 -43.63
C GLY A 666 -10.56 21.75 -43.80
N ILE A 667 -10.66 20.67 -44.58
CA ILE A 667 -9.51 19.81 -44.81
C ILE A 667 -8.34 20.60 -45.35
N GLY A 668 -8.59 21.60 -46.16
CA GLY A 668 -7.49 22.29 -46.79
C GLY A 668 -6.55 22.90 -45.77
N ASP A 669 -7.10 23.38 -44.66
CA ASP A 669 -6.29 24.09 -43.69
C ASP A 669 -5.10 23.29 -43.25
N ALA A 670 -5.21 21.98 -43.20
CA ALA A 670 -4.10 21.17 -42.79
C ALA A 670 -3.22 20.73 -43.94
N ILE A 671 -3.45 21.25 -45.14
CA ILE A 671 -2.64 20.89 -46.31
C ILE A 671 -1.60 21.98 -46.51
N ALA A 672 -0.51 21.63 -47.18
CA ALA A 672 0.45 22.62 -47.66
C ALA A 672 0.58 22.54 -49.17
N ASP A 673 1.14 23.59 -49.77
CA ASP A 673 1.28 23.61 -51.21
C ASP A 673 2.30 22.57 -51.66
N ALA A 674 2.83 22.76 -52.86
CA ALA A 674 3.95 21.94 -53.27
C ALA A 674 5.24 22.43 -52.64
N SER A 675 5.47 23.74 -52.62
CA SER A 675 6.78 24.25 -52.26
C SER A 675 7.13 23.90 -50.81
N THR A 676 6.18 24.12 -49.92
CA THR A 676 6.44 23.74 -48.55
C THR A 676 6.74 22.26 -48.44
N MET A 677 6.08 21.44 -49.26
CA MET A 677 6.38 20.02 -49.25
C MET A 677 7.81 19.77 -49.70
N LYS A 678 8.28 20.53 -50.68
CA LYS A 678 9.66 20.36 -51.08
C LYS A 678 10.59 20.65 -49.92
N GLU A 679 10.35 21.75 -49.22
CA GLU A 679 11.22 22.07 -48.09
C GLU A 679 11.18 20.99 -47.03
N ILE A 680 9.98 20.51 -46.67
CA ILE A 680 9.87 19.62 -45.55
C ILE A 680 10.47 18.27 -45.89
N THR A 681 10.23 17.80 -47.11
CA THR A 681 10.88 16.57 -47.53
C THR A 681 12.38 16.73 -47.52
N HIS A 682 12.90 17.88 -47.94
CA HIS A 682 14.35 18.03 -47.90
C HIS A 682 14.87 18.01 -46.47
N ALA A 683 14.15 18.68 -45.55
CA ALA A 683 14.59 18.69 -44.17
C ALA A 683 14.72 17.27 -43.65
N ILE A 684 13.63 16.51 -43.69
CA ILE A 684 13.71 15.15 -43.17
C ILE A 684 14.71 14.32 -43.95
N SER A 685 14.90 14.63 -45.22
CA SER A 685 15.95 13.96 -45.95
C SER A 685 17.27 14.13 -45.23
N SER A 686 17.65 15.37 -44.99
CA SER A 686 18.93 15.62 -44.32
C SER A 686 18.95 14.96 -42.97
N ALA A 687 17.80 14.85 -42.32
CA ALA A 687 17.77 14.14 -41.05
C ALA A 687 18.28 12.73 -41.21
N LYS A 688 17.64 11.94 -42.07
CA LYS A 688 18.10 10.56 -42.19
C LYS A 688 19.53 10.48 -42.70
N GLU A 689 19.95 11.45 -43.50
CA GLU A 689 21.36 11.47 -43.90
C GLU A 689 22.26 11.57 -42.69
N GLN A 690 21.96 12.51 -41.80
CA GLN A 690 22.75 12.66 -40.59
C GLN A 690 22.73 11.39 -39.77
N VAL A 691 21.60 10.68 -39.75
CA VAL A 691 21.61 9.50 -38.90
C VAL A 691 22.51 8.44 -39.48
N GLN A 692 22.47 8.28 -40.80
CA GLN A 692 23.43 7.37 -41.42
C GLN A 692 24.86 7.77 -41.11
N GLU A 693 25.15 9.07 -41.11
CA GLU A 693 26.50 9.49 -40.79
C GLU A 693 26.84 9.20 -39.34
N ILE A 694 25.89 9.43 -38.44
CA ILE A 694 26.11 9.22 -37.02
C ILE A 694 26.44 7.77 -36.74
N ILE A 695 25.74 6.86 -37.41
CA ILE A 695 26.10 5.45 -37.24
C ILE A 695 27.43 5.14 -37.91
N TYR A 696 27.64 5.60 -39.14
CA TYR A 696 28.91 5.33 -39.78
C TYR A 696 30.06 5.75 -38.88
N LYS A 697 29.82 6.73 -38.02
CA LYS A 697 30.76 7.00 -36.95
C LYS A 697 30.74 5.90 -35.91
N ALA A 698 29.62 5.78 -35.19
CA ALA A 698 29.63 4.99 -33.95
C ALA A 698 29.97 3.54 -34.22
N GLN A 699 29.29 2.93 -35.17
CA GLN A 699 29.62 1.57 -35.59
C GLN A 699 30.90 1.50 -36.42
N HIS A 700 31.65 2.59 -36.55
CA HIS A 700 33.06 2.54 -36.90
C HIS A 700 33.98 2.84 -35.73
N ASN A 701 33.40 2.93 -34.53
CA ASN A 701 34.13 3.21 -33.30
C ASN A 701 34.74 4.61 -33.32
N GLU A 702 33.92 5.59 -33.68
CA GLU A 702 34.41 6.96 -33.76
C GLU A 702 33.60 7.93 -32.91
N LEU A 703 32.53 7.49 -32.29
CA LEU A 703 31.65 8.41 -31.59
C LEU A 703 32.28 8.81 -30.27
N GLU A 704 32.10 10.07 -29.91
CA GLU A 704 32.60 10.60 -28.66
C GLU A 704 31.54 10.44 -27.57
N LEU A 705 31.95 9.84 -26.47
CA LEU A 705 31.00 9.44 -25.43
C LEU A 705 30.77 10.59 -24.45
N LYS A 706 29.52 11.03 -24.34
CA LYS A 706 29.11 11.93 -23.30
C LYS A 706 29.48 11.34 -21.94
N PRO A 707 29.56 12.17 -20.90
CA PRO A 707 29.88 11.65 -19.57
C PRO A 707 28.75 10.80 -19.02
N GLY A 708 29.12 9.68 -18.41
CA GLY A 708 28.17 8.85 -17.68
C GLY A 708 27.34 7.93 -18.53
N MET A 709 27.15 8.24 -19.81
CA MET A 709 26.40 7.37 -20.69
C MET A 709 27.38 6.47 -21.42
N THR A 710 27.09 5.18 -21.46
CA THR A 710 27.96 4.27 -22.19
C THR A 710 27.77 4.50 -23.67
N LEU A 711 28.41 3.68 -24.48
CA LEU A 711 28.36 3.91 -25.91
C LEU A 711 26.93 3.94 -26.41
N ARG A 712 26.10 3.00 -25.95
CA ARG A 712 24.75 2.95 -26.50
C ARG A 712 23.83 4.03 -25.95
N GLU A 713 23.89 4.32 -24.67
CA GLU A 713 23.06 5.41 -24.18
C GLU A 713 23.38 6.69 -24.90
N SER A 714 24.66 6.97 -25.15
CA SER A 714 25.01 8.15 -25.90
C SER A 714 24.50 8.07 -27.33
N PHE A 715 24.67 6.92 -27.96
CA PHE A 715 24.23 6.72 -29.33
C PHE A 715 22.76 7.05 -29.49
N GLU A 716 21.93 6.50 -28.61
CA GLU A 716 20.51 6.79 -28.63
C GLU A 716 20.22 8.25 -28.27
N GLY A 717 20.88 8.80 -27.25
CA GLY A 717 20.61 10.17 -26.88
C GLY A 717 20.86 11.12 -28.04
N GLU A 718 21.98 10.92 -28.72
CA GLU A 718 22.23 11.65 -29.94
C GLU A 718 21.09 11.47 -30.92
N VAL A 719 20.90 10.24 -31.40
CA VAL A 719 19.95 10.04 -32.49
C VAL A 719 18.62 10.70 -32.16
N SER A 720 18.26 10.70 -30.89
CA SER A 720 17.01 11.35 -30.51
C SER A 720 17.11 12.87 -30.68
N ARG A 721 18.23 13.46 -30.25
CA ARG A 721 18.38 14.89 -30.49
C ARG A 721 18.25 15.20 -31.97
N THR A 722 18.94 14.41 -32.80
CA THR A 722 18.92 14.68 -34.24
C THR A 722 17.50 14.65 -34.78
N LEU A 723 16.78 13.55 -34.58
CA LEU A 723 15.47 13.44 -35.21
C LEU A 723 14.48 14.44 -34.67
N ASN A 724 14.50 14.70 -33.37
CA ASN A 724 13.53 15.64 -32.86
C ASN A 724 13.84 17.05 -33.32
N ASP A 725 15.12 17.41 -33.42
CA ASP A 725 15.45 18.68 -34.03
C ASP A 725 14.94 18.76 -35.45
N ALA A 726 15.07 17.67 -36.21
CA ALA A 726 14.62 17.69 -37.59
C ALA A 726 13.11 17.92 -37.67
N ARG A 727 12.34 17.15 -36.90
CA ARG A 727 10.90 17.39 -36.87
C ARG A 727 10.60 18.82 -36.48
N ASP A 728 11.33 19.34 -35.51
CA ASP A 728 11.13 20.73 -35.11
C ASP A 728 11.31 21.66 -36.30
N SER A 729 12.36 21.41 -37.08
CA SER A 729 12.60 22.21 -38.26
C SER A 729 11.41 22.16 -39.20
N ALA A 730 10.94 20.96 -39.48
CA ALA A 730 9.85 20.82 -40.42
C ALA A 730 8.61 21.53 -39.92
N GLY A 731 8.27 21.30 -38.66
CA GLY A 731 7.08 21.91 -38.12
C GLY A 731 7.19 23.42 -38.17
N ARG A 732 8.38 23.93 -37.90
CA ARG A 732 8.58 25.37 -37.92
C ARG A 732 8.38 25.91 -39.32
N SER A 733 8.88 25.19 -40.32
CA SER A 733 8.64 25.60 -41.69
C SER A 733 7.15 25.66 -41.98
N ALA A 734 6.44 24.57 -41.72
CA ALA A 734 5.02 24.55 -42.05
C ALA A 734 4.23 25.57 -41.25
N GLU A 735 4.63 25.85 -40.02
CA GLU A 735 3.88 26.80 -39.22
C GLU A 735 4.11 28.21 -39.70
N MET A 736 5.34 28.54 -40.07
CA MET A 736 5.61 29.88 -40.58
C MET A 736 5.04 30.06 -41.97
N ASN A 737 4.78 28.97 -42.67
CA ASN A 737 4.41 29.07 -44.07
C ASN A 737 2.93 29.36 -44.27
N LEU A 738 2.06 28.67 -43.55
CA LEU A 738 0.63 28.76 -43.83
C LEU A 738 0.13 30.20 -43.73
N LYS A 739 -0.90 30.50 -44.51
CA LYS A 739 -1.39 31.85 -44.68
C LYS A 739 -2.03 32.35 -43.39
N ASP A 740 -2.67 33.51 -43.48
CA ASP A 740 -3.25 34.11 -42.30
C ASP A 740 -4.68 33.70 -42.04
N LEU A 741 -5.61 33.91 -42.97
CA LEU A 741 -6.98 33.52 -42.66
C LEU A 741 -7.14 32.03 -42.50
N ASN A 742 -6.15 31.25 -42.94
CA ASN A 742 -6.15 29.83 -42.66
C ASN A 742 -6.51 29.57 -41.20
N ASN A 743 -7.24 28.49 -40.95
CA ASN A 743 -7.91 28.37 -39.66
C ASN A 743 -7.00 27.82 -38.58
N VAL A 744 -6.42 26.64 -38.79
CA VAL A 744 -5.56 26.04 -37.79
C VAL A 744 -4.65 27.11 -37.20
N LYS A 745 -4.01 27.89 -38.07
CA LYS A 745 -3.23 29.01 -37.59
C LYS A 745 -4.10 30.03 -36.87
N GLN A 746 -5.37 30.17 -37.24
CA GLN A 746 -6.15 31.14 -36.48
C GLN A 746 -6.32 30.70 -35.04
N MET A 747 -6.67 29.45 -34.81
CA MET A 747 -6.90 29.06 -33.43
C MET A 747 -5.60 28.99 -32.64
N VAL A 748 -4.58 28.34 -33.20
CA VAL A 748 -3.35 28.24 -32.43
C VAL A 748 -2.92 29.59 -31.93
N SER A 749 -2.82 30.56 -32.83
CA SER A 749 -2.51 31.93 -32.44
C SER A 749 -3.53 32.51 -31.48
N ALA A 750 -4.77 32.05 -31.53
CA ALA A 750 -5.69 32.43 -30.48
C ALA A 750 -5.54 31.55 -29.26
N GLY A 751 -4.89 30.41 -29.41
CA GLY A 751 -4.63 29.59 -28.24
C GLY A 751 -5.83 28.93 -27.62
N SER A 752 -6.97 28.91 -28.31
CA SER A 752 -8.12 28.20 -27.75
C SER A 752 -7.80 26.74 -27.54
N LYS A 753 -7.29 26.09 -28.56
CA LYS A 753 -7.01 24.67 -28.49
C LYS A 753 -5.75 24.45 -29.29
N GLY A 754 -5.26 23.23 -29.35
CA GLY A 754 -4.20 22.92 -30.28
C GLY A 754 -2.88 23.49 -29.81
N SER A 755 -1.89 23.35 -30.68
CA SER A 755 -0.55 23.79 -30.33
C SER A 755 0.25 23.98 -31.60
N PHE A 756 1.56 24.08 -31.42
CA PHE A 756 2.45 23.91 -32.55
C PHE A 756 2.56 22.46 -32.95
N ILE A 757 2.97 21.60 -32.01
CA ILE A 757 3.24 20.21 -32.37
C ILE A 757 2.05 19.59 -33.07
N ASN A 758 0.85 20.08 -32.77
CA ASN A 758 -0.29 19.71 -33.59
C ASN A 758 0.00 19.93 -35.06
N ILE A 759 0.33 21.16 -35.44
CA ILE A 759 0.49 21.42 -36.85
C ILE A 759 1.65 20.62 -37.39
N ALA A 760 2.71 20.48 -36.62
CA ALA A 760 3.86 19.73 -37.11
C ALA A 760 3.48 18.30 -37.45
N GLN A 761 2.47 17.76 -36.76
CA GLN A 761 2.06 16.41 -37.12
C GLN A 761 0.94 16.38 -38.14
N MET A 762 -0.08 17.22 -38.02
CA MET A 762 -1.15 17.14 -39.02
C MET A 762 -0.61 17.43 -40.40
N SER A 763 0.42 18.24 -40.51
CA SER A 763 0.91 18.59 -41.82
C SER A 763 2.27 18.01 -42.15
N ALA A 764 3.25 18.14 -41.26
CA ALA A 764 4.63 17.95 -41.62
C ALA A 764 5.16 16.56 -41.34
N CYS A 765 5.19 16.14 -40.09
CA CYS A 765 5.74 14.82 -39.77
C CYS A 765 5.42 14.46 -38.34
N VAL A 766 5.78 13.24 -37.95
CA VAL A 766 5.53 12.78 -36.59
C VAL A 766 6.81 12.45 -35.83
N GLY A 767 7.84 11.96 -36.49
CA GLY A 767 9.12 11.77 -35.86
C GLY A 767 9.31 10.36 -35.31
N GLN A 768 9.92 10.29 -34.15
CA GLN A 768 10.20 9.03 -33.49
C GLN A 768 9.07 8.72 -32.53
N GLN A 769 8.89 7.44 -32.19
CA GLN A 769 7.91 7.06 -31.19
C GLN A 769 8.56 6.49 -29.95
N MET A 770 7.97 6.77 -28.79
CA MET A 770 8.65 6.55 -27.52
C MET A 770 7.83 5.67 -26.58
N VAL A 771 8.44 4.56 -26.18
CA VAL A 771 7.85 3.59 -25.26
C VAL A 771 8.75 3.52 -24.04
N GLU A 772 8.37 4.23 -22.98
CA GLU A 772 9.18 4.33 -21.77
C GLU A 772 10.56 4.90 -22.07
N GLY A 773 10.59 6.16 -22.50
CA GLY A 773 11.84 6.86 -22.70
C GLY A 773 12.67 6.37 -23.85
N LYS A 774 13.22 5.17 -23.79
CA LYS A 774 14.11 4.69 -24.82
C LYS A 774 13.35 4.54 -26.12
N ARG A 775 14.08 4.27 -27.20
CA ARG A 775 13.38 4.03 -28.43
C ARG A 775 12.74 2.66 -28.40
N ILE A 776 12.04 2.36 -29.47
CA ILE A 776 11.29 1.12 -29.58
C ILE A 776 12.21 -0.07 -29.40
N ALA A 777 11.86 -0.92 -28.46
CA ALA A 777 12.71 -2.05 -28.14
C ALA A 777 12.75 -3.02 -29.30
N PHE A 778 13.47 -4.10 -29.09
CA PHE A 778 13.36 -5.25 -29.99
C PHE A 778 12.50 -6.31 -29.34
N GLY A 779 11.20 -6.30 -29.60
CA GLY A 779 10.37 -7.41 -29.18
C GLY A 779 10.92 -8.74 -29.66
N PHE A 780 10.96 -8.92 -30.96
CA PHE A 780 11.62 -10.07 -31.56
C PHE A 780 13.13 -9.96 -31.28
N ALA A 781 13.90 -10.85 -31.89
CA ALA A 781 15.35 -10.83 -31.70
C ALA A 781 16.01 -9.95 -32.75
N ASP A 782 16.60 -8.84 -32.31
CA ASP A 782 17.44 -7.96 -33.11
C ASP A 782 16.67 -7.15 -34.13
N ARG A 783 15.45 -6.75 -33.85
CA ARG A 783 14.64 -5.97 -34.76
C ARG A 783 13.30 -5.75 -34.08
N SER A 784 12.53 -4.80 -34.60
CA SER A 784 11.23 -4.57 -34.01
C SER A 784 10.17 -5.43 -34.67
N LEU A 785 10.39 -5.87 -35.90
CA LEU A 785 9.32 -6.58 -36.60
C LEU A 785 9.87 -7.72 -37.45
N PRO A 786 9.05 -8.53 -38.01
CA PRO A 786 9.58 -9.51 -38.95
C PRO A 786 9.74 -8.93 -40.31
N HIS A 787 9.63 -7.62 -40.41
CA HIS A 787 9.71 -6.94 -41.70
C HIS A 787 11.10 -6.40 -42.01
N PHE A 788 11.89 -6.03 -41.01
CA PHE A 788 13.23 -5.53 -41.30
C PHE A 788 14.21 -6.61 -40.93
N THR A 789 15.46 -6.45 -41.32
CA THR A 789 16.43 -7.45 -40.94
C THR A 789 16.99 -7.11 -39.56
N LYS A 790 18.11 -7.73 -39.21
CA LYS A 790 18.69 -7.54 -37.89
C LYS A 790 19.71 -6.42 -37.90
N ASP A 791 19.79 -5.69 -36.79
CA ASP A 791 20.79 -4.63 -36.59
C ASP A 791 20.61 -3.51 -37.61
N ASP A 792 19.41 -2.97 -37.70
CA ASP A 792 19.09 -1.86 -38.59
C ASP A 792 18.60 -0.70 -37.75
N PHE A 793 19.53 0.12 -37.26
CA PHE A 793 19.21 1.21 -36.34
C PHE A 793 18.68 2.44 -37.03
N SER A 794 18.76 2.50 -38.35
CA SER A 794 18.34 3.70 -39.05
C SER A 794 16.85 3.93 -38.81
N PRO A 795 16.44 5.17 -38.74
CA PRO A 795 15.23 5.49 -37.98
C PRO A 795 13.98 4.87 -38.55
N GLU A 796 13.97 4.46 -39.80
CA GLU A 796 12.73 3.88 -40.30
C GLU A 796 12.36 2.62 -39.56
N SER A 797 13.33 1.86 -39.08
CA SER A 797 13.05 0.58 -38.44
C SER A 797 12.54 0.77 -37.03
N LYS A 798 13.35 1.35 -36.17
CA LYS A 798 12.97 1.54 -34.78
C LYS A 798 12.07 2.75 -34.63
N GLY A 799 11.38 3.11 -35.69
CA GLY A 799 10.18 3.88 -35.51
C GLY A 799 10.33 5.36 -35.72
N PHE A 800 10.77 5.75 -36.90
CA PHE A 800 10.74 7.16 -37.29
C PHE A 800 9.49 7.39 -38.11
N VAL A 801 8.41 7.78 -37.45
CA VAL A 801 7.14 7.93 -38.14
C VAL A 801 7.28 9.09 -39.12
N GLU A 802 7.57 8.75 -40.37
CA GLU A 802 8.08 9.70 -41.33
C GLU A 802 7.00 10.59 -41.89
N ASN A 803 5.89 10.01 -42.27
CA ASN A 803 4.83 10.69 -42.98
C ASN A 803 4.15 11.69 -42.06
N SER A 804 3.24 12.45 -42.61
CA SER A 804 2.33 13.12 -41.72
C SER A 804 0.94 12.58 -41.96
N TYR A 805 0.06 12.71 -40.97
CA TYR A 805 -1.20 12.00 -41.09
C TYR A 805 -1.86 12.30 -42.41
N LEU A 806 -1.88 13.56 -42.82
CA LEU A 806 -2.65 13.92 -43.98
C LEU A 806 -2.26 13.08 -45.19
N ARG A 807 -1.11 12.43 -45.14
CA ARG A 807 -0.80 11.38 -46.11
C ARG A 807 -1.23 10.01 -45.62
N GLY A 808 -1.26 9.81 -44.33
CA GLY A 808 -1.61 8.47 -43.90
C GLY A 808 -0.40 7.57 -43.80
N LEU A 809 -0.27 6.94 -42.66
CA LEU A 809 0.92 6.20 -42.31
C LEU A 809 1.04 4.94 -43.15
N THR A 810 2.22 4.35 -43.13
CA THR A 810 2.38 3.04 -43.72
C THR A 810 1.76 2.00 -42.81
N PRO A 811 2.01 0.71 -43.05
CA PRO A 811 1.75 -0.27 -41.97
C PRO A 811 2.63 -0.13 -40.75
N GLN A 812 3.92 -0.43 -40.88
CA GLN A 812 4.76 -0.49 -39.68
C GLN A 812 4.61 0.76 -38.86
N GLU A 813 4.59 1.89 -39.51
CA GLU A 813 4.45 3.10 -38.72
C GLU A 813 3.13 3.09 -38.00
N PHE A 814 2.06 2.60 -38.63
CA PHE A 814 0.81 2.59 -37.89
C PHE A 814 0.92 1.72 -36.66
N PHE A 815 1.54 0.56 -36.78
CA PHE A 815 1.59 -0.30 -35.60
C PHE A 815 2.41 0.35 -34.49
N PHE A 816 3.55 0.94 -34.83
CA PHE A 816 4.34 1.62 -33.81
C PHE A 816 3.55 2.72 -33.15
N HIS A 817 2.94 3.58 -33.94
CA HIS A 817 2.19 4.66 -33.33
C HIS A 817 1.10 4.12 -32.45
N ALA A 818 0.55 2.96 -32.78
CA ALA A 818 -0.42 2.37 -31.89
C ALA A 818 0.23 1.96 -30.58
N MET A 819 1.44 1.43 -30.64
CA MET A 819 2.10 1.11 -29.37
C MET A 819 2.27 2.35 -28.52
N ALA A 820 2.65 3.45 -29.13
CA ALA A 820 2.86 4.67 -28.35
C ALA A 820 1.57 5.10 -27.69
N GLY A 821 0.50 5.19 -28.47
CA GLY A 821 -0.77 5.50 -27.86
C GLY A 821 -1.15 4.53 -26.77
N ARG A 822 -0.77 3.26 -26.92
CA ARG A 822 -1.09 2.30 -25.88
C ARG A 822 -0.39 2.68 -24.59
N GLU A 823 0.88 3.06 -24.69
CA GLU A 823 1.55 3.54 -23.49
C GLU A 823 0.81 4.72 -22.91
N GLY A 824 0.34 5.61 -23.77
CA GLY A 824 -0.40 6.75 -23.27
C GLY A 824 -1.60 6.34 -22.45
N LEU A 825 -2.35 5.37 -22.95
CA LEU A 825 -3.55 4.90 -22.22
C LEU A 825 -3.19 4.19 -20.92
N ILE A 826 -2.29 3.21 -20.99
CA ILE A 826 -1.86 2.55 -19.77
C ILE A 826 -1.51 3.58 -18.72
N ASP A 827 -0.76 4.60 -19.14
CA ASP A 827 -0.34 5.66 -18.25
C ASP A 827 -1.54 6.36 -17.65
N THR A 828 -2.46 6.78 -18.50
CA THR A 828 -3.61 7.52 -18.02
C THR A 828 -4.49 6.72 -17.09
N ALA A 829 -4.53 5.40 -17.26
CA ALA A 829 -5.40 4.56 -16.45
C ALA A 829 -4.71 4.03 -15.21
N VAL A 830 -3.41 4.17 -15.09
CA VAL A 830 -2.66 3.67 -13.94
C VAL A 830 -2.22 4.81 -13.01
N LYS A 831 -1.48 5.78 -13.52
CA LYS A 831 -0.93 6.80 -12.62
C LYS A 831 -2.01 7.47 -11.78
N THR A 832 -3.21 7.59 -12.32
CA THR A 832 -4.30 8.15 -11.55
C THR A 832 -4.49 7.44 -10.22
N ALA A 833 -4.22 6.15 -10.15
CA ALA A 833 -4.37 5.44 -8.88
C ALA A 833 -3.47 6.03 -7.82
N GLU A 834 -2.20 6.12 -8.13
CA GLU A 834 -1.26 6.68 -7.17
C GLU A 834 -1.62 8.11 -6.85
N THR A 835 -2.12 8.88 -7.82
CA THR A 835 -2.49 10.25 -7.50
C THR A 835 -3.63 10.32 -6.51
N GLY A 836 -4.65 9.49 -6.69
CA GLY A 836 -5.72 9.46 -5.71
C GLY A 836 -5.21 9.10 -4.33
N TYR A 837 -4.37 8.08 -4.25
CA TYR A 837 -3.84 7.70 -2.96
C TYR A 837 -3.12 8.87 -2.31
N ILE A 838 -2.25 9.53 -3.08
CA ILE A 838 -1.44 10.58 -2.52
C ILE A 838 -2.31 11.72 -2.03
N GLN A 839 -3.31 12.11 -2.81
CA GLN A 839 -4.12 13.19 -2.31
C GLN A 839 -4.84 12.79 -1.05
N ARG A 840 -5.28 11.53 -0.96
CA ARG A 840 -5.95 11.11 0.25
C ARG A 840 -5.03 11.27 1.47
N ARG A 841 -3.81 10.76 1.36
CA ARG A 841 -2.90 10.92 2.48
C ARG A 841 -2.68 12.36 2.83
N LEU A 842 -2.33 13.17 1.83
CA LEU A 842 -1.97 14.54 2.11
C LEU A 842 -3.08 15.24 2.84
N VAL A 843 -4.33 14.97 2.46
CA VAL A 843 -5.40 15.65 3.15
C VAL A 843 -5.53 15.13 4.57
N LYS A 844 -5.52 13.81 4.75
CA LYS A 844 -5.76 13.33 6.11
C LYS A 844 -4.68 13.78 7.09
N ALA A 845 -3.42 13.80 6.68
CA ALA A 845 -2.39 14.23 7.61
C ALA A 845 -2.58 15.68 8.00
N LEU A 846 -3.17 16.46 7.12
CA LEU A 846 -3.37 17.88 7.36
C LEU A 846 -4.78 18.21 7.76
N GLU A 847 -5.64 17.24 7.85
CA GLU A 847 -7.01 17.68 7.65
C GLU A 847 -7.53 18.61 8.70
N ASP A 848 -6.77 19.16 9.64
CA ASP A 848 -7.34 20.02 10.67
C ASP A 848 -6.65 21.36 10.85
N ILE A 849 -5.44 21.53 10.34
CA ILE A 849 -4.61 22.69 10.68
C ILE A 849 -5.34 23.99 10.42
N MET A 850 -5.38 24.85 11.41
CA MET A 850 -6.30 25.97 11.44
C MET A 850 -5.63 27.22 11.98
N VAL A 851 -5.81 28.32 11.28
CA VAL A 851 -5.27 29.62 11.67
C VAL A 851 -6.10 30.20 12.80
N HIS A 852 -5.63 30.08 14.03
CA HIS A 852 -6.38 30.64 15.14
C HIS A 852 -6.24 32.15 15.13
N TYR A 853 -6.91 32.81 16.05
CA TYR A 853 -6.96 34.27 16.02
C TYR A 853 -5.69 34.91 16.43
N ASP A 854 -4.63 34.13 16.63
CA ASP A 854 -3.31 34.67 16.91
C ASP A 854 -2.46 34.64 15.66
N GLY A 855 -3.10 34.43 14.52
CA GLY A 855 -2.34 34.34 13.30
C GLY A 855 -1.27 33.28 13.32
N THR A 856 -1.39 32.26 14.13
CA THR A 856 -0.43 31.18 14.06
C THR A 856 -1.07 29.94 13.46
N THR A 857 -0.32 28.86 13.44
CA THR A 857 -0.75 27.67 12.72
C THR A 857 -0.72 26.49 13.68
N ARG A 858 -1.79 26.33 14.44
CA ARG A 858 -1.78 25.30 15.46
C ARG A 858 -2.65 24.14 15.01
N ASN A 859 -2.08 22.95 15.02
CA ASN A 859 -2.86 21.81 14.59
C ASN A 859 -3.83 21.41 15.70
N SER A 860 -4.30 20.17 15.69
CA SER A 860 -5.31 19.71 16.62
C SER A 860 -5.08 20.23 18.03
N LEU A 861 -3.93 19.92 18.61
CA LEU A 861 -3.61 20.37 19.95
C LEU A 861 -3.20 21.82 19.98
N GLY A 862 -2.17 22.15 19.22
CA GLY A 862 -1.39 23.32 19.44
C GLY A 862 0.09 23.14 19.22
N ASP A 863 0.54 21.98 18.73
CA ASP A 863 1.95 21.91 18.33
C ASP A 863 2.12 22.85 17.15
N ILE A 864 2.46 24.09 17.44
CA ILE A 864 2.41 25.13 16.44
C ILE A 864 3.33 24.79 15.28
N ILE A 865 2.97 25.19 14.07
CA ILE A 865 3.70 24.79 12.88
C ILE A 865 4.27 25.98 12.12
N GLN A 866 3.65 27.15 12.24
CA GLN A 866 4.22 28.37 11.71
C GLN A 866 3.76 29.53 12.58
N PHE A 867 4.71 30.26 13.15
CA PHE A 867 4.33 31.31 14.09
C PHE A 867 3.58 32.44 13.41
N LEU A 868 3.69 32.56 12.11
CA LEU A 868 2.85 33.51 11.41
C LEU A 868 2.54 33.01 10.02
N TYR A 869 1.26 32.83 9.73
CA TYR A 869 0.83 31.95 8.65
C TYR A 869 1.64 32.17 7.40
N GLY A 870 2.51 31.21 7.08
CA GLY A 870 3.34 31.41 5.92
C GLY A 870 4.21 32.62 6.01
N GLU A 871 4.64 32.97 7.20
CA GLU A 871 5.67 33.97 7.40
C GLU A 871 5.18 35.36 7.05
N ASP A 872 3.91 35.54 6.75
CA ASP A 872 3.46 36.86 6.37
C ASP A 872 2.20 37.38 7.07
N GLY A 873 1.13 36.61 7.14
CA GLY A 873 -0.16 37.17 7.44
C GLY A 873 -0.96 37.53 6.23
N LEU A 874 -0.38 37.40 5.04
CA LEU A 874 -1.04 37.72 3.79
C LEU A 874 -1.75 36.48 3.27
N ASP A 875 -3.05 36.60 3.07
CA ASP A 875 -3.80 35.55 2.42
C ASP A 875 -3.21 35.27 1.04
N GLY A 876 -3.30 34.01 0.62
CA GLY A 876 -2.75 33.61 -0.66
C GLY A 876 -3.56 34.06 -1.86
N THR A 877 -4.70 34.69 -1.64
CA THR A 877 -5.46 35.10 -2.81
C THR A 877 -5.60 36.60 -2.95
N GLN A 878 -4.67 37.37 -2.43
CA GLN A 878 -4.73 38.81 -2.59
C GLN A 878 -3.42 39.40 -3.05
N VAL A 879 -2.66 38.69 -3.87
CA VAL A 879 -1.29 39.09 -4.18
C VAL A 879 -1.09 39.16 -5.68
N GLU A 880 0.04 39.72 -6.09
CA GLU A 880 0.41 39.81 -7.50
C GLU A 880 1.91 39.66 -7.61
N ARG A 881 2.41 39.29 -8.79
CA ARG A 881 3.85 39.35 -8.99
C ARG A 881 4.28 40.75 -9.36
N GLN A 882 5.05 41.38 -8.48
CA GLN A 882 5.47 42.73 -8.72
C GLN A 882 6.98 42.81 -8.73
N THR A 883 7.47 43.92 -9.24
CA THR A 883 8.88 44.14 -9.44
C THR A 883 9.37 44.99 -8.28
N ILE A 884 10.18 44.40 -7.42
CA ILE A 884 10.85 45.19 -6.39
C ILE A 884 11.90 46.00 -7.10
N ASP A 885 11.93 47.32 -6.87
CA ASP A 885 12.76 48.21 -7.66
C ASP A 885 14.22 48.19 -7.27
N THR A 886 14.52 48.37 -6.01
CA THR A 886 15.87 48.71 -5.61
C THR A 886 16.81 47.53 -5.64
N ILE A 887 16.38 46.40 -6.20
CA ILE A 887 17.26 45.24 -6.24
C ILE A 887 18.26 45.32 -7.39
N PRO A 888 17.87 45.50 -8.64
CA PRO A 888 18.83 45.48 -9.73
C PRO A 888 19.41 46.87 -9.95
N GLY A 889 20.10 47.02 -11.07
CA GLY A 889 20.59 48.30 -11.51
C GLY A 889 21.92 48.67 -10.88
N SER A 890 22.78 49.28 -11.69
CA SER A 890 24.09 49.66 -11.20
C SER A 890 23.97 50.84 -10.24
N ASP A 891 25.01 51.01 -9.44
CA ASP A 891 24.97 52.02 -8.39
C ASP A 891 24.75 53.40 -8.96
N LYS A 892 25.24 53.64 -10.17
CA LYS A 892 24.97 54.91 -10.82
C LYS A 892 23.48 55.13 -10.97
N ALA A 893 22.84 54.32 -11.80
CA ALA A 893 21.42 54.49 -12.05
C ALA A 893 20.65 54.56 -10.74
N PHE A 894 21.10 53.80 -9.76
CA PHE A 894 20.52 53.90 -8.43
C PHE A 894 20.58 55.33 -7.94
N HIS A 895 21.78 55.82 -7.69
CA HIS A 895 21.98 57.17 -7.21
C HIS A 895 21.32 58.21 -8.10
N LYS A 896 20.98 57.85 -9.31
CA LYS A 896 20.43 58.80 -10.23
C LYS A 896 18.94 58.92 -10.09
N ARG A 897 18.24 57.79 -9.98
CA ARG A 897 16.79 57.90 -9.85
C ARG A 897 16.43 58.36 -8.46
N TYR A 898 17.23 58.00 -7.47
CA TYR A 898 16.77 58.13 -6.09
C TYR A 898 17.32 59.35 -5.36
N TYR A 899 18.54 59.78 -5.66
CA TYR A 899 19.23 60.72 -4.79
C TYR A 899 18.74 62.14 -5.02
N VAL A 900 18.10 62.70 -4.04
CA VAL A 900 17.69 64.08 -4.16
C VAL A 900 18.91 64.95 -3.92
N ASP A 901 18.80 66.24 -4.23
CA ASP A 901 19.70 67.22 -3.66
C ASP A 901 18.95 68.52 -3.49
N LEU A 902 19.36 69.29 -2.49
CA LEU A 902 18.82 70.61 -2.27
C LEU A 902 19.87 71.69 -2.44
N MET A 903 21.11 71.30 -2.72
CA MET A 903 22.20 72.25 -2.79
C MET A 903 22.59 72.55 -4.23
N ASP A 904 23.21 71.60 -4.92
CA ASP A 904 23.48 71.80 -6.33
C ASP A 904 22.15 72.02 -7.04
N GLU A 905 22.06 73.08 -7.84
CA GLU A 905 20.77 73.46 -8.38
C GLU A 905 20.22 72.40 -9.33
N LYS A 906 21.11 71.66 -9.99
CA LYS A 906 20.64 70.72 -11.00
C LYS A 906 19.97 69.51 -10.37
N ASN A 907 20.55 68.95 -9.31
CA ASN A 907 20.06 67.72 -8.72
C ASN A 907 18.84 67.94 -7.83
N SER A 908 17.95 68.84 -8.22
CA SER A 908 16.86 69.25 -7.34
C SER A 908 15.51 68.81 -7.88
N ILE A 909 14.45 69.31 -7.24
CA ILE A 909 13.16 69.40 -7.89
C ILE A 909 13.27 70.44 -9.00
N LYS A 910 12.90 70.05 -10.19
CA LYS A 910 12.84 70.97 -11.31
C LYS A 910 11.68 71.94 -11.12
N PRO A 911 11.71 73.13 -11.74
CA PRO A 911 10.76 74.17 -11.35
C PRO A 911 9.32 73.94 -11.79
N ASP A 912 9.10 73.43 -12.99
CA ASP A 912 7.76 73.46 -13.56
C ASP A 912 6.84 72.41 -12.94
N VAL A 913 7.36 71.60 -12.01
CA VAL A 913 6.55 70.52 -11.45
C VAL A 913 5.98 70.86 -10.08
N ILE A 914 6.56 71.83 -9.37
CA ILE A 914 6.01 72.22 -8.09
C ILE A 914 5.74 73.72 -8.10
N GLU A 915 4.93 74.15 -7.14
CA GLU A 915 4.58 75.57 -7.00
C GLU A 915 5.70 76.36 -6.35
N TYR A 916 6.22 75.86 -5.23
CA TYR A 916 7.10 76.60 -4.33
C TYR A 916 8.57 76.41 -4.65
N ALA A 917 8.92 76.08 -5.89
CA ALA A 917 10.30 75.80 -6.28
C ALA A 917 11.28 76.88 -5.85
N ALA A 918 10.79 78.00 -5.35
CA ALA A 918 11.69 79.04 -4.86
C ALA A 918 12.18 78.75 -3.45
N ASP A 919 11.31 78.25 -2.57
CA ASP A 919 11.62 78.16 -1.15
C ASP A 919 12.51 76.99 -0.81
N ILE A 920 13.26 76.46 -1.78
CA ILE A 920 13.87 75.16 -1.53
C ILE A 920 15.38 75.19 -1.61
N LEU A 921 15.92 75.44 -2.79
CA LEU A 921 17.29 75.02 -3.06
C LEU A 921 18.25 75.67 -2.08
N GLY A 922 18.57 74.94 -1.01
CA GLY A 922 19.50 75.40 0.00
C GLY A 922 19.16 75.04 1.43
N ASP A 923 17.94 74.59 1.74
CA ASP A 923 17.63 74.28 3.14
C ASP A 923 18.52 73.13 3.60
N VAL A 924 18.76 73.06 4.91
CA VAL A 924 19.43 71.90 5.48
C VAL A 924 18.47 70.98 6.23
N GLU A 925 17.48 71.55 6.95
CA GLU A 925 16.53 70.70 7.65
C GLU A 925 15.82 69.74 6.71
N LEU A 926 15.71 70.14 5.44
CA LEU A 926 15.16 69.31 4.40
C LEU A 926 16.18 68.30 3.89
N GLN A 927 17.42 68.76 3.74
CA GLN A 927 18.50 67.89 3.32
C GLN A 927 18.73 66.75 4.30
N LYS A 928 18.44 66.96 5.59
CA LYS A 928 18.66 65.89 6.55
C LYS A 928 17.58 64.82 6.49
N GLU A 929 16.31 65.25 6.35
CA GLU A 929 15.28 64.32 5.92
C GLU A 929 15.82 63.44 4.81
N LEU A 930 16.34 64.08 3.76
CA LEU A 930 16.71 63.31 2.60
C LEU A 930 17.94 62.43 2.84
N ASN A 931 18.88 62.87 3.66
CA ASN A 931 20.02 62.01 3.94
C ASN A 931 19.56 60.77 4.68
N SER A 932 18.64 60.94 5.63
CA SER A 932 18.04 59.80 6.32
C SER A 932 17.39 58.86 5.33
N GLU A 933 16.53 59.39 4.47
CA GLU A 933 15.75 58.52 3.61
C GLU A 933 16.62 57.84 2.57
N TYR A 934 17.67 58.51 2.13
CA TYR A 934 18.58 57.85 1.22
C TYR A 934 19.34 56.73 1.90
N GLU A 935 19.83 56.94 3.12
CA GLU A 935 20.45 55.77 3.75
C GLU A 935 19.43 54.68 3.99
N GLN A 936 18.19 55.05 4.22
CA GLN A 936 17.16 54.04 4.37
C GLN A 936 17.13 53.15 3.16
N LEU A 937 17.08 53.75 1.98
CA LEU A 937 17.20 52.94 0.79
C LEU A 937 18.51 52.20 0.73
N VAL A 938 19.58 52.80 1.25
CA VAL A 938 20.85 52.09 1.20
C VAL A 938 20.74 50.77 1.92
N SER A 939 20.23 50.80 3.14
CA SER A 939 20.09 49.59 3.92
C SER A 939 19.19 48.59 3.23
N ASP A 940 18.05 49.05 2.71
CA ASP A 940 17.19 48.10 2.00
C ASP A 940 17.93 47.44 0.86
N ARG A 941 18.75 48.18 0.14
CA ARG A 941 19.42 47.55 -0.97
C ARG A 941 20.42 46.53 -0.49
N LYS A 942 21.21 46.89 0.51
CA LYS A 942 22.16 45.94 1.05
C LYS A 942 21.46 44.70 1.59
N PHE A 943 20.33 44.91 2.26
CA PHE A 943 19.50 43.85 2.78
C PHE A 943 19.06 42.92 1.67
N LEU A 944 18.21 43.40 0.76
CA LEU A 944 17.76 42.54 -0.32
C LEU A 944 18.90 42.06 -1.19
N ARG A 945 20.09 42.57 -0.99
CA ARG A 945 21.11 42.16 -1.92
C ARG A 945 22.05 41.13 -1.33
N GLU A 946 22.17 41.07 -0.01
CA GLU A 946 23.08 40.15 0.63
C GLU A 946 22.38 39.03 1.39
N ILE A 947 21.35 39.34 2.16
CA ILE A 947 20.63 38.34 2.94
C ILE A 947 19.73 37.51 2.07
N VAL A 948 18.77 38.14 1.41
CA VAL A 948 17.58 37.42 0.99
C VAL A 948 17.66 36.94 -0.46
N PHE A 949 17.47 37.83 -1.42
CA PHE A 949 17.37 37.41 -2.81
C PHE A 949 18.79 37.36 -3.34
N VAL A 950 19.48 36.26 -3.06
CA VAL A 950 20.93 36.23 -3.21
C VAL A 950 21.34 36.52 -4.64
N ASN A 951 20.72 35.86 -5.61
CA ASN A 951 21.12 36.11 -6.98
C ASN A 951 20.25 37.11 -7.70
N GLY A 952 19.44 37.88 -6.98
CA GLY A 952 18.93 39.13 -7.49
C GLY A 952 17.66 39.07 -8.31
N ASP A 953 17.04 37.90 -8.44
CA ASP A 953 15.80 37.80 -9.20
C ASP A 953 14.77 38.73 -8.59
N HIS A 954 14.44 39.79 -9.29
CA HIS A 954 13.86 40.96 -8.64
C HIS A 954 12.35 41.03 -8.74
N ASN A 955 11.68 39.95 -9.08
CA ASN A 955 10.23 39.96 -9.18
C ASN A 955 9.65 38.92 -8.24
N TRP A 956 8.71 39.32 -7.38
CA TRP A 956 8.17 38.35 -6.43
C TRP A 956 6.71 38.64 -6.14
N PRO A 957 5.97 37.65 -5.67
CA PRO A 957 4.57 37.86 -5.29
C PRO A 957 4.51 38.67 -4.02
N LEU A 958 3.52 39.53 -3.92
CA LEU A 958 3.40 40.54 -2.88
C LEU A 958 1.98 41.04 -2.78
N PRO A 959 1.65 41.70 -1.69
CA PRO A 959 0.32 42.28 -1.54
C PRO A 959 0.12 43.52 -2.36
N VAL A 960 -0.86 44.32 -1.92
CA VAL A 960 -1.57 45.33 -2.69
C VAL A 960 -0.71 46.02 -3.72
N ASN A 961 -1.19 46.12 -4.94
CA ASN A 961 -0.35 46.50 -6.06
C ASN A 961 -0.22 48.01 -6.09
N LEU A 962 1.01 48.50 -6.01
CA LEU A 962 1.17 49.94 -6.00
C LEU A 962 0.88 50.53 -7.37
N ARG A 963 1.74 50.25 -8.34
CA ARG A 963 1.64 50.82 -9.68
C ARG A 963 0.20 50.98 -10.13
N ARG A 964 -0.63 49.95 -9.91
CA ARG A 964 -2.00 50.07 -10.39
C ARG A 964 -2.77 51.12 -9.59
N ILE A 965 -2.65 51.08 -8.27
CA ILE A 965 -3.28 52.10 -7.47
C ILE A 965 -2.78 53.47 -7.88
N ILE A 966 -1.49 53.59 -8.10
CA ILE A 966 -0.95 54.89 -8.46
C ILE A 966 -1.52 55.37 -9.78
N GLN A 967 -1.66 54.48 -10.75
CA GLN A 967 -2.15 54.98 -12.03
C GLN A 967 -3.64 55.26 -12.00
N ASN A 968 -4.41 54.54 -11.18
CA ASN A 968 -5.76 55.04 -10.90
C ASN A 968 -5.72 56.42 -10.27
N ALA A 969 -4.81 56.63 -9.33
CA ALA A 969 -4.65 57.96 -8.78
C ALA A 969 -4.42 58.99 -9.87
N GLN A 970 -3.46 58.71 -10.76
CA GLN A 970 -3.18 59.61 -11.88
C GLN A 970 -4.46 59.95 -12.59
N GLN A 971 -5.22 58.93 -12.97
CA GLN A 971 -6.36 59.17 -13.82
C GLN A 971 -7.48 59.92 -13.14
N ILE A 972 -7.82 59.59 -11.89
CA ILE A 972 -8.97 60.27 -11.30
C ILE A 972 -8.73 61.77 -11.27
N PHE A 973 -7.65 62.20 -10.65
CA PHE A 973 -7.40 63.62 -10.49
C PHE A 973 -6.65 64.23 -11.66
N HIS A 974 -6.60 63.53 -12.79
CA HIS A 974 -6.17 64.10 -14.05
C HIS A 974 -4.75 64.62 -13.99
N LEU A 975 -3.94 64.06 -13.10
CA LEU A 975 -2.64 64.67 -12.82
C LEU A 975 -1.64 64.35 -13.93
N ASP A 976 -2.11 64.57 -15.14
CA ASP A 976 -1.29 64.85 -16.30
C ASP A 976 -1.19 66.35 -16.50
N ARG A 977 -0.78 66.77 -17.69
CA ARG A 977 -0.67 68.16 -18.13
C ARG A 977 0.38 68.94 -17.34
N ALA A 978 1.30 68.22 -16.71
CA ALA A 978 2.53 68.78 -16.14
C ALA A 978 2.26 70.07 -15.36
N LYS A 979 1.33 69.97 -14.42
CA LYS A 979 0.93 71.17 -13.70
C LYS A 979 1.74 71.24 -12.42
N ALA A 980 2.16 72.45 -12.07
CA ALA A 980 3.00 72.62 -10.89
C ALA A 980 2.28 72.14 -9.64
N SER A 981 2.97 71.31 -8.86
CA SER A 981 2.36 70.63 -7.73
C SER A 981 2.69 71.33 -6.42
N ASP A 982 1.73 71.33 -5.51
CA ASP A 982 1.90 71.96 -4.20
C ASP A 982 2.42 70.98 -3.16
N LEU A 983 3.28 70.06 -3.56
CA LEU A 983 3.65 68.93 -2.73
C LEU A 983 4.93 69.24 -1.98
N THR A 984 4.84 69.43 -0.67
CA THR A 984 6.02 69.80 0.10
C THR A 984 6.71 68.57 0.64
N ILE A 985 8.02 68.50 0.41
CA ILE A 985 8.77 67.27 0.66
C ILE A 985 8.54 66.70 2.06
N PRO A 986 8.50 67.49 3.13
CA PRO A 986 8.18 66.89 4.43
C PRO A 986 6.82 66.22 4.46
N GLU A 987 5.83 66.70 3.70
CA GLU A 987 4.59 65.93 3.59
C GLU A 987 4.86 64.51 3.13
N ILE A 988 5.58 64.35 2.03
CA ILE A 988 5.94 63.02 1.55
C ILE A 988 6.59 62.20 2.65
N ILE A 989 7.68 62.71 3.21
CA ILE A 989 8.48 61.82 4.03
C ILE A 989 7.76 61.51 5.33
N HIS A 990 7.07 62.49 5.90
CA HIS A 990 6.30 62.19 7.08
C HIS A 990 5.15 61.26 6.79
N GLY A 991 4.47 61.41 5.65
CA GLY A 991 3.40 60.48 5.33
C GLY A 991 3.92 59.06 5.24
N VAL A 992 5.01 58.88 4.49
CA VAL A 992 5.51 57.53 4.33
C VAL A 992 5.96 56.97 5.66
N ARG A 993 6.51 57.82 6.53
CA ARG A 993 6.99 57.29 7.79
C ARG A 993 5.84 56.98 8.73
N ASP A 994 4.76 57.74 8.66
CA ASP A 994 3.57 57.39 9.41
C ASP A 994 2.81 56.25 8.79
N LEU A 995 3.16 55.83 7.59
CA LEU A 995 2.42 54.73 7.02
C LEU A 995 2.80 53.43 7.68
N CYS A 996 4.10 53.09 7.70
CA CYS A 996 4.54 51.83 8.29
C CYS A 996 4.31 51.77 9.79
N LYS A 997 3.55 52.72 10.35
CA LYS A 997 2.89 52.55 11.63
C LYS A 997 1.46 52.07 11.50
N LYS A 998 1.06 51.61 10.32
CA LYS A 998 -0.32 51.21 10.11
C LYS A 998 -0.46 49.99 9.20
N LEU A 999 0.57 49.17 9.10
CA LEU A 999 0.45 47.88 8.41
C LEU A 999 0.40 46.76 9.44
N PHE A 1000 -0.70 46.73 10.18
CA PHE A 1000 -0.83 45.85 11.32
C PHE A 1000 -1.09 44.42 10.89
N VAL A 1001 -0.15 43.54 11.14
CA VAL A 1001 -0.44 42.12 10.96
C VAL A 1001 -0.75 41.52 12.32
N LEU A 1002 0.03 41.88 13.34
CA LEU A 1002 -0.11 41.30 14.68
C LEU A 1002 -0.20 42.43 15.69
N ARG A 1003 -1.40 42.66 16.24
CA ARG A 1003 -1.58 43.82 17.10
C ARG A 1003 -1.09 43.52 18.51
N GLY A 1004 -1.17 44.53 19.36
CA GLY A 1004 -0.70 44.46 20.73
C GLY A 1004 0.57 45.27 20.91
N GLU A 1005 0.99 45.37 22.18
CA GLU A 1005 2.18 46.17 22.45
C GLU A 1005 3.22 45.43 23.26
N ASN A 1006 2.94 44.19 23.63
CA ASN A 1006 3.97 43.38 24.24
C ASN A 1006 5.19 43.33 23.32
N GLU A 1007 6.37 43.37 23.93
CA GLU A 1007 7.55 43.75 23.15
C GLU A 1007 7.83 42.74 22.04
N LEU A 1008 7.60 41.45 22.30
CA LEU A 1008 7.71 40.50 21.20
C LEU A 1008 6.70 40.73 20.10
N ILE A 1009 5.50 41.23 20.41
CA ILE A 1009 4.57 41.57 19.35
C ILE A 1009 5.21 42.53 18.37
N LYS A 1010 5.83 43.60 18.86
CA LYS A 1010 6.35 44.59 17.94
C LYS A 1010 7.55 44.04 17.18
N GLU A 1011 8.40 43.28 17.84
CA GLU A 1011 9.50 42.69 17.09
C GLU A 1011 8.96 41.81 15.97
N ALA A 1012 7.86 41.11 16.21
CA ALA A 1012 7.31 40.29 15.15
C ALA A 1012 6.67 41.10 14.02
N GLN A 1013 5.83 42.06 14.38
CA GLN A 1013 5.29 42.99 13.38
C GLN A 1013 6.39 43.39 12.41
N GLN A 1014 7.46 43.97 12.96
CA GLN A 1014 8.49 44.53 12.10
C GLN A 1014 9.33 43.46 11.44
N ASN A 1015 9.38 42.27 12.01
CA ASN A 1015 10.06 41.18 11.31
C ASN A 1015 9.28 40.78 10.08
N ALA A 1016 7.97 40.94 10.12
CA ALA A 1016 7.14 40.38 9.06
C ALA A 1016 7.23 41.19 7.78
N THR A 1017 6.82 42.45 7.84
CA THR A 1017 6.58 43.25 6.64
C THR A 1017 7.83 43.99 6.21
N SER A 1018 9.02 43.43 6.37
CA SER A 1018 10.19 44.12 5.83
C SER A 1018 10.16 44.13 4.32
N LEU A 1019 9.86 43.00 3.69
CA LEU A 1019 9.90 42.98 2.24
C LEU A 1019 8.85 43.90 1.64
N PHE A 1020 7.64 43.91 2.20
CA PHE A 1020 6.62 44.82 1.71
C PHE A 1020 6.91 46.28 2.04
N GLN A 1021 7.51 46.56 3.20
CA GLN A 1021 7.95 47.92 3.40
C GLN A 1021 8.99 48.30 2.38
N CYS A 1022 9.84 47.36 1.99
CA CYS A 1022 10.83 47.64 0.97
C CYS A 1022 10.17 48.00 -0.34
N LEU A 1023 9.10 47.32 -0.68
CA LEU A 1023 8.41 47.67 -1.91
C LEU A 1023 7.82 49.06 -1.82
N VAL A 1024 7.06 49.34 -0.77
CA VAL A 1024 6.41 50.65 -0.65
C VAL A 1024 7.43 51.77 -0.74
N ARG A 1025 8.50 51.68 0.05
CA ARG A 1025 9.50 52.73 -0.04
C ARG A 1025 10.28 52.67 -1.33
N ALA A 1026 10.29 51.54 -2.03
CA ALA A 1026 10.98 51.52 -3.31
C ALA A 1026 10.20 52.28 -4.37
N ARG A 1027 8.88 52.41 -4.20
CA ARG A 1027 8.13 53.25 -5.14
C ARG A 1027 7.98 54.68 -4.65
N LEU A 1028 7.31 54.91 -3.54
CA LEU A 1028 6.97 56.28 -3.18
C LEU A 1028 8.16 56.99 -2.55
N ALA A 1029 9.32 56.81 -3.17
CA ALA A 1029 10.46 57.65 -2.84
C ALA A 1029 10.17 59.07 -3.33
N THR A 1030 10.96 60.03 -2.86
CA THR A 1030 10.56 61.42 -3.03
C THR A 1030 10.85 61.93 -4.43
N ARG A 1031 12.04 61.62 -4.96
CA ARG A 1031 12.26 61.95 -6.37
C ARG A 1031 11.22 61.34 -7.26
N ARG A 1032 10.87 60.07 -7.06
CA ARG A 1032 10.04 59.44 -8.05
C ARG A 1032 8.68 60.10 -8.12
N ILE A 1033 8.12 60.44 -6.96
CA ILE A 1033 6.89 61.21 -6.96
C ILE A 1033 7.08 62.56 -7.64
N LEU A 1034 8.03 63.35 -7.18
CA LEU A 1034 8.06 64.71 -7.68
C LEU A 1034 8.62 64.82 -9.07
N GLU A 1035 9.08 63.72 -9.65
CA GLU A 1035 9.69 63.77 -10.96
C GLU A 1035 8.85 63.04 -12.01
N GLU A 1036 8.10 62.02 -11.62
CA GLU A 1036 7.44 61.23 -12.64
C GLU A 1036 5.95 61.04 -12.43
N PHE A 1037 5.50 60.78 -11.22
CA PHE A 1037 4.09 60.50 -11.01
C PHE A 1037 3.29 61.75 -10.71
N ARG A 1038 3.94 62.86 -10.39
CA ARG A 1038 3.33 64.18 -10.40
C ARG A 1038 2.02 64.20 -9.61
N LEU A 1039 2.03 63.51 -8.48
CA LEU A 1039 0.82 63.51 -7.69
C LEU A 1039 0.59 64.91 -7.13
N ASN A 1040 -0.44 65.07 -6.32
CA ASN A 1040 -0.64 66.33 -5.65
C ASN A 1040 -0.74 66.07 -4.15
N ARG A 1041 -1.42 66.96 -3.44
CA ARG A 1041 -1.75 66.68 -2.05
C ARG A 1041 -3.01 65.82 -1.95
N ASP A 1042 -4.06 66.21 -2.65
CA ASP A 1042 -5.27 65.39 -2.60
C ASP A 1042 -4.99 63.97 -3.03
N ALA A 1043 -4.58 63.78 -4.29
CA ALA A 1043 -4.37 62.44 -4.81
C ALA A 1043 -3.41 61.66 -3.92
N PHE A 1044 -2.48 62.35 -3.31
CA PHE A 1044 -1.56 61.65 -2.45
C PHE A 1044 -2.23 61.14 -1.19
N GLU A 1045 -3.02 61.97 -0.53
CA GLU A 1045 -3.73 61.47 0.63
C GLU A 1045 -4.63 60.32 0.24
N TRP A 1046 -5.17 60.39 -0.97
CA TRP A 1046 -6.03 59.30 -1.41
C TRP A 1046 -5.23 58.01 -1.54
N VAL A 1047 -4.04 58.08 -2.14
CA VAL A 1047 -3.24 56.88 -2.30
C VAL A 1047 -2.89 56.30 -0.93
N LEU A 1048 -2.59 57.15 0.03
CA LEU A 1048 -2.30 56.62 1.35
C LEU A 1048 -3.50 55.91 1.94
N GLY A 1049 -4.66 56.57 1.92
CA GLY A 1049 -5.84 55.93 2.43
C GLY A 1049 -6.05 54.56 1.81
N THR A 1050 -5.90 54.47 0.50
CA THR A 1050 -6.19 53.21 -0.14
C THR A 1050 -5.15 52.14 0.18
N ILE A 1051 -3.86 52.47 0.20
CA ILE A 1051 -2.91 51.39 0.46
C ILE A 1051 -3.07 50.89 1.87
N GLU A 1052 -3.40 51.79 2.79
CA GLU A 1052 -3.83 51.34 4.10
C GLU A 1052 -4.94 50.32 4.01
N ALA A 1053 -6.08 50.73 3.44
CA ALA A 1053 -7.26 49.87 3.51
C ALA A 1053 -6.99 48.52 2.85
N GLN A 1054 -6.29 48.49 1.74
CA GLN A 1054 -6.12 47.19 1.12
C GLN A 1054 -5.03 46.35 1.74
N PHE A 1055 -4.00 46.93 2.34
CA PHE A 1055 -3.20 46.00 3.12
C PHE A 1055 -3.99 45.45 4.28
N GLN A 1056 -5.01 46.17 4.74
CA GLN A 1056 -5.90 45.48 5.65
C GLN A 1056 -6.59 44.32 4.99
N ARG A 1057 -7.27 44.55 3.87
CA ARG A 1057 -8.14 43.49 3.39
C ARG A 1057 -7.41 42.25 2.92
N SER A 1058 -6.08 42.24 2.92
CA SER A 1058 -5.36 41.06 2.50
C SER A 1058 -4.74 40.31 3.67
N LEU A 1059 -5.37 40.36 4.83
CA LEU A 1059 -4.97 39.52 5.92
C LEU A 1059 -5.78 38.24 5.93
N VAL A 1060 -5.09 37.11 5.97
CA VAL A 1060 -5.78 35.82 5.90
C VAL A 1060 -6.69 35.64 7.10
N HIS A 1061 -7.91 35.31 6.82
CA HIS A 1061 -8.95 35.43 7.82
C HIS A 1061 -8.86 34.31 8.83
N PRO A 1062 -8.95 34.62 10.09
CA PRO A 1062 -8.84 33.59 11.10
C PRO A 1062 -9.95 32.57 11.02
N GLY A 1063 -9.54 31.31 10.90
CA GLY A 1063 -10.41 30.18 10.71
C GLY A 1063 -10.09 29.39 9.46
N GLU A 1064 -9.79 30.06 8.36
CA GLU A 1064 -9.58 29.45 7.07
C GLU A 1064 -8.78 28.17 7.17
N MET A 1065 -9.43 27.01 7.05
CA MET A 1065 -8.71 25.76 7.30
C MET A 1065 -7.61 25.51 6.29
N VAL A 1066 -6.70 26.47 6.17
CA VAL A 1066 -5.73 26.46 5.09
C VAL A 1066 -5.10 25.12 4.80
N GLY A 1067 -4.87 24.30 5.82
CA GLY A 1067 -4.07 23.11 5.60
C GLY A 1067 -4.64 22.23 4.51
N VAL A 1068 -5.95 22.10 4.49
CA VAL A 1068 -6.59 21.35 3.43
C VAL A 1068 -6.29 21.97 2.09
N ILE A 1069 -6.35 23.29 2.02
CA ILE A 1069 -6.06 23.96 0.76
C ILE A 1069 -4.68 23.58 0.31
N ALA A 1070 -3.77 23.47 1.26
CA ALA A 1070 -2.42 23.07 0.94
C ALA A 1070 -2.41 21.68 0.32
N ALA A 1071 -3.05 20.73 0.97
CA ALA A 1071 -3.05 19.39 0.43
C ALA A 1071 -3.60 19.40 -0.98
N GLN A 1072 -4.74 20.03 -1.18
CA GLN A 1072 -5.38 19.93 -2.47
C GLN A 1072 -4.54 20.57 -3.55
N SER A 1073 -4.06 21.78 -3.33
CA SER A 1073 -3.30 22.42 -4.38
C SER A 1073 -1.84 22.01 -4.37
N ILE A 1074 -1.49 20.97 -3.65
CA ILE A 1074 -0.24 20.32 -4.03
C ILE A 1074 -0.55 19.10 -4.85
N GLY A 1075 -1.55 18.34 -4.43
CA GLY A 1075 -1.86 17.11 -5.14
C GLY A 1075 -2.48 17.34 -6.50
N GLU A 1076 -3.17 18.44 -6.68
CA GLU A 1076 -3.85 18.70 -7.92
C GLU A 1076 -2.85 18.80 -9.06
N PRO A 1077 -1.84 19.67 -9.00
CA PRO A 1077 -0.85 19.66 -10.07
C PRO A 1077 -0.04 18.39 -10.09
N ALA A 1078 -0.10 17.60 -9.03
CA ALA A 1078 0.42 16.25 -9.13
C ALA A 1078 -0.46 15.40 -10.03
N THR A 1079 -1.74 15.74 -10.14
CA THR A 1079 -2.59 14.99 -11.05
C THR A 1079 -2.19 15.27 -12.49
N GLN A 1080 -2.19 16.54 -12.89
CA GLN A 1080 -2.11 16.82 -14.30
C GLN A 1080 -0.68 16.74 -14.81
N MET A 1081 0.20 16.11 -14.04
CA MET A 1081 1.59 16.05 -14.43
C MET A 1081 2.00 14.65 -14.85
N ASN A 1095 19.33 13.49 -16.17
CA ASN A 1095 19.12 12.08 -15.88
C ASN A 1095 18.71 11.92 -14.44
N VAL A 1096 17.48 12.31 -14.12
CA VAL A 1096 16.97 12.29 -12.76
C VAL A 1096 15.55 11.77 -12.74
N THR A 1097 14.93 11.87 -11.56
CA THR A 1097 13.56 11.44 -11.35
C THR A 1097 12.65 12.66 -11.23
N LEU A 1098 11.51 12.62 -11.91
CA LEU A 1098 10.52 13.68 -11.82
C LEU A 1098 9.12 13.11 -11.85
N GLY A 1099 8.16 13.97 -11.56
CA GLY A 1099 6.78 13.58 -11.56
C GLY A 1099 6.37 12.76 -10.34
N VAL A 1100 5.38 11.91 -10.58
CA VAL A 1100 4.82 11.13 -9.49
C VAL A 1100 5.86 10.26 -8.79
N PRO A 1101 6.80 9.61 -9.47
CA PRO A 1101 7.75 8.80 -8.72
C PRO A 1101 8.52 9.61 -7.70
N ARG A 1102 8.97 10.80 -8.07
CA ARG A 1102 9.72 11.60 -7.12
C ARG A 1102 8.84 12.07 -5.98
N LEU A 1103 7.65 12.57 -6.31
CA LEU A 1103 6.79 13.07 -5.25
C LEU A 1103 6.41 11.95 -4.30
N LYS A 1104 6.40 10.72 -4.81
CA LYS A 1104 6.15 9.55 -4.00
C LYS A 1104 7.33 9.24 -3.08
N GLU A 1105 8.54 9.27 -3.63
CA GLU A 1105 9.70 9.00 -2.79
C GLU A 1105 10.02 10.14 -1.86
N ILE A 1106 9.31 11.26 -1.99
CA ILE A 1106 9.51 12.31 -1.00
C ILE A 1106 8.41 12.30 0.05
N LEU A 1107 7.18 12.02 -0.32
CA LEU A 1107 6.20 12.00 0.76
C LEU A 1107 6.42 10.78 1.66
N ASN A 1108 6.73 9.63 1.07
CA ASN A 1108 7.14 8.46 1.85
C ASN A 1108 8.57 8.56 2.28
N VAL A 1109 8.93 9.46 3.20
CA VAL A 1109 10.32 9.89 3.27
C VAL A 1109 11.24 8.68 3.33
N ALA A 1110 11.91 8.43 2.23
CA ALA A 1110 12.51 7.14 2.02
C ALA A 1110 14.00 7.30 1.91
N LYS A 1111 14.73 6.36 2.50
CA LYS A 1111 16.16 6.49 2.60
C LYS A 1111 16.87 5.89 1.41
N ASN A 1112 16.11 5.43 0.42
CA ASN A 1112 16.69 4.85 -0.78
C ASN A 1112 15.94 5.34 -2.02
N ILE A 1113 16.28 6.54 -2.49
CA ILE A 1113 15.68 7.05 -3.71
C ILE A 1113 16.37 6.44 -4.90
N LYS A 1114 15.77 6.59 -6.08
CA LYS A 1114 16.17 5.77 -7.22
C LYS A 1114 17.61 6.07 -7.63
N THR A 1115 17.98 7.35 -7.70
CA THR A 1115 19.36 7.75 -7.91
C THR A 1115 19.58 9.10 -7.26
N PRO A 1116 20.26 9.13 -6.12
CA PRO A 1116 20.41 10.37 -5.37
C PRO A 1116 21.45 11.25 -6.03
N ALA A 1117 21.67 12.41 -5.44
CA ALA A 1117 22.61 13.34 -6.06
C ALA A 1117 23.21 14.26 -5.02
N LEU A 1118 24.41 14.73 -5.34
CA LEU A 1118 25.05 15.81 -4.61
C LEU A 1118 25.34 16.97 -5.53
N THR A 1119 25.47 18.14 -4.94
CA THR A 1119 26.06 19.31 -5.58
C THR A 1119 27.24 19.71 -4.73
N VAL A 1120 28.39 19.90 -5.36
CA VAL A 1120 29.63 20.27 -4.69
C VAL A 1120 30.14 21.53 -5.32
N TYR A 1121 30.16 22.63 -4.55
CA TYR A 1121 30.69 23.88 -5.04
C TYR A 1121 32.16 24.00 -4.73
N LEU A 1122 32.86 24.77 -5.53
CA LEU A 1122 34.26 25.02 -5.28
C LEU A 1122 34.51 26.49 -5.05
N ASP A 1123 35.61 26.79 -4.35
CA ASP A 1123 36.02 28.16 -4.13
C ASP A 1123 36.25 28.85 -5.47
N ARG A 1124 36.19 30.18 -5.45
CA ARG A 1124 36.31 30.92 -6.70
C ARG A 1124 37.63 30.64 -7.39
N GLU A 1125 38.71 30.52 -6.64
CA GLU A 1125 40.05 30.34 -7.21
C GLU A 1125 40.15 29.09 -8.06
N ILE A 1126 39.08 28.32 -8.13
CA ILE A 1126 38.97 27.23 -9.09
C ILE A 1126 37.69 27.35 -9.89
N ALA A 1127 36.71 28.11 -9.39
CA ALA A 1127 35.41 28.21 -10.04
C ALA A 1127 35.52 28.69 -11.47
N LEU A 1128 36.61 29.37 -11.80
CA LEU A 1128 36.89 29.80 -13.15
C LEU A 1128 38.07 29.06 -13.74
N ASP A 1129 38.82 28.36 -12.90
CA ASP A 1129 39.90 27.52 -13.35
C ASP A 1129 39.29 26.21 -13.79
N ILE A 1130 40.00 25.47 -14.60
CA ILE A 1130 39.50 24.14 -14.94
C ILE A 1130 40.46 23.05 -14.49
N GLU A 1131 41.76 23.29 -14.55
CA GLU A 1131 42.70 22.21 -14.29
C GLU A 1131 42.74 21.87 -12.81
N LYS A 1132 42.73 22.90 -11.96
CA LYS A 1132 42.51 22.68 -10.54
C LYS A 1132 41.22 21.93 -10.30
N ALA A 1133 40.17 22.26 -11.04
CA ALA A 1133 38.94 21.50 -10.89
C ALA A 1133 39.14 20.04 -11.29
N LYS A 1134 39.89 19.80 -12.37
CA LYS A 1134 40.12 18.41 -12.74
C LYS A 1134 40.81 17.65 -11.62
N VAL A 1135 41.82 18.27 -10.99
CA VAL A 1135 42.50 17.58 -9.91
C VAL A 1135 41.54 17.33 -8.75
N ILE A 1136 40.74 18.33 -8.41
CA ILE A 1136 39.80 18.16 -7.30
C ILE A 1136 38.89 16.98 -7.58
N GLN A 1137 38.24 16.98 -8.73
CA GLN A 1137 37.35 15.87 -9.02
C GLN A 1137 38.08 14.55 -8.87
N SER A 1138 39.18 14.39 -9.60
CA SER A 1138 39.92 13.14 -9.51
C SER A 1138 40.20 12.73 -8.08
N SER A 1139 40.42 13.70 -7.20
CA SER A 1139 40.60 13.32 -5.80
C SER A 1139 39.29 12.87 -5.17
N ILE A 1140 38.16 13.37 -5.63
CA ILE A 1140 36.88 12.97 -5.03
C ILE A 1140 36.39 11.63 -5.57
N GLU A 1141 36.61 11.35 -6.85
CA GLU A 1141 36.19 10.09 -7.44
C GLU A 1141 36.61 8.92 -6.56
N TYR A 1142 35.66 8.33 -5.87
CA TYR A 1142 35.97 7.10 -5.16
C TYR A 1142 36.40 6.05 -6.16
N THR A 1143 37.32 5.19 -5.74
CA THR A 1143 37.95 4.29 -6.69
C THR A 1143 38.56 3.12 -5.95
N THR A 1144 38.02 1.93 -6.20
CA THR A 1144 38.63 0.70 -5.76
C THR A 1144 39.66 0.25 -6.77
N LEU A 1145 40.58 -0.61 -6.33
CA LEU A 1145 41.51 -1.22 -7.28
C LEU A 1145 40.77 -1.92 -8.39
N LYS A 1146 39.61 -2.49 -8.07
CA LYS A 1146 38.74 -3.08 -9.07
C LYS A 1146 38.43 -2.11 -10.21
N ASN A 1147 38.49 -0.81 -9.96
CA ASN A 1147 38.21 0.18 -10.98
C ASN A 1147 39.33 0.32 -12.00
N VAL A 1148 40.52 -0.19 -11.70
CA VAL A 1148 41.63 -0.08 -12.63
C VAL A 1148 42.17 -1.46 -12.95
N THR A 1149 41.65 -2.47 -12.25
CA THR A 1149 42.17 -3.81 -12.38
C THR A 1149 41.85 -4.37 -13.74
N SER A 1150 42.83 -5.04 -14.34
CA SER A 1150 42.65 -5.66 -15.65
C SER A 1150 42.34 -7.15 -15.58
N ALA A 1151 42.87 -7.87 -14.60
CA ALA A 1151 42.63 -9.29 -14.46
C ALA A 1151 43.07 -9.74 -13.07
N THR A 1152 42.93 -11.04 -12.80
CA THR A 1152 43.38 -11.64 -11.55
C THR A 1152 44.26 -12.84 -11.89
N GLU A 1153 45.22 -13.15 -11.02
CA GLU A 1153 46.17 -14.20 -11.36
C GLU A 1153 46.68 -14.87 -10.08
N ILE A 1154 46.72 -16.20 -10.07
CA ILE A 1154 47.39 -16.98 -9.03
C ILE A 1154 48.45 -17.83 -9.69
N TYR A 1155 49.71 -17.52 -9.43
CA TYR A 1155 50.80 -18.33 -9.95
C TYR A 1155 51.49 -19.05 -8.80
N TYR A 1156 52.23 -20.11 -9.09
CA TYR A 1156 52.92 -20.85 -8.05
C TYR A 1156 54.41 -20.68 -8.24
N ASP A 1157 55.03 -19.80 -7.43
CA ASP A 1157 56.47 -19.55 -7.46
C ASP A 1157 57.09 -20.12 -6.20
N PRO A 1158 57.65 -21.33 -6.26
CA PRO A 1158 58.40 -21.86 -5.13
C PRO A 1158 59.87 -21.51 -5.18
N ASP A 1159 60.31 -20.79 -6.20
CA ASP A 1159 61.72 -20.51 -6.41
C ASP A 1159 62.02 -19.05 -6.12
N PRO A 1160 62.63 -18.73 -4.99
CA PRO A 1160 62.99 -17.33 -4.69
C PRO A 1160 64.22 -16.82 -5.43
N THR A 1161 64.64 -17.47 -6.51
CA THR A 1161 65.71 -16.96 -7.35
C THR A 1161 65.23 -16.57 -8.73
N SER A 1162 64.44 -17.41 -9.38
CA SER A 1162 63.81 -17.10 -10.66
C SER A 1162 62.42 -17.74 -10.68
N THR A 1163 61.81 -17.76 -11.86
CA THR A 1163 60.43 -18.21 -11.98
C THR A 1163 60.26 -19.02 -13.26
N VAL A 1164 59.00 -19.37 -13.53
CA VAL A 1164 58.63 -20.07 -14.75
C VAL A 1164 58.04 -19.04 -15.71
N ILE A 1165 57.44 -17.98 -15.16
CA ILE A 1165 57.02 -16.86 -15.99
C ILE A 1165 58.24 -16.33 -16.73
N GLU A 1166 58.13 -16.21 -18.03
CA GLU A 1166 59.20 -15.59 -18.80
C GLU A 1166 59.21 -14.07 -18.65
N GLU A 1167 58.04 -13.44 -18.74
CA GLU A 1167 57.92 -11.99 -18.86
C GLU A 1167 58.55 -11.28 -17.67
N ASP A 1168 58.75 -11.99 -16.58
CA ASP A 1168 59.22 -11.40 -15.33
C ASP A 1168 60.73 -11.42 -15.19
N PHE A 1169 61.40 -12.30 -15.94
CA PHE A 1169 62.77 -12.69 -15.60
C PHE A 1169 63.70 -11.50 -15.46
N ASP A 1170 63.67 -10.60 -16.45
CA ASP A 1170 64.54 -9.44 -16.42
C ASP A 1170 64.25 -8.54 -15.24
N THR A 1171 62.98 -8.14 -15.08
CA THR A 1171 62.61 -7.18 -14.05
C THR A 1171 62.70 -7.80 -12.66
N VAL A 1172 62.43 -9.11 -12.55
CA VAL A 1172 62.59 -9.74 -11.25
C VAL A 1172 64.06 -9.94 -10.87
N GLU A 1173 64.91 -10.38 -11.80
CA GLU A 1173 66.34 -10.38 -11.50
C GLU A 1173 66.84 -8.98 -11.21
N ALA A 1174 66.19 -7.96 -11.77
CA ALA A 1174 66.43 -6.61 -11.31
C ALA A 1174 65.94 -6.42 -9.87
N TYR A 1175 64.93 -7.18 -9.46
CA TYR A 1175 64.39 -7.00 -8.12
C TYR A 1175 64.87 -8.03 -7.11
N PHE A 1176 65.09 -9.29 -7.52
CA PHE A 1176 65.64 -10.27 -6.58
C PHE A 1176 66.83 -9.73 -5.83
N SER A 1177 67.69 -8.98 -6.49
CA SER A 1177 68.81 -8.33 -5.83
C SER A 1177 69.02 -6.98 -6.51
N GLN A 1190 57.44 -17.82 4.84
CA GLN A 1190 57.23 -17.26 3.51
C GLN A 1190 56.39 -18.21 2.67
N SER A 1191 55.50 -17.65 1.84
CA SER A 1191 54.49 -18.46 1.16
C SER A 1191 54.78 -18.53 -0.33
N PRO A 1192 54.76 -19.70 -0.96
CA PRO A 1192 55.20 -19.80 -2.35
C PRO A 1192 54.16 -19.38 -3.36
N TRP A 1193 52.88 -19.51 -3.02
CA TRP A 1193 51.81 -19.23 -3.98
C TRP A 1193 51.81 -17.73 -4.28
N LEU A 1194 52.48 -17.34 -5.35
CA LEU A 1194 52.58 -15.93 -5.67
C LEU A 1194 51.26 -15.44 -6.26
N LEU A 1195 50.65 -14.47 -5.61
CA LEU A 1195 49.45 -13.84 -6.13
C LEU A 1195 49.92 -12.73 -7.06
N ARG A 1196 49.08 -12.39 -8.04
CA ARG A 1196 49.53 -11.47 -9.07
C ARG A 1196 48.33 -10.79 -9.69
N LEU A 1197 48.51 -9.53 -10.05
CA LEU A 1197 47.45 -8.84 -10.76
C LEU A 1197 48.02 -7.76 -11.65
N GLU A 1198 47.25 -7.42 -12.68
CA GLU A 1198 47.70 -6.61 -13.79
C GLU A 1198 46.84 -5.37 -13.91
N LEU A 1199 47.47 -4.23 -14.14
CA LEU A 1199 46.76 -2.98 -14.16
C LEU A 1199 46.75 -2.39 -15.57
N ASP A 1200 45.78 -1.53 -15.82
CA ASP A 1200 45.59 -0.90 -17.14
C ASP A 1200 46.23 0.47 -17.21
N ARG A 1201 47.31 0.57 -17.99
CA ARG A 1201 48.03 1.84 -18.14
C ARG A 1201 47.10 2.94 -18.63
N ALA A 1202 46.16 2.61 -19.51
CA ALA A 1202 45.17 3.60 -19.91
C ALA A 1202 44.37 4.08 -18.70
N ARG A 1203 43.91 3.16 -17.86
CA ARG A 1203 43.27 3.61 -16.62
C ARG A 1203 44.29 4.16 -15.64
N MET A 1204 45.55 3.73 -15.72
CA MET A 1204 46.54 4.26 -14.79
C MET A 1204 46.78 5.75 -15.02
N LEU A 1205 46.70 6.18 -16.28
CA LEU A 1205 46.60 7.60 -16.56
C LEU A 1205 45.25 8.15 -16.15
N ASP A 1206 44.17 7.57 -16.69
CA ASP A 1206 42.84 8.12 -16.49
C ASP A 1206 42.49 8.28 -15.03
N LYS A 1207 43.29 7.68 -14.14
CA LYS A 1207 43.11 7.85 -12.71
C LYS A 1207 44.37 8.42 -12.06
N GLN A 1208 45.41 8.67 -12.85
CA GLN A 1208 46.56 9.47 -12.41
C GLN A 1208 47.31 8.77 -11.27
N LEU A 1209 47.93 7.64 -11.60
CA LEU A 1209 48.44 6.73 -10.59
C LEU A 1209 49.70 6.03 -11.08
N THR A 1210 50.37 5.33 -10.16
CA THR A 1210 51.63 4.65 -10.43
C THR A 1210 51.55 3.20 -9.97
N MET A 1211 52.63 2.45 -10.22
CA MET A 1211 52.82 1.23 -9.46
C MET A 1211 53.13 1.55 -8.01
N ASN A 1212 53.98 2.54 -7.80
CA ASN A 1212 54.43 2.89 -6.45
C ASN A 1212 53.28 3.26 -5.55
N GLN A 1213 52.47 4.23 -5.97
CA GLN A 1213 51.39 4.72 -5.13
C GLN A 1213 50.46 3.59 -4.71
N VAL A 1214 50.09 2.72 -5.65
CA VAL A 1214 49.09 1.73 -5.34
C VAL A 1214 49.68 0.61 -4.50
N ALA A 1215 50.94 0.24 -4.76
CA ALA A 1215 51.59 -0.70 -3.85
C ALA A 1215 51.63 -0.12 -2.44
N ASP A 1216 51.83 1.20 -2.35
CA ASP A 1216 51.75 1.88 -1.06
C ASP A 1216 50.37 1.70 -0.43
N LYS A 1217 49.33 1.91 -1.23
CA LYS A 1217 47.99 1.82 -0.68
C LYS A 1217 47.67 0.40 -0.27
N ILE A 1218 48.28 -0.59 -0.94
CA ILE A 1218 48.14 -1.97 -0.49
C ILE A 1218 48.78 -2.15 0.86
N SER A 1219 50.02 -1.72 1.00
CA SER A 1219 50.68 -1.84 2.28
C SER A 1219 50.05 -0.97 3.36
N GLU A 1220 49.16 -0.05 2.98
CA GLU A 1220 48.43 0.71 3.99
C GLU A 1220 47.74 -0.21 4.98
N VAL A 1221 47.10 -1.27 4.51
CA VAL A 1221 46.43 -2.22 5.39
C VAL A 1221 46.94 -3.64 5.21
N PHE A 1222 47.90 -3.87 4.32
CA PHE A 1222 48.56 -5.15 4.18
C PHE A 1222 50.01 -5.02 4.60
N SER A 1223 50.21 -4.45 5.79
CA SER A 1223 51.53 -4.13 6.29
C SER A 1223 52.45 -5.34 6.33
N ASP A 1224 52.18 -6.29 7.21
CA ASP A 1224 52.98 -7.50 7.32
C ASP A 1224 52.14 -8.77 7.26
N ASP A 1225 51.08 -8.76 6.47
CA ASP A 1225 50.43 -9.99 6.07
C ASP A 1225 50.76 -10.39 4.66
N LEU A 1226 51.41 -9.52 3.89
CA LEU A 1226 51.53 -9.76 2.47
C LEU A 1226 52.76 -9.01 1.97
N PHE A 1227 53.80 -9.76 1.66
CA PHE A 1227 54.94 -9.18 0.97
C PHE A 1227 54.52 -8.64 -0.37
N VAL A 1228 54.74 -7.34 -0.55
CA VAL A 1228 54.38 -6.63 -1.76
C VAL A 1228 55.62 -6.58 -2.64
N MET A 1229 55.43 -6.72 -3.94
CA MET A 1229 56.47 -6.68 -4.95
C MET A 1229 55.89 -6.05 -6.19
N TRP A 1230 56.50 -4.97 -6.66
CA TRP A 1230 55.92 -4.36 -7.84
C TRP A 1230 56.99 -4.19 -8.90
N SER A 1231 56.70 -4.73 -10.08
CA SER A 1231 57.60 -4.60 -11.22
C SER A 1231 57.57 -3.17 -11.72
N GLU A 1232 58.63 -2.78 -12.42
CA GLU A 1232 58.89 -1.37 -12.67
C GLU A 1232 57.82 -0.75 -13.57
N ASP A 1233 57.94 0.58 -13.70
CA ASP A 1233 56.99 1.38 -14.47
C ASP A 1233 57.02 1.05 -15.94
N ASN A 1234 58.22 0.83 -16.50
CA ASN A 1234 58.40 0.52 -17.90
C ASN A 1234 58.18 -0.96 -18.19
N ALA A 1235 57.81 -1.76 -17.19
CA ALA A 1235 57.50 -3.15 -17.43
C ALA A 1235 56.42 -3.26 -18.49
N ASP A 1236 56.50 -4.33 -19.30
CA ASP A 1236 55.57 -4.49 -20.41
C ASP A 1236 54.13 -4.47 -19.93
N LYS A 1237 53.86 -5.01 -18.75
CA LYS A 1237 52.51 -5.05 -18.20
C LYS A 1237 52.59 -4.65 -16.75
N LEU A 1238 51.58 -3.92 -16.29
CA LEU A 1238 51.59 -3.34 -14.94
C LEU A 1238 51.28 -4.46 -13.95
N ILE A 1239 52.34 -5.09 -13.47
CA ILE A 1239 52.26 -6.32 -12.71
C ILE A 1239 52.50 -6.03 -11.25
N ILE A 1240 51.76 -6.72 -10.38
CA ILE A 1240 51.95 -6.64 -8.94
C ILE A 1240 51.97 -8.07 -8.43
N ARG A 1241 52.91 -8.39 -7.55
CA ARG A 1241 53.25 -9.75 -7.16
C ARG A 1241 53.38 -9.81 -5.64
N CYS A 1242 52.64 -10.72 -5.02
CA CYS A 1242 52.45 -10.69 -3.58
C CYS A 1242 52.62 -12.07 -2.98
N ARG A 1243 53.16 -12.12 -1.76
CA ARG A 1243 53.37 -13.36 -1.06
C ARG A 1243 52.71 -13.32 0.30
N VAL A 1244 52.11 -14.42 0.72
CA VAL A 1244 51.49 -14.46 2.03
C VAL A 1244 52.59 -14.54 3.10
N ILE A 1245 52.39 -13.79 4.19
CA ILE A 1245 53.35 -13.78 5.26
C ILE A 1245 52.77 -14.38 6.54
N GLU A 1258 46.30 -25.17 3.77
CA GLU A 1258 45.46 -24.58 2.73
C GLU A 1258 45.95 -23.18 2.37
N GLU A 1259 46.39 -22.96 1.12
CA GLU A 1259 46.74 -21.61 0.69
C GLU A 1259 46.02 -21.20 -0.60
N ASP A 1260 45.18 -22.06 -1.14
CA ASP A 1260 44.41 -21.59 -2.29
C ASP A 1260 43.31 -20.67 -1.82
N GLN A 1261 42.37 -21.18 -1.03
CA GLN A 1261 41.26 -20.35 -0.56
C GLN A 1261 41.73 -19.26 0.39
N MET A 1262 42.79 -19.50 1.13
CA MET A 1262 43.41 -18.41 1.87
C MET A 1262 43.73 -17.25 0.93
N LEU A 1263 44.54 -17.53 -0.08
CA LEU A 1263 44.94 -16.48 -1.01
C LEU A 1263 43.74 -15.93 -1.77
N LYS A 1264 42.70 -16.73 -1.94
CA LYS A 1264 41.57 -16.27 -2.73
C LYS A 1264 40.65 -15.37 -1.93
N ARG A 1265 40.38 -15.71 -0.68
CA ARG A 1265 39.75 -14.71 0.18
C ARG A 1265 40.59 -13.45 0.21
N ILE A 1266 41.91 -13.61 0.25
CA ILE A 1266 42.75 -12.42 0.13
C ILE A 1266 42.44 -11.67 -1.15
N GLU A 1267 42.33 -12.38 -2.26
CA GLU A 1267 42.22 -11.71 -3.55
C GLU A 1267 40.88 -11.00 -3.69
N ALA A 1268 39.81 -11.66 -3.27
CA ALA A 1268 38.49 -11.03 -3.31
C ALA A 1268 38.43 -9.87 -2.34
N HIS A 1269 38.97 -10.05 -1.13
CA HIS A 1269 38.98 -8.97 -0.16
C HIS A 1269 39.76 -7.78 -0.69
N MET A 1270 40.85 -8.04 -1.40
CA MET A 1270 41.62 -7.00 -2.07
C MET A 1270 40.72 -6.24 -3.02
N LEU A 1271 40.28 -6.92 -4.07
CA LEU A 1271 39.47 -6.27 -5.08
C LEU A 1271 38.22 -5.62 -4.52
N ASP A 1272 37.83 -5.97 -3.31
CA ASP A 1272 36.71 -5.27 -2.68
C ASP A 1272 37.18 -4.01 -1.97
N LEU A 1273 38.28 -4.09 -1.23
CA LEU A 1273 38.59 -3.08 -0.23
C LEU A 1273 39.76 -2.19 -0.59
N ILE A 1274 40.59 -2.56 -1.56
CA ILE A 1274 41.70 -1.69 -1.92
C ILE A 1274 41.14 -0.38 -2.45
N ALA A 1275 41.07 0.63 -1.58
CA ALA A 1275 40.58 1.93 -1.95
C ALA A 1275 41.76 2.82 -2.31
N LEU A 1276 41.82 3.21 -3.58
CA LEU A 1276 42.98 3.91 -4.09
C LEU A 1276 42.97 5.37 -3.65
N ARG A 1277 41.88 6.08 -3.95
CA ARG A 1277 41.64 7.39 -3.39
C ARG A 1277 40.16 7.67 -3.54
N GLY A 1278 39.76 8.86 -3.17
CA GLY A 1278 38.36 9.20 -3.25
C GLY A 1278 37.63 8.94 -1.95
N ILE A 1279 36.31 8.86 -2.06
CA ILE A 1279 35.43 8.79 -0.91
C ILE A 1279 34.44 7.65 -1.14
N PRO A 1280 34.52 6.56 -0.42
CA PRO A 1280 33.56 5.47 -0.63
C PRO A 1280 32.13 5.91 -0.39
N GLY A 1281 31.34 5.86 -1.45
CA GLY A 1281 29.95 6.28 -1.42
C GLY A 1281 29.63 7.19 -2.57
N ILE A 1282 30.66 7.58 -3.31
CA ILE A 1282 30.54 8.56 -4.37
C ILE A 1282 31.19 7.97 -5.61
N SER A 1283 30.40 7.33 -6.44
CA SER A 1283 30.95 6.43 -7.43
C SER A 1283 31.37 7.10 -8.73
N LYS A 1284 30.79 8.24 -9.08
CA LYS A 1284 31.11 8.84 -10.36
C LYS A 1284 30.71 10.30 -10.32
N VAL A 1285 31.61 11.17 -10.77
CA VAL A 1285 31.47 12.61 -10.57
C VAL A 1285 31.49 13.30 -11.92
N TYR A 1286 30.63 14.29 -12.09
CA TYR A 1286 30.53 15.00 -13.34
C TYR A 1286 31.03 16.42 -13.18
N MET A 1287 31.87 16.82 -14.12
CA MET A 1287 32.36 18.18 -14.25
C MET A 1287 31.29 19.00 -14.96
N VAL A 1288 30.70 19.97 -14.27
CA VAL A 1288 29.50 20.65 -14.76
C VAL A 1288 29.73 22.16 -14.68
N LYS A 1289 28.88 22.93 -15.37
CA LYS A 1289 28.91 24.39 -15.42
C LYS A 1289 27.62 24.97 -14.85
N HIS A 1290 27.74 25.96 -13.97
CA HIS A 1290 26.54 26.62 -13.44
C HIS A 1290 26.62 28.13 -13.63
N LYS A 1291 25.81 28.64 -14.55
CA LYS A 1291 25.74 30.08 -14.76
C LYS A 1291 25.14 30.75 -13.54
N VAL A 1292 25.57 31.96 -13.24
CA VAL A 1292 25.08 32.64 -12.06
C VAL A 1292 25.16 34.13 -12.26
N SER A 1293 24.24 34.85 -11.64
CA SER A 1293 24.35 36.29 -11.48
C SER A 1293 25.33 36.62 -10.38
N VAL A 1294 26.21 37.58 -10.64
CA VAL A 1294 27.20 38.02 -9.68
C VAL A 1294 27.07 39.54 -9.62
N PRO A 1295 26.96 40.12 -8.45
CA PRO A 1295 26.86 41.59 -8.39
C PRO A 1295 28.18 42.24 -8.77
N ASP A 1296 28.14 42.96 -9.88
CA ASP A 1296 29.30 43.63 -10.44
C ASP A 1296 29.56 44.93 -9.67
N GLU A 1297 30.77 45.46 -9.80
CA GLU A 1297 31.23 46.57 -8.98
C GLU A 1297 30.52 47.89 -9.30
N SER A 1298 29.75 47.94 -10.36
CA SER A 1298 28.86 49.08 -10.54
C SER A 1298 27.52 48.87 -9.87
N GLY A 1299 27.23 47.66 -9.43
CA GLY A 1299 25.99 47.35 -8.79
C GLY A 1299 25.04 46.53 -9.63
N GLU A 1300 25.27 46.43 -10.92
CA GLU A 1300 24.32 45.78 -11.79
C GLU A 1300 24.77 44.36 -12.07
N TYR A 1301 23.82 43.44 -11.96
CA TYR A 1301 24.16 42.02 -11.90
C TYR A 1301 24.65 41.52 -13.23
N LYS A 1302 25.78 40.83 -13.23
CA LYS A 1302 26.36 40.33 -14.46
C LYS A 1302 26.44 38.83 -14.39
N ASN A 1303 25.95 38.19 -15.44
CA ASN A 1303 25.95 36.75 -15.45
C ASN A 1303 27.34 36.24 -15.76
N GLU A 1304 27.59 34.98 -15.40
CA GLU A 1304 28.93 34.47 -15.56
C GLU A 1304 28.91 32.95 -15.51
N GLU A 1305 29.89 32.34 -16.17
CA GLU A 1305 30.08 30.90 -16.12
C GLU A 1305 31.03 30.55 -15.01
N LEU A 1306 30.73 29.45 -14.33
CA LEU A 1306 31.62 28.92 -13.32
C LEU A 1306 31.91 27.47 -13.61
N TRP A 1307 32.38 26.76 -12.61
CA TRP A 1307 32.44 25.32 -12.64
C TRP A 1307 31.93 24.80 -11.33
N ALA A 1308 31.30 23.64 -11.37
CA ALA A 1308 30.86 22.97 -10.15
C ALA A 1308 30.88 21.48 -10.40
N LEU A 1309 30.65 20.72 -9.34
CA LEU A 1309 30.73 19.28 -9.42
C LEU A 1309 29.41 18.72 -8.94
N GLU A 1310 29.01 17.59 -9.49
CA GLU A 1310 27.84 16.85 -9.02
C GLU A 1310 28.22 15.39 -9.05
N THR A 1311 27.53 14.58 -8.27
CA THR A 1311 28.07 13.26 -7.96
C THR A 1311 26.98 12.21 -8.06
N ASP A 1312 27.42 10.95 -7.99
CA ASP A 1312 26.49 9.85 -7.97
C ASP A 1312 26.56 9.12 -6.63
N GLY A 1313 25.47 9.13 -5.89
CA GLY A 1313 25.49 8.67 -4.53
C GLY A 1313 25.79 9.83 -3.59
N ILE A 1314 25.58 9.60 -2.31
CA ILE A 1314 25.62 10.67 -1.34
C ILE A 1314 26.49 10.27 -0.16
N ASN A 1315 27.29 11.21 0.32
CA ASN A 1315 28.19 10.94 1.44
C ASN A 1315 28.65 12.30 1.95
N LEU A 1316 27.94 12.84 2.92
CA LEU A 1316 28.00 14.28 3.01
C LEU A 1316 29.19 14.76 3.81
N ALA A 1317 29.43 14.17 4.98
CA ALA A 1317 30.45 14.71 5.86
C ALA A 1317 31.83 14.48 5.28
N GLU A 1318 32.05 13.36 4.62
CA GLU A 1318 33.36 13.13 4.06
C GLU A 1318 33.64 14.05 2.88
N VAL A 1319 32.62 14.70 2.34
CA VAL A 1319 32.88 15.58 1.21
C VAL A 1319 33.01 17.02 1.64
N MET A 1320 32.21 17.48 2.59
CA MET A 1320 32.31 18.90 2.93
C MET A 1320 33.68 19.32 3.43
N ALA A 1321 34.69 18.46 3.38
CA ALA A 1321 35.96 18.78 4.00
C ALA A 1321 37.17 18.60 3.10
N VAL A 1322 37.10 17.80 2.06
CA VAL A 1322 38.27 17.53 1.21
C VAL A 1322 38.86 18.85 0.75
N PRO A 1323 40.18 19.04 0.86
CA PRO A 1323 40.74 20.40 0.83
C PRO A 1323 40.36 21.14 -0.44
N GLY A 1324 39.78 22.32 -0.26
CA GLY A 1324 39.44 23.16 -1.39
C GLY A 1324 38.01 23.07 -1.83
N VAL A 1325 37.08 22.72 -0.96
CA VAL A 1325 35.69 22.60 -1.34
C VAL A 1325 34.85 23.49 -0.43
N ASP A 1326 33.95 24.24 -1.02
CA ASP A 1326 33.32 25.31 -0.27
C ASP A 1326 32.35 24.69 0.72
N SER A 1327 32.80 24.55 1.95
CA SER A 1327 32.02 23.91 2.99
C SER A 1327 30.87 24.74 3.45
N SER A 1328 30.62 25.88 2.84
CA SER A 1328 29.46 26.65 3.26
C SER A 1328 28.24 26.32 2.44
N ARG A 1329 28.39 25.48 1.42
CA ARG A 1329 27.39 25.42 0.38
C ARG A 1329 26.94 24.02 0.01
N THR A 1330 27.74 22.98 0.23
CA THR A 1330 27.48 21.67 -0.36
C THR A 1330 26.03 21.27 -0.17
N TYR A 1331 25.45 20.68 -1.20
CA TYR A 1331 24.04 20.37 -1.19
C TYR A 1331 23.76 18.97 -1.68
N SER A 1332 22.80 18.32 -1.04
CA SER A 1332 22.38 16.98 -1.42
C SER A 1332 20.89 16.96 -1.65
N ASN A 1333 20.44 15.98 -2.43
CA ASN A 1333 19.00 15.84 -2.58
C ASN A 1333 18.43 14.88 -1.54
N SER A 1334 19.00 13.69 -1.40
CA SER A 1334 18.48 12.72 -0.45
C SER A 1334 18.70 13.28 0.95
N PHE A 1335 17.69 13.94 1.45
CA PHE A 1335 17.89 14.95 2.45
C PHE A 1335 17.84 14.42 3.88
N VAL A 1336 17.44 13.17 4.09
CA VAL A 1336 17.55 12.65 5.44
C VAL A 1336 19.01 12.63 5.87
N GLU A 1337 19.91 12.42 4.92
CA GLU A 1337 21.32 12.56 5.26
C GLU A 1337 21.60 13.97 5.76
N ILE A 1338 20.92 14.96 5.20
CA ILE A 1338 21.02 16.32 5.73
C ILE A 1338 20.52 16.37 7.15
N LEU A 1339 19.45 15.64 7.43
CA LEU A 1339 19.03 15.60 8.83
C LEU A 1339 20.15 15.12 9.70
N SER A 1340 20.78 14.02 9.32
CA SER A 1340 21.86 13.49 10.14
C SER A 1340 22.97 14.49 10.33
N VAL A 1341 23.35 15.19 9.27
CA VAL A 1341 24.54 16.02 9.29
C VAL A 1341 24.21 17.46 9.63
N LEU A 1342 23.47 18.14 8.78
CA LEU A 1342 23.34 19.58 8.90
C LEU A 1342 22.10 19.97 9.67
N GLY A 1343 21.75 19.21 10.68
CA GLY A 1343 20.75 19.67 11.62
C GLY A 1343 19.36 19.62 11.06
N ILE A 1344 18.51 20.50 11.59
CA ILE A 1344 17.09 20.44 11.22
C ILE A 1344 16.75 21.48 10.15
N GLU A 1345 17.26 22.69 10.24
CA GLU A 1345 16.71 23.71 9.36
C GLU A 1345 17.14 23.49 7.93
N ALA A 1346 18.36 23.01 7.74
CA ALA A 1346 18.75 22.63 6.40
C ALA A 1346 17.94 21.46 5.90
N THR A 1347 17.61 20.51 6.75
CA THR A 1347 16.70 19.48 6.29
C THR A 1347 15.44 20.11 5.76
N ARG A 1348 14.91 21.09 6.49
CA ARG A 1348 13.67 21.71 6.07
C ARG A 1348 13.81 22.36 4.72
N SER A 1349 14.83 23.20 4.55
CA SER A 1349 14.93 23.91 3.29
C SER A 1349 15.35 23.01 2.15
N SER A 1350 16.06 21.92 2.42
CA SER A 1350 16.30 20.96 1.35
C SER A 1350 15.01 20.31 0.92
N LEU A 1351 14.17 19.98 1.89
CA LEU A 1351 12.83 19.51 1.55
C LEU A 1351 12.15 20.51 0.63
N TYR A 1352 12.23 21.78 0.98
CA TYR A 1352 11.54 22.78 0.17
C TYR A 1352 12.11 22.84 -1.22
N LYS A 1353 13.43 22.74 -1.33
CA LYS A 1353 14.03 22.82 -2.64
C LYS A 1353 13.60 21.66 -3.50
N GLU A 1354 13.52 20.46 -2.93
CA GLU A 1354 13.10 19.31 -3.73
C GLU A 1354 11.65 19.44 -4.18
N ILE A 1355 10.78 19.79 -3.25
CA ILE A 1355 9.38 19.90 -3.64
C ILE A 1355 9.20 21.00 -4.67
N LEU A 1356 9.82 22.16 -4.47
CA LEU A 1356 9.68 23.19 -5.47
C LEU A 1356 10.23 22.74 -6.80
N ASN A 1357 11.36 22.06 -6.81
CA ASN A 1357 11.89 21.55 -8.06
C ASN A 1357 10.84 20.75 -8.78
N VAL A 1358 10.26 19.75 -8.12
CA VAL A 1358 9.38 18.87 -8.88
C VAL A 1358 8.04 19.51 -9.25
N ILE A 1359 7.38 20.22 -8.34
CA ILE A 1359 6.12 20.86 -8.71
C ILE A 1359 6.35 21.92 -9.78
N ALA A 1360 7.34 22.76 -9.57
CA ALA A 1360 7.61 23.80 -10.56
C ALA A 1360 8.65 23.33 -11.54
N PHE A 1361 8.64 22.05 -11.85
CA PHE A 1361 9.47 21.59 -12.96
C PHE A 1361 8.87 21.96 -14.31
N ASP A 1362 7.63 21.55 -14.56
CA ASP A 1362 7.06 21.68 -15.89
C ASP A 1362 6.32 22.99 -16.06
N GLY A 1363 6.92 24.08 -15.61
CA GLY A 1363 6.27 25.37 -15.68
C GLY A 1363 5.03 25.56 -14.81
N SER A 1364 4.69 24.59 -13.99
CA SER A 1364 3.61 24.84 -13.04
C SER A 1364 4.13 25.74 -11.94
N TYR A 1365 3.21 26.41 -11.28
CA TYR A 1365 3.57 27.36 -10.25
C TYR A 1365 2.67 27.19 -9.04
N VAL A 1366 3.25 27.31 -7.85
CA VAL A 1366 2.48 27.21 -6.62
C VAL A 1366 2.96 28.28 -5.67
N ASN A 1367 2.04 29.05 -5.11
CA ASN A 1367 2.39 30.03 -4.11
C ASN A 1367 3.31 29.41 -3.08
N TYR A 1368 4.13 30.25 -2.45
CA TYR A 1368 5.06 29.74 -1.45
C TYR A 1368 4.31 29.11 -0.31
N ARG A 1369 3.27 29.78 0.16
CA ARG A 1369 2.76 29.47 1.47
C ARG A 1369 2.28 28.03 1.56
N HIS A 1370 1.93 27.39 0.45
CA HIS A 1370 1.44 26.03 0.54
C HIS A 1370 2.57 25.04 0.73
N MET A 1371 3.57 25.05 -0.15
CA MET A 1371 4.73 24.22 0.12
C MET A 1371 5.33 24.55 1.47
N ALA A 1372 5.19 25.79 1.91
CA ALA A 1372 5.64 26.11 3.26
C ALA A 1372 4.87 25.31 4.30
N LEU A 1373 3.55 25.38 4.25
CA LEU A 1373 2.74 24.68 5.24
C LEU A 1373 3.07 23.20 5.24
N LEU A 1374 3.24 22.63 4.06
CA LEU A 1374 3.57 21.22 3.99
C LEU A 1374 4.94 20.94 4.58
N VAL A 1375 5.97 21.65 4.14
CA VAL A 1375 7.29 21.33 4.67
C VAL A 1375 7.39 21.64 6.14
N ASP A 1376 6.45 22.39 6.70
CA ASP A 1376 6.52 22.65 8.13
C ASP A 1376 5.77 21.63 8.95
N VAL A 1377 4.77 20.96 8.39
CA VAL A 1377 4.34 19.80 9.16
C VAL A 1377 5.42 18.74 9.18
N MET A 1378 6.14 18.54 8.09
CA MET A 1378 7.09 17.43 8.05
C MET A 1378 8.32 17.63 8.94
N THR A 1379 8.49 18.78 9.57
CA THR A 1379 9.51 18.96 10.59
C THR A 1379 8.97 19.77 11.73
N SER A 1380 7.85 19.32 12.28
CA SER A 1380 7.45 19.81 13.59
C SER A 1380 8.28 19.15 14.66
N ARG A 1381 8.42 17.84 14.59
CA ARG A 1381 8.98 17.07 15.67
C ARG A 1381 10.42 16.69 15.44
N GLY A 1382 11.14 17.52 14.70
CA GLY A 1382 12.54 17.30 14.49
C GLY A 1382 12.88 16.05 13.73
N TYR A 1383 12.13 14.98 13.88
CA TYR A 1383 12.38 13.82 13.04
C TYR A 1383 11.43 13.93 11.86
N LEU A 1384 11.86 13.41 10.72
CA LEU A 1384 11.04 13.57 9.53
C LEU A 1384 9.74 12.81 9.63
N MET A 1385 8.67 13.51 10.04
CA MET A 1385 7.39 12.86 10.26
C MET A 1385 6.80 12.54 8.91
N ALA A 1386 7.35 11.51 8.26
CA ALA A 1386 6.96 11.17 6.91
C ALA A 1386 5.44 11.09 6.81
N ILE A 1387 4.93 11.38 5.62
CA ILE A 1387 3.48 11.33 5.40
C ILE A 1387 3.16 9.93 4.91
N THR A 1388 2.99 9.02 5.86
CA THR A 1388 2.40 7.72 5.60
C THR A 1388 1.39 7.49 6.70
N ARG A 1389 0.96 6.25 6.84
CA ARG A 1389 0.18 5.91 8.02
C ARG A 1389 1.02 6.00 9.28
N HIS A 1390 2.35 5.93 9.15
CA HIS A 1390 3.20 5.99 10.33
C HIS A 1390 3.44 7.41 10.81
N GLY A 1391 3.12 8.39 9.98
CA GLY A 1391 3.26 9.76 10.37
C GLY A 1391 2.04 10.20 11.13
N ILE A 1392 0.87 9.93 10.57
CA ILE A 1392 -0.35 10.24 11.28
C ILE A 1392 -0.47 9.42 12.56
N ASN A 1393 -0.30 8.10 12.47
CA ASN A 1393 -0.73 7.24 13.56
C ASN A 1393 0.05 7.52 14.84
N ARG A 1394 1.36 7.64 14.75
CA ARG A 1394 2.19 7.83 15.91
C ARG A 1394 2.21 9.27 16.38
N ALA A 1395 1.24 10.06 15.97
CA ALA A 1395 1.09 11.40 16.50
C ALA A 1395 0.26 11.38 17.77
N ASP A 1396 0.59 12.30 18.67
CA ASP A 1396 -0.13 12.37 19.94
C ASP A 1396 -1.50 13.00 19.79
N THR A 1397 -2.03 13.05 18.57
CA THR A 1397 -3.40 13.47 18.34
C THR A 1397 -4.35 12.50 19.03
N GLY A 1398 -5.65 12.79 18.99
CA GLY A 1398 -6.60 11.92 19.66
C GLY A 1398 -6.61 10.54 19.03
N ALA A 1399 -7.51 9.70 19.54
CA ALA A 1399 -7.64 8.36 18.98
C ALA A 1399 -8.47 8.36 17.70
N LEU A 1400 -9.58 9.07 17.70
CA LEU A 1400 -10.48 8.94 16.56
C LEU A 1400 -9.89 9.52 15.28
N MET A 1401 -9.54 10.81 15.28
CA MET A 1401 -9.03 11.43 14.07
C MET A 1401 -7.98 10.56 13.42
N ARG A 1402 -7.26 9.78 14.23
CA ARG A 1402 -6.34 8.82 13.67
C ARG A 1402 -7.08 7.57 13.21
N CYS A 1403 -8.19 7.22 13.85
CA CYS A 1403 -8.77 5.93 13.60
C CYS A 1403 -9.38 5.83 12.21
N SER A 1404 -9.45 6.94 11.49
CA SER A 1404 -10.13 6.95 10.21
C SER A 1404 -9.20 6.83 9.03
N PHE A 1405 -7.90 6.66 9.24
CA PHE A 1405 -6.98 6.73 8.13
C PHE A 1405 -6.69 5.35 7.55
N GLU A 1406 -5.98 4.52 8.31
CA GLU A 1406 -5.63 3.17 7.92
C GLU A 1406 -5.36 2.39 9.19
N GLU A 1407 -5.55 1.08 9.14
CA GLU A 1407 -5.41 0.25 10.32
C GLU A 1407 -6.34 0.74 11.42
N THR A 1408 -7.63 0.78 11.13
CA THR A 1408 -8.58 1.22 12.15
C THR A 1408 -8.69 0.20 13.29
N VAL A 1409 -8.60 -1.08 12.98
CA VAL A 1409 -8.76 -2.10 14.00
C VAL A 1409 -7.74 -1.92 15.10
N GLU A 1410 -6.46 -2.04 14.74
CA GLU A 1410 -5.41 -2.11 15.73
C GLU A 1410 -5.29 -0.82 16.50
N ILE A 1411 -5.51 0.31 15.84
CA ILE A 1411 -5.59 1.54 16.62
C ILE A 1411 -6.67 1.47 17.67
N LEU A 1412 -7.87 1.06 17.31
CA LEU A 1412 -8.92 1.03 18.33
C LEU A 1412 -8.57 0.08 19.46
N PHE A 1413 -7.98 -1.07 19.16
CA PHE A 1413 -7.71 -2.01 20.24
C PHE A 1413 -6.54 -1.57 21.11
N GLU A 1414 -5.50 -0.96 20.55
CA GLU A 1414 -4.52 -0.34 21.42
C GLU A 1414 -5.16 0.72 22.31
N ALA A 1415 -5.93 1.63 21.72
CA ALA A 1415 -6.52 2.70 22.50
C ALA A 1415 -7.41 2.16 23.59
N GLY A 1416 -8.07 1.04 23.33
CA GLY A 1416 -8.81 0.44 24.41
C GLY A 1416 -7.95 -0.07 25.52
N ALA A 1417 -6.69 -0.39 25.22
CA ALA A 1417 -5.78 -0.98 26.19
C ALA A 1417 -4.95 0.06 26.92
N ALA A 1418 -5.18 1.33 26.65
CA ALA A 1418 -4.35 2.34 27.30
C ALA A 1418 -5.17 3.48 27.84
N ALA A 1419 -6.49 3.43 27.72
CA ALA A 1419 -7.33 4.41 28.39
C ALA A 1419 -7.01 5.83 27.93
N GLU A 1420 -7.12 6.03 26.62
CA GLU A 1420 -6.80 7.33 26.05
C GLU A 1420 -7.93 8.31 26.31
N LEU A 1421 -7.68 9.56 26.01
CA LEU A 1421 -8.68 10.61 26.18
C LEU A 1421 -8.69 11.46 24.92
N ASP A 1422 -9.57 11.13 23.99
CA ASP A 1422 -9.63 11.81 22.70
C ASP A 1422 -10.49 13.05 22.86
N ASP A 1423 -9.83 14.18 23.06
CA ASP A 1423 -10.49 15.38 23.56
C ASP A 1423 -11.37 16.07 22.55
N CYS A 1424 -11.79 15.39 21.49
CA CYS A 1424 -12.79 15.92 20.56
C CYS A 1424 -12.43 17.31 20.05
N ARG A 1425 -11.25 17.48 19.45
CA ARG A 1425 -10.99 18.76 18.78
C ARG A 1425 -10.70 18.61 17.30
N GLY A 1426 -10.27 17.46 16.83
CA GLY A 1426 -10.10 17.28 15.41
C GLY A 1426 -11.40 17.54 14.69
N VAL A 1427 -11.33 17.63 13.37
CA VAL A 1427 -12.57 17.74 12.64
C VAL A 1427 -13.06 16.36 12.20
N SER A 1428 -12.15 15.41 12.00
CA SER A 1428 -12.57 14.03 11.81
C SER A 1428 -13.63 13.64 12.84
N GLU A 1429 -13.30 13.80 14.12
CA GLU A 1429 -14.27 13.48 15.16
C GLU A 1429 -15.58 14.19 14.95
N ASN A 1430 -15.57 15.50 15.09
CA ASN A 1430 -16.84 16.20 15.10
C ASN A 1430 -17.62 16.08 13.80
N VAL A 1431 -17.04 15.50 12.77
CA VAL A 1431 -17.85 14.95 11.71
C VAL A 1431 -18.50 13.64 12.16
N MET A 1432 -17.67 12.66 12.55
CA MET A 1432 -18.23 11.35 12.87
C MET A 1432 -19.06 11.36 14.14
N LEU A 1433 -19.13 12.48 14.84
CA LEU A 1433 -20.14 12.70 15.85
C LEU A 1433 -20.99 13.91 15.54
N GLY A 1434 -21.12 14.23 14.25
CA GLY A 1434 -22.12 15.15 13.79
C GLY A 1434 -22.38 16.29 14.73
N GLN A 1435 -21.37 17.11 14.94
CA GLN A 1435 -21.53 18.32 15.70
C GLN A 1435 -21.07 19.51 14.88
N LEU A 1436 -21.54 20.68 15.28
CA LEU A 1436 -21.20 21.87 14.54
C LEU A 1436 -19.70 22.02 14.63
N ALA A 1437 -18.99 21.69 13.58
CA ALA A 1437 -17.56 21.46 13.66
C ALA A 1437 -16.82 22.68 14.19
N PRO A 1438 -15.62 22.49 14.73
CA PRO A 1438 -14.80 23.64 15.12
C PRO A 1438 -13.82 24.08 14.03
N MET A 1439 -14.36 24.59 12.95
CA MET A 1439 -13.59 25.26 11.91
C MET A 1439 -14.54 26.24 11.26
N GLY A 1440 -14.06 26.90 10.21
CA GLY A 1440 -14.89 27.78 9.44
C GLY A 1440 -15.87 28.54 10.30
N THR A 1441 -17.15 28.47 9.94
CA THR A 1441 -18.19 29.14 10.69
C THR A 1441 -18.50 28.47 12.00
N GLY A 1442 -17.74 27.45 12.37
CA GLY A 1442 -17.88 26.86 13.68
C GLY A 1442 -16.71 27.25 14.56
N ALA A 1443 -15.97 28.26 14.14
CA ALA A 1443 -14.89 28.75 14.96
C ALA A 1443 -15.34 29.72 16.02
N PHE A 1444 -16.64 29.92 16.23
CA PHE A 1444 -17.05 30.85 17.28
C PHE A 1444 -18.53 30.80 17.60
N ASP A 1445 -18.87 30.96 18.86
CA ASP A 1445 -20.28 30.92 19.23
C ASP A 1445 -20.99 32.17 18.76
N VAL A 1446 -22.25 32.27 19.10
CA VAL A 1446 -23.03 33.45 18.77
C VAL A 1446 -23.91 33.77 19.97
N MET A 1447 -23.64 34.89 20.61
CA MET A 1447 -24.36 35.29 21.80
C MET A 1447 -25.70 35.88 21.43
N ILE A 1448 -26.48 36.21 22.44
CA ILE A 1448 -27.50 37.24 22.32
C ILE A 1448 -27.07 38.41 23.19
N ASP A 1449 -27.15 39.62 22.65
CA ASP A 1449 -26.65 40.78 23.36
C ASP A 1449 -27.74 41.33 24.25
N GLU A 1450 -27.49 41.29 25.55
CA GLU A 1450 -28.36 41.98 26.49
C GLU A 1450 -28.28 43.49 26.31
N LYS A 1451 -27.09 44.05 26.25
CA LYS A 1451 -26.96 45.50 26.20
C LYS A 1451 -27.73 46.06 25.02
N LEU A 1452 -27.75 45.32 23.91
CA LEU A 1452 -28.22 45.91 22.68
C LEU A 1452 -29.73 45.90 22.59
N LEU A 1453 -30.37 44.81 22.99
CA LEU A 1453 -31.81 44.86 23.19
C LEU A 1453 -32.22 45.79 24.32
N THR A 1454 -31.32 46.09 25.27
CA THR A 1454 -31.69 47.10 26.25
C THR A 1454 -31.76 48.48 25.62
N SER A 1455 -30.78 48.81 24.76
CA SER A 1455 -30.84 50.08 24.07
C SER A 1455 -32.05 50.17 23.14
N LEU A 1456 -32.53 49.02 22.66
CA LEU A 1456 -33.56 48.90 21.64
C LEU A 1456 -34.96 48.95 22.23
N PRO A 1457 -35.99 49.03 21.37
CA PRO A 1457 -37.37 48.78 21.78
C PRO A 1457 -37.59 47.32 22.08
N ASP B 9 0.78 -15.10 -66.37
CA ASP B 9 0.39 -14.31 -65.21
C ASP B 9 0.30 -12.82 -65.46
N ASP B 10 0.10 -12.13 -64.35
CA ASP B 10 0.33 -10.71 -64.23
C ASP B 10 0.71 -10.49 -62.77
N THR B 11 0.65 -9.25 -62.31
CA THR B 11 0.85 -9.01 -60.89
C THR B 11 -0.44 -9.34 -60.15
N ILE B 12 -0.32 -10.04 -59.05
CA ILE B 12 -1.50 -10.26 -58.23
C ILE B 12 -2.04 -8.89 -57.87
N THR B 13 -3.19 -8.55 -58.40
CA THR B 13 -3.75 -7.23 -58.15
C THR B 13 -4.16 -7.13 -56.69
N THR B 14 -4.67 -5.99 -56.29
CA THR B 14 -5.30 -5.95 -54.98
C THR B 14 -6.47 -6.91 -54.92
N GLU B 15 -7.36 -6.85 -55.90
CA GLU B 15 -8.58 -7.57 -55.65
C GLU B 15 -8.37 -9.07 -55.64
N ASP B 16 -7.25 -9.57 -56.13
CA ASP B 16 -7.02 -10.98 -56.01
C ASP B 16 -6.68 -11.36 -54.58
N CYS B 17 -5.93 -10.50 -53.90
CA CYS B 17 -5.89 -10.64 -52.46
C CYS B 17 -7.29 -10.62 -51.88
N TRP B 18 -8.20 -9.90 -52.49
CA TRP B 18 -9.54 -9.90 -51.91
C TRP B 18 -10.36 -11.13 -52.27
N THR B 19 -10.07 -11.80 -53.36
CA THR B 19 -10.73 -13.08 -53.54
C THR B 19 -10.19 -14.11 -52.56
N VAL B 20 -8.90 -14.01 -52.23
CA VAL B 20 -8.39 -14.97 -51.26
C VAL B 20 -9.01 -14.75 -49.90
N ILE B 21 -9.09 -13.51 -49.43
CA ILE B 21 -9.87 -13.33 -48.21
C ILE B 21 -11.32 -13.76 -48.39
N SER B 22 -11.89 -13.65 -49.58
CA SER B 22 -13.25 -14.14 -49.71
C SER B 22 -13.32 -15.64 -49.44
N ALA B 23 -12.48 -16.42 -50.10
CA ALA B 23 -12.52 -17.87 -49.87
C ALA B 23 -12.24 -18.19 -48.42
N PHE B 24 -11.40 -17.41 -47.77
CA PHE B 24 -11.13 -17.68 -46.37
C PHE B 24 -12.39 -17.50 -45.54
N PHE B 25 -12.98 -16.33 -45.57
CA PHE B 25 -14.21 -16.23 -44.82
C PHE B 25 -15.32 -17.10 -45.38
N GLU B 26 -15.09 -17.73 -46.51
CA GLU B 26 -16.08 -18.61 -47.08
C GLU B 26 -15.96 -20.02 -46.53
N GLU B 27 -14.79 -20.38 -46.01
CA GLU B 27 -14.70 -21.68 -45.40
C GLU B 27 -14.83 -21.58 -43.89
N LYS B 28 -13.99 -20.79 -43.25
CA LYS B 28 -14.00 -20.85 -41.80
C LYS B 28 -15.12 -20.08 -41.16
N GLY B 29 -15.58 -19.01 -41.78
CA GLY B 29 -16.48 -18.16 -41.03
C GLY B 29 -15.70 -17.46 -39.94
N LEU B 30 -16.32 -16.47 -39.34
CA LEU B 30 -15.61 -15.68 -38.36
C LEU B 30 -15.10 -16.52 -37.21
N VAL B 31 -15.93 -17.35 -36.60
CA VAL B 31 -15.64 -17.84 -35.27
C VAL B 31 -15.25 -19.31 -35.24
N SER B 32 -14.69 -19.79 -36.34
CA SER B 32 -14.47 -21.22 -36.55
C SER B 32 -13.89 -21.98 -35.38
N GLN B 33 -12.95 -21.36 -34.66
CA GLN B 33 -12.14 -22.09 -33.71
C GLN B 33 -12.96 -22.64 -32.57
N GLN B 34 -13.95 -21.87 -32.09
CA GLN B 34 -14.83 -22.37 -31.06
C GLN B 34 -15.41 -23.70 -31.49
N LEU B 35 -15.88 -23.81 -32.72
CA LEU B 35 -16.53 -25.03 -33.13
C LEU B 35 -15.52 -26.11 -33.37
N ASP B 36 -14.37 -25.79 -33.97
CA ASP B 36 -13.41 -26.86 -34.13
C ASP B 36 -12.87 -27.34 -32.79
N SER B 37 -12.63 -26.43 -31.85
CA SER B 37 -12.15 -26.89 -30.57
C SER B 37 -13.22 -27.67 -29.80
N PHE B 38 -14.42 -27.11 -29.67
CA PHE B 38 -15.50 -27.79 -29.01
C PHE B 38 -15.74 -29.16 -29.62
N ASP B 39 -15.67 -29.26 -30.93
CA ASP B 39 -15.90 -30.56 -31.54
C ASP B 39 -14.80 -31.53 -31.20
N GLU B 40 -13.55 -31.09 -31.31
CA GLU B 40 -12.47 -31.94 -30.89
C GLU B 40 -12.70 -32.46 -29.49
N PHE B 41 -13.16 -31.58 -28.60
CA PHE B 41 -13.53 -31.98 -27.26
C PHE B 41 -14.52 -33.13 -27.30
N MET B 42 -15.75 -32.84 -27.73
CA MET B 42 -16.81 -33.82 -27.64
C MET B 42 -16.43 -35.13 -28.29
N GLU B 43 -15.52 -35.13 -29.24
CA GLU B 43 -15.30 -36.36 -29.95
C GLU B 43 -14.17 -37.19 -29.38
N THR B 44 -13.14 -36.57 -28.83
CA THR B 44 -12.05 -37.41 -28.38
C THR B 44 -11.64 -37.09 -26.94
N SER B 45 -11.83 -35.85 -26.53
CA SER B 45 -11.39 -35.46 -25.20
C SER B 45 -12.12 -36.25 -24.12
N ILE B 46 -13.42 -36.44 -24.25
CA ILE B 46 -14.09 -37.13 -23.16
C ILE B 46 -13.80 -38.61 -23.19
N GLN B 47 -13.81 -39.20 -24.38
CA GLN B 47 -13.41 -40.59 -24.51
C GLN B 47 -12.08 -40.85 -23.82
N ASP B 48 -11.14 -39.93 -23.93
CA ASP B 48 -9.84 -40.16 -23.33
C ASP B 48 -9.65 -39.46 -22.00
N LEU B 49 -10.68 -38.80 -21.48
CA LEU B 49 -10.72 -38.60 -20.05
C LEU B 49 -11.14 -39.86 -19.34
N VAL B 50 -12.06 -40.60 -19.92
CA VAL B 50 -12.46 -41.85 -19.31
C VAL B 50 -11.24 -42.72 -19.06
N TRP B 51 -10.54 -43.05 -20.11
CA TRP B 51 -9.48 -44.03 -20.00
C TRP B 51 -8.29 -43.51 -19.25
N GLU B 52 -8.48 -42.48 -18.45
CA GLU B 52 -7.44 -42.07 -17.53
C GLU B 52 -7.33 -43.07 -16.38
N GLU B 53 -8.41 -43.19 -15.61
CA GLU B 53 -8.53 -44.15 -14.51
C GLU B 53 -9.44 -45.26 -15.00
N PRO B 54 -8.91 -46.19 -15.80
CA PRO B 54 -9.80 -47.15 -16.46
C PRO B 54 -10.52 -48.09 -15.51
N ARG B 55 -10.06 -48.24 -14.26
CA ARG B 55 -10.62 -49.21 -13.35
C ARG B 55 -10.56 -48.77 -11.91
N LEU B 56 -11.64 -49.03 -11.20
CA LEU B 56 -11.63 -49.08 -9.74
C LEU B 56 -11.39 -50.52 -9.27
N ILE B 57 -11.00 -50.64 -8.00
CA ILE B 57 -10.78 -51.95 -7.39
C ILE B 57 -11.24 -51.91 -5.95
N LEU B 58 -12.05 -52.89 -5.56
CA LEU B 58 -12.09 -53.36 -4.18
C LEU B 58 -11.56 -54.79 -4.14
N ASP B 59 -10.74 -55.06 -3.14
CA ASP B 59 -10.17 -56.39 -3.02
C ASP B 59 -10.24 -56.87 -1.58
N GLN B 60 -11.16 -57.79 -1.31
CA GLN B 60 -11.36 -58.36 0.01
C GLN B 60 -10.78 -59.76 -0.05
N PRO B 61 -9.54 -59.92 0.38
CA PRO B 61 -8.87 -61.21 0.20
C PRO B 61 -9.41 -62.30 1.10
N ALA B 62 -9.50 -62.03 2.39
CA ALA B 62 -9.68 -63.15 3.31
C ALA B 62 -10.30 -62.67 4.60
N GLN B 63 -10.94 -63.61 5.29
CA GLN B 63 -11.37 -63.48 6.68
C GLN B 63 -12.23 -62.23 6.90
N HIS B 64 -13.41 -62.27 6.30
CA HIS B 64 -14.51 -61.38 6.70
C HIS B 64 -15.44 -62.11 7.68
N THR B 65 -14.91 -62.40 8.87
CA THR B 65 -15.52 -63.36 9.79
C THR B 65 -15.80 -64.68 9.06
N ASN B 66 -14.98 -64.92 8.03
CA ASN B 66 -15.06 -66.10 7.19
C ASN B 66 -14.32 -67.26 7.83
N GLU B 67 -14.40 -68.43 7.20
CA GLU B 67 -13.55 -69.54 7.57
C GLU B 67 -12.23 -69.47 6.80
N LYS B 68 -11.64 -68.28 6.81
CA LYS B 68 -10.48 -67.95 6.00
C LYS B 68 -10.68 -68.39 4.56
N ASP B 69 -11.90 -68.29 4.06
CA ASP B 69 -12.13 -68.57 2.65
C ASP B 69 -11.44 -67.47 1.87
N ASN B 70 -10.13 -67.59 1.71
CA ASN B 70 -9.30 -66.46 1.29
C ASN B 70 -9.61 -66.14 -0.17
N ILE B 71 -10.86 -65.75 -0.42
CA ILE B 71 -11.35 -65.42 -1.75
C ILE B 71 -11.11 -63.94 -1.99
N ASN B 72 -10.32 -63.62 -3.02
CA ASN B 72 -10.17 -62.23 -3.42
C ASN B 72 -11.49 -61.73 -3.97
N LYS B 73 -12.25 -61.07 -3.11
CA LYS B 73 -13.43 -60.33 -3.55
C LYS B 73 -12.95 -59.06 -4.23
N ARG B 74 -12.25 -59.23 -5.34
CA ARG B 74 -11.84 -58.10 -6.15
C ARG B 74 -13.01 -57.74 -7.05
N TYR B 75 -13.83 -56.82 -6.55
CA TYR B 75 -14.82 -56.11 -7.34
C TYR B 75 -14.09 -55.10 -8.20
N GLU B 76 -14.01 -55.38 -9.48
CA GLU B 76 -13.25 -54.56 -10.43
C GLU B 76 -14.28 -53.90 -11.33
N ILE B 77 -14.39 -52.59 -11.22
CA ILE B 77 -15.29 -51.80 -12.05
C ILE B 77 -14.49 -51.13 -13.15
N ARG B 78 -14.67 -51.60 -14.37
CA ARG B 78 -13.89 -51.19 -15.52
C ARG B 78 -14.76 -50.31 -16.40
N PHE B 79 -14.29 -49.09 -16.68
CA PHE B 79 -15.09 -48.14 -17.45
C PHE B 79 -15.06 -48.48 -18.93
N GLY B 80 -16.13 -48.14 -19.62
CA GLY B 80 -16.21 -48.45 -21.02
C GLY B 80 -16.66 -47.32 -21.93
N LYS B 81 -17.46 -47.67 -22.92
CA LYS B 81 -17.72 -46.78 -24.05
C LYS B 81 -18.43 -45.52 -23.60
N ILE B 82 -18.38 -44.51 -24.45
CA ILE B 82 -19.22 -43.33 -24.30
C ILE B 82 -20.17 -43.27 -25.49
N TYR B 83 -21.42 -42.92 -25.24
CA TYR B 83 -22.39 -42.69 -26.30
C TYR B 83 -23.08 -41.36 -26.06
N LEU B 84 -23.40 -40.66 -27.15
CA LEU B 84 -24.06 -39.38 -27.08
C LEU B 84 -25.18 -39.29 -28.10
N SER B 85 -26.30 -38.69 -27.69
CA SER B 85 -27.40 -38.46 -28.63
C SER B 85 -27.77 -36.99 -28.54
N ARG B 86 -28.58 -36.54 -29.50
CA ARG B 86 -28.95 -35.15 -29.62
C ARG B 86 -29.51 -34.63 -28.30
N PRO B 87 -29.55 -33.32 -28.10
CA PRO B 87 -30.16 -32.80 -26.89
C PRO B 87 -31.59 -33.30 -26.80
N THR B 88 -32.08 -33.40 -25.58
CA THR B 88 -33.36 -34.07 -25.41
C THR B 88 -34.16 -33.41 -24.30
N MET B 89 -35.43 -33.14 -24.57
CA MET B 89 -36.32 -32.52 -23.61
C MET B 89 -37.13 -33.61 -22.93
N THR B 90 -36.73 -33.95 -21.71
CA THR B 90 -37.54 -34.85 -20.89
C THR B 90 -38.45 -34.04 -19.99
N GLU B 91 -39.74 -34.12 -20.24
CA GLU B 91 -40.72 -33.32 -19.53
C GLU B 91 -40.83 -33.76 -18.07
N ALA B 92 -41.77 -33.14 -17.36
CA ALA B 92 -42.26 -33.73 -16.12
C ALA B 92 -43.30 -34.80 -16.39
N ASP B 93 -44.06 -34.65 -17.48
CA ASP B 93 -45.05 -35.64 -17.85
C ASP B 93 -44.42 -37.01 -18.04
N GLY B 94 -43.24 -37.06 -18.64
CA GLY B 94 -42.59 -38.30 -18.99
C GLY B 94 -42.25 -38.41 -20.46
N THR B 95 -42.76 -37.50 -21.28
CA THR B 95 -42.47 -37.52 -22.71
C THR B 95 -41.08 -36.98 -22.96
N THR B 96 -40.53 -37.37 -24.10
CA THR B 96 -39.26 -36.84 -24.57
C THR B 96 -39.40 -36.41 -26.02
N HIS B 97 -38.64 -35.39 -26.40
CA HIS B 97 -38.65 -34.93 -27.77
C HIS B 97 -37.43 -34.05 -27.99
N ALA B 98 -37.08 -33.87 -29.26
CA ALA B 98 -35.94 -33.04 -29.61
C ALA B 98 -36.21 -31.61 -29.21
N MET B 99 -35.45 -31.09 -28.26
CA MET B 99 -35.58 -29.67 -27.98
C MET B 99 -35.02 -28.89 -29.15
N PHE B 100 -35.29 -27.59 -29.15
CA PHE B 100 -34.62 -26.73 -30.09
C PHE B 100 -34.28 -25.40 -29.45
N PRO B 101 -33.18 -24.80 -29.88
CA PRO B 101 -32.71 -23.58 -29.23
C PRO B 101 -33.81 -22.59 -28.98
N GLN B 102 -34.76 -22.49 -29.90
CA GLN B 102 -35.83 -21.54 -29.66
C GLN B 102 -36.63 -21.91 -28.43
N GLU B 103 -37.14 -23.13 -28.40
CA GLU B 103 -37.89 -23.54 -27.23
C GLU B 103 -37.02 -23.44 -25.99
N ALA B 104 -35.72 -23.68 -26.16
CA ALA B 104 -34.81 -23.51 -25.04
C ALA B 104 -34.92 -22.12 -24.47
N ARG B 105 -34.61 -21.11 -25.28
CA ARG B 105 -34.59 -19.76 -24.74
C ARG B 105 -35.94 -19.37 -24.21
N LEU B 106 -37.01 -19.89 -24.81
CA LEU B 106 -38.30 -19.39 -24.41
C LEU B 106 -38.73 -19.88 -23.05
N ARG B 107 -38.05 -20.88 -22.50
CA ARG B 107 -38.58 -21.64 -21.38
C ARG B 107 -37.64 -21.71 -20.19
N ASN B 108 -36.55 -20.96 -20.17
CA ASN B 108 -35.53 -21.13 -19.15
C ASN B 108 -35.14 -22.59 -19.01
N LEU B 109 -34.74 -23.21 -20.10
CA LEU B 109 -34.20 -24.56 -20.01
C LEU B 109 -32.68 -24.52 -20.05
N THR B 110 -32.07 -25.64 -20.40
CA THR B 110 -30.64 -25.68 -20.60
C THR B 110 -30.31 -26.71 -21.66
N TYR B 111 -29.97 -26.22 -22.83
CA TYR B 111 -29.70 -27.04 -23.98
C TYR B 111 -28.57 -27.98 -23.59
N SER B 112 -28.88 -29.23 -23.37
CA SER B 112 -27.92 -30.17 -22.81
C SER B 112 -28.06 -31.49 -23.50
N SER B 113 -27.04 -32.31 -23.42
CA SER B 113 -27.09 -33.62 -23.97
C SER B 113 -26.75 -34.68 -22.95
N PRO B 114 -27.57 -35.71 -22.82
CA PRO B 114 -27.25 -36.79 -21.89
C PRO B 114 -26.05 -37.56 -22.39
N VAL B 115 -25.25 -38.05 -21.47
CA VAL B 115 -23.99 -38.72 -21.79
C VAL B 115 -24.11 -40.16 -21.31
N TYR B 116 -24.35 -41.10 -22.20
CA TYR B 116 -24.54 -42.46 -21.73
C TYR B 116 -23.24 -43.22 -21.62
N LEU B 117 -23.14 -43.99 -20.54
CA LEU B 117 -21.86 -44.45 -20.02
C LEU B 117 -21.93 -45.92 -19.63
N ASP B 118 -20.86 -46.67 -19.94
CA ASP B 118 -20.75 -48.08 -19.59
C ASP B 118 -19.92 -48.28 -18.33
N MET B 119 -20.38 -49.14 -17.44
CA MET B 119 -19.71 -49.35 -16.17
C MET B 119 -19.66 -50.84 -15.94
N GLU B 120 -18.67 -51.49 -16.55
CA GLU B 120 -18.58 -52.94 -16.67
C GLU B 120 -18.04 -53.51 -15.37
N LYS B 121 -18.88 -54.24 -14.64
CA LYS B 121 -18.56 -54.71 -13.31
C LYS B 121 -18.13 -56.17 -13.37
N SER B 122 -17.12 -56.55 -12.58
CA SER B 122 -16.68 -57.93 -12.59
C SER B 122 -15.98 -58.31 -11.29
N MET B 123 -15.57 -59.58 -11.25
CA MET B 123 -14.93 -60.17 -10.07
C MET B 123 -13.66 -60.89 -10.50
N PHE B 124 -12.55 -60.53 -9.87
CA PHE B 124 -11.41 -61.44 -9.90
C PHE B 124 -11.72 -62.65 -9.04
N THR B 125 -11.47 -63.83 -9.56
CA THR B 125 -11.37 -65.04 -8.75
C THR B 125 -9.91 -65.48 -8.84
N SER B 126 -9.06 -64.79 -8.08
CA SER B 126 -7.64 -65.09 -7.97
C SER B 126 -7.37 -64.75 -6.52
N ILE B 127 -7.50 -65.75 -5.66
CA ILE B 127 -7.93 -65.54 -4.29
C ILE B 127 -6.77 -65.75 -3.32
N ASP B 128 -6.63 -64.85 -2.35
CA ASP B 128 -5.53 -64.96 -1.40
C ASP B 128 -5.93 -64.44 -0.02
N GLY B 153 -24.82 -52.43 -14.91
CA GLY B 153 -23.90 -53.09 -15.83
C GLY B 153 -24.24 -52.77 -17.27
N ASN B 154 -24.54 -51.50 -17.52
CA ASN B 154 -25.01 -51.17 -18.86
C ASN B 154 -24.86 -49.66 -19.04
N LYS B 155 -25.50 -49.12 -20.06
CA LYS B 155 -25.51 -47.68 -20.25
C LYS B 155 -26.08 -46.99 -19.03
N VAL B 156 -25.29 -46.13 -18.44
CA VAL B 156 -25.81 -45.24 -17.43
C VAL B 156 -25.88 -43.81 -17.95
N HIS B 157 -27.04 -43.20 -17.77
CA HIS B 157 -27.19 -41.76 -17.81
C HIS B 157 -26.42 -41.19 -16.64
N ILE B 158 -25.46 -40.31 -16.92
CA ILE B 158 -24.60 -39.83 -15.85
C ILE B 158 -24.53 -38.31 -15.75
N GLY B 159 -24.98 -37.59 -16.76
CA GLY B 159 -24.86 -36.15 -16.74
C GLY B 159 -25.01 -35.56 -18.12
N LYS B 160 -24.94 -34.24 -18.15
CA LYS B 160 -25.38 -33.48 -19.32
C LYS B 160 -24.32 -32.50 -19.79
N VAL B 161 -23.51 -32.91 -20.75
CA VAL B 161 -22.62 -31.98 -21.44
C VAL B 161 -23.48 -31.07 -22.30
N PRO B 162 -23.34 -29.75 -22.21
CA PRO B 162 -24.20 -28.89 -23.03
C PRO B 162 -23.57 -28.57 -24.36
N ILE B 163 -24.30 -28.84 -25.44
CA ILE B 163 -23.79 -28.68 -26.79
C ILE B 163 -23.65 -27.22 -27.11
N MET B 164 -22.55 -26.87 -27.79
CA MET B 164 -22.30 -25.52 -28.30
C MET B 164 -22.97 -25.31 -29.63
N LEU B 165 -23.84 -24.31 -29.70
CA LEU B 165 -24.69 -24.18 -30.87
C LEU B 165 -23.86 -24.25 -32.13
N ARG B 166 -24.44 -24.82 -33.17
CA ARG B 166 -23.74 -24.99 -34.42
C ARG B 166 -22.52 -25.87 -34.28
N SER B 167 -22.49 -26.77 -33.31
CA SER B 167 -21.45 -27.78 -33.37
C SER B 167 -21.82 -28.78 -34.45
N LYS B 168 -21.15 -29.93 -34.44
CA LYS B 168 -21.69 -31.03 -35.21
C LYS B 168 -22.79 -31.71 -34.42
N PHE B 169 -22.86 -31.45 -33.13
CA PHE B 169 -23.74 -32.18 -32.24
C PHE B 169 -24.89 -31.33 -31.77
N CYS B 170 -25.13 -30.20 -32.41
CA CYS B 170 -26.39 -29.52 -32.18
C CYS B 170 -27.36 -29.89 -33.29
N SER B 171 -28.59 -29.41 -33.14
CA SER B 171 -29.64 -29.75 -34.08
C SER B 171 -29.62 -28.87 -35.32
N LEU B 172 -28.92 -27.74 -35.27
CA LEU B 172 -29.05 -26.73 -36.31
C LEU B 172 -27.85 -26.76 -37.26
N ARG B 173 -26.99 -27.76 -37.14
CA ARG B 173 -25.87 -27.84 -38.07
C ARG B 173 -26.37 -27.95 -39.50
N THR B 174 -27.16 -28.95 -39.79
CA THR B 174 -27.63 -29.24 -41.13
C THR B 174 -28.95 -28.48 -41.35
N LEU B 175 -29.76 -28.97 -42.28
CA LEU B 175 -31.18 -28.65 -42.35
C LEU B 175 -31.61 -27.32 -42.97
N ASP B 176 -31.28 -27.12 -44.25
CA ASP B 176 -32.26 -26.52 -45.16
C ASP B 176 -32.68 -25.10 -44.83
N GLU B 177 -31.81 -24.12 -45.13
CA GLU B 177 -31.88 -22.78 -44.56
C GLU B 177 -33.30 -22.27 -44.33
N VAL B 178 -34.22 -22.56 -45.25
CA VAL B 178 -35.61 -22.19 -45.03
C VAL B 178 -36.13 -22.86 -43.77
N ASP B 179 -35.84 -24.14 -43.61
CA ASP B 179 -36.23 -24.79 -42.37
C ASP B 179 -35.49 -24.23 -41.17
N LEU B 180 -34.28 -23.72 -41.35
CA LEU B 180 -33.69 -22.98 -40.26
C LEU B 180 -34.58 -21.82 -39.88
N TYR B 181 -35.16 -21.14 -40.88
CA TYR B 181 -36.20 -20.19 -40.54
C TYR B 181 -37.31 -20.85 -39.77
N LYS B 182 -37.70 -22.07 -40.15
CA LYS B 182 -38.78 -22.67 -39.39
C LYS B 182 -38.43 -22.86 -37.94
N MET B 183 -37.16 -22.77 -37.57
CA MET B 183 -36.79 -22.95 -36.19
C MET B 183 -36.55 -21.63 -35.48
N LYS B 184 -36.71 -20.51 -36.18
CA LYS B 184 -36.50 -19.16 -35.66
C LYS B 184 -35.02 -18.83 -35.47
N GLU B 185 -34.13 -19.59 -36.11
CA GLU B 185 -32.70 -19.37 -36.02
C GLU B 185 -32.28 -18.38 -37.09
N CYS B 186 -32.23 -17.10 -36.73
CA CYS B 186 -31.81 -16.05 -37.64
C CYS B 186 -30.46 -16.38 -38.29
N PRO B 187 -30.45 -16.73 -39.58
CA PRO B 187 -29.27 -17.41 -40.11
C PRO B 187 -28.00 -16.60 -40.06
N TYR B 188 -28.06 -15.31 -39.79
CA TYR B 188 -26.81 -14.59 -39.64
C TYR B 188 -26.11 -14.94 -38.38
N ASP B 189 -26.75 -15.65 -37.48
CA ASP B 189 -26.09 -16.06 -36.26
C ASP B 189 -25.12 -17.17 -36.55
N MET B 190 -24.07 -17.23 -35.74
CA MET B 190 -23.17 -18.37 -35.79
C MET B 190 -22.94 -19.03 -34.44
N GLY B 191 -23.82 -18.81 -33.47
CA GLY B 191 -23.76 -19.59 -32.25
C GLY B 191 -22.46 -19.35 -31.53
N GLY B 192 -21.63 -20.38 -31.46
CA GLY B 192 -20.40 -20.30 -30.73
C GLY B 192 -20.57 -20.33 -29.23
N TYR B 193 -21.78 -20.18 -28.74
CA TYR B 193 -22.01 -20.11 -27.31
C TYR B 193 -23.01 -21.17 -26.89
N PHE B 194 -23.10 -21.40 -25.59
CA PHE B 194 -23.97 -22.40 -24.99
C PHE B 194 -25.20 -21.71 -24.50
N VAL B 195 -26.19 -22.49 -24.08
CA VAL B 195 -27.36 -21.95 -23.42
C VAL B 195 -27.44 -22.62 -22.05
N ILE B 196 -27.84 -21.86 -21.04
CA ILE B 196 -27.88 -22.38 -19.67
C ILE B 196 -28.99 -21.69 -18.89
N ASN B 197 -29.81 -22.47 -18.20
CA ASN B 197 -30.97 -21.94 -17.48
C ASN B 197 -31.78 -20.98 -18.34
N GLY B 198 -31.66 -21.12 -19.65
CA GLY B 198 -32.29 -20.17 -20.53
C GLY B 198 -31.33 -19.16 -21.12
N SER B 199 -30.59 -18.45 -20.29
CA SER B 199 -29.78 -17.38 -20.83
C SER B 199 -28.67 -17.95 -21.70
N GLU B 200 -27.85 -17.04 -22.23
CA GLU B 200 -26.81 -17.36 -23.19
C GLU B 200 -25.46 -17.24 -22.51
N LYS B 201 -24.55 -18.15 -22.78
CA LYS B 201 -23.25 -18.03 -22.14
C LYS B 201 -22.16 -18.33 -23.14
N VAL B 202 -21.01 -17.67 -22.95
CA VAL B 202 -19.90 -17.77 -23.87
C VAL B 202 -18.65 -18.20 -23.13
N LEU B 203 -17.61 -18.56 -23.88
CA LEU B 203 -16.32 -18.89 -23.28
C LEU B 203 -15.28 -17.88 -23.71
N ILE B 204 -14.84 -17.08 -22.74
CA ILE B 204 -13.74 -16.16 -22.96
C ILE B 204 -12.45 -16.90 -22.86
N ALA B 205 -11.95 -17.39 -23.98
CA ALA B 205 -10.80 -18.29 -23.95
C ALA B 205 -9.71 -17.66 -23.08
N GLN B 206 -9.12 -18.45 -22.19
CA GLN B 206 -8.10 -17.93 -21.29
C GLN B 206 -6.72 -18.04 -21.92
N GLU B 207 -5.76 -17.42 -21.26
CA GLU B 207 -4.38 -17.40 -21.74
C GLU B 207 -3.42 -17.80 -20.62
N ARG B 208 -2.78 -18.95 -20.82
CA ARG B 208 -1.83 -19.50 -19.87
C ARG B 208 -0.43 -19.43 -20.43
N SER B 209 0.53 -19.21 -19.54
CA SER B 209 1.93 -19.20 -19.92
C SER B 209 2.40 -20.59 -20.28
N ALA B 210 3.30 -20.67 -21.23
CA ALA B 210 3.48 -21.91 -21.96
C ALA B 210 3.97 -23.01 -21.06
N ALA B 211 3.53 -24.22 -21.34
CA ALA B 211 4.13 -25.38 -20.71
C ALA B 211 5.20 -25.95 -21.63
N ASN B 212 6.24 -26.51 -21.01
CA ASN B 212 7.25 -27.31 -21.69
C ASN B 212 8.27 -26.49 -22.47
N ILE B 213 8.71 -25.38 -21.92
CA ILE B 213 9.85 -24.64 -22.45
C ILE B 213 10.69 -24.16 -21.28
N VAL B 214 11.86 -23.58 -21.59
CA VAL B 214 12.90 -23.36 -20.59
C VAL B 214 13.08 -21.85 -20.41
N GLN B 215 12.27 -21.25 -19.56
CA GLN B 215 12.26 -19.81 -19.46
C GLN B 215 13.34 -19.36 -18.48
N VAL B 216 13.95 -18.20 -18.77
CA VAL B 216 15.13 -17.78 -18.01
C VAL B 216 14.94 -16.35 -17.55
N PHE B 217 14.44 -16.17 -16.35
CA PHE B 217 14.15 -14.85 -15.82
C PHE B 217 15.32 -14.39 -14.98
N LYS B 218 15.36 -13.10 -14.65
CA LYS B 218 16.17 -12.61 -13.56
C LYS B 218 15.27 -12.19 -12.41
N LYS B 219 15.73 -12.44 -11.20
CA LYS B 219 15.04 -11.93 -10.03
C LYS B 219 15.54 -10.52 -9.77
N ALA B 220 14.74 -9.75 -9.04
CA ALA B 220 15.12 -8.41 -8.62
C ALA B 220 16.38 -8.45 -7.75
N ALA B 221 16.85 -7.26 -7.41
CA ALA B 221 18.12 -7.13 -6.70
C ALA B 221 18.12 -7.76 -5.30
N PRO B 222 17.13 -7.49 -4.43
CA PRO B 222 17.23 -7.98 -3.05
C PRO B 222 17.07 -9.48 -2.91
N SER B 223 18.00 -10.23 -3.48
CA SER B 223 17.94 -11.68 -3.40
C SER B 223 19.30 -12.25 -3.72
N PRO B 224 19.64 -13.42 -3.18
CA PRO B 224 20.90 -14.09 -3.54
C PRO B 224 20.92 -14.67 -4.94
N ILE B 225 19.91 -14.42 -5.76
CA ILE B 225 19.69 -15.11 -7.02
C ILE B 225 19.75 -14.10 -8.14
N SER B 226 20.52 -14.38 -9.17
CA SER B 226 20.57 -13.52 -10.33
C SER B 226 19.69 -14.02 -11.44
N HIS B 227 19.58 -15.34 -11.58
CA HIS B 227 18.94 -15.94 -12.73
C HIS B 227 18.17 -17.19 -12.32
N VAL B 228 16.94 -17.30 -12.80
CA VAL B 228 16.05 -18.41 -12.49
C VAL B 228 15.69 -19.12 -13.78
N ALA B 229 15.94 -20.42 -13.84
CA ALA B 229 15.60 -21.24 -15.00
C ALA B 229 14.36 -22.06 -14.66
N GLU B 230 13.22 -21.62 -15.12
CA GLU B 230 11.93 -22.17 -14.72
C GLU B 230 11.27 -22.93 -15.87
N ILE B 231 10.52 -23.95 -15.51
CA ILE B 231 9.67 -24.67 -16.45
C ILE B 231 8.38 -25.01 -15.72
N ARG B 232 7.27 -25.03 -16.45
CA ARG B 232 5.98 -25.44 -15.89
C ARG B 232 5.56 -26.73 -16.56
N SER B 233 6.01 -27.86 -16.03
CA SER B 233 5.77 -29.11 -16.72
C SER B 233 4.30 -29.49 -16.62
N ALA B 234 3.82 -30.21 -17.63
CA ALA B 234 2.42 -30.60 -17.71
C ALA B 234 2.27 -31.61 -18.84
N LEU B 235 1.58 -32.71 -18.56
CA LEU B 235 1.51 -33.81 -19.53
C LEU B 235 0.92 -33.35 -20.84
N GLU B 236 1.51 -33.83 -21.93
CA GLU B 236 1.09 -33.45 -23.28
C GLU B 236 -0.41 -33.60 -23.43
N LYS B 237 -0.91 -34.81 -23.23
CA LYS B 237 -2.35 -35.03 -23.32
C LYS B 237 -3.03 -34.44 -22.10
N GLY B 238 -4.21 -33.91 -22.31
CA GLY B 238 -4.97 -33.25 -21.25
C GLY B 238 -4.61 -31.80 -21.02
N SER B 239 -3.32 -31.49 -21.10
CA SER B 239 -2.81 -30.13 -20.88
C SER B 239 -3.20 -29.62 -19.50
N ARG B 240 -2.69 -30.30 -18.48
CA ARG B 240 -2.95 -29.96 -17.09
C ARG B 240 -1.65 -29.94 -16.31
N LEU B 241 -1.56 -29.01 -15.35
CA LEU B 241 -0.34 -28.81 -14.58
C LEU B 241 0.04 -30.05 -13.80
N ILE B 242 1.32 -30.41 -13.89
CA ILE B 242 1.85 -31.53 -13.12
C ILE B 242 2.73 -30.95 -12.01
N SER B 243 3.80 -30.26 -12.40
CA SER B 243 4.83 -29.80 -11.48
C SER B 243 5.43 -28.50 -11.97
N THR B 244 6.27 -27.91 -11.13
CA THR B 244 6.93 -26.65 -11.45
C THR B 244 8.34 -26.69 -10.86
N MET B 245 9.27 -27.25 -11.61
CA MET B 245 10.63 -27.39 -11.11
C MET B 245 11.39 -26.10 -11.30
N GLN B 246 11.82 -25.49 -10.20
CA GLN B 246 12.58 -24.25 -10.33
C GLN B 246 14.05 -24.54 -10.16
N ILE B 247 14.87 -23.69 -10.77
CA ILE B 247 16.30 -23.68 -10.49
C ILE B 247 16.71 -22.26 -10.17
N LYS B 248 17.59 -22.12 -9.20
CA LYS B 248 18.01 -20.82 -8.70
C LYS B 248 19.53 -20.77 -8.76
N LEU B 249 20.07 -19.58 -8.99
CA LEU B 249 21.52 -19.40 -8.93
C LEU B 249 21.88 -18.50 -7.76
N TYR B 250 22.21 -19.08 -6.62
CA TYR B 250 22.50 -18.27 -5.45
C TYR B 250 23.85 -17.59 -5.58
N GLY B 251 23.91 -16.34 -5.10
CA GLY B 251 25.13 -15.56 -5.11
C GLY B 251 25.03 -14.35 -6.01
N ARG B 252 24.65 -13.21 -5.44
CA ARG B 252 24.55 -11.96 -6.16
C ARG B 252 25.96 -11.48 -6.46
N GLU B 253 26.08 -10.24 -6.94
CA GLU B 253 27.37 -9.64 -7.23
C GLU B 253 28.17 -9.46 -5.94
N ASP B 254 29.19 -10.31 -5.75
CA ASP B 254 30.17 -10.16 -4.68
C ASP B 254 29.56 -10.40 -3.29
N LYS B 255 29.18 -11.65 -3.03
CA LYS B 255 28.64 -12.03 -1.73
C LYS B 255 28.60 -13.54 -1.60
N GLY B 256 29.26 -14.07 -0.57
CA GLY B 256 29.22 -15.50 -0.37
C GLY B 256 29.95 -16.25 -1.46
N THR B 257 31.28 -16.15 -1.49
CA THR B 257 32.14 -16.46 -2.63
C THR B 257 31.63 -17.58 -3.54
N GLY B 258 30.98 -18.58 -2.96
CA GLY B 258 30.42 -19.66 -3.74
C GLY B 258 29.24 -19.27 -4.62
N ARG B 259 29.42 -19.39 -5.93
CA ARG B 259 28.37 -19.11 -6.90
C ARG B 259 27.76 -20.43 -7.39
N THR B 260 26.87 -20.97 -6.57
CA THR B 260 26.34 -22.30 -6.81
C THR B 260 24.85 -22.27 -7.11
N ILE B 261 24.36 -23.45 -7.43
CA ILE B 261 23.05 -23.63 -8.03
C ILE B 261 22.26 -24.55 -7.11
N LYS B 262 21.02 -24.21 -6.84
CA LYS B 262 20.19 -25.10 -6.06
C LYS B 262 18.92 -25.42 -6.82
N ALA B 263 18.56 -26.69 -6.81
CA ALA B 263 17.33 -27.13 -7.44
C ALA B 263 16.21 -26.95 -6.45
N THR B 264 14.99 -26.91 -6.98
CA THR B 264 13.79 -26.83 -6.17
C THR B 264 12.71 -27.66 -6.84
N LEU B 265 12.13 -28.57 -6.08
CA LEU B 265 11.30 -29.63 -6.63
C LEU B 265 9.91 -29.52 -6.03
N PRO B 266 8.98 -30.42 -6.34
CA PRO B 266 7.72 -30.43 -5.61
C PRO B 266 7.74 -31.44 -4.48
N TYR B 267 6.80 -31.26 -3.55
CA TYR B 267 6.71 -32.10 -2.37
C TYR B 267 8.03 -32.13 -1.63
N VAL B 268 8.65 -30.96 -1.50
CA VAL B 268 9.71 -30.74 -0.53
C VAL B 268 9.44 -29.40 0.15
N LYS B 269 10.11 -29.21 1.28
CA LYS B 269 10.05 -27.98 2.04
C LYS B 269 11.38 -27.28 2.02
N GLN B 270 12.31 -27.71 1.17
CA GLN B 270 13.71 -27.40 1.36
C GLN B 270 14.44 -27.71 0.07
N ASP B 271 15.50 -26.95 -0.16
CA ASP B 271 16.10 -26.85 -1.47
C ASP B 271 17.32 -27.74 -1.59
N ILE B 272 17.62 -28.17 -2.81
CA ILE B 272 18.73 -29.09 -3.03
C ILE B 272 19.76 -28.48 -3.95
N PRO B 273 21.04 -28.51 -3.60
CA PRO B 273 22.08 -28.18 -4.59
C PRO B 273 22.22 -29.29 -5.61
N ILE B 274 22.84 -28.94 -6.74
CA ILE B 274 22.51 -29.62 -7.97
C ILE B 274 23.24 -30.93 -8.09
N VAL B 275 24.57 -30.89 -8.00
CA VAL B 275 25.30 -32.10 -8.35
C VAL B 275 24.88 -33.22 -7.43
N ILE B 276 24.33 -32.87 -6.27
CA ILE B 276 23.54 -33.84 -5.52
C ILE B 276 22.56 -34.55 -6.43
N VAL B 277 21.67 -33.78 -7.07
CA VAL B 277 20.60 -34.43 -7.82
C VAL B 277 21.12 -35.09 -9.08
N PHE B 278 22.18 -34.57 -9.67
CA PHE B 278 22.73 -35.27 -10.82
C PHE B 278 23.28 -36.62 -10.42
N ARG B 279 24.20 -36.65 -9.46
CA ARG B 279 24.68 -37.94 -8.99
C ARG B 279 23.52 -38.81 -8.55
N ALA B 280 22.44 -38.21 -8.06
CA ALA B 280 21.31 -38.98 -7.57
C ALA B 280 20.59 -39.68 -8.72
N LEU B 281 20.49 -39.01 -9.85
CA LEU B 281 19.77 -39.64 -10.93
C LEU B 281 20.65 -40.53 -11.79
N GLY B 282 21.88 -40.78 -11.37
CA GLY B 282 22.65 -41.80 -12.06
C GLY B 282 23.86 -41.32 -12.84
N VAL B 283 24.40 -40.17 -12.48
CA VAL B 283 25.71 -39.75 -12.96
C VAL B 283 26.55 -39.45 -11.73
N VAL B 284 27.19 -40.48 -11.19
CA VAL B 284 27.95 -40.29 -9.97
C VAL B 284 29.36 -39.78 -10.24
N PRO B 285 30.09 -40.24 -11.27
CA PRO B 285 31.41 -39.65 -11.52
C PRO B 285 31.27 -38.32 -12.23
N ASP B 286 31.93 -37.31 -11.68
CA ASP B 286 31.60 -35.95 -12.09
C ASP B 286 32.07 -35.67 -13.51
N GLY B 287 33.17 -36.28 -13.92
CA GLY B 287 33.65 -36.09 -15.29
C GLY B 287 32.54 -36.26 -16.31
N GLU B 288 31.76 -37.33 -16.18
CA GLU B 288 30.63 -37.48 -17.07
C GLU B 288 29.63 -36.36 -16.87
N ILE B 289 29.53 -35.80 -15.67
CA ILE B 289 28.56 -34.74 -15.47
C ILE B 289 28.94 -33.51 -16.27
N LEU B 290 30.16 -33.00 -16.05
CA LEU B 290 30.57 -31.87 -16.86
C LEU B 290 30.56 -32.20 -18.34
N GLN B 291 30.69 -33.47 -18.69
CA GLN B 291 30.50 -33.83 -20.08
C GLN B 291 29.07 -33.56 -20.51
N HIS B 292 28.11 -34.03 -19.72
CA HIS B 292 26.70 -33.78 -19.99
C HIS B 292 26.42 -32.29 -20.14
N ILE B 293 27.02 -31.46 -19.31
CA ILE B 293 26.66 -30.04 -19.35
C ILE B 293 27.53 -29.24 -20.32
N CYS B 294 28.82 -29.15 -20.03
CA CYS B 294 29.68 -28.29 -20.82
C CYS B 294 29.70 -28.72 -22.28
N TYR B 295 29.54 -27.77 -23.17
CA TYR B 295 29.57 -28.04 -24.60
C TYR B 295 30.69 -27.31 -25.31
N ASP B 296 31.34 -26.35 -24.64
CA ASP B 296 32.55 -25.69 -25.14
C ASP B 296 33.64 -25.90 -24.11
N GLU B 297 34.65 -26.67 -24.47
CA GLU B 297 35.67 -27.06 -23.50
C GLU B 297 36.57 -25.91 -23.09
N ASN B 298 36.82 -24.94 -23.97
CA ASN B 298 37.62 -23.79 -23.59
C ASN B 298 36.87 -22.81 -22.71
N ASP B 299 35.53 -22.90 -22.67
CA ASP B 299 34.69 -21.95 -21.95
C ASP B 299 35.03 -22.08 -20.46
N TRP B 300 36.24 -21.66 -20.15
CA TRP B 300 36.79 -21.83 -18.83
C TRP B 300 35.96 -21.13 -17.76
N GLN B 301 35.20 -20.09 -18.12
CA GLN B 301 34.35 -19.44 -17.13
C GLN B 301 33.20 -20.34 -16.71
N MET B 302 32.65 -21.08 -17.66
CA MET B 302 31.65 -22.08 -17.35
C MET B 302 32.18 -23.01 -16.27
N LEU B 303 33.33 -23.63 -16.53
CA LEU B 303 33.98 -24.45 -15.51
C LEU B 303 34.23 -23.66 -14.26
N GLU B 304 34.50 -22.36 -14.40
CA GLU B 304 35.03 -21.60 -13.29
C GLU B 304 33.91 -21.25 -12.32
N MET B 305 32.67 -21.23 -12.81
CA MET B 305 31.55 -21.11 -11.89
C MET B 305 30.96 -22.47 -11.56
N LEU B 306 31.33 -23.51 -12.32
CA LEU B 306 30.94 -24.87 -11.96
C LEU B 306 31.63 -25.34 -10.69
N LYS B 307 32.96 -25.30 -10.69
CA LYS B 307 33.78 -25.91 -9.65
C LYS B 307 33.24 -25.66 -8.24
N PRO B 308 32.67 -24.49 -7.94
CA PRO B 308 31.87 -24.38 -6.71
C PRO B 308 30.90 -25.52 -6.53
N CYS B 309 30.05 -25.78 -7.51
CA CYS B 309 29.00 -26.78 -7.33
C CYS B 309 29.60 -28.18 -7.20
N ILE B 310 30.53 -28.53 -8.08
CA ILE B 310 31.14 -29.85 -8.00
C ILE B 310 31.73 -30.06 -6.63
N GLU B 311 32.58 -29.15 -6.18
CA GLU B 311 33.33 -29.41 -4.97
C GLU B 311 32.46 -29.26 -3.73
N GLU B 312 31.28 -28.65 -3.84
CA GLU B 312 30.43 -28.63 -2.66
C GLU B 312 29.52 -29.84 -2.61
N GLY B 313 29.17 -30.39 -3.76
CA GLY B 313 28.43 -31.63 -3.74
C GLY B 313 29.34 -32.85 -3.64
N PHE B 314 30.65 -32.64 -3.68
CA PHE B 314 31.59 -33.74 -3.60
C PHE B 314 31.44 -34.59 -2.34
N VAL B 315 30.82 -34.04 -1.29
CA VAL B 315 30.65 -34.79 -0.05
C VAL B 315 29.74 -36.00 -0.20
N ILE B 316 29.15 -36.22 -1.37
CA ILE B 316 28.26 -37.35 -1.63
C ILE B 316 28.78 -38.04 -2.88
N GLN B 317 29.44 -39.16 -2.71
CA GLN B 317 30.18 -39.75 -3.82
C GLN B 317 29.55 -40.99 -4.40
N ASP B 318 28.30 -41.29 -4.07
CA ASP B 318 27.62 -42.44 -4.63
C ASP B 318 26.12 -42.22 -4.53
N LYS B 319 25.36 -43.26 -4.87
CA LYS B 319 23.95 -43.08 -5.20
C LYS B 319 23.08 -42.93 -3.95
N GLU B 320 23.05 -43.96 -3.13
CA GLU B 320 21.95 -44.06 -2.18
C GLU B 320 22.06 -43.08 -1.02
N VAL B 321 23.26 -42.63 -0.64
CA VAL B 321 23.29 -41.57 0.34
C VAL B 321 22.84 -40.27 -0.28
N ALA B 322 22.92 -40.16 -1.61
CA ALA B 322 22.33 -39.00 -2.26
C ALA B 322 20.81 -39.06 -2.19
N LEU B 323 20.24 -40.20 -2.58
CA LEU B 323 18.79 -40.38 -2.44
C LEU B 323 18.36 -40.12 -1.00
N ASP B 324 19.19 -40.55 -0.05
CA ASP B 324 18.87 -40.30 1.34
C ASP B 324 18.96 -38.82 1.68
N PHE B 325 19.97 -38.12 1.16
CA PHE B 325 20.04 -36.71 1.47
C PHE B 325 18.84 -35.98 0.91
N ILE B 326 18.25 -36.54 -0.13
CA ILE B 326 16.99 -36.01 -0.61
C ILE B 326 15.85 -36.32 0.36
N GLY B 327 15.64 -37.59 0.69
CA GLY B 327 14.60 -37.97 1.61
C GLY B 327 14.70 -37.27 2.95
N ARG B 328 15.92 -36.92 3.37
CA ARG B 328 16.11 -36.13 4.58
C ARG B 328 15.43 -34.78 4.49
N ARG B 329 14.99 -34.42 3.28
CA ARG B 329 14.04 -33.33 3.11
C ARG B 329 12.74 -33.83 2.51
N GLY B 330 12.83 -34.74 1.56
CA GLY B 330 11.74 -35.04 0.67
C GLY B 330 10.55 -35.73 1.30
N SER B 331 9.84 -35.02 2.15
CA SER B 331 8.59 -35.47 2.76
C SER B 331 8.68 -36.87 3.34
N ALA B 332 9.89 -37.40 3.51
CA ALA B 332 10.05 -38.71 4.12
C ALA B 332 9.80 -38.59 5.61
N ALA B 333 8.68 -39.12 6.06
CA ALA B 333 8.38 -39.11 7.48
C ALA B 333 9.48 -39.85 8.24
N LEU B 334 9.97 -39.21 9.28
CA LEU B 334 11.09 -39.77 10.04
C LEU B 334 10.73 -41.17 10.51
N GLY B 335 11.75 -42.00 10.66
CA GLY B 335 11.56 -43.40 10.99
C GLY B 335 11.44 -44.31 9.80
N ILE B 336 10.88 -43.83 8.69
CA ILE B 336 10.94 -44.55 7.43
C ILE B 336 12.39 -45.01 7.26
N ARG B 337 12.58 -46.32 7.17
CA ARG B 337 13.95 -46.83 7.21
C ARG B 337 14.71 -46.35 5.98
N ARG B 338 16.04 -46.52 6.06
CA ARG B 338 16.90 -45.93 5.04
C ARG B 338 16.55 -46.47 3.66
N GLU B 339 16.41 -47.79 3.52
CA GLU B 339 16.05 -48.29 2.20
C GLU B 339 14.63 -47.88 1.81
N LYS B 340 13.71 -47.76 2.76
CA LYS B 340 12.39 -47.21 2.46
C LYS B 340 12.44 -45.73 2.10
N ARG B 341 13.21 -44.93 2.84
CA ARG B 341 13.38 -43.53 2.48
C ARG B 341 13.92 -43.40 1.07
N ILE B 342 14.86 -44.27 0.72
CA ILE B 342 15.44 -44.26 -0.62
C ILE B 342 14.41 -44.70 -1.66
N GLN B 343 13.55 -45.65 -1.33
CA GLN B 343 12.46 -45.96 -2.22
C GLN B 343 11.58 -44.74 -2.47
N TYR B 344 11.35 -43.97 -1.41
CA TYR B 344 10.51 -42.79 -1.55
C TYR B 344 11.18 -41.73 -2.42
N ALA B 345 12.47 -41.50 -2.21
CA ALA B 345 13.19 -40.59 -3.09
C ALA B 345 13.05 -41.06 -4.53
N LYS B 346 13.33 -42.34 -4.80
CA LYS B 346 13.07 -42.87 -6.13
C LYS B 346 11.67 -42.54 -6.61
N ASP B 347 10.70 -42.49 -5.70
CA ASP B 347 9.36 -42.11 -6.12
C ASP B 347 9.28 -40.67 -6.59
N ILE B 348 9.62 -39.70 -5.74
CA ILE B 348 9.49 -38.30 -6.19
C ILE B 348 10.32 -38.02 -7.43
N LEU B 349 11.48 -38.65 -7.57
CA LEU B 349 12.27 -38.50 -8.79
C LEU B 349 11.93 -39.55 -9.82
N GLN B 350 10.82 -40.26 -9.64
CA GLN B 350 10.22 -41.03 -10.71
C GLN B 350 9.10 -40.25 -11.36
N LYS B 351 8.06 -39.95 -10.60
CA LYS B 351 7.04 -39.03 -11.04
C LYS B 351 7.55 -37.63 -10.74
N GLU B 352 6.64 -36.66 -10.74
CA GLU B 352 6.74 -35.43 -9.96
C GLU B 352 8.07 -34.72 -10.11
N LEU B 353 8.84 -35.01 -11.14
CA LEU B 353 10.04 -34.25 -11.45
C LEU B 353 10.45 -34.61 -12.85
N LEU B 354 10.43 -33.62 -13.73
CA LEU B 354 10.54 -33.88 -15.15
C LEU B 354 9.50 -34.91 -15.55
N PRO B 355 8.22 -34.69 -15.26
CA PRO B 355 7.25 -35.71 -15.64
C PRO B 355 7.17 -35.91 -17.12
N HIS B 356 6.87 -34.87 -17.89
CA HIS B 356 6.31 -35.08 -19.20
C HIS B 356 7.29 -35.76 -20.14
N ILE B 357 8.58 -35.74 -19.84
CA ILE B 357 9.54 -36.38 -20.74
C ILE B 357 9.22 -37.86 -20.87
N THR B 358 9.22 -38.57 -19.74
CA THR B 358 8.96 -40.00 -19.72
C THR B 358 8.77 -40.42 -18.27
N GLN B 359 7.80 -41.31 -18.07
CA GLN B 359 7.47 -41.78 -16.72
C GLN B 359 7.72 -43.26 -16.51
N GLU B 360 7.99 -44.01 -17.55
CA GLU B 360 8.60 -45.32 -17.37
C GLU B 360 10.02 -45.11 -16.85
N GLU B 361 10.61 -46.20 -16.35
CA GLU B 361 12.01 -46.13 -15.95
C GLU B 361 12.87 -46.98 -16.88
N GLY B 362 14.19 -46.94 -16.64
CA GLY B 362 15.14 -47.12 -17.70
C GLY B 362 15.33 -45.87 -18.52
N PHE B 363 14.74 -44.77 -18.07
CA PHE B 363 14.75 -43.51 -18.78
C PHE B 363 15.10 -42.36 -17.85
N GLU B 364 16.09 -42.57 -16.99
CA GLU B 364 16.69 -41.43 -16.29
C GLU B 364 17.67 -40.70 -17.19
N THR B 365 18.21 -41.38 -18.21
CA THR B 365 19.11 -40.72 -19.14
C THR B 365 18.48 -39.48 -19.73
N ARG B 366 17.22 -39.58 -20.11
CA ARG B 366 16.59 -38.47 -20.81
C ARG B 366 16.32 -37.33 -19.85
N LYS B 367 15.84 -37.64 -18.65
CA LYS B 367 15.72 -36.64 -17.61
C LYS B 367 17.05 -35.95 -17.37
N THR B 368 18.14 -36.70 -17.39
CA THR B 368 19.42 -36.08 -17.15
C THR B 368 19.78 -35.09 -18.25
N PHE B 369 19.86 -35.55 -19.49
CA PHE B 369 20.24 -34.62 -20.53
C PHE B 369 19.34 -33.41 -20.57
N PHE B 370 18.08 -33.55 -20.18
CA PHE B 370 17.25 -32.35 -20.22
C PHE B 370 17.60 -31.42 -19.08
N LEU B 371 17.92 -31.96 -17.91
CA LEU B 371 18.53 -31.06 -16.96
C LEU B 371 19.70 -30.35 -17.59
N GLY B 372 20.58 -31.12 -18.23
CA GLY B 372 21.78 -30.56 -18.77
C GLY B 372 21.48 -29.37 -19.62
N TYR B 373 20.44 -29.46 -20.42
CA TYR B 373 20.03 -28.28 -21.13
C TYR B 373 19.68 -27.17 -20.16
N MET B 374 18.90 -27.46 -19.11
CA MET B 374 18.48 -26.35 -18.26
C MET B 374 19.66 -25.63 -17.65
N VAL B 375 20.63 -26.40 -17.21
CA VAL B 375 21.83 -25.79 -16.63
C VAL B 375 22.57 -24.97 -17.68
N ASN B 376 22.81 -25.56 -18.85
CA ASN B 376 23.55 -24.84 -19.87
C ASN B 376 22.89 -23.52 -20.15
N ARG B 377 21.57 -23.50 -20.10
CA ARG B 377 20.90 -22.24 -20.38
C ARG B 377 21.05 -21.28 -19.21
N LEU B 378 20.93 -21.78 -17.99
CA LEU B 378 21.06 -20.85 -16.88
C LEU B 378 22.42 -20.22 -16.87
N LEU B 379 23.44 -20.96 -17.31
CA LEU B 379 24.78 -20.38 -17.38
C LEU B 379 24.92 -19.43 -18.56
N LEU B 380 24.32 -19.74 -19.70
CA LEU B 380 24.43 -18.79 -20.79
C LEU B 380 23.66 -17.52 -20.48
N CYS B 381 22.82 -17.52 -19.44
CA CYS B 381 22.17 -16.25 -19.14
C CYS B 381 22.69 -15.58 -17.88
N ALA B 382 23.38 -16.30 -17.01
CA ALA B 382 24.02 -15.58 -15.92
C ALA B 382 25.25 -14.81 -16.40
N LEU B 383 25.97 -15.34 -17.36
CA LEU B 383 27.14 -14.67 -17.92
C LEU B 383 26.76 -13.59 -18.92
N GLU B 384 25.47 -13.37 -19.15
CA GLU B 384 24.98 -12.33 -20.05
C GLU B 384 25.49 -12.54 -21.47
N ARG B 385 25.88 -13.78 -21.77
CA ARG B 385 26.25 -14.19 -23.12
C ARG B 385 25.03 -14.49 -23.96
N LYS B 386 23.84 -14.27 -23.41
CA LYS B 386 22.57 -14.43 -24.07
C LYS B 386 21.53 -13.74 -23.20
N ASP B 387 20.70 -12.94 -23.85
CA ASP B 387 19.76 -12.13 -23.11
C ASP B 387 18.78 -13.00 -22.34
N GLN B 388 18.25 -12.42 -21.27
CA GLN B 388 17.16 -13.07 -20.57
C GLN B 388 15.97 -13.18 -21.50
N ASP B 389 15.13 -14.18 -21.25
CA ASP B 389 13.91 -14.26 -22.02
C ASP B 389 12.79 -13.47 -21.35
N ASP B 390 11.96 -12.86 -22.17
CA ASP B 390 11.06 -11.84 -21.70
C ASP B 390 9.63 -12.34 -21.79
N ARG B 391 8.83 -11.88 -20.86
CA ARG B 391 7.55 -12.52 -20.60
C ARG B 391 6.53 -12.32 -21.70
N ASP B 392 6.43 -11.13 -22.27
CA ASP B 392 5.28 -10.83 -23.12
C ASP B 392 5.36 -11.47 -24.48
N HIS B 393 6.42 -12.21 -24.78
CA HIS B 393 6.60 -12.77 -26.10
C HIS B 393 5.39 -13.63 -26.41
N PHE B 394 4.61 -13.25 -27.41
CA PHE B 394 3.35 -13.94 -27.61
C PHE B 394 3.54 -15.30 -28.24
N GLY B 395 4.68 -15.57 -28.86
CA GLY B 395 4.91 -16.90 -29.38
C GLY B 395 5.12 -17.93 -28.30
N LYS B 396 5.57 -17.51 -27.12
CA LYS B 396 5.70 -18.40 -25.98
C LYS B 396 4.51 -18.31 -25.05
N LYS B 397 3.31 -18.14 -25.58
CA LYS B 397 2.13 -18.38 -24.79
C LYS B 397 1.26 -19.38 -25.52
N ARG B 398 0.10 -19.60 -24.96
CA ARG B 398 -0.87 -20.49 -25.54
C ARG B 398 -2.23 -19.89 -25.25
N LEU B 399 -3.23 -20.29 -26.02
CA LEU B 399 -4.58 -19.98 -25.64
C LEU B 399 -5.35 -21.25 -25.39
N ASP B 400 -6.30 -21.17 -24.47
CA ASP B 400 -7.15 -22.28 -24.09
C ASP B 400 -8.58 -21.91 -24.40
N LEU B 401 -9.21 -22.65 -25.29
CA LEU B 401 -10.51 -22.32 -25.84
C LEU B 401 -11.60 -22.95 -24.96
N ALA B 402 -12.78 -23.12 -25.51
CA ALA B 402 -13.77 -24.01 -24.91
C ALA B 402 -13.24 -25.41 -24.74
N GLY B 403 -12.42 -25.88 -25.67
CA GLY B 403 -11.99 -27.26 -25.69
C GLY B 403 -11.30 -27.69 -24.41
N PRO B 404 -10.03 -27.36 -24.27
CA PRO B 404 -9.33 -27.74 -23.04
C PRO B 404 -9.99 -27.27 -21.77
N LEU B 405 -10.79 -26.21 -21.82
CA LEU B 405 -11.46 -25.79 -20.59
C LEU B 405 -12.49 -26.80 -20.13
N LEU B 406 -13.39 -27.21 -21.02
CA LEU B 406 -14.25 -28.30 -20.62
C LEU B 406 -13.44 -29.54 -20.33
N ALA B 407 -12.34 -29.77 -21.04
CA ALA B 407 -11.57 -30.97 -20.76
C ALA B 407 -11.17 -31.01 -19.29
N ASN B 408 -10.68 -29.89 -18.75
CA ASN B 408 -10.25 -29.92 -17.35
C ASN B 408 -11.43 -29.99 -16.40
N LEU B 409 -12.42 -29.12 -16.58
CA LEU B 409 -13.48 -29.18 -15.60
C LEU B 409 -14.20 -30.52 -15.63
N PHE B 410 -14.08 -31.22 -16.74
CA PHE B 410 -14.76 -32.50 -16.82
C PHE B 410 -13.90 -33.61 -16.22
N ARG B 411 -12.58 -33.56 -16.43
CA ARG B 411 -11.74 -34.47 -15.68
C ARG B 411 -12.01 -34.38 -14.19
N ILE B 412 -12.08 -33.15 -13.67
CA ILE B 412 -12.24 -33.01 -12.23
C ILE B 412 -13.59 -33.54 -11.76
N LEU B 413 -14.68 -33.05 -12.34
CA LEU B 413 -15.91 -33.58 -11.79
C LEU B 413 -16.08 -35.06 -12.06
N PHE B 414 -15.41 -35.59 -13.05
CA PHE B 414 -15.49 -37.02 -13.27
C PHE B 414 -14.83 -37.78 -12.15
N ARG B 415 -13.70 -37.27 -11.65
CA ARG B 415 -13.14 -37.89 -10.46
C ARG B 415 -14.09 -37.78 -9.28
N LYS B 416 -14.78 -36.66 -9.13
CA LYS B 416 -15.63 -36.56 -7.94
C LYS B 416 -16.77 -37.56 -8.01
N LEU B 417 -17.33 -37.74 -9.19
CA LEU B 417 -18.28 -38.83 -9.37
C LEU B 417 -17.67 -40.15 -8.99
N THR B 418 -16.44 -40.41 -9.44
CA THR B 418 -15.88 -41.73 -9.20
C THR B 418 -15.61 -41.96 -7.72
N ARG B 419 -15.32 -40.89 -6.97
CA ARG B 419 -15.26 -41.08 -5.53
C ARG B 419 -16.61 -41.41 -4.93
N GLU B 420 -17.70 -40.80 -5.39
CA GLU B 420 -18.97 -41.27 -4.82
C GLU B 420 -19.25 -42.71 -5.20
N ILE B 421 -18.94 -43.09 -6.43
CA ILE B 421 -19.24 -44.47 -6.81
C ILE B 421 -18.33 -45.45 -6.09
N TYR B 422 -17.13 -45.03 -5.76
CA TYR B 422 -16.28 -45.88 -4.93
C TYR B 422 -16.88 -46.02 -3.55
N ARG B 423 -17.43 -44.94 -3.00
CA ARG B 423 -18.19 -45.05 -1.77
C ARG B 423 -19.30 -46.08 -1.88
N TYR B 424 -20.16 -45.92 -2.87
CA TYR B 424 -21.31 -46.79 -3.01
C TYR B 424 -20.90 -48.23 -3.30
N MET B 425 -19.68 -48.45 -3.76
CA MET B 425 -19.15 -49.80 -3.74
C MET B 425 -19.05 -50.32 -2.32
N GLN B 426 -18.39 -49.57 -1.44
CA GLN B 426 -18.11 -50.03 -0.09
C GLN B 426 -19.32 -49.96 0.82
N ARG B 427 -20.52 -50.12 0.30
CA ARG B 427 -21.61 -50.59 1.14
C ARG B 427 -22.30 -51.81 0.58
N CYS B 428 -22.60 -51.84 -0.71
CA CYS B 428 -23.34 -52.93 -1.30
C CYS B 428 -22.45 -54.12 -1.64
N ILE B 429 -21.26 -54.16 -1.07
CA ILE B 429 -20.40 -55.33 -1.20
C ILE B 429 -20.25 -55.98 0.16
N GLU B 430 -20.26 -55.16 1.22
CA GLU B 430 -20.27 -55.72 2.56
C GLU B 430 -21.64 -56.31 2.88
N THR B 431 -22.69 -55.52 2.76
CA THR B 431 -24.04 -56.07 2.78
C THR B 431 -24.29 -56.95 1.58
N ASP B 432 -23.30 -57.07 0.69
CA ASP B 432 -23.26 -58.07 -0.38
C ASP B 432 -24.51 -57.96 -1.27
N ARG B 433 -24.73 -56.74 -1.74
CA ARG B 433 -25.91 -56.40 -2.53
C ARG B 433 -25.51 -56.20 -3.98
N ASP B 434 -26.06 -57.05 -4.86
CA ASP B 434 -25.76 -56.95 -6.28
C ASP B 434 -26.31 -55.65 -6.84
N PHE B 435 -25.60 -54.54 -6.56
CA PHE B 435 -26.10 -53.22 -6.86
C PHE B 435 -26.38 -53.04 -8.36
N ASN B 436 -27.28 -52.10 -8.66
CA ASN B 436 -27.92 -52.05 -9.96
C ASN B 436 -27.19 -51.15 -10.96
N LEU B 437 -26.37 -50.22 -10.48
CA LEU B 437 -25.64 -49.29 -11.33
C LEU B 437 -26.57 -48.35 -12.08
N ASN B 438 -27.87 -48.54 -11.93
CA ASN B 438 -28.82 -47.59 -12.47
C ASN B 438 -29.22 -46.57 -11.43
N LEU B 439 -29.10 -46.90 -10.15
CA LEU B 439 -29.37 -45.97 -9.08
C LEU B 439 -28.08 -45.51 -8.43
N ALA B 440 -26.95 -46.00 -8.92
CA ALA B 440 -25.66 -45.84 -8.28
C ALA B 440 -24.91 -44.62 -8.76
N VAL B 441 -25.44 -43.89 -9.73
CA VAL B 441 -24.75 -42.77 -10.35
C VAL B 441 -25.58 -41.52 -10.11
N LYS B 442 -25.25 -40.77 -9.08
CA LYS B 442 -26.03 -39.57 -8.79
C LYS B 442 -25.72 -38.58 -9.88
N SER B 443 -26.44 -38.70 -11.00
CA SER B 443 -26.17 -37.86 -12.16
C SER B 443 -26.50 -36.42 -11.91
N THR B 444 -26.80 -36.05 -10.68
CA THR B 444 -26.78 -34.65 -10.35
C THR B 444 -25.37 -34.13 -10.26
N THR B 445 -24.38 -35.01 -10.15
CA THR B 445 -23.01 -34.58 -9.93
C THR B 445 -22.56 -33.68 -11.07
N ILE B 446 -22.36 -34.28 -12.24
CA ILE B 446 -21.80 -33.55 -13.35
C ILE B 446 -22.73 -32.45 -13.81
N THR B 447 -24.04 -32.66 -13.69
CA THR B 447 -24.97 -31.64 -14.16
C THR B 447 -24.92 -30.38 -13.31
N SER B 448 -25.18 -30.48 -12.01
CA SER B 448 -25.10 -29.26 -11.23
C SER B 448 -23.68 -28.73 -11.24
N GLY B 449 -22.69 -29.60 -11.41
CA GLY B 449 -21.33 -29.11 -11.55
C GLY B 449 -21.17 -28.17 -12.73
N LEU B 450 -21.37 -28.68 -13.95
CA LEU B 450 -21.22 -27.85 -15.12
C LEU B 450 -22.14 -26.67 -15.12
N LYS B 451 -23.40 -26.86 -14.76
CA LYS B 451 -24.34 -25.77 -14.85
C LYS B 451 -23.96 -24.65 -13.88
N TYR B 452 -23.47 -24.97 -12.69
CA TYR B 452 -23.04 -23.88 -11.83
C TYR B 452 -21.72 -23.30 -12.30
N SER B 453 -20.85 -24.14 -12.82
CA SER B 453 -19.61 -23.63 -13.37
C SER B 453 -19.84 -22.62 -14.47
N LEU B 454 -20.97 -22.68 -15.15
CA LEU B 454 -21.21 -21.69 -16.20
C LEU B 454 -22.18 -20.61 -15.78
N ALA B 455 -22.99 -20.83 -14.75
CA ALA B 455 -24.03 -19.86 -14.43
C ALA B 455 -23.45 -18.57 -13.91
N THR B 456 -22.43 -18.66 -13.09
CA THR B 456 -21.66 -17.51 -12.69
C THR B 456 -20.19 -17.65 -13.08
N GLY B 457 -19.79 -18.80 -13.57
CA GLY B 457 -18.46 -18.90 -14.08
C GLY B 457 -17.37 -18.91 -13.04
N ASN B 458 -17.69 -18.95 -11.76
CA ASN B 458 -16.62 -19.15 -10.82
C ASN B 458 -16.03 -20.51 -11.19
N TRP B 459 -15.09 -20.49 -12.11
CA TRP B 459 -14.73 -21.68 -12.86
C TRP B 459 -14.04 -22.66 -11.93
N GLY B 460 -14.83 -23.53 -11.34
CA GLY B 460 -14.40 -24.41 -10.29
C GLY B 460 -15.64 -24.99 -9.63
N GLU B 461 -15.42 -25.85 -8.66
CA GLU B 461 -16.55 -26.48 -7.98
C GLU B 461 -17.26 -25.48 -7.09
N GLN B 462 -18.51 -25.79 -6.76
CA GLN B 462 -19.36 -24.81 -6.07
C GLN B 462 -18.81 -24.47 -4.69
N LYS B 463 -18.21 -25.43 -4.00
CA LYS B 463 -17.78 -25.18 -2.63
C LYS B 463 -16.49 -24.41 -2.55
N LYS B 464 -15.83 -24.15 -3.67
CA LYS B 464 -14.52 -23.54 -3.70
C LYS B 464 -14.54 -22.28 -4.51
N ALA B 465 -15.50 -21.41 -4.21
CA ALA B 465 -15.62 -20.13 -4.92
C ALA B 465 -14.27 -19.44 -4.99
N MET B 466 -13.72 -19.05 -3.85
CA MET B 466 -12.40 -18.45 -3.84
C MET B 466 -11.35 -19.52 -4.13
N SER B 467 -10.12 -19.09 -4.31
CA SER B 467 -9.04 -19.93 -4.82
C SER B 467 -9.43 -20.55 -6.17
N SER B 468 -10.19 -19.80 -6.96
CA SER B 468 -10.67 -20.29 -8.23
C SER B 468 -10.69 -19.15 -9.25
N ARG B 469 -10.34 -19.47 -10.49
CA ARG B 469 -10.17 -18.52 -11.57
C ARG B 469 -11.53 -17.94 -11.94
N ALA B 470 -11.80 -16.72 -11.51
CA ALA B 470 -13.17 -16.24 -11.56
C ALA B 470 -13.48 -15.62 -12.91
N GLY B 471 -14.78 -15.53 -13.22
CA GLY B 471 -15.22 -14.83 -14.41
C GLY B 471 -14.67 -15.43 -15.69
N VAL B 472 -15.19 -16.57 -16.11
CA VAL B 472 -14.64 -17.21 -17.31
C VAL B 472 -15.75 -17.49 -18.32
N SER B 473 -16.98 -17.49 -17.87
CA SER B 473 -18.10 -17.41 -18.79
C SER B 473 -18.79 -16.06 -18.65
N GLN B 474 -19.19 -15.48 -19.76
CA GLN B 474 -19.85 -14.18 -19.73
C GLN B 474 -21.19 -14.24 -20.45
N VAL B 475 -22.04 -13.27 -20.14
CA VAL B 475 -23.36 -13.16 -20.75
C VAL B 475 -23.23 -12.54 -22.12
N LEU B 476 -23.32 -13.34 -23.17
CA LEU B 476 -23.02 -12.87 -24.52
C LEU B 476 -23.89 -11.70 -24.89
N ASN B 477 -23.26 -10.61 -25.29
CA ASN B 477 -23.93 -9.32 -25.29
C ASN B 477 -24.50 -9.02 -26.67
N ARG B 478 -25.82 -8.89 -26.74
CA ARG B 478 -26.55 -8.67 -27.96
C ARG B 478 -27.04 -7.24 -28.01
N TYR B 479 -26.21 -6.27 -27.67
CA TYR B 479 -26.75 -4.92 -27.79
C TYR B 479 -26.53 -4.36 -29.18
N THR B 480 -25.86 -5.13 -30.04
CA THR B 480 -25.67 -4.82 -31.44
C THR B 480 -25.03 -6.02 -32.09
N TYR B 481 -24.84 -5.98 -33.39
CA TYR B 481 -24.17 -7.11 -34.00
C TYR B 481 -22.65 -7.00 -33.84
N SER B 482 -22.12 -5.80 -33.79
CA SER B 482 -20.68 -5.68 -33.65
C SER B 482 -20.20 -6.27 -32.34
N SER B 483 -20.91 -5.99 -31.25
CA SER B 483 -20.50 -6.53 -29.96
C SER B 483 -20.44 -8.04 -30.06
N THR B 484 -21.57 -8.65 -30.33
CA THR B 484 -21.64 -10.08 -30.44
C THR B 484 -20.54 -10.64 -31.31
N LEU B 485 -20.05 -9.88 -32.28
CA LEU B 485 -18.83 -10.38 -32.90
C LEU B 485 -17.63 -10.32 -31.98
N SER B 486 -17.24 -9.13 -31.53
CA SER B 486 -16.07 -9.07 -30.65
C SER B 486 -16.16 -10.13 -29.57
N HIS B 487 -17.29 -10.16 -28.92
CA HIS B 487 -17.42 -10.76 -27.62
C HIS B 487 -17.40 -12.27 -27.70
N LEU B 488 -17.34 -12.83 -28.90
CA LEU B 488 -17.06 -14.24 -29.11
C LEU B 488 -15.58 -14.52 -29.21
N ARG B 489 -14.77 -13.49 -29.39
CA ARG B 489 -13.36 -13.65 -29.63
C ARG B 489 -12.54 -13.15 -28.47
N ARG B 490 -13.14 -12.38 -27.56
CA ARG B 490 -12.38 -11.62 -26.59
C ARG B 490 -11.51 -12.56 -25.77
N THR B 491 -10.28 -12.16 -25.52
CA THR B 491 -9.42 -12.96 -24.66
C THR B 491 -9.02 -12.18 -23.41
N ASN B 492 -8.88 -12.92 -22.33
CA ASN B 492 -8.53 -12.35 -21.04
C ASN B 492 -7.19 -12.92 -20.66
N THR B 493 -6.65 -12.48 -19.54
CA THR B 493 -5.43 -13.07 -19.03
C THR B 493 -5.37 -12.89 -17.52
N PRO B 494 -5.27 -13.94 -16.77
CA PRO B 494 -5.56 -13.86 -15.36
C PRO B 494 -4.31 -13.40 -14.63
N ILE B 495 -3.54 -12.51 -15.24
CA ILE B 495 -2.38 -12.01 -14.53
C ILE B 495 -2.84 -11.27 -13.30
N GLY B 496 -4.15 -11.11 -13.14
CA GLY B 496 -4.72 -10.48 -11.99
C GLY B 496 -4.36 -9.03 -12.03
N ARG B 497 -4.75 -8.30 -11.01
CA ARG B 497 -4.42 -6.89 -10.97
C ARG B 497 -3.65 -6.56 -9.71
N ASP B 498 -3.26 -7.59 -8.94
CA ASP B 498 -2.18 -7.54 -7.96
C ASP B 498 -0.88 -7.62 -8.72
N GLY B 499 -0.31 -6.47 -9.02
CA GLY B 499 0.79 -6.31 -9.96
C GLY B 499 0.34 -5.45 -11.12
N LYS B 500 0.42 -4.14 -10.90
CA LYS B 500 0.24 -3.14 -11.93
C LYS B 500 1.56 -2.80 -12.57
N LEU B 501 2.58 -3.62 -12.32
CA LEU B 501 3.77 -3.61 -13.14
C LEU B 501 3.34 -3.45 -14.58
N ALA B 502 3.66 -2.31 -15.16
CA ALA B 502 3.08 -1.91 -16.41
C ALA B 502 3.70 -2.61 -17.60
N LYS B 503 4.26 -3.78 -17.41
CA LYS B 503 4.83 -4.52 -18.52
C LYS B 503 3.82 -5.37 -19.28
N PRO B 504 2.99 -6.19 -18.61
CA PRO B 504 2.08 -7.03 -19.38
C PRO B 504 1.00 -6.26 -20.11
N ARG B 505 0.96 -4.95 -19.96
CA ARG B 505 -0.08 -4.19 -20.63
C ARG B 505 0.38 -3.57 -21.95
N GLN B 506 1.68 -3.41 -22.18
CA GLN B 506 2.12 -2.72 -23.37
C GLN B 506 2.17 -3.66 -24.56
N LEU B 507 1.81 -3.14 -25.72
CA LEU B 507 1.59 -4.00 -26.88
C LEU B 507 2.94 -4.52 -27.34
N HIS B 508 3.46 -5.49 -26.62
CA HIS B 508 4.76 -6.05 -26.95
C HIS B 508 4.81 -6.57 -28.37
N ASN B 509 5.96 -6.41 -28.99
CA ASN B 509 6.06 -6.29 -30.44
C ASN B 509 5.78 -7.54 -31.20
N THR B 510 5.37 -8.62 -30.56
CA THR B 510 5.00 -9.72 -31.44
C THR B 510 3.52 -9.72 -31.73
N HIS B 511 2.81 -8.71 -31.31
CA HIS B 511 1.41 -8.71 -31.64
C HIS B 511 1.15 -8.19 -33.03
N TRP B 512 2.11 -8.28 -33.93
CA TRP B 512 1.87 -7.96 -35.32
C TRP B 512 1.09 -9.08 -35.95
N GLY B 513 -0.22 -8.93 -35.98
CA GLY B 513 -1.04 -9.84 -36.75
C GLY B 513 -1.60 -10.99 -35.97
N LEU B 514 -1.33 -11.06 -34.68
CA LEU B 514 -1.89 -12.11 -33.87
C LEU B 514 -2.93 -11.62 -32.89
N VAL B 515 -2.90 -10.33 -32.54
CA VAL B 515 -4.00 -9.68 -31.86
C VAL B 515 -4.14 -8.31 -32.48
N CYS B 516 -5.03 -7.51 -31.94
CA CYS B 516 -5.45 -6.25 -32.56
C CYS B 516 -4.94 -5.05 -31.82
N PRO B 517 -4.29 -4.10 -32.47
CA PRO B 517 -3.84 -2.90 -31.77
C PRO B 517 -4.92 -1.88 -31.58
N ALA B 518 -6.03 -1.96 -32.29
CA ALA B 518 -7.02 -0.92 -32.12
C ALA B 518 -8.00 -1.28 -31.01
N GLU B 519 -8.43 -2.52 -30.97
CA GLU B 519 -9.42 -2.95 -30.00
C GLU B 519 -8.76 -3.19 -28.67
N THR B 520 -9.45 -2.81 -27.59
CA THR B 520 -9.26 -3.32 -26.23
C THR B 520 -10.05 -2.46 -25.27
N PRO B 521 -10.44 -2.95 -24.11
CA PRO B 521 -11.19 -2.12 -23.18
C PRO B 521 -10.36 -0.96 -22.67
N GLU B 522 -10.94 -0.25 -21.71
CA GLU B 522 -10.32 0.95 -21.18
C GLU B 522 -10.54 1.02 -19.68
N GLY B 523 -9.70 1.80 -19.01
CA GLY B 523 -9.70 1.84 -17.55
C GLY B 523 -8.97 0.63 -16.99
N GLN B 524 -9.68 -0.17 -16.20
CA GLN B 524 -9.05 -1.30 -15.53
C GLN B 524 -8.49 -2.30 -16.52
N ALA B 525 -9.36 -3.03 -17.19
CA ALA B 525 -8.91 -4.15 -18.00
C ALA B 525 -7.99 -3.73 -19.13
N CYS B 526 -7.65 -2.45 -19.20
CA CYS B 526 -6.82 -1.91 -20.26
C CYS B 526 -5.59 -2.78 -20.47
N GLY B 527 -5.26 -3.01 -21.73
CA GLY B 527 -4.05 -3.70 -22.06
C GLY B 527 -4.09 -5.20 -21.84
N LEU B 528 -4.88 -5.68 -20.89
CA LEU B 528 -4.96 -7.13 -20.72
C LEU B 528 -5.92 -7.76 -21.71
N VAL B 529 -7.15 -7.27 -21.74
CA VAL B 529 -8.20 -7.93 -22.49
C VAL B 529 -7.93 -7.74 -23.98
N LYS B 530 -7.36 -8.75 -24.60
CA LYS B 530 -6.85 -8.69 -25.96
C LYS B 530 -7.87 -9.31 -26.87
N ASN B 531 -7.82 -8.96 -28.15
CA ASN B 531 -8.77 -9.45 -29.13
C ASN B 531 -8.06 -9.97 -30.36
N LEU B 532 -8.74 -10.77 -31.15
CA LEU B 532 -8.00 -11.56 -32.11
C LEU B 532 -7.93 -10.87 -33.46
N SER B 533 -6.78 -11.00 -34.11
CA SER B 533 -6.57 -10.51 -35.45
C SER B 533 -7.51 -11.22 -36.40
N LEU B 534 -8.07 -10.46 -37.33
CA LEU B 534 -9.08 -11.01 -38.21
C LEU B 534 -8.60 -12.19 -39.03
N LEU B 535 -7.39 -12.68 -38.76
CA LEU B 535 -6.94 -13.93 -39.33
C LEU B 535 -6.28 -14.80 -38.27
N SER B 536 -6.85 -14.80 -37.08
CA SER B 536 -6.37 -15.66 -36.01
C SER B 536 -6.85 -17.06 -36.29
N GLY B 537 -5.93 -18.00 -36.27
CA GLY B 537 -6.32 -19.40 -36.33
C GLY B 537 -5.64 -20.16 -35.21
N ILE B 538 -6.46 -20.85 -34.41
CA ILE B 538 -5.99 -21.57 -33.24
C ILE B 538 -5.90 -23.04 -33.56
N SER B 539 -4.81 -23.67 -33.16
CA SER B 539 -4.56 -25.02 -33.62
C SER B 539 -5.40 -26.02 -32.84
N ILE B 540 -5.93 -27.00 -33.57
CA ILE B 540 -6.46 -28.19 -32.95
C ILE B 540 -5.41 -28.87 -32.11
N GLY B 541 -4.27 -29.15 -32.71
CA GLY B 541 -3.25 -29.93 -32.04
C GLY B 541 -3.20 -31.33 -32.59
N SER B 542 -2.21 -31.59 -33.45
CA SER B 542 -2.06 -32.90 -34.05
C SER B 542 -1.20 -33.74 -33.13
N PRO B 543 -1.38 -35.04 -33.13
CA PRO B 543 -0.51 -35.88 -32.31
C PRO B 543 0.91 -35.86 -32.78
N SER B 544 1.84 -36.01 -31.84
CA SER B 544 3.25 -35.89 -32.12
C SER B 544 3.83 -37.12 -32.78
N GLU B 545 3.14 -38.25 -32.70
CA GLU B 545 3.71 -39.48 -33.23
C GLU B 545 4.10 -39.42 -34.69
N PRO B 546 3.26 -38.95 -35.61
CA PRO B 546 3.70 -38.90 -37.01
C PRO B 546 4.92 -38.02 -37.19
N ILE B 547 4.97 -36.88 -36.51
CA ILE B 547 6.15 -36.02 -36.58
C ILE B 547 7.39 -36.79 -36.14
N ILE B 548 7.29 -37.47 -35.00
CA ILE B 548 8.41 -38.29 -34.54
C ILE B 548 8.82 -39.25 -35.63
N ASN B 549 7.85 -39.90 -36.24
CA ASN B 549 8.18 -40.88 -37.26
C ASN B 549 8.89 -40.25 -38.43
N PHE B 550 8.43 -39.08 -38.88
CA PHE B 550 9.10 -38.45 -40.01
C PHE B 550 10.52 -38.07 -39.65
N LEU B 551 10.72 -37.49 -38.47
CA LEU B 551 12.06 -37.12 -38.07
C LEU B 551 12.97 -38.34 -38.10
N GLU B 552 12.61 -39.36 -37.34
CA GLU B 552 13.48 -40.53 -37.31
C GLU B 552 13.49 -41.26 -38.63
N GLU B 553 12.60 -40.91 -39.55
CA GLU B 553 12.71 -41.40 -40.90
C GLU B 553 13.87 -40.75 -41.64
N TRP B 554 14.41 -39.67 -41.10
CA TRP B 554 15.52 -38.98 -41.74
C TRP B 554 16.78 -39.03 -40.90
N GLY B 555 16.79 -39.88 -39.86
CA GLY B 555 18.04 -40.29 -39.27
C GLY B 555 18.53 -39.48 -38.10
N MET B 556 17.66 -38.76 -37.43
CA MET B 556 18.04 -38.12 -36.18
C MET B 556 18.73 -39.14 -35.29
N GLU B 557 19.81 -38.74 -34.66
CA GLU B 557 20.15 -39.93 -33.91
C GLU B 557 19.68 -39.78 -32.47
N PRO B 558 19.16 -40.85 -31.88
CA PRO B 558 18.53 -40.72 -30.57
C PRO B 558 19.56 -40.31 -29.54
N LEU B 559 19.09 -39.66 -28.48
CA LEU B 559 19.96 -38.99 -27.53
C LEU B 559 21.25 -39.72 -27.22
N GLU B 560 21.18 -41.01 -26.93
CA GLU B 560 22.33 -41.78 -26.49
C GLU B 560 23.47 -41.78 -27.50
N ASP B 561 23.21 -41.51 -28.77
CA ASP B 561 24.28 -41.35 -29.75
C ASP B 561 24.90 -39.97 -29.70
N TYR B 562 24.62 -39.22 -28.63
CA TYR B 562 25.26 -37.94 -28.40
C TYR B 562 26.42 -38.16 -27.45
N ASP B 563 27.63 -37.94 -27.93
CA ASP B 563 28.81 -37.92 -27.08
C ASP B 563 29.43 -36.53 -27.24
N PRO B 564 29.14 -35.60 -26.34
CA PRO B 564 29.52 -34.21 -26.59
C PRO B 564 31.00 -34.02 -26.86
N ALA B 565 31.88 -34.76 -26.19
CA ALA B 565 33.28 -34.71 -26.55
C ALA B 565 33.50 -35.18 -27.98
N GLN B 566 32.54 -35.90 -28.55
CA GLN B 566 32.68 -36.36 -29.92
C GLN B 566 31.84 -35.51 -30.88
N HIS B 567 30.84 -34.81 -30.35
CA HIS B 567 29.98 -33.99 -31.20
C HIS B 567 29.81 -32.64 -30.52
N THR B 568 30.26 -31.58 -31.20
CA THR B 568 30.19 -30.25 -30.63
C THR B 568 29.48 -29.23 -31.50
N LYS B 569 28.91 -29.63 -32.64
CA LYS B 569 28.40 -28.67 -33.60
C LYS B 569 27.01 -28.98 -34.15
N SER B 570 26.43 -30.13 -33.82
CA SER B 570 25.20 -30.54 -34.48
C SER B 570 23.99 -29.80 -33.89
N THR B 571 22.80 -30.28 -34.24
CA THR B 571 21.55 -29.66 -33.80
C THR B 571 20.82 -30.54 -32.80
N ARG B 572 20.42 -29.93 -31.68
CA ARG B 572 19.71 -30.60 -30.60
C ARG B 572 18.19 -30.49 -30.80
N ILE B 573 17.59 -31.56 -31.30
CA ILE B 573 16.25 -31.52 -31.88
C ILE B 573 15.19 -31.64 -30.80
N PHE B 574 14.29 -30.68 -30.77
CA PHE B 574 13.19 -30.64 -29.82
C PHE B 574 11.96 -31.32 -30.41
N VAL B 575 11.00 -31.69 -29.55
CA VAL B 575 9.60 -31.85 -29.95
C VAL B 575 8.75 -31.41 -28.77
N ASN B 576 8.42 -30.14 -28.68
CA ASN B 576 7.57 -29.54 -27.65
C ASN B 576 8.29 -29.13 -26.38
N GLY B 577 9.52 -29.55 -26.18
CA GLY B 577 10.06 -29.44 -24.84
C GLY B 577 10.43 -30.80 -24.32
N VAL B 578 10.63 -31.73 -25.24
CA VAL B 578 11.27 -33.00 -24.95
C VAL B 578 12.33 -33.24 -26.00
N TRP B 579 13.55 -32.82 -25.69
CA TRP B 579 14.65 -33.08 -26.61
C TRP B 579 14.74 -34.58 -26.82
N THR B 580 15.02 -34.99 -28.02
CA THR B 580 15.02 -36.40 -28.32
C THR B 580 16.22 -36.88 -29.09
N GLY B 581 16.89 -36.01 -29.84
CA GLY B 581 17.99 -36.49 -30.62
C GLY B 581 18.82 -35.33 -31.12
N ILE B 582 19.71 -35.65 -32.04
CA ILE B 582 20.60 -34.68 -32.62
C ILE B 582 20.68 -34.99 -34.09
N HIS B 583 21.12 -34.00 -34.85
CA HIS B 583 21.50 -34.37 -36.19
C HIS B 583 22.71 -33.58 -36.60
N ARG B 584 23.60 -34.26 -37.33
CA ARG B 584 24.79 -33.59 -37.81
C ARG B 584 24.41 -32.39 -38.68
N ASP B 585 23.74 -32.64 -39.81
CA ASP B 585 23.44 -31.60 -40.79
C ASP B 585 21.94 -31.39 -40.95
N PRO B 586 21.39 -30.27 -40.50
CA PRO B 586 19.94 -30.11 -40.40
C PRO B 586 19.31 -29.35 -41.55
N SER B 587 20.11 -28.79 -42.45
CA SER B 587 19.57 -27.99 -43.54
C SER B 587 18.56 -28.76 -44.38
N MET B 588 19.02 -29.83 -45.03
CA MET B 588 18.14 -30.65 -45.85
C MET B 588 16.93 -31.12 -45.06
N LEU B 589 17.15 -31.49 -43.80
CA LEU B 589 16.03 -31.91 -42.95
C LEU B 589 14.95 -30.84 -42.94
N VAL B 590 15.30 -29.62 -42.49
CA VAL B 590 14.26 -28.64 -42.30
C VAL B 590 13.64 -28.26 -43.61
N SER B 591 14.42 -28.33 -44.70
CA SER B 591 13.85 -28.02 -46.00
C SER B 591 12.72 -28.99 -46.33
N THR B 592 13.02 -30.28 -46.31
CA THR B 592 12.00 -31.26 -46.65
C THR B 592 10.84 -31.18 -45.68
N MET B 593 11.12 -30.89 -44.40
CA MET B 593 10.02 -30.81 -43.46
C MET B 593 9.09 -29.65 -43.78
N ARG B 594 9.64 -28.49 -44.12
CA ARG B 594 8.74 -27.40 -44.42
C ARG B 594 7.98 -27.69 -45.71
N ASP B 595 8.65 -28.28 -46.70
CA ASP B 595 7.90 -28.73 -47.86
C ASP B 595 6.72 -29.57 -47.48
N LEU B 596 6.92 -30.60 -46.66
CA LEU B 596 5.79 -31.44 -46.35
C LEU B 596 4.71 -30.72 -45.58
N ARG B 597 5.07 -29.86 -44.62
CA ARG B 597 4.01 -29.08 -44.00
C ARG B 597 3.19 -28.35 -45.04
N ARG B 598 3.83 -27.91 -46.13
CA ARG B 598 3.08 -27.30 -47.21
C ARG B 598 2.35 -28.33 -48.07
N SER B 599 2.82 -29.57 -48.09
CA SER B 599 2.27 -30.57 -48.99
C SER B 599 1.03 -31.20 -48.40
N GLY B 600 0.91 -31.18 -47.07
CA GLY B 600 -0.34 -31.52 -46.44
C GLY B 600 -0.28 -32.79 -45.63
N ALA B 601 0.66 -33.68 -45.95
CA ALA B 601 0.75 -34.95 -45.24
C ALA B 601 0.93 -34.74 -43.76
N ILE B 602 1.67 -33.70 -43.38
CA ILE B 602 1.77 -33.28 -42.02
C ILE B 602 0.61 -32.34 -41.73
N SER B 603 0.20 -32.28 -40.49
CA SER B 603 -0.88 -31.39 -40.14
C SER B 603 -0.58 -29.99 -40.66
N PRO B 604 -1.56 -29.30 -41.21
CA PRO B 604 -1.31 -27.97 -41.77
C PRO B 604 -1.06 -26.89 -40.75
N GLU B 605 -0.85 -27.21 -39.47
CA GLU B 605 -0.70 -26.20 -38.44
C GLU B 605 0.40 -26.56 -37.43
N VAL B 606 1.32 -27.44 -37.80
CA VAL B 606 2.56 -27.67 -37.08
C VAL B 606 3.37 -26.39 -37.22
N SER B 607 4.30 -26.13 -36.29
CA SER B 607 5.11 -24.93 -36.44
C SER B 607 6.59 -25.21 -36.45
N ILE B 608 7.09 -25.80 -37.54
CA ILE B 608 8.52 -26.04 -37.67
C ILE B 608 9.23 -24.70 -37.51
N ILE B 609 10.35 -24.71 -36.77
CA ILE B 609 11.14 -23.51 -36.54
C ILE B 609 12.61 -23.88 -36.50
N ARG B 610 13.43 -23.14 -37.23
CA ARG B 610 14.87 -23.26 -37.12
C ARG B 610 15.46 -21.97 -36.60
N ASP B 611 16.33 -22.08 -35.62
CA ASP B 611 16.88 -20.90 -34.99
C ASP B 611 18.38 -21.08 -34.83
N ILE B 612 19.13 -20.58 -35.81
CA ILE B 612 20.53 -20.94 -35.95
C ILE B 612 21.42 -20.25 -34.92
N ARG B 613 20.91 -19.30 -34.16
CA ARG B 613 21.65 -18.72 -33.05
C ARG B 613 21.92 -19.75 -31.97
N GLU B 614 21.23 -20.88 -32.01
CA GLU B 614 21.32 -21.79 -30.89
C GLU B 614 21.60 -23.23 -31.28
N ARG B 615 21.71 -23.54 -32.57
CA ARG B 615 21.75 -24.91 -33.05
C ARG B 615 20.52 -25.67 -32.57
N GLU B 616 19.47 -24.90 -32.27
CA GLU B 616 18.19 -25.47 -31.87
C GLU B 616 17.32 -25.59 -33.09
N PHE B 617 16.39 -26.53 -33.04
CA PHE B 617 15.51 -26.79 -34.16
C PHE B 617 14.21 -27.35 -33.64
N LYS B 618 13.23 -26.49 -33.45
CA LYS B 618 12.03 -26.93 -32.76
C LYS B 618 10.96 -27.33 -33.76
N ILE B 619 10.08 -28.22 -33.33
CA ILE B 619 8.86 -28.53 -34.02
C ILE B 619 7.81 -28.61 -32.95
N PHE B 620 7.07 -27.55 -32.75
CA PHE B 620 5.95 -27.66 -31.86
C PHE B 620 4.88 -28.53 -32.51
N THR B 621 4.21 -29.36 -31.70
CA THR B 621 2.92 -29.93 -32.05
C THR B 621 1.94 -29.74 -30.91
N ASP B 622 1.83 -28.52 -30.41
CA ASP B 622 0.95 -28.25 -29.30
C ASP B 622 -0.44 -27.86 -29.77
N VAL B 623 -1.38 -27.89 -28.85
CA VAL B 623 -2.67 -27.24 -29.01
C VAL B 623 -2.70 -25.96 -28.19
N GLY B 624 -3.07 -24.86 -28.85
CA GLY B 624 -3.19 -23.58 -28.16
C GLY B 624 -2.26 -22.48 -28.65
N ARG B 625 -1.42 -22.77 -29.65
CA ARG B 625 -0.56 -21.76 -30.26
C ARG B 625 -1.41 -20.84 -31.11
N VAL B 626 -1.12 -19.54 -31.10
CA VAL B 626 -1.89 -18.58 -31.90
C VAL B 626 -1.22 -18.46 -33.27
N TYR B 627 -1.99 -18.31 -34.33
CA TYR B 627 -1.35 -18.14 -35.63
C TYR B 627 -2.20 -17.43 -36.67
N ARG B 628 -1.52 -17.04 -37.75
CA ARG B 628 -2.16 -16.43 -38.92
C ARG B 628 -1.46 -16.96 -40.16
N PRO B 629 -2.08 -16.81 -41.33
CA PRO B 629 -1.50 -17.35 -42.56
C PRO B 629 -0.75 -16.30 -43.36
N LEU B 630 -0.09 -16.76 -44.43
CA LEU B 630 0.69 -15.87 -45.29
C LEU B 630 0.97 -16.51 -46.64
N PHE B 631 1.32 -15.66 -47.61
CA PHE B 631 1.66 -16.14 -48.94
C PHE B 631 3.07 -16.70 -48.95
N ILE B 632 3.35 -17.57 -49.91
CA ILE B 632 4.60 -18.31 -49.91
C ILE B 632 5.53 -17.80 -50.97
N VAL B 633 6.33 -16.80 -50.62
CA VAL B 633 7.36 -16.32 -51.53
C VAL B 633 8.23 -17.47 -51.98
N GLU B 634 8.36 -17.64 -53.28
CA GLU B 634 9.23 -18.71 -53.74
C GLU B 634 10.65 -18.37 -53.36
N ASP B 635 11.28 -19.24 -52.58
CA ASP B 635 12.51 -18.90 -51.89
C ASP B 635 13.71 -19.69 -52.34
N ASP B 636 13.77 -20.11 -53.60
CA ASP B 636 14.89 -20.87 -54.10
C ASP B 636 15.43 -20.20 -55.36
N GLU B 637 16.74 -20.33 -55.57
CA GLU B 637 17.33 -19.97 -56.87
C GLU B 637 17.71 -21.25 -57.61
N SER B 638 16.68 -22.06 -57.88
CA SER B 638 16.82 -23.19 -58.78
C SER B 638 15.73 -23.04 -59.82
N LYS B 639 14.84 -22.09 -59.57
CA LYS B 639 13.82 -21.70 -60.52
C LYS B 639 13.73 -20.19 -60.49
N ASP B 640 13.69 -19.59 -61.67
CA ASP B 640 13.61 -18.14 -61.74
C ASP B 640 12.28 -17.61 -61.24
N ASN B 641 11.45 -18.47 -60.67
CA ASN B 641 10.32 -17.99 -59.91
C ASN B 641 10.76 -17.15 -58.73
N LYS B 642 12.05 -17.15 -58.40
CA LYS B 642 12.53 -16.51 -57.18
C LYS B 642 12.02 -15.08 -57.09
N GLY B 643 11.77 -14.62 -55.88
CA GLY B 643 11.26 -13.28 -55.70
C GLY B 643 9.78 -13.20 -56.00
N GLU B 644 9.31 -13.96 -56.97
CA GLU B 644 7.90 -13.86 -57.31
C GLU B 644 7.07 -14.67 -56.33
N LEU B 645 5.82 -14.24 -56.14
CA LEU B 645 4.86 -14.98 -55.36
C LEU B 645 4.59 -16.31 -56.01
N ARG B 646 4.00 -17.23 -55.26
CA ARG B 646 3.73 -18.52 -55.85
C ARG B 646 2.28 -18.65 -56.28
N ILE B 647 1.38 -17.85 -55.72
CA ILE B 647 0.00 -17.90 -56.16
C ILE B 647 -0.16 -17.13 -57.46
N THR B 648 -0.02 -17.83 -58.58
CA THR B 648 -0.24 -17.30 -59.92
C THR B 648 -1.70 -16.90 -60.06
N LYS B 649 -2.05 -16.32 -61.20
CA LYS B 649 -3.45 -16.01 -61.42
C LYS B 649 -4.30 -17.24 -61.64
N GLU B 650 -3.66 -18.37 -62.00
CA GLU B 650 -4.38 -19.63 -62.06
C GLU B 650 -5.25 -19.80 -60.83
N HIS B 651 -4.68 -19.56 -59.67
CA HIS B 651 -5.39 -19.88 -58.46
C HIS B 651 -6.56 -18.94 -58.24
N ILE B 652 -6.37 -17.66 -58.52
CA ILE B 652 -7.51 -16.77 -58.37
C ILE B 652 -8.62 -17.19 -59.30
N ARG B 653 -8.28 -17.56 -60.54
CA ARG B 653 -9.32 -17.99 -61.45
C ARG B 653 -10.09 -19.17 -60.88
N LYS B 654 -9.38 -20.20 -60.45
CA LYS B 654 -10.09 -21.36 -59.91
C LYS B 654 -10.97 -20.96 -58.75
N ILE B 655 -10.42 -20.23 -57.78
CA ILE B 655 -11.22 -19.83 -56.63
C ILE B 655 -12.43 -19.04 -57.08
N GLN B 656 -12.34 -18.40 -58.23
CA GLN B 656 -13.50 -17.73 -58.79
C GLN B 656 -14.55 -18.70 -59.28
N GLN B 657 -14.16 -19.71 -60.05
CA GLN B 657 -15.13 -20.70 -60.48
C GLN B 657 -15.77 -21.42 -59.31
N GLY B 658 -14.99 -21.83 -58.33
CA GLY B 658 -15.49 -22.64 -57.26
C GLY B 658 -15.27 -24.13 -57.44
N TYR B 659 -14.51 -24.53 -58.46
CA TYR B 659 -14.29 -25.94 -58.72
C TYR B 659 -12.98 -26.10 -59.43
N ASP B 660 -12.43 -27.30 -59.36
CA ASP B 660 -11.11 -27.53 -59.91
C ASP B 660 -11.22 -27.94 -61.38
N ASP B 661 -10.32 -27.39 -62.19
CA ASP B 661 -10.35 -27.67 -63.61
C ASP B 661 -9.40 -28.81 -63.96
N ASP B 662 -9.64 -29.96 -63.33
CA ASP B 662 -9.07 -31.26 -63.71
C ASP B 662 -7.61 -31.22 -64.15
N VAL B 675 -15.20 -29.47 -54.57
CA VAL B 675 -15.19 -28.07 -54.14
C VAL B 675 -13.73 -27.69 -54.00
N TYR B 676 -13.40 -26.39 -54.11
CA TYR B 676 -12.00 -25.96 -54.09
C TYR B 676 -11.91 -24.61 -53.40
N GLY B 677 -11.88 -24.63 -52.07
CA GLY B 677 -11.88 -23.42 -51.29
C GLY B 677 -10.68 -23.33 -50.38
N TRP B 678 -10.80 -22.47 -49.37
CA TRP B 678 -9.66 -22.07 -48.57
C TRP B 678 -8.73 -23.21 -48.22
N SER B 679 -9.23 -24.18 -47.47
CA SER B 679 -8.35 -25.21 -46.97
C SER B 679 -7.62 -25.90 -48.12
N SER B 680 -8.22 -25.90 -49.29
CA SER B 680 -7.47 -26.45 -50.40
C SER B 680 -6.36 -25.55 -50.85
N LEU B 681 -6.50 -24.23 -50.70
CA LEU B 681 -5.33 -23.38 -50.89
C LEU B 681 -4.22 -23.84 -49.99
N VAL B 682 -4.48 -23.81 -48.68
CA VAL B 682 -3.41 -24.11 -47.74
C VAL B 682 -2.76 -25.43 -48.08
N THR B 683 -3.53 -26.51 -48.13
CA THR B 683 -2.93 -27.81 -48.42
C THR B 683 -2.34 -27.88 -49.82
N SER B 684 -2.62 -26.91 -50.67
CA SER B 684 -2.14 -26.99 -52.04
C SER B 684 -0.71 -26.53 -52.19
N GLY B 685 -0.30 -25.51 -51.45
CA GLY B 685 1.09 -25.08 -51.48
C GLY B 685 1.31 -23.62 -51.70
N VAL B 686 0.33 -22.77 -51.40
CA VAL B 686 0.47 -21.37 -51.73
C VAL B 686 0.27 -20.46 -50.54
N ILE B 687 -0.27 -20.95 -49.44
CA ILE B 687 -0.40 -20.18 -48.23
C ILE B 687 -0.02 -21.10 -47.11
N GLU B 688 0.79 -20.64 -46.18
CA GLU B 688 1.15 -21.47 -45.07
C GLU B 688 0.97 -20.69 -43.80
N TYR B 689 0.85 -21.39 -42.71
CA TYR B 689 0.57 -20.74 -41.46
C TYR B 689 1.86 -20.47 -40.72
N VAL B 690 1.94 -19.32 -40.09
CA VAL B 690 3.00 -19.01 -39.18
C VAL B 690 2.36 -18.63 -37.87
N ASP B 691 2.98 -19.04 -36.79
CA ASP B 691 2.43 -18.84 -35.46
C ASP B 691 3.15 -17.69 -34.77
N GLY B 692 3.05 -17.66 -33.45
CA GLY B 692 3.71 -16.62 -32.69
C GLY B 692 5.22 -16.72 -32.64
N GLU B 693 5.78 -17.89 -32.92
CA GLU B 693 7.23 -17.95 -32.83
C GLU B 693 7.89 -17.95 -34.19
N GLU B 694 7.57 -18.90 -35.05
CA GLU B 694 8.23 -18.96 -36.34
C GLU B 694 8.28 -17.61 -37.00
N GLU B 695 7.34 -16.75 -36.68
CA GLU B 695 7.35 -15.40 -37.20
C GLU B 695 8.58 -14.64 -36.73
N GLU B 696 9.46 -15.29 -35.98
CA GLU B 696 10.77 -14.73 -35.74
C GLU B 696 11.69 -14.91 -36.92
N THR B 697 11.80 -16.12 -37.43
CA THR B 697 12.93 -16.47 -38.29
C THR B 697 12.54 -16.43 -39.76
N ILE B 698 11.72 -15.47 -40.15
CA ILE B 698 11.26 -15.34 -41.52
C ILE B 698 11.37 -13.89 -41.95
N MET B 699 10.77 -13.58 -43.09
CA MET B 699 10.94 -12.25 -43.69
C MET B 699 9.67 -11.87 -44.42
N ILE B 700 9.13 -10.70 -44.13
CA ILE B 700 7.85 -10.30 -44.69
C ILE B 700 7.96 -9.01 -45.47
N ALA B 701 7.54 -9.05 -46.74
CA ALA B 701 7.26 -7.84 -47.48
C ALA B 701 5.84 -7.41 -47.22
N MET B 702 5.63 -6.11 -47.23
CA MET B 702 4.32 -5.63 -46.85
C MET B 702 3.28 -5.99 -47.90
N THR B 703 3.36 -5.42 -49.08
CA THR B 703 2.39 -5.88 -50.06
C THR B 703 3.13 -6.47 -51.25
N PRO B 704 2.46 -7.37 -51.99
CA PRO B 704 3.14 -8.05 -53.10
C PRO B 704 3.78 -7.12 -54.11
N GLU B 705 3.62 -5.82 -53.95
CA GLU B 705 4.27 -4.86 -54.81
C GLU B 705 5.71 -4.62 -54.41
N ASP B 706 6.12 -5.04 -53.22
CA ASP B 706 7.51 -4.88 -52.80
C ASP B 706 8.35 -6.10 -53.02
N LEU B 707 7.86 -7.12 -53.71
CA LEU B 707 8.76 -8.21 -54.04
C LEU B 707 9.94 -7.71 -54.85
N GLN B 708 9.68 -7.20 -56.04
CA GLN B 708 10.74 -6.69 -56.88
C GLN B 708 11.36 -5.48 -56.19
N THR B 709 12.65 -5.29 -56.38
CA THR B 709 13.29 -4.06 -55.93
C THR B 709 12.60 -2.91 -56.64
N ARG B 710 11.90 -2.08 -55.86
CA ARG B 710 11.03 -1.07 -56.44
C ARG B 710 11.79 0.25 -56.61
N SER B 711 11.36 1.02 -57.61
CA SER B 711 12.00 2.28 -57.94
C SER B 711 11.08 3.44 -57.54
N LEU B 719 10.20 10.45 -60.01
CA LEU B 719 10.15 10.27 -58.56
C LEU B 719 9.87 11.59 -57.83
N ASN B 720 9.61 11.47 -56.54
CA ASN B 720 9.32 12.59 -55.65
C ASN B 720 8.10 13.39 -56.12
N ASP B 721 6.96 12.71 -56.08
CA ASP B 721 5.67 13.39 -56.19
C ASP B 721 4.93 13.25 -54.85
N THR B 722 4.24 14.33 -54.45
CA THR B 722 3.77 14.51 -53.08
C THR B 722 2.45 13.83 -52.81
N ALA B 723 2.09 12.81 -53.57
CA ALA B 723 0.76 12.23 -53.46
C ALA B 723 0.72 10.93 -52.65
N LYS B 724 1.69 10.05 -52.85
CA LYS B 724 1.65 8.75 -52.20
C LYS B 724 2.36 8.82 -50.85
N ARG B 725 2.62 7.64 -50.29
CA ARG B 725 3.23 7.44 -49.00
C ARG B 725 4.61 6.82 -49.18
N ILE B 726 5.41 6.86 -48.12
CA ILE B 726 6.83 6.55 -48.23
C ILE B 726 7.06 5.14 -47.71
N LYS B 727 7.31 4.21 -48.62
CA LYS B 727 7.81 2.90 -48.22
C LYS B 727 9.34 2.94 -48.17
N PRO B 728 9.98 2.05 -47.40
CA PRO B 728 11.43 1.87 -47.53
C PRO B 728 11.76 1.05 -48.77
N GLU B 729 12.85 1.42 -49.42
CA GLU B 729 13.18 0.75 -50.68
C GLU B 729 13.89 -0.58 -50.46
N MET B 730 14.26 -0.89 -49.21
CA MET B 730 15.18 -1.97 -48.88
C MET B 730 16.61 -1.66 -49.36
N SER B 731 17.24 -0.70 -48.68
CA SER B 731 18.56 -0.21 -49.04
C SER B 731 19.71 -1.00 -48.40
N THR B 732 19.45 -2.15 -47.79
CA THR B 732 20.53 -2.93 -47.18
C THR B 732 21.18 -3.87 -48.19
N SER B 733 20.40 -4.77 -48.78
CA SER B 733 20.95 -5.82 -49.62
C SER B 733 20.70 -5.51 -51.08
N SER B 734 21.77 -5.51 -51.89
CA SER B 734 21.60 -5.39 -53.34
C SER B 734 20.92 -6.62 -53.93
N HIS B 735 20.76 -7.68 -53.13
CA HIS B 735 19.96 -8.84 -53.54
C HIS B 735 19.30 -9.42 -52.29
N HIS B 736 18.02 -9.14 -52.11
CA HIS B 736 17.33 -9.56 -50.89
C HIS B 736 16.83 -10.98 -50.99
N THR B 737 16.33 -11.47 -49.86
CA THR B 737 15.75 -12.80 -49.75
C THR B 737 14.49 -12.69 -48.92
N PHE B 738 13.36 -12.45 -49.57
CA PHE B 738 12.08 -12.64 -48.91
C PHE B 738 11.72 -14.11 -48.91
N THR B 739 10.91 -14.53 -47.95
CA THR B 739 10.27 -15.83 -48.00
C THR B 739 8.82 -15.79 -47.60
N HIS B 740 8.24 -14.62 -47.40
CA HIS B 740 6.83 -14.52 -47.11
C HIS B 740 6.35 -13.13 -47.47
N CYS B 741 5.12 -13.04 -47.94
CA CYS B 741 4.54 -11.77 -48.32
C CYS B 741 3.11 -11.68 -47.85
N GLU B 742 2.76 -10.60 -47.15
CA GLU B 742 1.44 -10.47 -46.58
C GLU B 742 0.34 -10.70 -47.59
N ILE B 743 -0.84 -11.02 -47.09
CA ILE B 743 -2.04 -10.92 -47.91
C ILE B 743 -2.41 -9.47 -48.10
N HIS B 744 -2.81 -8.82 -47.02
CA HIS B 744 -3.13 -7.41 -47.12
C HIS B 744 -3.22 -6.90 -45.72
N PRO B 745 -2.44 -5.89 -45.36
CA PRO B 745 -2.22 -5.61 -43.95
C PRO B 745 -3.37 -4.92 -43.29
N SER B 746 -4.35 -4.45 -44.05
CA SER B 746 -5.57 -4.05 -43.36
C SER B 746 -6.16 -5.17 -42.53
N MET B 747 -5.65 -6.38 -42.66
CA MET B 747 -5.98 -7.46 -41.76
C MET B 747 -5.08 -7.52 -40.55
N ILE B 748 -4.74 -6.38 -39.95
CA ILE B 748 -4.29 -6.48 -38.57
C ILE B 748 -5.35 -6.04 -37.62
N LEU B 749 -6.44 -5.47 -38.10
CA LEU B 749 -7.33 -4.87 -37.15
C LEU B 749 -8.23 -5.92 -36.51
N GLY B 750 -8.97 -5.50 -35.51
CA GLY B 750 -9.93 -6.39 -34.89
C GLY B 750 -11.28 -6.32 -35.56
N VAL B 751 -12.14 -7.24 -35.15
CA VAL B 751 -13.45 -7.34 -35.78
C VAL B 751 -14.27 -6.10 -35.50
N ALA B 752 -13.97 -5.40 -34.43
CA ALA B 752 -14.65 -4.14 -34.18
C ALA B 752 -13.83 -2.95 -34.56
N ALA B 753 -12.86 -3.12 -35.43
CA ALA B 753 -12.00 -2.02 -35.83
C ALA B 753 -11.85 -1.87 -37.32
N SER B 754 -12.08 -2.92 -38.10
CA SER B 754 -12.16 -2.69 -39.53
C SER B 754 -13.27 -1.72 -39.85
N ILE B 755 -14.23 -1.57 -38.93
CA ILE B 755 -15.32 -0.63 -39.12
C ILE B 755 -14.83 0.79 -39.23
N ILE B 756 -13.73 1.11 -38.57
CA ILE B 756 -13.23 2.47 -38.66
C ILE B 756 -12.83 2.72 -40.10
N PRO B 757 -13.35 3.74 -40.77
CA PRO B 757 -13.01 3.93 -42.17
C PRO B 757 -11.85 4.90 -42.28
N PHE B 758 -10.87 4.55 -43.10
CA PHE B 758 -9.60 5.24 -43.07
C PHE B 758 -9.11 5.26 -41.64
N PRO B 759 -8.64 4.15 -41.10
CA PRO B 759 -8.15 4.17 -39.74
C PRO B 759 -6.81 4.81 -39.65
N ASP B 760 -5.95 4.59 -40.63
CA ASP B 760 -4.54 4.90 -40.53
C ASP B 760 -4.23 6.37 -40.73
N HIS B 761 -5.23 7.20 -40.91
CA HIS B 761 -5.05 8.64 -40.87
C HIS B 761 -5.49 9.13 -39.51
N ASN B 762 -5.11 8.40 -38.45
CA ASN B 762 -5.55 8.76 -37.11
C ASN B 762 -4.50 8.61 -36.01
N GLN B 763 -4.88 9.12 -34.85
CA GLN B 763 -4.12 9.03 -33.61
C GLN B 763 -4.68 7.90 -32.77
N SER B 764 -3.82 6.96 -32.36
CA SER B 764 -4.39 5.69 -31.91
C SER B 764 -5.42 5.85 -30.80
N PRO B 765 -5.26 6.70 -29.79
CA PRO B 765 -6.31 6.81 -28.77
C PRO B 765 -7.68 7.01 -29.38
N ARG B 766 -7.74 7.50 -30.60
CA ARG B 766 -9.05 7.53 -31.22
C ARG B 766 -9.44 6.18 -31.79
N ASN B 767 -8.57 5.44 -32.46
CA ASN B 767 -8.97 4.08 -32.81
C ASN B 767 -9.51 3.36 -31.59
N THR B 768 -8.87 3.59 -30.46
CA THR B 768 -9.28 2.86 -29.27
C THR B 768 -10.67 3.28 -28.84
N TYR B 769 -10.95 4.58 -28.71
CA TYR B 769 -12.32 4.92 -28.35
C TYR B 769 -13.29 4.42 -29.42
N GLN B 770 -12.83 4.25 -30.65
CA GLN B 770 -13.75 3.73 -31.64
C GLN B 770 -14.15 2.32 -31.31
N SER B 771 -13.20 1.40 -31.36
CA SER B 771 -13.56 0.03 -31.10
C SER B 771 -13.96 -0.18 -29.66
N ALA B 772 -14.09 0.87 -28.88
CA ALA B 772 -14.84 0.75 -27.64
C ALA B 772 -16.15 1.51 -27.63
N MET B 773 -16.54 2.14 -28.73
CA MET B 773 -17.89 2.66 -28.83
C MET B 773 -18.73 2.02 -29.90
N GLY B 774 -18.16 1.74 -31.06
CA GLY B 774 -18.92 1.04 -32.10
C GLY B 774 -19.59 -0.21 -31.57
N LYS B 775 -19.01 -0.82 -30.55
CA LYS B 775 -19.65 -1.95 -29.91
C LYS B 775 -20.74 -1.54 -28.95
N GLN B 776 -21.27 -0.34 -29.07
CA GLN B 776 -22.45 0.04 -28.31
C GLN B 776 -23.51 0.66 -29.20
N ALA B 777 -23.44 0.43 -30.51
CA ALA B 777 -24.35 1.08 -31.42
C ALA B 777 -25.74 0.48 -31.37
N MET B 778 -26.76 1.33 -31.18
CA MET B 778 -28.11 0.87 -31.43
C MET B 778 -28.19 0.39 -32.86
N GLY B 779 -28.97 -0.65 -33.08
CA GLY B 779 -29.00 -1.20 -34.42
C GLY B 779 -29.87 -2.41 -34.55
N VAL B 780 -29.44 -3.36 -35.35
CA VAL B 780 -30.25 -4.51 -35.69
C VAL B 780 -29.36 -5.72 -35.57
N PHE B 781 -29.48 -6.44 -34.46
CA PHE B 781 -28.48 -7.42 -34.13
C PHE B 781 -28.77 -8.79 -34.72
N LEU B 782 -29.98 -9.30 -34.55
CA LEU B 782 -30.36 -10.47 -35.31
C LEU B 782 -31.75 -10.25 -35.85
N THR B 783 -31.95 -10.76 -37.04
CA THR B 783 -33.15 -10.45 -37.77
C THR B 783 -34.38 -11.15 -37.23
N ASN B 784 -34.40 -11.57 -35.97
CA ASN B 784 -35.60 -12.19 -35.42
C ASN B 784 -35.97 -11.64 -34.07
N TYR B 785 -35.84 -10.34 -33.86
CA TYR B 785 -36.27 -9.83 -32.57
C TYR B 785 -37.70 -10.20 -32.24
N ASN B 786 -38.51 -10.60 -33.21
CA ASN B 786 -39.90 -10.90 -32.89
C ASN B 786 -40.02 -12.08 -31.94
N VAL B 787 -39.21 -13.10 -32.16
CA VAL B 787 -39.41 -14.32 -31.38
C VAL B 787 -38.54 -14.37 -30.14
N ARG B 788 -37.24 -14.10 -30.24
CA ARG B 788 -36.44 -13.99 -29.04
C ARG B 788 -37.16 -13.10 -28.06
N MET B 789 -37.04 -13.43 -26.79
CA MET B 789 -37.55 -12.56 -25.75
C MET B 789 -36.45 -12.30 -24.75
N ASP B 790 -35.79 -11.16 -24.89
CA ASP B 790 -34.56 -10.87 -24.17
C ASP B 790 -34.75 -9.67 -23.27
N THR B 791 -33.81 -9.52 -22.34
CA THR B 791 -33.98 -8.53 -21.31
C THR B 791 -33.84 -7.11 -21.83
N MET B 792 -32.88 -6.90 -22.72
CA MET B 792 -32.79 -5.68 -23.52
C MET B 792 -32.81 -6.07 -24.97
N ALA B 793 -33.26 -5.16 -25.80
CA ALA B 793 -32.91 -5.21 -27.20
C ALA B 793 -33.13 -3.80 -27.72
N ASN B 794 -32.48 -3.42 -28.79
CA ASN B 794 -32.79 -2.10 -29.31
C ASN B 794 -32.70 -2.07 -30.81
N ILE B 795 -33.84 -1.88 -31.45
CA ILE B 795 -33.84 -1.73 -32.90
C ILE B 795 -33.97 -0.27 -33.22
N LEU B 796 -33.03 0.21 -34.02
CA LEU B 796 -33.09 1.52 -34.59
C LEU B 796 -34.05 1.46 -35.75
N TYR B 797 -34.92 2.45 -35.87
CA TYR B 797 -35.92 2.38 -36.92
C TYR B 797 -35.30 2.10 -38.28
N TYR B 798 -34.57 3.07 -38.82
CA TYR B 798 -34.21 3.11 -40.24
C TYR B 798 -32.70 3.01 -40.39
N PRO B 799 -32.19 1.85 -40.54
CA PRO B 799 -30.75 1.69 -40.58
C PRO B 799 -30.25 2.09 -41.95
N GLN B 800 -28.95 2.25 -42.13
CA GLN B 800 -28.38 2.58 -43.43
C GLN B 800 -26.96 2.07 -43.53
N LYS B 801 -26.71 1.21 -44.50
CA LYS B 801 -25.35 0.88 -44.79
C LYS B 801 -24.60 2.16 -45.13
N PRO B 802 -23.42 2.36 -44.59
CA PRO B 802 -22.77 3.63 -44.75
C PRO B 802 -21.82 3.60 -45.92
N LEU B 803 -21.30 4.78 -46.26
CA LEU B 803 -20.58 4.97 -47.51
C LEU B 803 -19.09 4.70 -47.38
N ALA B 804 -18.52 4.96 -46.22
CA ALA B 804 -17.08 4.82 -46.06
C ALA B 804 -16.74 3.36 -45.76
N LYS B 805 -17.30 2.47 -46.56
CA LYS B 805 -17.12 1.06 -46.31
C LYS B 805 -15.67 0.66 -46.50
N THR B 806 -15.32 -0.52 -46.03
CA THR B 806 -14.03 -1.08 -46.32
C THR B 806 -14.19 -2.20 -47.33
N GLN B 807 -13.16 -3.01 -47.48
CA GLN B 807 -13.32 -4.30 -48.11
C GLN B 807 -13.59 -5.39 -47.08
N ALA B 808 -13.77 -5.03 -45.81
CA ALA B 808 -14.07 -6.07 -44.82
C ALA B 808 -15.54 -6.09 -44.43
N MET B 809 -16.24 -4.96 -44.48
CA MET B 809 -17.68 -5.08 -44.30
C MET B 809 -18.32 -5.90 -45.40
N GLU B 810 -17.56 -6.23 -46.44
CA GLU B 810 -17.92 -7.33 -47.32
C GLU B 810 -17.89 -8.67 -46.61
N TYR B 811 -17.59 -8.71 -45.31
CA TYR B 811 -17.52 -9.98 -44.61
C TYR B 811 -18.16 -9.95 -43.24
N LEU B 812 -18.29 -8.77 -42.63
CA LEU B 812 -18.96 -8.73 -41.35
C LEU B 812 -20.43 -8.51 -41.49
N LYS B 813 -20.97 -8.61 -42.69
CA LYS B 813 -22.40 -8.46 -42.88
C LYS B 813 -22.91 -7.13 -42.34
N PHE B 814 -22.01 -6.24 -41.91
CA PHE B 814 -22.40 -4.97 -41.33
C PHE B 814 -23.25 -4.15 -42.28
N ARG B 815 -23.14 -4.39 -43.59
CA ARG B 815 -23.93 -3.65 -44.55
C ARG B 815 -25.28 -4.28 -44.81
N GLU B 816 -25.45 -5.56 -44.52
CA GLU B 816 -26.76 -6.15 -44.54
C GLU B 816 -27.45 -5.98 -43.21
N LEU B 817 -26.75 -5.39 -42.24
CA LEU B 817 -27.21 -5.34 -40.86
C LEU B 817 -26.53 -4.16 -40.19
N PRO B 818 -26.73 -2.99 -40.67
CA PRO B 818 -26.02 -1.86 -40.10
C PRO B 818 -26.54 -1.49 -38.74
N ALA B 819 -25.93 -0.48 -38.14
CA ALA B 819 -26.40 0.04 -36.87
C ALA B 819 -26.18 1.53 -36.82
N GLY B 820 -26.22 2.19 -37.96
CA GLY B 820 -25.96 3.62 -37.92
C GLY B 820 -26.53 4.32 -39.13
N GLN B 821 -26.48 5.65 -39.07
CA GLN B 821 -27.19 6.46 -40.04
C GLN B 821 -26.22 7.44 -40.67
N ASN B 822 -26.65 8.08 -41.76
CA ASN B 822 -25.82 9.08 -42.43
C ASN B 822 -26.48 10.44 -42.38
N ALA B 823 -25.90 11.36 -41.64
CA ALA B 823 -26.49 12.68 -41.55
C ALA B 823 -25.54 13.73 -42.07
N ILE B 824 -26.11 14.87 -42.45
CA ILE B 824 -25.36 15.99 -43.00
C ILE B 824 -24.65 16.72 -41.86
N VAL B 825 -23.36 16.52 -41.79
CA VAL B 825 -22.53 17.11 -40.77
C VAL B 825 -21.92 18.40 -41.29
N ALA B 826 -21.98 19.45 -40.49
CA ALA B 826 -21.57 20.77 -40.92
C ALA B 826 -20.62 21.35 -39.89
N ILE B 827 -19.33 21.16 -40.12
CA ILE B 827 -18.36 21.44 -39.07
C ILE B 827 -18.12 22.92 -38.96
N ALA B 828 -18.88 23.60 -38.12
CA ALA B 828 -18.80 25.05 -38.09
C ALA B 828 -19.48 25.58 -36.85
N CYS B 829 -18.71 26.22 -35.99
CA CYS B 829 -19.29 26.83 -34.82
C CYS B 829 -20.44 27.71 -35.26
N TYR B 830 -21.56 27.61 -34.56
CA TYR B 830 -22.76 28.26 -35.07
C TYR B 830 -23.30 29.31 -34.13
N SER B 831 -23.75 28.95 -32.94
CA SER B 831 -24.15 29.98 -32.00
C SER B 831 -23.70 29.61 -30.63
N GLY B 832 -22.59 28.88 -30.56
CA GLY B 832 -22.00 28.55 -29.30
C GLY B 832 -22.74 27.51 -28.49
N TYR B 833 -23.88 27.02 -28.94
CA TYR B 833 -24.43 25.89 -28.22
C TYR B 833 -23.65 24.64 -28.47
N ASN B 834 -22.77 24.60 -29.45
CA ASN B 834 -22.08 23.33 -29.61
C ASN B 834 -20.67 23.35 -29.05
N GLN B 835 -20.41 24.13 -28.01
CA GLN B 835 -19.07 24.23 -27.44
C GLN B 835 -18.67 23.02 -26.61
N GLU B 836 -17.41 22.61 -26.67
CA GLU B 836 -16.88 21.51 -25.88
C GLU B 836 -17.60 20.19 -26.19
N ASP B 837 -17.61 19.85 -27.47
CA ASP B 837 -18.13 18.61 -28.00
C ASP B 837 -19.64 18.46 -27.93
N SER B 838 -20.40 19.42 -27.39
CA SER B 838 -21.82 19.30 -27.64
C SER B 838 -22.07 19.56 -29.11
N MET B 839 -23.10 18.94 -29.66
CA MET B 839 -23.40 19.09 -31.08
C MET B 839 -24.86 19.45 -31.18
N ILE B 840 -25.34 19.69 -32.38
CA ILE B 840 -26.69 20.17 -32.53
C ILE B 840 -27.39 19.35 -33.60
N MET B 841 -28.70 19.21 -33.44
CA MET B 841 -29.51 18.40 -34.33
C MET B 841 -30.74 19.18 -34.72
N ASN B 842 -31.08 19.12 -35.99
CA ASN B 842 -32.21 19.87 -36.53
C ASN B 842 -33.51 19.17 -36.19
N GLN B 843 -34.34 19.80 -35.36
CA GLN B 843 -35.46 19.08 -34.77
C GLN B 843 -36.34 18.44 -35.82
N SER B 844 -36.82 19.23 -36.78
CA SER B 844 -37.58 18.63 -37.84
C SER B 844 -36.82 17.49 -38.47
N SER B 845 -35.50 17.60 -38.55
CA SER B 845 -34.74 16.54 -39.17
C SER B 845 -34.72 15.29 -38.31
N ILE B 846 -35.22 15.38 -37.08
CA ILE B 846 -35.50 14.17 -36.30
C ILE B 846 -36.88 13.66 -36.65
N ASP B 847 -37.85 14.58 -36.64
CA ASP B 847 -39.24 14.15 -36.82
C ASP B 847 -39.44 13.38 -38.11
N ARG B 848 -38.50 13.47 -39.02
CA ARG B 848 -38.53 12.59 -40.17
C ARG B 848 -37.93 11.24 -39.88
N GLY B 849 -37.73 10.91 -38.61
CA GLY B 849 -37.42 9.54 -38.25
C GLY B 849 -35.96 9.28 -38.05
N LEU B 850 -35.19 10.32 -37.79
CA LEU B 850 -33.76 10.13 -37.70
C LEU B 850 -33.44 9.50 -36.36
N PHE B 851 -32.68 8.40 -36.36
CA PHE B 851 -32.23 7.77 -35.15
C PHE B 851 -33.37 7.46 -34.19
N ARG B 852 -34.52 6.99 -34.68
CA ARG B 852 -35.62 6.71 -33.78
C ARG B 852 -35.56 5.25 -33.31
N SER B 853 -35.64 5.05 -32.00
CA SER B 853 -35.21 3.82 -31.34
C SER B 853 -36.36 2.99 -30.81
N LEU B 854 -36.42 1.71 -31.19
CA LEU B 854 -37.32 0.79 -30.48
C LEU B 854 -36.61 0.18 -29.29
N PHE B 855 -37.40 -0.21 -28.30
CA PHE B 855 -36.88 -0.68 -27.03
C PHE B 855 -37.71 -1.82 -26.49
N PHE B 856 -37.05 -2.94 -26.23
CA PHE B 856 -37.62 -4.22 -25.85
C PHE B 856 -37.11 -4.62 -24.48
N ARG B 857 -38.02 -5.00 -23.59
CA ARG B 857 -37.61 -5.44 -22.27
C ARG B 857 -38.44 -6.63 -21.83
N SER B 858 -37.79 -7.75 -21.59
CA SER B 858 -38.47 -9.00 -21.29
C SER B 858 -38.47 -9.24 -19.80
N TYR B 859 -39.57 -8.92 -19.14
CA TYR B 859 -39.74 -9.33 -17.77
C TYR B 859 -39.78 -10.84 -17.70
N MET B 860 -39.98 -11.38 -16.50
CA MET B 860 -40.25 -12.80 -16.37
C MET B 860 -40.56 -13.05 -14.91
N ASP B 861 -41.44 -14.01 -14.66
CA ASP B 861 -41.76 -14.37 -13.29
C ASP B 861 -42.40 -15.75 -13.30
N GLN B 862 -42.41 -16.38 -12.12
CA GLN B 862 -42.94 -17.74 -12.00
C GLN B 862 -43.26 -18.03 -10.55
N GLU B 863 -43.90 -19.18 -10.32
CA GLU B 863 -44.25 -19.63 -8.99
C GLU B 863 -43.14 -20.50 -8.42
N LYS B 864 -43.20 -20.76 -7.13
CA LYS B 864 -42.32 -21.74 -6.51
C LYS B 864 -43.14 -22.73 -5.69
N ARG B 865 -42.69 -23.98 -5.69
CA ARG B 865 -43.38 -25.07 -5.00
C ARG B 865 -42.85 -25.13 -3.58
N PHE B 866 -43.40 -24.31 -2.70
CA PHE B 866 -43.00 -24.23 -1.30
C PHE B 866 -43.24 -25.52 -0.53
N GLY B 867 -44.32 -26.20 -0.82
CA GLY B 867 -44.61 -27.50 -0.24
C GLY B 867 -45.70 -28.08 -1.09
N ILE B 868 -45.64 -29.40 -1.28
CA ILE B 868 -46.41 -30.04 -2.33
C ILE B 868 -47.89 -29.67 -2.25
N SER B 869 -48.31 -29.09 -1.14
CA SER B 869 -49.68 -28.61 -0.97
C SER B 869 -49.77 -27.10 -0.87
N ILE B 870 -48.64 -26.40 -0.78
CA ILE B 870 -48.62 -24.94 -0.71
C ILE B 870 -47.82 -24.44 -1.90
N VAL B 871 -48.51 -23.96 -2.92
CA VAL B 871 -47.84 -23.32 -4.05
C VAL B 871 -48.47 -21.95 -4.23
N GLU B 872 -47.90 -21.15 -5.11
CA GLU B 872 -48.32 -19.78 -5.33
C GLU B 872 -49.37 -19.72 -6.42
N GLU B 873 -49.98 -18.55 -6.60
CA GLU B 873 -51.17 -18.47 -7.43
C GLU B 873 -51.13 -17.26 -8.32
N PHE B 874 -51.33 -17.46 -9.63
CA PHE B 874 -51.53 -16.34 -10.54
C PHE B 874 -52.97 -15.90 -10.47
N GLU B 875 -53.23 -14.81 -9.78
CA GLU B 875 -54.58 -14.27 -9.73
C GLU B 875 -54.53 -12.77 -9.57
N LYS B 876 -55.56 -12.13 -10.04
CA LYS B 876 -55.87 -10.80 -9.57
C LYS B 876 -56.15 -10.87 -8.08
N PRO B 877 -55.28 -10.35 -7.24
CA PRO B 877 -55.50 -10.42 -5.81
C PRO B 877 -56.59 -9.47 -5.40
N THR B 878 -57.33 -9.87 -4.37
CA THR B 878 -58.37 -9.02 -3.83
C THR B 878 -57.75 -7.94 -2.97
N ARG B 879 -58.59 -7.33 -2.15
CA ARG B 879 -58.15 -6.35 -1.17
C ARG B 879 -58.50 -6.77 0.24
N ALA B 880 -59.06 -7.97 0.42
CA ALA B 880 -59.38 -8.51 1.72
C ALA B 880 -58.74 -9.87 1.95
N THR B 881 -58.64 -10.69 0.90
CA THR B 881 -58.04 -12.02 1.01
C THR B 881 -56.53 -12.01 0.92
N THR B 882 -55.91 -10.83 0.79
CA THR B 882 -54.47 -10.68 0.66
C THR B 882 -54.01 -9.50 1.50
N LEU B 883 -52.77 -9.55 1.98
CA LEU B 883 -52.20 -8.50 2.82
C LEU B 883 -51.09 -7.75 2.11
N ARG B 884 -50.76 -6.56 2.61
CA ARG B 884 -49.64 -5.77 2.11
C ARG B 884 -49.72 -5.57 0.59
N LEU B 885 -50.77 -4.85 0.20
CA LEU B 885 -50.98 -4.55 -1.21
C LEU B 885 -50.09 -3.40 -1.66
N LYS B 886 -49.52 -3.55 -2.85
CA LYS B 886 -48.62 -2.55 -3.41
C LYS B 886 -49.28 -1.18 -3.42
N HIS B 887 -48.44 -0.15 -3.36
CA HIS B 887 -48.95 1.21 -3.41
C HIS B 887 -49.52 1.57 -4.76
N GLY B 888 -49.13 0.88 -5.83
CA GLY B 888 -49.69 1.12 -7.12
C GLY B 888 -51.10 0.58 -7.23
N THR B 889 -51.60 0.54 -8.47
CA THR B 889 -52.93 0.00 -8.72
C THR B 889 -52.81 -1.27 -9.57
N TYR B 890 -53.92 -2.00 -9.66
CA TYR B 890 -53.95 -3.30 -10.29
C TYR B 890 -54.88 -3.36 -11.48
N GLU B 891 -55.48 -2.23 -11.86
CA GLU B 891 -56.63 -2.23 -12.75
C GLU B 891 -56.43 -3.17 -13.93
N LYS B 892 -55.23 -3.19 -14.48
CA LYS B 892 -55.07 -3.70 -15.82
C LYS B 892 -54.98 -5.21 -15.87
N LEU B 893 -54.83 -5.87 -14.73
CA LEU B 893 -54.69 -7.31 -14.74
C LEU B 893 -55.94 -7.95 -15.34
N ASP B 894 -55.81 -9.23 -15.69
CA ASP B 894 -56.91 -10.00 -16.25
C ASP B 894 -57.52 -10.93 -15.20
N GLU B 895 -58.45 -11.76 -15.67
CA GLU B 895 -58.99 -12.81 -14.82
C GLU B 895 -57.89 -13.65 -14.20
N ASP B 896 -56.85 -13.94 -14.96
CA ASP B 896 -55.70 -14.67 -14.45
C ASP B 896 -54.48 -13.75 -14.27
N GLY B 897 -54.72 -12.48 -13.97
CA GLY B 897 -53.69 -11.57 -13.52
C GLY B 897 -52.73 -11.07 -14.57
N LEU B 898 -52.33 -11.91 -15.52
CA LEU B 898 -51.49 -11.50 -16.62
C LEU B 898 -52.24 -10.45 -17.42
N ILE B 899 -51.65 -9.26 -17.53
CA ILE B 899 -52.25 -8.25 -18.37
C ILE B 899 -52.22 -8.72 -19.82
N ALA B 900 -53.23 -8.34 -20.58
CA ALA B 900 -53.30 -8.73 -21.98
C ALA B 900 -52.67 -7.65 -22.86
N PRO B 901 -52.03 -8.02 -23.95
CA PRO B 901 -51.30 -7.03 -24.76
C PRO B 901 -52.21 -5.93 -25.23
N GLY B 902 -51.61 -4.77 -25.43
CA GLY B 902 -52.31 -3.65 -25.99
C GLY B 902 -52.68 -2.57 -25.01
N VAL B 903 -52.76 -2.86 -23.73
CA VAL B 903 -53.12 -1.86 -22.75
C VAL B 903 -51.99 -0.86 -22.69
N ARG B 904 -52.34 0.41 -22.53
CA ARG B 904 -51.33 1.42 -22.27
C ARG B 904 -50.81 1.23 -20.85
N VAL B 905 -49.51 1.02 -20.70
CA VAL B 905 -48.92 0.89 -19.37
C VAL B 905 -48.08 2.12 -19.07
N SER B 906 -48.31 2.68 -17.89
CA SER B 906 -47.46 3.70 -17.32
C SER B 906 -46.50 3.02 -16.37
N GLY B 907 -45.72 3.83 -15.66
CA GLY B 907 -44.95 3.28 -14.58
C GLY B 907 -45.85 2.78 -13.46
N ASP B 908 -45.34 1.82 -12.69
CA ASP B 908 -45.90 1.40 -11.41
C ASP B 908 -47.22 0.63 -11.50
N ASP B 909 -47.61 0.14 -12.67
CA ASP B 909 -48.81 -0.67 -12.78
C ASP B 909 -48.43 -2.12 -12.98
N ILE B 910 -49.04 -2.99 -12.19
CA ILE B 910 -48.59 -4.36 -12.12
C ILE B 910 -48.78 -5.03 -13.47
N ILE B 911 -48.02 -6.09 -13.74
CA ILE B 911 -48.26 -6.92 -14.89
C ILE B 911 -48.53 -8.37 -14.50
N ILE B 912 -47.77 -8.93 -13.58
CA ILE B 912 -47.93 -10.33 -13.22
C ILE B 912 -48.38 -10.36 -11.76
N GLY B 913 -49.62 -10.78 -11.54
CA GLY B 913 -50.19 -10.80 -10.22
C GLY B 913 -50.09 -12.15 -9.56
N LYS B 914 -49.10 -12.31 -8.71
CA LYS B 914 -48.79 -13.59 -8.09
C LYS B 914 -48.81 -13.38 -6.58
N THR B 915 -49.60 -14.18 -5.88
CA THR B 915 -49.71 -14.08 -4.43
C THR B 915 -49.12 -15.32 -3.79
N THR B 916 -48.68 -15.19 -2.60
CA THR B 916 -48.20 -16.39 -1.95
C THR B 916 -49.01 -16.66 -0.69
N PRO B 917 -49.54 -17.85 -0.52
CA PRO B 917 -50.40 -18.10 0.64
C PRO B 917 -49.59 -18.06 1.94
N ILE B 918 -50.16 -17.42 2.95
CA ILE B 918 -49.51 -17.36 4.26
C ILE B 918 -49.69 -18.70 4.96
N PRO B 919 -48.63 -19.38 5.35
CA PRO B 919 -48.77 -20.54 6.21
C PRO B 919 -49.34 -20.15 7.56
N PRO B 920 -50.42 -20.81 8.01
CA PRO B 920 -51.19 -20.38 9.19
C PRO B 920 -50.40 -20.42 10.48
N TYR B 931 -59.75 -15.69 7.97
CA TYR B 931 -59.45 -15.60 6.55
C TYR B 931 -58.10 -14.94 6.34
N HIS B 932 -57.95 -14.26 5.21
CA HIS B 932 -56.88 -13.28 5.05
C HIS B 932 -55.51 -13.94 5.18
N THR B 933 -55.25 -14.89 4.28
CA THR B 933 -54.06 -15.73 4.36
C THR B 933 -53.18 -15.64 3.12
N LYS B 934 -53.33 -14.63 2.28
CA LYS B 934 -52.44 -14.43 1.16
C LYS B 934 -51.59 -13.19 1.33
N ARG B 935 -50.35 -13.29 0.89
CA ARG B 935 -49.41 -12.19 0.91
C ARG B 935 -49.28 -11.71 -0.52
N ASP B 936 -49.30 -10.40 -0.70
CA ASP B 936 -49.21 -9.78 -2.02
C ASP B 936 -47.78 -9.88 -2.53
N ALA B 937 -47.59 -10.48 -3.70
CA ALA B 937 -46.22 -10.73 -4.17
C ALA B 937 -46.08 -10.54 -5.66
N SER B 938 -46.69 -9.50 -6.22
CA SER B 938 -46.71 -9.33 -7.66
C SER B 938 -45.50 -8.53 -8.15
N THR B 939 -45.23 -8.62 -9.44
CA THR B 939 -44.10 -7.95 -10.08
C THR B 939 -44.51 -6.60 -10.62
N PRO B 940 -43.81 -5.53 -10.29
CA PRO B 940 -44.18 -4.22 -10.80
C PRO B 940 -43.50 -3.93 -12.13
N LEU B 941 -44.05 -2.93 -12.82
CA LEU B 941 -43.39 -2.26 -13.92
C LEU B 941 -42.69 -1.02 -13.40
N ARG B 942 -41.45 -0.81 -13.85
CA ARG B 942 -40.53 0.09 -13.18
C ARG B 942 -41.02 1.53 -13.16
N SER B 943 -40.24 2.37 -12.50
CA SER B 943 -40.71 3.67 -12.04
C SER B 943 -40.55 4.80 -13.05
N THR B 944 -39.92 4.57 -14.20
CA THR B 944 -39.74 5.67 -15.14
C THR B 944 -40.14 5.34 -16.58
N GLU B 945 -40.65 4.14 -16.84
CA GLU B 945 -40.86 3.72 -18.21
C GLU B 945 -42.34 3.79 -18.55
N ASN B 946 -42.60 3.89 -19.85
CA ASN B 946 -43.95 3.87 -20.38
C ASN B 946 -44.00 2.79 -21.44
N GLY B 947 -45.18 2.56 -22.00
CA GLY B 947 -45.19 1.80 -23.22
C GLY B 947 -46.42 0.95 -23.38
N ILE B 948 -46.23 -0.11 -24.16
CA ILE B 948 -47.33 -0.95 -24.61
C ILE B 948 -46.91 -2.40 -24.54
N VAL B 949 -47.59 -3.15 -23.71
CA VAL B 949 -47.32 -4.57 -23.56
C VAL B 949 -47.46 -5.23 -24.92
N ASP B 950 -46.68 -6.26 -25.17
CA ASP B 950 -46.70 -6.81 -26.51
C ASP B 950 -47.07 -8.29 -26.62
N GLN B 951 -46.26 -9.19 -26.08
CA GLN B 951 -46.37 -10.59 -26.50
C GLN B 951 -46.15 -11.50 -25.28
N VAL B 952 -47.23 -11.83 -24.60
CA VAL B 952 -47.12 -12.54 -23.35
C VAL B 952 -46.97 -14.03 -23.66
N LEU B 953 -45.74 -14.50 -23.65
CA LEU B 953 -45.51 -15.93 -23.76
C LEU B 953 -45.90 -16.62 -22.48
N LEU B 954 -46.58 -17.75 -22.62
CA LEU B 954 -47.01 -18.56 -21.49
C LEU B 954 -46.73 -20.02 -21.80
N THR B 955 -46.10 -20.69 -20.85
CA THR B 955 -45.79 -22.10 -20.97
C THR B 955 -45.55 -22.63 -19.58
N THR B 956 -45.01 -23.84 -19.48
CA THR B 956 -44.76 -24.47 -18.20
C THR B 956 -43.27 -24.65 -18.00
N ASN B 957 -42.79 -24.21 -16.84
CA ASN B 957 -41.40 -24.41 -16.47
C ASN B 957 -41.10 -25.90 -16.46
N GLN B 958 -39.81 -26.23 -16.38
CA GLN B 958 -39.42 -27.61 -16.20
C GLN B 958 -40.05 -28.22 -14.96
N GLU B 959 -40.40 -27.38 -14.00
CA GLU B 959 -40.86 -27.85 -12.71
C GLU B 959 -42.25 -28.43 -12.78
N GLY B 960 -43.07 -27.99 -13.73
CA GLY B 960 -44.48 -28.29 -13.74
C GLY B 960 -45.35 -27.14 -13.26
N LEU B 961 -44.76 -25.95 -13.08
CA LEU B 961 -45.54 -24.78 -12.77
C LEU B 961 -45.81 -23.99 -14.05
N LYS B 962 -46.73 -23.04 -13.98
CA LYS B 962 -46.82 -22.10 -15.08
C LYS B 962 -45.53 -21.30 -15.19
N PHE B 963 -45.48 -20.46 -16.20
CA PHE B 963 -44.24 -19.81 -16.56
C PHE B 963 -44.55 -18.77 -17.62
N VAL B 964 -44.22 -17.52 -17.31
CA VAL B 964 -44.60 -16.41 -18.17
C VAL B 964 -43.37 -15.62 -18.55
N LYS B 965 -43.32 -15.20 -19.79
CA LYS B 965 -42.41 -14.15 -20.21
C LYS B 965 -43.23 -13.04 -20.81
N VAL B 966 -42.85 -11.81 -20.50
CA VAL B 966 -43.55 -10.63 -20.95
C VAL B 966 -42.54 -9.75 -21.64
N ARG B 967 -42.82 -9.35 -22.88
CA ARG B 967 -41.97 -8.43 -23.63
C ARG B 967 -42.67 -7.10 -23.79
N MET B 968 -42.36 -6.16 -22.91
CA MET B 968 -42.91 -4.83 -23.05
C MET B 968 -41.99 -4.00 -23.92
N ARG B 969 -42.56 -3.00 -24.60
CA ARG B 969 -41.69 -2.24 -25.50
C ARG B 969 -42.22 -0.82 -25.70
N THR B 970 -41.34 0.04 -26.22
CA THR B 970 -41.65 1.44 -26.48
C THR B 970 -40.65 2.04 -27.48
N THR B 971 -40.79 3.34 -27.78
CA THR B 971 -39.97 4.02 -28.77
C THR B 971 -39.43 5.33 -28.23
N LYS B 972 -38.12 5.41 -28.11
CA LYS B 972 -37.41 6.56 -27.58
C LYS B 972 -36.76 7.34 -28.70
N VAL B 973 -36.72 8.66 -28.57
CA VAL B 973 -36.42 9.55 -29.69
C VAL B 973 -35.41 10.60 -29.27
N PRO B 974 -34.36 10.79 -30.03
CA PRO B 974 -33.30 11.74 -29.66
C PRO B 974 -33.79 13.05 -29.08
N GLN B 975 -33.38 13.34 -27.86
CA GLN B 975 -33.68 14.57 -27.20
C GLN B 975 -32.40 15.02 -26.50
N ILE B 976 -32.49 16.10 -25.72
CA ILE B 976 -31.27 16.69 -25.17
C ILE B 976 -30.59 15.72 -24.23
N GLY B 977 -29.39 15.33 -24.58
CA GLY B 977 -28.62 14.35 -23.84
C GLY B 977 -28.44 13.05 -24.58
N ASP B 978 -29.42 12.64 -25.36
CA ASP B 978 -29.33 11.38 -26.08
C ASP B 978 -28.03 11.35 -26.85
N LYS B 979 -27.16 10.42 -26.51
CA LYS B 979 -25.78 10.49 -26.96
C LYS B 979 -25.65 10.11 -28.44
N PHE B 980 -24.44 10.31 -28.99
CA PHE B 980 -24.04 10.01 -30.36
C PHE B 980 -22.53 9.91 -30.43
N ALA B 981 -22.02 9.41 -31.54
CA ALA B 981 -20.58 9.34 -31.69
C ALA B 981 -20.25 8.85 -33.08
N SER B 982 -19.38 9.58 -33.76
CA SER B 982 -19.04 9.25 -35.12
C SER B 982 -18.15 8.03 -35.08
N ARG B 983 -17.51 7.73 -36.19
CA ARG B 983 -16.58 6.63 -36.16
C ARG B 983 -15.15 7.09 -35.96
N HIS B 984 -14.94 8.15 -35.19
CA HIS B 984 -13.58 8.51 -34.80
C HIS B 984 -13.53 9.10 -33.40
N GLY B 985 -14.39 8.68 -32.50
CA GLY B 985 -14.33 9.19 -31.15
C GLY B 985 -14.88 10.58 -30.99
N GLN B 986 -15.17 11.27 -32.06
CA GLN B 986 -15.63 12.64 -31.94
C GLN B 986 -16.98 12.69 -31.25
N LYS B 987 -17.11 12.02 -30.12
CA LYS B 987 -18.40 11.71 -29.53
C LYS B 987 -18.99 12.96 -28.91
N GLY B 988 -20.04 12.78 -28.15
CA GLY B 988 -20.65 13.91 -27.50
C GLY B 988 -22.13 13.92 -27.74
N THR B 989 -22.87 14.68 -26.97
CA THR B 989 -24.32 14.58 -27.01
C THR B 989 -24.96 15.83 -27.57
N ILE B 990 -26.27 15.72 -27.79
CA ILE B 990 -27.08 16.79 -28.35
C ILE B 990 -27.20 17.90 -27.33
N GLY B 991 -26.93 19.13 -27.75
CA GLY B 991 -27.00 20.23 -26.83
C GLY B 991 -28.31 20.98 -26.90
N VAL B 992 -28.94 21.00 -28.07
CA VAL B 992 -30.12 21.84 -28.28
C VAL B 992 -30.73 21.49 -29.62
N THR B 993 -31.95 21.93 -29.84
CA THR B 993 -32.71 21.59 -31.04
C THR B 993 -33.19 22.85 -31.74
N TYR B 994 -32.92 22.93 -33.04
CA TYR B 994 -33.41 23.97 -33.91
C TYR B 994 -34.40 23.40 -34.92
N ARG B 995 -35.40 24.18 -35.27
CA ARG B 995 -36.37 23.76 -36.27
C ARG B 995 -35.71 23.84 -37.64
N HIS B 996 -36.47 23.54 -38.70
CA HIS B 996 -35.80 23.26 -39.97
C HIS B 996 -35.24 24.52 -40.60
N GLU B 997 -35.84 25.66 -40.35
CA GLU B 997 -35.29 26.83 -40.99
C GLU B 997 -34.10 27.38 -40.25
N ASP B 998 -34.12 27.44 -38.92
CA ASP B 998 -33.15 28.25 -38.21
C ASP B 998 -31.73 27.77 -38.39
N MET B 999 -31.53 26.64 -39.01
CA MET B 999 -30.19 26.18 -39.25
C MET B 999 -29.57 27.06 -40.33
N PRO B 1000 -28.29 26.90 -40.61
CA PRO B 1000 -27.78 27.43 -41.85
C PRO B 1000 -28.36 26.62 -42.98
N PHE B 1001 -27.98 26.97 -44.21
CA PHE B 1001 -28.38 26.17 -45.35
C PHE B 1001 -27.70 26.67 -46.60
N SER B 1002 -27.11 25.78 -47.36
CA SER B 1002 -26.30 26.20 -48.48
C SER B 1002 -27.22 26.68 -49.58
N ALA B 1003 -26.67 26.81 -50.78
CA ALA B 1003 -27.37 27.49 -51.84
C ALA B 1003 -28.48 26.64 -52.43
N GLU B 1004 -28.22 25.36 -52.68
CA GLU B 1004 -29.15 24.51 -53.36
C GLU B 1004 -30.43 24.27 -52.57
N GLY B 1005 -30.42 24.51 -51.28
CA GLY B 1005 -31.53 24.14 -50.41
C GLY B 1005 -31.19 23.12 -49.35
N ILE B 1006 -30.04 22.45 -49.45
CA ILE B 1006 -29.61 21.53 -48.41
C ILE B 1006 -29.67 22.26 -47.08
N VAL B 1007 -29.76 21.51 -45.99
CA VAL B 1007 -29.58 22.10 -44.68
C VAL B 1007 -28.54 21.25 -43.97
N PRO B 1008 -28.13 21.54 -42.79
CA PRO B 1008 -27.25 20.60 -42.12
C PRO B 1008 -28.12 19.62 -41.37
N ASP B 1009 -27.55 18.57 -40.80
CA ASP B 1009 -28.29 17.73 -39.90
C ASP B 1009 -27.82 17.79 -38.48
N LEU B 1010 -26.52 17.65 -38.27
CA LEU B 1010 -25.93 17.37 -37.00
C LEU B 1010 -24.59 18.09 -36.97
N ILE B 1011 -24.49 19.15 -36.19
CA ILE B 1011 -23.42 20.15 -36.35
C ILE B 1011 -22.35 19.95 -35.29
N ILE B 1012 -21.28 19.22 -35.62
CA ILE B 1012 -20.22 19.07 -34.63
C ILE B 1012 -19.62 20.44 -34.41
N ASN B 1013 -18.70 20.56 -33.47
CA ASN B 1013 -18.02 21.82 -33.20
C ASN B 1013 -16.54 21.74 -33.56
N PRO B 1014 -16.10 22.55 -34.53
CA PRO B 1014 -14.75 22.39 -35.06
C PRO B 1014 -13.69 22.23 -34.01
N HIS B 1015 -13.74 23.07 -32.97
CA HIS B 1015 -12.79 22.99 -31.86
C HIS B 1015 -12.52 21.59 -31.41
N ALA B 1016 -13.36 20.63 -31.78
CA ALA B 1016 -12.96 19.28 -31.51
C ALA B 1016 -11.72 18.90 -32.29
N ILE B 1017 -11.56 19.42 -33.50
CA ILE B 1017 -10.64 18.73 -34.39
C ILE B 1017 -9.16 19.03 -34.15
N PRO B 1018 -8.74 20.29 -34.09
CA PRO B 1018 -7.30 20.55 -34.24
C PRO B 1018 -6.47 19.97 -33.14
N SER B 1019 -7.00 19.79 -31.94
CA SER B 1019 -6.22 19.12 -30.91
C SER B 1019 -6.38 17.62 -30.94
N ARG B 1020 -7.34 17.09 -31.68
CA ARG B 1020 -7.49 15.66 -31.59
C ARG B 1020 -6.80 14.94 -32.72
N MET B 1021 -6.22 15.68 -33.66
CA MET B 1021 -5.44 15.09 -34.73
C MET B 1021 -6.14 13.86 -35.31
N THR B 1022 -7.40 14.02 -35.72
CA THR B 1022 -8.14 12.94 -36.37
C THR B 1022 -8.56 13.41 -37.76
N VAL B 1023 -7.64 13.30 -38.69
CA VAL B 1023 -7.88 13.76 -40.03
C VAL B 1023 -8.82 12.81 -40.74
N ALA B 1024 -8.89 11.57 -40.27
CA ALA B 1024 -9.76 10.60 -40.91
C ALA B 1024 -11.18 11.11 -40.96
N HIS B 1025 -11.62 11.87 -39.97
CA HIS B 1025 -13.01 12.27 -40.01
C HIS B 1025 -13.28 13.22 -41.17
N LEU B 1026 -12.40 14.19 -41.37
CA LEU B 1026 -12.59 15.00 -42.55
C LEU B 1026 -12.49 14.16 -43.80
N ILE B 1027 -11.38 13.43 -43.99
CA ILE B 1027 -11.22 12.68 -45.22
C ILE B 1027 -12.45 11.84 -45.50
N GLU B 1028 -13.06 11.31 -44.46
CA GLU B 1028 -14.29 10.57 -44.67
C GLU B 1028 -15.36 11.45 -45.23
N CYS B 1029 -15.65 12.58 -44.56
CA CYS B 1029 -16.77 13.39 -45.01
C CYS B 1029 -16.59 13.80 -46.46
N LEU B 1030 -15.38 14.13 -46.84
CA LEU B 1030 -15.10 14.39 -48.24
C LEU B 1030 -15.48 13.19 -49.10
N LEU B 1031 -14.89 12.04 -48.83
CA LEU B 1031 -15.18 10.85 -49.61
C LEU B 1031 -16.67 10.60 -49.71
N SER B 1032 -17.42 10.83 -48.64
CA SER B 1032 -18.85 10.60 -48.72
C SER B 1032 -19.49 11.56 -49.70
N LYS B 1033 -19.11 12.82 -49.65
CA LYS B 1033 -19.72 13.77 -50.58
C LYS B 1033 -19.52 13.29 -52.00
N VAL B 1034 -18.32 12.80 -52.30
CA VAL B 1034 -18.09 12.22 -53.61
C VAL B 1034 -18.96 11.00 -53.84
N GLY B 1035 -18.98 10.09 -52.87
CA GLY B 1035 -19.72 8.86 -53.05
C GLY B 1035 -21.18 9.07 -53.34
N SER B 1036 -21.79 10.06 -52.69
CA SER B 1036 -23.18 10.34 -52.99
C SER B 1036 -23.31 10.93 -54.38
N ILE B 1037 -22.46 11.90 -54.73
CA ILE B 1037 -22.65 12.56 -56.01
C ILE B 1037 -22.47 11.58 -57.17
N ARG B 1038 -21.30 10.99 -57.33
CA ARG B 1038 -21.22 10.02 -58.41
C ARG B 1038 -22.12 8.84 -58.20
N GLY B 1039 -22.44 8.52 -56.96
CA GLY B 1039 -23.31 7.41 -56.70
C GLY B 1039 -22.66 6.06 -56.61
N TYR B 1040 -21.65 5.91 -55.76
CA TYR B 1040 -21.15 4.59 -55.44
C TYR B 1040 -20.29 4.70 -54.20
N GLU B 1041 -20.21 3.60 -53.48
CA GLU B 1041 -19.64 3.58 -52.14
C GLU B 1041 -18.13 3.64 -52.24
N GLY B 1042 -17.53 4.59 -51.53
CA GLY B 1042 -16.11 4.86 -51.70
C GLY B 1042 -15.24 3.94 -50.88
N ASP B 1043 -14.19 3.44 -51.51
CA ASP B 1043 -13.36 2.42 -50.88
C ASP B 1043 -12.39 3.04 -49.90
N ALA B 1044 -12.71 2.91 -48.61
CA ALA B 1044 -11.85 3.41 -47.57
C ALA B 1044 -10.95 2.34 -46.98
N THR B 1045 -10.58 1.35 -47.76
CA THR B 1045 -9.66 0.37 -47.23
C THR B 1045 -8.38 1.06 -46.82
N PRO B 1046 -7.97 0.96 -45.56
CA PRO B 1046 -6.68 1.50 -45.16
C PRO B 1046 -5.55 0.92 -45.97
N PHE B 1047 -4.40 1.57 -45.89
CA PHE B 1047 -3.16 1.04 -46.46
C PHE B 1047 -3.27 0.81 -47.96
N THR B 1048 -4.13 1.58 -48.61
CA THR B 1048 -4.30 1.53 -50.06
C THR B 1048 -3.69 2.76 -50.68
N ASP B 1049 -4.03 3.01 -51.95
CA ASP B 1049 -3.38 4.05 -52.72
C ASP B 1049 -4.27 5.24 -52.98
N LEU B 1050 -5.31 5.44 -52.20
CA LEU B 1050 -6.21 6.56 -52.42
C LEU B 1050 -5.65 7.79 -51.74
N THR B 1051 -5.35 8.81 -52.51
CA THR B 1051 -4.76 10.03 -51.99
C THR B 1051 -5.84 10.90 -51.35
N VAL B 1052 -5.52 12.15 -51.06
CA VAL B 1052 -6.54 13.16 -50.83
C VAL B 1052 -6.77 13.98 -52.09
N ASP B 1053 -5.81 14.02 -53.00
CA ASP B 1053 -6.02 14.75 -54.23
C ASP B 1053 -7.03 14.06 -55.12
N ALA B 1054 -6.74 12.83 -55.56
CA ALA B 1054 -7.61 12.16 -56.50
C ALA B 1054 -9.06 12.30 -56.08
N VAL B 1055 -9.33 12.19 -54.79
CA VAL B 1055 -10.66 12.51 -54.29
C VAL B 1055 -11.02 13.94 -54.64
N SER B 1056 -10.13 14.88 -54.39
CA SER B 1056 -10.46 16.28 -54.62
C SER B 1056 -10.81 16.53 -56.08
N ASN B 1057 -10.03 15.97 -56.99
CA ASN B 1057 -10.32 16.17 -58.41
C ASN B 1057 -11.68 15.61 -58.74
N LEU B 1058 -11.93 14.35 -58.39
CA LEU B 1058 -13.23 13.78 -58.70
C LEU B 1058 -14.32 14.67 -58.15
N LEU B 1059 -14.06 15.32 -57.04
CA LEU B 1059 -15.06 16.21 -56.49
C LEU B 1059 -15.28 17.41 -57.37
N ARG B 1060 -14.21 18.10 -57.76
CA ARG B 1060 -14.40 19.38 -58.41
C ARG B 1060 -14.96 19.20 -59.80
N ASP B 1061 -14.65 18.07 -60.43
CA ASP B 1061 -15.22 17.76 -61.73
C ASP B 1061 -16.74 17.80 -61.73
N ASN B 1062 -17.38 17.52 -60.60
CA ASN B 1062 -18.82 17.55 -60.49
C ASN B 1062 -19.34 18.90 -60.06
N GLY B 1063 -18.50 19.91 -60.10
CA GLY B 1063 -18.96 21.24 -59.77
C GLY B 1063 -19.10 21.46 -58.28
N TYR B 1064 -18.03 21.23 -57.54
CA TYR B 1064 -17.98 21.62 -56.14
C TYR B 1064 -16.55 21.99 -55.78
N GLN B 1065 -16.41 22.80 -54.75
CA GLN B 1065 -15.11 23.27 -54.35
C GLN B 1065 -14.21 22.14 -53.87
N SER B 1066 -13.04 22.02 -54.48
CA SER B 1066 -12.33 20.74 -54.44
C SER B 1066 -11.68 20.46 -53.10
N ARG B 1067 -11.88 21.31 -52.13
CA ARG B 1067 -11.43 21.04 -50.77
C ARG B 1067 -12.58 21.09 -49.78
N GLY B 1068 -13.71 20.53 -50.15
CA GLY B 1068 -14.81 20.28 -49.26
C GLY B 1068 -15.81 21.40 -49.12
N PHE B 1069 -15.35 22.63 -49.03
CA PHE B 1069 -16.19 23.73 -48.55
C PHE B 1069 -17.42 23.95 -49.40
N GLU B 1070 -18.43 24.56 -48.80
CA GLU B 1070 -19.45 25.22 -49.58
C GLU B 1070 -19.91 26.50 -48.91
N VAL B 1071 -20.27 27.47 -49.74
CA VAL B 1071 -20.74 28.77 -49.32
C VAL B 1071 -22.03 28.53 -48.57
N MET B 1072 -22.08 28.89 -47.31
CA MET B 1072 -23.32 28.69 -46.59
C MET B 1072 -23.89 30.00 -46.12
N TYR B 1073 -25.10 29.90 -45.62
CA TYR B 1073 -26.02 30.99 -45.35
C TYR B 1073 -26.50 30.91 -43.92
N ASN B 1074 -26.51 32.05 -43.25
CA ASN B 1074 -27.23 32.13 -42.01
C ASN B 1074 -28.71 31.97 -42.26
N GLY B 1075 -29.40 31.40 -41.29
CA GLY B 1075 -30.82 31.20 -41.39
C GLY B 1075 -31.67 32.21 -40.70
N HIS B 1076 -31.08 33.03 -39.84
CA HIS B 1076 -31.85 34.05 -39.15
C HIS B 1076 -31.94 35.36 -39.91
N THR B 1077 -31.01 35.64 -40.79
CA THR B 1077 -31.07 36.90 -41.50
C THR B 1077 -30.71 36.76 -42.98
N GLY B 1078 -30.45 35.55 -43.44
CA GLY B 1078 -30.08 35.37 -44.81
C GLY B 1078 -28.73 35.93 -45.17
N LYS B 1079 -28.26 36.91 -44.41
CA LYS B 1079 -26.98 37.53 -44.64
C LYS B 1079 -25.89 36.47 -44.67
N LYS B 1080 -25.16 36.40 -45.78
CA LYS B 1080 -24.18 35.34 -45.93
C LYS B 1080 -23.30 35.24 -44.70
N LEU B 1081 -22.94 34.03 -44.34
CA LEU B 1081 -21.91 33.85 -43.34
C LEU B 1081 -20.57 34.19 -43.95
N MET B 1082 -19.86 35.11 -43.30
CA MET B 1082 -18.63 35.66 -43.85
C MET B 1082 -17.61 34.59 -44.19
N ALA B 1083 -17.69 33.45 -43.53
CA ALA B 1083 -16.73 32.40 -43.76
C ALA B 1083 -17.39 31.25 -44.50
N GLN B 1084 -16.56 30.44 -45.11
CA GLN B 1084 -17.05 29.25 -45.80
C GLN B 1084 -16.88 28.05 -44.90
N VAL B 1085 -17.76 27.07 -45.06
CA VAL B 1085 -17.98 26.02 -44.09
C VAL B 1085 -17.80 24.66 -44.71
N PHE B 1086 -17.27 23.71 -43.95
CA PHE B 1086 -17.14 22.35 -44.42
C PHE B 1086 -18.52 21.74 -44.37
N PHE B 1087 -18.76 20.69 -45.15
CA PHE B 1087 -20.15 20.29 -45.30
C PHE B 1087 -20.35 18.95 -46.00
N GLY B 1088 -20.95 17.97 -45.36
CA GLY B 1088 -21.18 16.74 -46.10
C GLY B 1088 -22.13 15.77 -45.44
N PRO B 1089 -22.23 14.56 -45.95
CA PRO B 1089 -22.85 13.48 -45.20
C PRO B 1089 -21.75 12.65 -44.54
N THR B 1090 -21.96 12.36 -43.27
CA THR B 1090 -21.02 11.54 -42.53
C THR B 1090 -21.83 10.62 -41.64
N TYR B 1091 -21.19 9.53 -41.22
CA TYR B 1091 -21.89 8.38 -40.67
C TYR B 1091 -21.83 8.41 -39.18
N TYR B 1092 -22.93 8.72 -38.54
CA TYR B 1092 -22.88 8.59 -37.10
C TYR B 1092 -23.58 7.31 -36.71
N GLN B 1093 -23.54 7.03 -35.41
CA GLN B 1093 -24.18 5.83 -34.90
C GLN B 1093 -24.56 6.05 -33.44
N ARG B 1094 -25.85 5.93 -33.19
CA ARG B 1094 -26.45 6.17 -31.87
C ARG B 1094 -25.72 5.34 -30.81
N LEU B 1095 -25.67 5.85 -29.59
CA LEU B 1095 -25.10 5.13 -28.46
C LEU B 1095 -26.07 5.04 -27.29
N ARG B 1096 -25.92 3.99 -26.51
CA ARG B 1096 -26.95 3.62 -25.57
C ARG B 1096 -27.24 4.70 -24.56
N HIS B 1097 -26.24 5.33 -24.00
CA HIS B 1097 -26.45 5.94 -22.70
C HIS B 1097 -27.42 7.09 -22.80
N MET B 1098 -28.69 6.75 -22.70
CA MET B 1098 -29.75 7.70 -22.97
C MET B 1098 -29.95 8.54 -21.72
N VAL B 1099 -30.52 9.72 -21.88
CA VAL B 1099 -30.65 10.59 -20.72
C VAL B 1099 -31.60 10.03 -19.68
N ASP B 1100 -32.44 9.07 -20.04
CA ASP B 1100 -33.29 8.45 -19.02
C ASP B 1100 -32.73 7.13 -18.51
N ASP B 1101 -31.48 6.82 -18.81
CA ASP B 1101 -30.80 5.76 -18.10
C ASP B 1101 -29.76 6.28 -17.12
N LYS B 1102 -29.75 7.58 -16.81
CA LYS B 1102 -28.92 8.10 -15.75
C LYS B 1102 -29.60 9.14 -14.89
N ILE B 1103 -30.55 9.89 -15.42
CA ILE B 1103 -31.19 10.90 -14.59
C ILE B 1103 -31.96 10.23 -13.49
N HIS B 1104 -32.34 11.01 -12.49
CA HIS B 1104 -32.53 10.45 -11.17
C HIS B 1104 -32.91 11.57 -10.22
N ALA B 1105 -33.32 11.21 -9.02
CA ALA B 1105 -33.52 12.19 -7.97
C ALA B 1105 -33.74 11.44 -6.67
N ARG B 1106 -33.89 12.19 -5.59
CA ARG B 1106 -34.38 11.57 -4.38
C ARG B 1106 -34.86 12.62 -3.39
N ALA B 1107 -36.15 12.62 -3.13
CA ALA B 1107 -36.66 13.43 -2.05
C ALA B 1107 -36.22 12.87 -0.71
N ARG B 1108 -36.73 11.68 -0.37
CA ARG B 1108 -36.41 10.91 0.82
C ARG B 1108 -36.58 9.46 0.42
N GLY B 1109 -37.12 8.65 1.30
CA GLY B 1109 -37.71 7.43 0.85
C GLY B 1109 -37.19 6.20 1.55
N PRO B 1110 -36.91 5.17 0.76
CA PRO B 1110 -36.49 3.88 1.30
C PRO B 1110 -35.08 3.97 1.85
N VAL B 1111 -34.88 3.34 2.99
CA VAL B 1111 -33.62 3.37 3.73
C VAL B 1111 -33.17 1.94 3.90
N GLN B 1112 -31.89 1.73 4.15
CA GLN B 1112 -31.54 0.39 4.55
C GLN B 1112 -32.08 0.12 5.93
N VAL B 1113 -32.03 -1.14 6.35
CA VAL B 1113 -32.40 -1.42 7.73
C VAL B 1113 -31.18 -1.47 8.62
N LEU B 1114 -30.05 -1.94 8.08
CA LEU B 1114 -28.87 -2.09 8.93
C LEU B 1114 -28.36 -0.74 9.43
N THR B 1115 -28.64 0.34 8.72
CA THR B 1115 -28.10 1.63 9.11
C THR B 1115 -29.08 2.79 9.05
N ARG B 1116 -30.22 2.64 8.42
CA ARG B 1116 -31.05 3.78 8.02
C ARG B 1116 -30.31 4.72 7.10
N GLN B 1117 -29.15 4.33 6.60
CA GLN B 1117 -28.71 5.33 5.64
C GLN B 1117 -29.36 5.08 4.28
N PRO B 1118 -29.83 6.12 3.61
CA PRO B 1118 -30.57 5.95 2.36
C PRO B 1118 -29.89 5.03 1.35
N VAL B 1119 -30.72 4.31 0.58
CA VAL B 1119 -30.31 3.05 -0.02
C VAL B 1119 -29.50 3.24 -1.29
N GLU B 1120 -29.06 2.13 -1.85
CA GLU B 1120 -28.08 2.12 -2.92
C GLU B 1120 -28.74 1.86 -4.26
N GLY B 1121 -28.34 2.60 -5.28
CA GLY B 1121 -28.78 2.31 -6.62
C GLY B 1121 -29.79 3.29 -7.14
N ARG B 1122 -30.07 3.21 -8.43
CA ARG B 1122 -30.97 4.17 -9.05
C ARG B 1122 -32.41 3.68 -9.03
N SER B 1123 -32.63 2.43 -9.41
CA SER B 1123 -33.99 1.93 -9.59
C SER B 1123 -34.74 1.81 -8.27
N ARG B 1124 -34.21 2.38 -7.18
CA ARG B 1124 -34.81 2.20 -5.87
C ARG B 1124 -35.02 3.52 -5.13
N ASP B 1125 -35.15 4.64 -5.84
CA ASP B 1125 -35.15 5.95 -5.20
C ASP B 1125 -33.95 6.11 -4.30
N GLY B 1126 -32.80 5.65 -4.79
CA GLY B 1126 -31.57 5.74 -4.04
C GLY B 1126 -31.15 7.18 -3.88
N GLY B 1127 -29.98 7.36 -3.28
CA GLY B 1127 -29.44 8.67 -3.02
C GLY B 1127 -27.97 8.71 -3.37
N LEU B 1128 -27.37 9.88 -3.17
CA LEU B 1128 -26.01 10.08 -3.61
C LEU B 1128 -25.02 10.09 -2.46
N ARG B 1129 -23.76 9.85 -2.81
CA ARG B 1129 -22.71 9.64 -1.84
C ARG B 1129 -21.99 10.96 -1.61
N PHE B 1130 -22.10 11.50 -0.42
CA PHE B 1130 -21.32 12.68 -0.06
C PHE B 1130 -19.97 12.13 0.39
N GLY B 1131 -19.18 11.69 -0.59
CA GLY B 1131 -17.99 10.92 -0.31
C GLY B 1131 -16.89 11.74 0.31
N GLU B 1132 -15.92 11.03 0.88
CA GLU B 1132 -14.78 11.66 1.56
C GLU B 1132 -14.36 12.95 0.88
N MET B 1133 -13.93 12.84 -0.36
CA MET B 1133 -13.32 13.99 -0.99
C MET B 1133 -14.24 15.18 -0.99
N GLU B 1134 -15.55 14.94 -0.96
CA GLU B 1134 -16.45 16.05 -0.68
C GLU B 1134 -16.31 16.56 0.73
N ARG B 1135 -16.04 15.68 1.69
CA ARG B 1135 -15.71 16.22 2.99
C ARG B 1135 -14.48 17.12 2.89
N ASP B 1136 -13.49 16.72 2.09
CA ASP B 1136 -12.33 17.58 1.87
C ASP B 1136 -12.75 18.95 1.40
N CYS B 1137 -13.50 18.99 0.31
CA CYS B 1137 -13.91 20.28 -0.20
C CYS B 1137 -14.67 21.08 0.83
N MET B 1138 -15.80 20.56 1.31
CA MET B 1138 -16.63 21.37 2.17
C MET B 1138 -15.95 21.74 3.46
N ILE B 1139 -14.85 21.07 3.77
CA ILE B 1139 -13.95 21.62 4.76
C ILE B 1139 -13.25 22.83 4.22
N ALA B 1140 -12.58 22.70 3.08
CA ALA B 1140 -11.75 23.80 2.60
C ALA B 1140 -12.56 25.07 2.45
N HIS B 1141 -13.77 24.95 1.94
CA HIS B 1141 -14.63 26.12 1.96
C HIS B 1141 -14.95 26.53 3.38
N GLY B 1142 -14.68 25.68 4.34
CA GLY B 1142 -14.88 26.04 5.71
C GLY B 1142 -16.30 26.02 6.18
N ALA B 1143 -17.29 26.19 5.31
CA ALA B 1143 -18.62 26.35 5.85
C ALA B 1143 -19.08 25.04 6.47
N ALA B 1144 -18.94 24.89 7.78
CA ALA B 1144 -19.29 23.64 8.40
C ALA B 1144 -20.75 23.53 8.79
N GLY B 1145 -21.47 24.63 9.01
CA GLY B 1145 -22.89 24.50 9.24
C GLY B 1145 -23.51 23.60 8.19
N PHE B 1146 -23.02 23.72 6.97
CA PHE B 1146 -23.47 22.81 5.94
C PHE B 1146 -22.96 21.40 6.16
N LEU B 1147 -21.69 21.24 6.48
CA LEU B 1147 -21.17 19.89 6.59
C LEU B 1147 -21.87 19.13 7.70
N LYS B 1148 -22.43 19.86 8.67
CA LYS B 1148 -23.33 19.22 9.59
C LYS B 1148 -24.65 18.89 8.94
N GLU B 1149 -25.33 19.88 8.39
CA GLU B 1149 -26.63 19.62 7.80
C GLU B 1149 -26.52 18.71 6.57
N ARG B 1150 -25.37 18.08 6.37
CA ARG B 1150 -25.37 16.90 5.51
C ARG B 1150 -25.36 15.62 6.34
N LEU B 1151 -24.23 15.30 6.96
CA LEU B 1151 -24.01 13.96 7.46
C LEU B 1151 -24.84 13.66 8.71
N MET B 1152 -25.87 14.43 8.96
CA MET B 1152 -26.74 14.29 10.12
C MET B 1152 -28.20 14.30 9.82
N GLU B 1153 -28.61 14.91 8.72
CA GLU B 1153 -30.03 15.14 8.47
C GLU B 1153 -30.49 14.69 7.11
N ALA B 1154 -29.61 14.59 6.13
CA ALA B 1154 -29.94 13.83 4.94
C ALA B 1154 -29.64 12.36 5.14
N SER B 1155 -29.63 11.95 6.39
CA SER B 1155 -29.32 10.60 6.83
C SER B 1155 -30.09 10.33 8.11
N ASP B 1156 -29.57 9.42 8.90
CA ASP B 1156 -30.14 9.01 10.16
C ASP B 1156 -30.06 10.03 11.27
N ALA B 1157 -30.87 11.08 11.21
CA ALA B 1157 -30.99 11.92 12.38
C ALA B 1157 -31.53 11.09 13.51
N PHE B 1158 -30.70 10.84 14.51
CA PHE B 1158 -31.02 9.79 15.47
C PHE B 1158 -30.81 10.33 16.87
N ARG B 1159 -31.44 9.70 17.85
CA ARG B 1159 -31.36 10.16 19.21
C ARG B 1159 -31.04 8.99 20.13
N VAL B 1160 -30.15 9.23 21.09
CA VAL B 1160 -29.78 8.27 22.12
C VAL B 1160 -29.69 9.00 23.45
N HIS B 1161 -29.58 8.25 24.54
CA HIS B 1161 -29.48 8.83 25.87
C HIS B 1161 -28.16 8.43 26.51
N VAL B 1162 -27.77 9.16 27.56
CA VAL B 1162 -26.57 8.81 28.34
C VAL B 1162 -26.78 9.05 29.82
N CYS B 1163 -26.21 8.17 30.62
CA CYS B 1163 -26.06 8.38 32.05
C CYS B 1163 -24.82 9.22 32.29
N GLY B 1164 -25.00 10.35 32.95
CA GLY B 1164 -23.89 11.25 33.06
C GLY B 1164 -22.70 10.72 33.80
N ILE B 1165 -22.82 9.58 34.47
CA ILE B 1165 -21.75 9.13 35.34
C ILE B 1165 -21.01 7.95 34.73
N CYS B 1166 -21.70 6.85 34.48
CA CYS B 1166 -21.03 5.79 33.75
C CYS B 1166 -20.75 6.20 32.32
N GLY B 1167 -21.49 7.18 31.81
CA GLY B 1167 -21.25 7.65 30.48
C GLY B 1167 -21.51 6.64 29.39
N LEU B 1168 -22.67 6.01 29.36
CA LEU B 1168 -22.94 5.09 28.28
C LEU B 1168 -24.31 5.32 27.66
N MET B 1169 -24.55 4.53 26.61
CA MET B 1169 -25.84 4.37 25.94
C MET B 1169 -26.55 3.14 26.47
N SER B 1170 -26.83 3.11 27.76
CA SER B 1170 -27.45 1.96 28.36
C SER B 1170 -28.85 2.22 28.83
N VAL B 1171 -29.22 3.49 28.94
CA VAL B 1171 -30.39 3.87 29.69
C VAL B 1171 -31.60 3.13 29.13
N ILE B 1172 -32.22 2.34 29.97
CA ILE B 1172 -33.59 1.95 29.75
C ILE B 1172 -34.45 3.17 29.98
N ALA B 1173 -35.24 3.55 28.98
CA ALA B 1173 -35.98 4.80 29.03
C ALA B 1173 -37.36 4.61 28.42
N ASN B 1174 -38.39 4.57 29.27
CA ASN B 1174 -39.76 4.70 28.80
C ASN B 1174 -40.12 6.16 28.74
N LEU B 1175 -40.81 6.52 27.69
CA LEU B 1175 -41.24 7.89 27.53
C LEU B 1175 -42.67 8.11 27.97
N LYS B 1176 -43.62 7.28 27.53
CA LYS B 1176 -45.01 7.60 27.85
C LYS B 1176 -45.31 7.48 29.34
N LYS B 1177 -44.46 6.80 30.11
CA LYS B 1177 -44.54 6.88 31.56
C LYS B 1177 -43.43 7.74 32.17
N ASN B 1178 -42.49 8.21 31.34
CA ASN B 1178 -41.46 9.16 31.77
C ASN B 1178 -40.57 8.57 32.86
N GLN B 1179 -39.91 7.46 32.55
CA GLN B 1179 -38.99 6.85 33.50
C GLN B 1179 -37.64 6.69 32.83
N PHE B 1180 -36.62 6.48 33.63
CA PHE B 1180 -35.25 6.35 33.15
C PHE B 1180 -34.46 5.54 34.15
N GLU B 1181 -33.41 4.88 33.69
CA GLU B 1181 -32.63 4.06 34.61
C GLU B 1181 -31.33 3.68 33.94
N CYS B 1182 -30.24 3.77 34.68
CA CYS B 1182 -28.96 3.23 34.25
C CYS B 1182 -28.72 1.94 35.02
N ARG B 1183 -29.25 0.83 34.52
CA ARG B 1183 -29.28 -0.34 35.36
C ARG B 1183 -27.91 -0.95 35.60
N SER B 1184 -26.85 -0.29 35.16
CA SER B 1184 -25.53 -0.67 35.61
C SER B 1184 -25.06 0.13 36.81
N CYS B 1185 -25.72 1.23 37.11
CA CYS B 1185 -25.24 2.15 38.12
C CYS B 1185 -26.32 2.70 39.00
N LYS B 1186 -27.57 2.30 38.83
CA LYS B 1186 -28.65 2.79 39.65
C LYS B 1186 -28.70 4.32 39.64
N ASN B 1187 -28.54 4.88 38.46
CA ASN B 1187 -28.72 6.32 38.28
C ASN B 1187 -30.08 6.58 37.66
N LYS B 1188 -30.77 7.58 38.18
CA LYS B 1188 -32.09 7.94 37.69
C LYS B 1188 -32.29 9.42 37.47
N THR B 1189 -31.26 10.24 37.62
CA THR B 1189 -31.48 11.65 37.36
C THR B 1189 -30.49 12.19 36.35
N ASN B 1190 -29.22 11.87 36.55
CA ASN B 1190 -28.16 12.44 35.74
C ASN B 1190 -28.14 11.75 34.38
N ILE B 1191 -29.04 12.19 33.52
CA ILE B 1191 -29.24 11.58 32.22
C ILE B 1191 -29.49 12.67 31.19
N TYR B 1192 -28.99 12.49 29.98
CA TYR B 1192 -29.16 13.47 28.94
C TYR B 1192 -29.54 12.78 27.65
N GLN B 1193 -29.98 13.57 26.67
CA GLN B 1193 -30.12 13.03 25.32
C GLN B 1193 -29.11 13.69 24.39
N LEU B 1194 -28.56 12.90 23.50
CA LEU B 1194 -27.66 13.38 22.47
C LEU B 1194 -28.39 13.44 21.15
N HIS B 1195 -27.62 13.74 20.10
CA HIS B 1195 -28.06 13.71 18.71
C HIS B 1195 -26.88 13.21 17.90
N ILE B 1196 -26.87 11.93 17.56
CA ILE B 1196 -25.71 11.43 16.83
C ILE B 1196 -26.21 10.64 15.63
N PRO B 1197 -25.35 10.43 14.66
CA PRO B 1197 -25.75 9.71 13.47
C PRO B 1197 -25.92 8.23 13.75
N TYR B 1198 -27.13 7.73 13.53
CA TYR B 1198 -27.43 6.33 13.86
C TYR B 1198 -26.39 5.39 13.32
N ALA B 1199 -25.63 5.82 12.32
CA ALA B 1199 -24.45 5.04 11.98
C ALA B 1199 -23.40 5.10 13.08
N ALA B 1200 -23.28 6.23 13.75
CA ALA B 1200 -22.35 6.29 14.87
C ALA B 1200 -22.79 5.35 15.98
N LYS B 1201 -24.07 5.35 16.31
CA LYS B 1201 -24.50 4.50 17.39
C LYS B 1201 -24.31 3.04 17.02
N LEU B 1202 -24.53 2.69 15.75
CA LEU B 1202 -24.20 1.35 15.31
C LEU B 1202 -22.74 1.04 15.58
N LEU B 1203 -21.87 1.98 15.25
CA LEU B 1203 -20.46 1.75 15.51
C LEU B 1203 -20.23 1.45 16.98
N PHE B 1204 -20.77 2.29 17.85
CA PHE B 1204 -20.52 2.10 19.26
C PHE B 1204 -20.94 0.72 19.72
N GLN B 1205 -22.08 0.23 19.23
CA GLN B 1205 -22.51 -1.08 19.65
C GLN B 1205 -21.61 -2.18 19.11
N GLU B 1206 -21.18 -2.09 17.86
CA GLU B 1206 -20.27 -3.13 17.38
C GLU B 1206 -19.03 -3.17 18.26
N LEU B 1207 -18.56 -2.00 18.68
CA LEU B 1207 -17.48 -1.95 19.64
C LEU B 1207 -17.84 -2.68 20.92
N MET B 1208 -18.88 -2.24 21.62
CA MET B 1208 -19.20 -2.86 22.88
C MET B 1208 -19.43 -4.35 22.73
N ALA B 1209 -19.55 -4.83 21.52
CA ALA B 1209 -19.48 -6.27 21.35
C ALA B 1209 -18.06 -6.76 21.18
N MET B 1210 -17.09 -5.89 20.92
CA MET B 1210 -15.71 -6.35 20.93
C MET B 1210 -14.96 -6.04 22.23
N ASN B 1211 -15.66 -5.65 23.29
CA ASN B 1211 -15.02 -5.24 24.55
C ASN B 1211 -14.10 -4.05 24.35
N ILE B 1212 -14.70 -2.93 24.02
CA ILE B 1212 -14.12 -1.60 24.14
C ILE B 1212 -15.28 -0.73 24.59
N ALA B 1213 -15.00 0.24 25.46
CA ALA B 1213 -16.09 0.93 26.14
C ALA B 1213 -16.10 2.40 25.79
N PRO B 1214 -16.65 2.78 24.64
CA PRO B 1214 -16.59 4.20 24.29
C PRO B 1214 -17.51 4.98 25.20
N ARG B 1215 -16.95 5.56 26.23
CA ARG B 1215 -17.72 6.39 27.12
C ARG B 1215 -17.83 7.76 26.48
N LEU B 1216 -19.04 8.25 26.35
CA LEU B 1216 -19.30 9.60 25.88
C LEU B 1216 -19.55 10.44 27.12
N TYR B 1217 -18.59 11.27 27.47
CA TYR B 1217 -18.82 12.24 28.52
C TYR B 1217 -19.24 13.54 27.88
N THR B 1218 -20.11 14.27 28.57
CA THR B 1218 -20.60 15.52 28.01
C THR B 1218 -19.89 16.74 28.57
N GLU B 1219 -19.01 16.58 29.53
CA GLU B 1219 -18.38 17.75 30.14
C GLU B 1219 -16.87 17.66 30.09
N ARG B 1220 -16.24 18.81 29.92
CA ARG B 1220 -14.79 18.85 29.87
C ARG B 1220 -14.19 18.81 31.27
N SER B 1221 -13.27 17.88 31.47
CA SER B 1221 -12.48 17.85 32.69
C SER B 1221 -10.98 17.79 32.42
N GLY B 1222 -10.56 17.12 31.37
CA GLY B 1222 -9.16 17.03 31.01
C GLY B 1222 -8.30 16.42 32.11
N GLU C 4 -43.21 48.96 -55.98
CA GLU C 4 -41.80 48.85 -56.28
C GLU C 4 -41.31 47.41 -56.47
N PRO C 5 -41.56 46.54 -55.51
CA PRO C 5 -41.04 45.17 -55.61
C PRO C 5 -41.53 44.51 -56.87
N LYS C 6 -40.76 43.57 -57.39
CA LYS C 6 -41.10 42.97 -58.66
C LYS C 6 -40.86 41.47 -58.62
N VAL C 7 -41.36 40.78 -59.60
CA VAL C 7 -41.29 39.33 -59.62
C VAL C 7 -40.94 38.86 -61.01
N ASN C 8 -40.25 37.75 -61.08
CA ASN C 8 -39.92 37.21 -62.36
C ASN C 8 -39.73 35.70 -62.21
N ILE C 9 -40.80 34.95 -62.43
CA ILE C 9 -40.69 33.52 -62.67
C ILE C 9 -39.64 33.29 -63.75
N ILE C 10 -39.05 32.12 -63.78
CA ILE C 10 -38.19 31.74 -64.87
C ILE C 10 -38.54 30.36 -65.41
N ASN C 11 -38.44 29.34 -64.59
CA ASN C 11 -38.95 28.02 -64.96
C ASN C 11 -39.97 27.59 -63.93
N ALA C 12 -41.07 27.05 -64.41
CA ALA C 12 -42.21 26.82 -63.54
C ALA C 12 -42.90 25.54 -63.94
N GLN C 13 -43.42 24.86 -62.94
CA GLN C 13 -44.34 23.75 -63.11
C GLN C 13 -45.18 23.75 -61.84
N ASP C 14 -45.77 22.63 -61.48
CA ASP C 14 -46.58 22.67 -60.28
C ASP C 14 -45.79 22.47 -59.01
N ASP C 15 -44.58 21.92 -59.10
CA ASP C 15 -43.83 21.66 -57.88
C ASP C 15 -42.67 22.63 -57.67
N GLU C 16 -41.92 22.98 -58.72
CA GLU C 16 -40.78 23.86 -58.51
C GLU C 16 -40.99 25.11 -59.32
N VAL C 17 -40.57 26.24 -58.76
CA VAL C 17 -40.90 27.55 -59.32
C VAL C 17 -39.71 28.47 -59.12
N GLU C 18 -38.82 28.48 -60.08
CA GLU C 18 -37.53 29.15 -59.95
C GLU C 18 -37.74 30.62 -60.26
N LEU C 19 -38.09 31.40 -59.25
CA LEU C 19 -38.44 32.78 -59.47
C LEU C 19 -37.27 33.66 -59.10
N MET C 20 -37.36 34.94 -59.43
CA MET C 20 -36.29 35.91 -59.20
C MET C 20 -36.88 37.15 -58.56
N LEU C 21 -37.18 37.04 -57.28
CA LEU C 21 -37.70 38.18 -56.56
C LEU C 21 -36.62 39.22 -56.50
N SER C 22 -36.89 40.40 -57.02
CA SER C 22 -35.88 41.42 -57.07
C SER C 22 -36.37 42.72 -56.45
N ASP C 23 -35.42 43.52 -56.01
CA ASP C 23 -35.67 44.89 -55.59
C ASP C 23 -36.48 44.94 -54.30
N VAL C 24 -36.17 44.00 -53.42
CA VAL C 24 -36.63 44.02 -52.04
C VAL C 24 -35.45 43.68 -51.15
N ASN C 25 -35.67 43.91 -49.86
CA ASN C 25 -34.63 43.82 -48.87
C ASN C 25 -34.06 42.42 -48.80
N LEU C 26 -33.14 42.22 -47.86
CA LEU C 26 -32.71 40.87 -47.56
C LEU C 26 -33.60 40.21 -46.52
N SER C 27 -33.91 40.95 -45.46
CA SER C 27 -34.76 40.34 -44.44
C SER C 27 -36.09 39.94 -45.01
N LEU C 28 -36.57 40.65 -46.02
CA LEU C 28 -37.89 40.29 -46.51
C LEU C 28 -37.86 38.96 -47.22
N ALA C 29 -36.86 38.73 -48.05
CA ALA C 29 -36.75 37.41 -48.64
C ALA C 29 -36.55 36.36 -47.57
N ASN C 30 -35.84 36.69 -46.50
CA ASN C 30 -35.62 35.65 -45.51
C ASN C 30 -36.89 35.33 -44.75
N SER C 31 -37.63 36.34 -44.31
CA SER C 31 -38.93 36.11 -43.70
C SER C 31 -39.79 35.26 -44.61
N LEU C 32 -39.81 35.57 -45.88
CA LEU C 32 -40.61 34.77 -46.80
C LEU C 32 -40.15 33.32 -46.78
N ARG C 33 -38.84 33.10 -46.76
CA ARG C 33 -38.38 31.72 -46.79
C ARG C 33 -38.82 30.98 -45.55
N ARG C 34 -38.62 31.58 -44.38
CA ARG C 34 -39.06 30.90 -43.17
C ARG C 34 -40.56 30.67 -43.17
N THR C 35 -41.33 31.54 -43.79
CA THR C 35 -42.76 31.31 -43.81
C THR C 35 -43.10 30.13 -44.70
N MET C 36 -42.54 30.09 -45.90
CA MET C 36 -42.83 28.94 -46.73
C MET C 36 -42.33 27.64 -46.13
N LEU C 37 -41.43 27.68 -45.17
CA LEU C 37 -41.16 26.38 -44.59
C LEU C 37 -41.87 26.10 -43.29
N ALA C 38 -42.23 27.10 -42.52
CA ALA C 38 -42.89 26.82 -41.26
C ALA C 38 -44.40 26.99 -41.32
N GLU C 39 -44.88 28.21 -41.51
CA GLU C 39 -46.22 28.54 -41.03
C GLU C 39 -47.27 28.53 -42.12
N VAL C 40 -47.22 27.58 -43.05
CA VAL C 40 -48.25 27.44 -44.08
C VAL C 40 -49.08 26.20 -43.75
N PRO C 41 -50.31 26.34 -43.25
CA PRO C 41 -51.01 25.20 -42.69
C PRO C 41 -51.32 24.13 -43.72
N THR C 42 -51.11 22.88 -43.34
CA THR C 42 -51.66 21.77 -44.11
C THR C 42 -52.40 20.79 -43.21
N LEU C 43 -52.63 19.60 -43.76
CA LEU C 43 -53.61 18.67 -43.24
C LEU C 43 -53.01 17.29 -43.28
N ALA C 44 -52.82 16.68 -42.12
CA ALA C 44 -52.09 15.44 -42.11
C ALA C 44 -52.59 14.57 -40.98
N ILE C 45 -52.15 13.32 -40.99
CA ILE C 45 -52.61 12.28 -40.08
C ILE C 45 -52.08 12.58 -38.68
N ASP C 46 -52.98 12.59 -37.71
CA ASP C 46 -52.65 13.02 -36.36
C ASP C 46 -53.02 12.03 -35.27
N LEU C 47 -54.04 11.19 -35.45
CA LEU C 47 -54.38 10.18 -34.46
C LEU C 47 -54.67 8.86 -35.13
N VAL C 48 -53.66 8.05 -35.34
CA VAL C 48 -53.87 6.68 -35.73
C VAL C 48 -54.65 6.02 -34.61
N GLU C 49 -55.59 5.14 -34.96
CA GLU C 49 -56.29 4.32 -33.99
C GLU C 49 -56.37 2.90 -34.53
N ILE C 50 -55.33 2.12 -34.25
CA ILE C 50 -55.26 0.77 -34.79
C ILE C 50 -56.40 -0.06 -34.22
N LYS C 51 -57.06 -0.81 -35.10
CA LYS C 51 -58.01 -1.81 -34.65
C LYS C 51 -57.45 -3.21 -34.81
N MET C 52 -56.61 -3.44 -35.81
CA MET C 52 -56.05 -4.78 -35.89
C MET C 52 -54.74 -4.77 -36.65
N ASN C 53 -53.74 -5.38 -36.05
CA ASN C 53 -52.45 -5.57 -36.69
C ASN C 53 -52.00 -7.00 -36.55
N THR C 54 -51.52 -7.53 -37.66
CA THR C 54 -50.90 -8.84 -37.72
C THR C 54 -49.73 -8.79 -38.67
N SER C 55 -49.14 -7.60 -38.82
CA SER C 55 -48.04 -7.41 -39.72
C SER C 55 -46.80 -8.09 -39.18
N VAL C 56 -45.63 -7.65 -39.66
CA VAL C 56 -44.40 -7.85 -38.90
C VAL C 56 -43.89 -6.56 -38.30
N LEU C 57 -44.47 -5.43 -38.66
CA LEU C 57 -44.00 -4.13 -38.21
C LEU C 57 -44.72 -3.75 -36.94
N ALA C 58 -44.06 -2.96 -36.13
CA ALA C 58 -44.66 -2.45 -34.91
C ALA C 58 -45.86 -1.59 -35.25
N ASP C 59 -46.54 -1.09 -34.22
CA ASP C 59 -47.78 -0.35 -34.39
C ASP C 59 -47.52 1.14 -34.59
N GLU C 60 -47.01 1.78 -33.53
CA GLU C 60 -46.57 3.17 -33.59
C GLU C 60 -45.71 3.44 -34.80
N PHE C 61 -45.06 2.42 -35.36
CA PHE C 61 -44.28 2.58 -36.57
C PHE C 61 -45.15 2.99 -37.74
N ILE C 62 -46.16 2.16 -38.04
CA ILE C 62 -47.03 2.50 -39.14
C ILE C 62 -47.81 3.74 -38.78
N SER C 63 -48.07 3.95 -37.50
CA SER C 63 -48.56 5.27 -37.09
C SER C 63 -47.65 6.36 -37.59
N HIS C 64 -46.37 6.22 -37.31
CA HIS C 64 -45.39 7.21 -37.71
C HIS C 64 -45.43 7.49 -39.20
N ARG C 65 -45.33 6.45 -40.01
CA ARG C 65 -45.31 6.72 -41.45
C ARG C 65 -46.60 7.37 -41.92
N LEU C 66 -47.74 6.78 -41.60
CA LEU C 66 -48.99 7.43 -42.01
C LEU C 66 -49.05 8.86 -41.53
N GLY C 67 -48.39 9.16 -40.42
CA GLY C 67 -48.42 10.52 -39.91
C GLY C 67 -47.74 11.51 -40.83
N LEU C 68 -47.02 11.04 -41.83
CA LEU C 68 -46.31 11.98 -42.67
C LEU C 68 -46.96 12.21 -44.01
N ILE C 69 -47.74 11.26 -44.49
CA ILE C 69 -48.14 11.18 -45.89
C ILE C 69 -48.61 12.52 -46.44
N PRO C 70 -48.22 12.89 -47.66
CA PRO C 70 -48.73 14.13 -48.25
C PRO C 70 -50.21 13.99 -48.55
N LEU C 71 -50.98 15.00 -48.18
CA LEU C 71 -52.41 14.99 -48.39
C LEU C 71 -52.86 16.19 -49.20
N VAL C 72 -53.67 15.92 -50.22
CA VAL C 72 -54.14 16.98 -51.10
C VAL C 72 -54.89 17.98 -50.24
N SER C 73 -54.28 19.12 -50.00
CA SER C 73 -54.75 20.01 -48.97
C SER C 73 -55.11 21.35 -49.54
N GLU C 74 -55.49 21.37 -50.80
CA GLU C 74 -55.72 22.62 -51.52
C GLU C 74 -56.75 23.48 -50.82
N ASP C 75 -57.70 22.89 -50.10
CA ASP C 75 -58.80 23.61 -49.50
C ASP C 75 -58.65 23.71 -48.01
N VAL C 76 -57.48 23.35 -47.50
CA VAL C 76 -57.31 23.14 -46.07
C VAL C 76 -57.59 24.40 -45.27
N GLU C 77 -57.48 25.57 -45.89
CA GLU C 77 -57.58 26.83 -45.16
C GLU C 77 -59.01 27.29 -44.93
N GLU C 78 -59.98 26.38 -44.96
CA GLU C 78 -61.35 26.69 -44.58
C GLU C 78 -61.86 25.74 -43.50
N MET C 79 -60.98 25.26 -42.64
CA MET C 79 -61.23 24.13 -41.76
C MET C 79 -60.59 24.41 -40.41
N LYS C 80 -61.41 24.67 -39.40
CA LYS C 80 -60.92 25.29 -38.17
C LYS C 80 -59.85 24.43 -37.50
N TYR C 81 -59.08 25.06 -36.62
CA TYR C 81 -57.98 24.40 -35.93
C TYR C 81 -58.45 23.33 -34.97
N SER C 82 -57.59 22.32 -34.78
CA SER C 82 -57.95 21.16 -34.00
C SER C 82 -58.26 21.52 -32.56
N ARG C 83 -57.54 22.49 -32.01
CA ARG C 83 -57.71 22.81 -30.61
C ARG C 83 -58.80 23.84 -30.38
N ASP C 84 -59.46 24.31 -31.42
CA ASP C 84 -60.38 25.43 -31.26
C ASP C 84 -61.71 25.20 -31.96
N CYS C 85 -62.05 23.94 -32.24
CA CYS C 85 -63.35 23.62 -32.83
C CYS C 85 -64.40 23.54 -31.73
N THR C 86 -65.57 24.15 -31.97
CA THR C 86 -66.58 24.31 -30.93
C THR C 86 -67.17 22.99 -30.49
N CYS C 87 -66.67 21.87 -31.00
CA CYS C 87 -67.17 20.55 -30.63
C CYS C 87 -66.15 19.88 -29.72
N GLU C 88 -66.48 18.66 -29.30
CA GLU C 88 -65.53 17.84 -28.59
C GLU C 88 -64.60 17.13 -29.58
N ASP C 89 -63.85 16.15 -29.05
CA ASP C 89 -62.90 15.39 -29.85
C ASP C 89 -63.54 14.86 -31.13
N TYR C 90 -62.72 14.56 -32.12
CA TYR C 90 -63.05 14.70 -33.53
C TYR C 90 -64.50 14.48 -33.91
N CYS C 91 -65.06 15.46 -34.62
CA CYS C 91 -66.26 15.28 -35.42
C CYS C 91 -65.82 15.49 -36.87
N ASP C 92 -66.76 15.57 -37.79
CA ASP C 92 -66.37 15.71 -39.19
C ASP C 92 -66.29 17.17 -39.63
N GLU C 93 -66.21 18.09 -38.68
CA GLU C 93 -66.01 19.49 -39.02
C GLU C 93 -64.53 19.84 -39.12
N CYS C 94 -63.71 19.42 -38.15
CA CYS C 94 -62.29 19.71 -38.09
C CYS C 94 -61.46 18.45 -38.20
N SER C 95 -61.86 17.54 -39.06
CA SER C 95 -61.15 16.30 -39.25
C SER C 95 -61.64 15.63 -40.50
N VAL C 96 -60.75 14.93 -41.17
CA VAL C 96 -61.14 14.05 -42.24
C VAL C 96 -60.60 12.68 -41.88
N VAL C 97 -61.48 11.68 -41.92
CA VAL C 97 -61.18 10.36 -41.39
C VAL C 97 -60.86 9.44 -42.56
N LEU C 98 -59.81 8.64 -42.42
CA LEU C 98 -59.35 7.79 -43.50
C LEU C 98 -59.16 6.38 -42.96
N GLU C 99 -59.83 5.39 -43.54
CA GLU C 99 -59.67 4.02 -43.09
C GLU C 99 -59.01 3.17 -44.14
N LEU C 100 -58.02 2.40 -43.73
CA LEU C 100 -57.35 1.45 -44.60
C LEU C 100 -57.38 0.10 -43.94
N SER C 101 -57.51 -0.95 -44.74
CA SER C 101 -57.51 -2.30 -44.18
C SER C 101 -57.30 -3.30 -45.31
N ALA C 102 -56.05 -3.72 -45.50
CA ALA C 102 -55.79 -4.78 -46.45
C ALA C 102 -55.43 -6.06 -45.73
N ARG C 103 -55.45 -7.16 -46.46
CA ARG C 103 -55.25 -8.45 -45.84
C ARG C 103 -54.75 -9.42 -46.88
N HIS C 104 -53.47 -9.77 -46.82
CA HIS C 104 -52.92 -10.66 -47.83
C HIS C 104 -53.53 -12.03 -47.61
N GLU C 105 -54.78 -12.15 -48.00
CA GLU C 105 -55.52 -13.39 -47.86
C GLU C 105 -55.11 -14.33 -48.98
N GLY C 106 -55.00 -15.61 -48.65
CA GLY C 106 -54.39 -16.53 -49.56
C GLY C 106 -52.98 -16.78 -49.08
N GLU C 107 -52.61 -18.04 -48.93
CA GLU C 107 -51.42 -18.41 -48.19
C GLU C 107 -50.19 -18.51 -49.08
N GLU C 108 -50.01 -17.57 -50.02
CA GLU C 108 -48.77 -17.47 -50.77
C GLU C 108 -48.67 -16.10 -51.41
N GLY C 109 -47.54 -15.44 -51.21
CA GLY C 109 -47.21 -14.20 -51.88
C GLY C 109 -47.11 -13.03 -50.92
N THR C 110 -46.77 -11.88 -51.48
CA THR C 110 -46.54 -10.66 -50.73
C THR C 110 -47.53 -9.61 -51.19
N THR C 111 -47.93 -8.72 -50.28
CA THR C 111 -48.84 -7.62 -50.61
C THR C 111 -48.20 -6.31 -50.16
N ASP C 112 -48.02 -5.40 -51.11
CA ASP C 112 -47.48 -4.07 -50.84
C ASP C 112 -48.62 -3.16 -50.46
N VAL C 113 -48.78 -2.90 -49.17
CA VAL C 113 -49.89 -2.03 -48.82
C VAL C 113 -49.48 -0.60 -49.11
N TYR C 114 -49.81 -0.10 -50.29
CA TYR C 114 -49.36 1.23 -50.66
C TYR C 114 -50.16 2.30 -49.95
N SER C 115 -50.02 3.52 -50.45
CA SER C 115 -50.84 4.59 -49.93
C SER C 115 -52.07 4.78 -50.78
N SER C 116 -51.99 4.46 -52.07
CA SER C 116 -53.17 4.57 -52.92
C SER C 116 -54.35 3.84 -52.35
N SER C 117 -54.10 2.78 -51.57
CA SER C 117 -55.17 2.02 -50.96
C SER C 117 -55.92 2.77 -49.90
N LEU C 118 -55.38 3.89 -49.40
CA LEU C 118 -56.14 4.68 -48.47
C LEU C 118 -57.39 5.22 -49.11
N ILE C 119 -58.53 4.88 -48.56
CA ILE C 119 -59.81 5.32 -49.04
C ILE C 119 -60.35 6.34 -48.05
N LYS C 120 -60.61 7.55 -48.52
CA LYS C 120 -61.34 8.49 -47.67
C LYS C 120 -62.68 7.89 -47.34
N VAL C 121 -62.99 7.80 -46.05
CA VAL C 121 -64.32 7.42 -45.64
C VAL C 121 -65.26 8.63 -45.66
N SER C 122 -64.92 9.66 -44.91
CA SER C 122 -65.79 10.81 -44.79
C SER C 122 -64.91 12.04 -44.68
N GLY C 123 -65.53 13.20 -44.52
CA GLY C 123 -64.82 14.46 -44.45
C GLY C 123 -65.70 15.62 -44.86
N PRO C 124 -65.51 16.80 -44.26
CA PRO C 124 -66.41 17.91 -44.59
C PRO C 124 -66.19 18.35 -46.04
N GLY C 125 -66.87 17.63 -46.93
CA GLY C 125 -66.74 17.86 -48.36
C GLY C 125 -67.62 18.97 -48.88
N ASN C 126 -67.54 19.15 -50.19
CA ASN C 126 -66.67 18.33 -51.01
C ASN C 126 -65.37 19.06 -51.28
N LEU C 127 -64.94 19.82 -50.28
CA LEU C 127 -63.62 20.44 -50.30
C LEU C 127 -62.61 19.36 -50.64
N ASN C 128 -61.90 19.52 -51.76
CA ASN C 128 -61.06 18.45 -52.26
C ASN C 128 -59.87 18.26 -51.32
N VAL C 129 -60.16 17.66 -50.17
CA VAL C 129 -59.16 17.52 -49.11
C VAL C 129 -58.93 16.05 -48.86
N GLY C 130 -58.01 15.78 -47.95
CA GLY C 130 -57.88 14.50 -47.31
C GLY C 130 -57.36 13.38 -48.17
N GLU C 131 -57.52 13.44 -49.47
CA GLU C 131 -57.06 12.34 -50.28
C GLU C 131 -55.55 12.20 -50.12
N PRO C 132 -54.99 11.03 -50.36
CA PRO C 132 -53.54 10.96 -50.55
C PRO C 132 -53.20 11.63 -51.85
N VAL C 133 -51.93 11.99 -51.99
CA VAL C 133 -51.50 12.72 -53.16
C VAL C 133 -50.85 11.77 -54.17
N ARG C 134 -51.09 12.04 -55.45
CA ARG C 134 -50.67 11.15 -56.53
C ARG C 134 -49.77 11.90 -57.48
N ARG C 135 -48.62 11.31 -57.82
CA ARG C 135 -47.80 11.87 -58.89
C ARG C 135 -48.63 11.84 -60.15
N ASP C 136 -48.84 10.63 -60.62
CA ASP C 136 -49.62 10.36 -61.80
C ASP C 136 -50.93 9.79 -61.32
N ASP C 137 -51.79 9.34 -62.23
CA ASP C 137 -52.99 8.67 -61.75
C ASP C 137 -52.84 7.16 -61.71
N TYR C 138 -51.77 6.64 -62.30
CA TYR C 138 -51.31 5.27 -62.09
C TYR C 138 -50.17 5.22 -61.08
N ASP C 139 -50.27 6.05 -60.05
CA ASP C 139 -49.17 6.28 -59.13
C ASP C 139 -49.52 5.57 -57.81
N GLN C 140 -48.92 4.41 -57.60
CA GLN C 140 -49.22 3.62 -56.41
C GLN C 140 -48.93 4.42 -55.16
N GLY C 141 -47.69 4.88 -55.01
CA GLY C 141 -47.38 5.83 -53.96
C GLY C 141 -46.49 5.30 -52.86
N ILE C 142 -46.73 5.78 -51.63
CA ILE C 142 -45.90 5.43 -50.50
C ILE C 142 -45.98 3.93 -50.26
N LEU C 143 -44.95 3.36 -49.60
CA LEU C 143 -44.84 1.92 -49.39
C LEU C 143 -45.00 1.59 -47.91
N LEU C 144 -46.23 1.65 -47.43
CA LEU C 144 -46.53 1.65 -45.99
C LEU C 144 -46.16 0.35 -45.28
N CYS C 145 -46.10 -0.76 -45.99
CA CYS C 145 -45.92 -2.04 -45.32
C CYS C 145 -45.88 -3.15 -46.34
N LYS C 146 -45.28 -4.26 -45.93
CA LYS C 146 -45.38 -5.49 -46.68
C LYS C 146 -46.09 -6.53 -45.83
N LEU C 147 -46.96 -7.33 -46.44
CA LEU C 147 -47.63 -8.40 -45.74
C LEU C 147 -47.39 -9.73 -46.42
N ARG C 148 -47.49 -10.77 -45.63
CA ARG C 148 -47.54 -12.16 -46.06
C ARG C 148 -48.78 -12.84 -45.48
N ASN C 149 -48.84 -14.15 -45.65
CA ASN C 149 -49.96 -14.99 -45.26
C ASN C 149 -50.60 -14.58 -43.94
N HIS C 150 -51.92 -14.39 -43.97
CA HIS C 150 -52.77 -14.12 -42.81
C HIS C 150 -52.42 -12.83 -42.09
N GLN C 151 -51.49 -12.06 -42.61
CA GLN C 151 -51.06 -10.87 -41.89
C GLN C 151 -52.04 -9.75 -42.20
N GLU C 152 -53.16 -9.75 -41.48
CA GLU C 152 -54.16 -8.72 -41.67
C GLU C 152 -53.69 -7.40 -41.08
N LEU C 153 -54.09 -6.30 -41.70
CA LEU C 153 -53.85 -4.95 -41.18
C LEU C 153 -55.12 -4.13 -41.37
N ASN C 154 -55.52 -3.39 -40.34
CA ASN C 154 -56.78 -2.64 -40.35
C ASN C 154 -56.65 -1.47 -39.40
N ILE C 155 -56.78 -0.26 -39.93
CA ILE C 155 -56.39 0.96 -39.25
C ILE C 155 -57.33 2.09 -39.66
N ARG C 156 -57.53 2.99 -38.71
CA ARG C 156 -58.39 4.15 -38.91
C ARG C 156 -57.56 5.37 -38.59
N CYS C 157 -57.81 6.48 -39.26
CA CYS C 157 -56.99 7.66 -39.09
C CYS C 157 -57.83 8.92 -39.00
N ILE C 158 -57.49 9.75 -38.04
CA ILE C 158 -57.89 11.14 -38.03
C ILE C 158 -56.87 11.92 -38.82
N ALA C 159 -57.30 13.04 -39.40
CA ALA C 159 -56.39 13.98 -40.05
C ALA C 159 -56.79 15.38 -39.66
N LYS C 160 -55.83 16.17 -39.19
CA LYS C 160 -56.11 17.49 -38.67
C LYS C 160 -55.23 18.52 -39.36
N LYS C 161 -55.43 19.77 -38.99
CA LYS C 161 -54.82 20.89 -39.66
C LYS C 161 -53.83 21.58 -38.75
N GLY C 162 -52.56 21.51 -39.10
CA GLY C 162 -51.50 22.00 -38.24
C GLY C 162 -50.43 22.74 -39.03
N ILE C 163 -49.54 23.38 -38.29
CA ILE C 163 -48.50 24.21 -38.89
C ILE C 163 -47.22 23.42 -38.84
N ALA C 164 -46.08 24.02 -39.17
CA ALA C 164 -44.87 23.23 -39.04
C ALA C 164 -44.22 23.32 -37.67
N LYS C 165 -44.42 24.40 -36.93
CA LYS C 165 -43.90 24.44 -35.56
C LYS C 165 -44.38 23.25 -34.75
N GLU C 166 -45.52 22.70 -35.12
CA GLU C 166 -46.00 21.51 -34.43
C GLU C 166 -45.08 20.35 -34.72
N HIS C 167 -44.70 20.18 -35.98
CA HIS C 167 -43.97 18.97 -36.28
C HIS C 167 -43.47 19.10 -37.69
N ALA C 168 -42.74 18.09 -38.14
CA ALA C 168 -42.24 18.09 -39.51
C ALA C 168 -43.20 17.44 -40.48
N LYS C 169 -44.47 17.36 -40.13
CA LYS C 169 -45.38 16.73 -41.07
C LYS C 169 -46.32 17.73 -41.71
N TRP C 170 -46.63 18.83 -41.03
CA TRP C 170 -47.30 19.89 -41.76
C TRP C 170 -46.29 20.77 -42.46
N SER C 171 -45.20 20.17 -42.92
CA SER C 171 -44.19 20.87 -43.70
C SER C 171 -44.61 20.95 -45.16
N PRO C 172 -45.33 21.97 -45.57
CA PRO C 172 -45.89 21.94 -46.91
C PRO C 172 -44.84 21.84 -47.98
N CYS C 173 -43.77 22.60 -47.86
CA CYS C 173 -42.78 22.71 -48.91
C CYS C 173 -41.52 22.03 -48.46
N SER C 174 -40.75 21.50 -49.39
CA SER C 174 -39.67 20.65 -48.96
C SER C 174 -38.40 21.44 -48.76
N ALA C 175 -37.81 21.94 -49.83
CA ALA C 175 -36.41 22.33 -49.74
C ALA C 175 -36.18 23.62 -50.52
N ILE C 176 -36.23 24.74 -49.83
CA ILE C 176 -36.14 26.05 -50.44
C ILE C 176 -34.70 26.33 -50.78
N ALA C 177 -34.41 26.57 -52.05
CA ALA C 177 -33.12 27.05 -52.47
C ALA C 177 -33.01 28.56 -52.23
N PHE C 178 -31.85 29.12 -52.52
CA PHE C 178 -31.66 30.54 -52.27
C PHE C 178 -30.28 30.95 -52.75
N GLU C 179 -30.14 32.12 -53.37
CA GLU C 179 -28.83 32.80 -53.44
C GLU C 179 -28.95 34.12 -54.16
N TYR C 180 -28.11 35.08 -53.76
CA TYR C 180 -28.14 36.42 -54.31
C TYR C 180 -26.75 36.98 -54.38
N ASP C 181 -26.48 37.79 -55.40
CA ASP C 181 -25.15 38.32 -55.63
C ASP C 181 -24.17 37.17 -55.80
N PRO C 182 -24.33 36.36 -56.83
CA PRO C 182 -23.40 35.26 -57.05
C PRO C 182 -21.98 35.69 -57.30
N HIS C 183 -21.73 36.93 -57.67
CA HIS C 183 -20.36 37.39 -57.84
C HIS C 183 -19.86 38.25 -56.70
N ASN C 184 -20.29 37.99 -55.48
CA ASN C 184 -19.59 38.54 -54.33
C ASN C 184 -19.57 40.06 -54.35
N LYS C 185 -20.29 40.65 -55.30
CA LYS C 185 -20.05 42.05 -55.58
C LYS C 185 -20.42 42.94 -54.43
N LEU C 186 -20.73 42.36 -53.29
CA LEU C 186 -20.85 43.09 -52.06
C LEU C 186 -19.74 42.79 -51.09
N LYS C 187 -18.87 41.82 -51.42
CA LYS C 187 -17.86 41.37 -50.49
C LYS C 187 -18.50 40.98 -49.17
N HIS C 188 -19.67 40.36 -49.24
CA HIS C 188 -20.25 39.78 -48.04
C HIS C 188 -19.56 38.49 -47.66
N THR C 189 -18.92 37.84 -48.59
CA THR C 189 -18.22 36.62 -48.27
C THR C 189 -16.73 36.88 -48.22
N ASP C 190 -15.96 35.82 -48.10
CA ASP C 190 -14.52 35.95 -48.06
C ASP C 190 -13.90 34.63 -48.48
N PHE C 191 -13.79 34.41 -49.78
CA PHE C 191 -13.51 33.06 -50.26
C PHE C 191 -12.19 32.56 -49.70
N TRP C 192 -12.24 31.36 -49.12
CA TRP C 192 -11.03 30.62 -48.84
C TRP C 192 -10.36 30.29 -50.14
N PHE C 193 -9.05 30.18 -50.12
CA PHE C 193 -8.33 29.92 -51.36
C PHE C 193 -6.92 29.58 -51.00
N GLU C 194 -6.27 28.81 -51.86
CA GLU C 194 -4.85 28.57 -51.67
C GLU C 194 -4.04 29.31 -52.72
N VAL C 195 -4.36 29.08 -53.99
CA VAL C 195 -3.58 29.57 -55.10
C VAL C 195 -4.22 30.82 -55.70
N ASP C 196 -5.54 30.81 -55.85
CA ASP C 196 -6.25 31.97 -56.37
C ASP C 196 -7.73 31.81 -56.03
N ALA C 197 -8.40 32.91 -55.80
CA ALA C 197 -9.84 32.81 -55.56
C ALA C 197 -10.59 32.38 -56.81
N LYS C 198 -10.52 33.17 -57.87
CA LYS C 198 -11.41 32.97 -59.00
C LYS C 198 -11.32 31.59 -59.61
N LYS C 199 -10.25 30.85 -59.35
CA LYS C 199 -10.25 29.52 -59.91
C LYS C 199 -11.28 28.63 -59.25
N GLU C 200 -11.10 28.32 -57.96
CA GLU C 200 -11.70 27.12 -57.41
C GLU C 200 -13.19 27.21 -57.17
N TRP C 201 -13.69 28.28 -56.56
CA TRP C 201 -15.11 28.37 -56.29
C TRP C 201 -15.89 28.35 -57.58
N PRO C 202 -16.50 27.23 -57.96
CA PRO C 202 -17.15 27.17 -59.26
C PRO C 202 -18.29 28.16 -59.29
N ASP C 203 -18.51 28.72 -60.47
CA ASP C 203 -19.47 29.80 -60.53
C ASP C 203 -20.88 29.25 -60.39
N SER C 204 -21.70 30.01 -59.68
CA SER C 204 -23.04 29.56 -59.37
C SER C 204 -23.88 29.43 -60.63
N LYS C 205 -24.89 28.59 -60.55
CA LYS C 205 -25.86 28.44 -61.62
C LYS C 205 -26.51 29.74 -62.02
N TYR C 206 -26.15 30.84 -61.36
CA TYR C 206 -26.61 32.17 -61.71
C TYR C 206 -25.49 33.04 -62.24
N ALA C 207 -24.62 32.49 -63.07
CA ALA C 207 -23.60 33.33 -63.67
C ALA C 207 -24.22 34.39 -64.56
N THR C 208 -24.93 33.97 -65.60
CA THR C 208 -25.28 34.90 -66.65
C THR C 208 -26.29 35.95 -66.23
N TRP C 209 -26.97 35.79 -65.11
CA TRP C 209 -28.02 36.73 -64.79
C TRP C 209 -27.51 38.08 -64.35
N GLU C 210 -26.23 38.18 -63.97
CA GLU C 210 -25.62 39.47 -63.68
C GLU C 210 -24.21 39.46 -64.28
N GLU C 211 -23.73 40.64 -64.65
CA GLU C 211 -22.55 40.76 -65.49
C GLU C 211 -21.29 40.83 -64.65
N PRO C 212 -20.20 40.23 -65.13
CA PRO C 212 -19.03 40.02 -64.29
C PRO C 212 -18.45 41.35 -63.82
N PRO C 213 -17.57 41.35 -62.84
CA PRO C 213 -17.08 42.61 -62.27
C PRO C 213 -16.02 43.24 -63.14
N LYS C 214 -16.00 44.57 -63.15
CA LYS C 214 -14.91 44.99 -64.00
C LYS C 214 -13.61 45.06 -63.21
N PRO C 215 -12.47 44.84 -63.87
CA PRO C 215 -11.20 44.82 -63.15
C PRO C 215 -10.88 46.12 -62.40
N GLY C 216 -10.98 47.27 -63.06
CA GLY C 216 -10.71 48.51 -62.37
C GLY C 216 -11.80 48.98 -61.44
N GLU C 217 -12.90 48.26 -61.36
CA GLU C 217 -14.01 48.67 -60.53
C GLU C 217 -13.57 48.74 -59.07
N VAL C 218 -13.94 49.84 -58.42
CA VAL C 218 -13.68 50.01 -56.99
C VAL C 218 -14.80 49.32 -56.23
N PHE C 219 -14.64 49.19 -54.92
CA PHE C 219 -15.73 48.67 -54.09
C PHE C 219 -16.85 49.70 -54.03
N ASP C 220 -18.06 49.29 -54.40
CA ASP C 220 -19.19 50.15 -54.10
C ASP C 220 -19.52 50.05 -52.63
N TYR C 221 -19.15 51.06 -51.86
CA TYR C 221 -19.42 51.03 -50.44
C TYR C 221 -20.87 51.34 -50.11
N LYS C 222 -21.72 51.55 -51.11
CA LYS C 222 -23.10 51.89 -50.84
C LYS C 222 -24.10 50.88 -51.37
N ALA C 223 -23.65 49.92 -52.17
CA ALA C 223 -24.56 48.94 -52.77
C ALA C 223 -25.22 48.09 -51.71
N LYS C 224 -26.15 47.26 -52.16
CA LYS C 224 -26.90 46.36 -51.29
C LYS C 224 -27.20 45.06 -52.02
N PRO C 225 -27.58 44.01 -51.29
CA PRO C 225 -28.16 42.86 -51.95
C PRO C 225 -29.52 43.24 -52.47
N ASN C 226 -29.69 43.16 -53.77
CA ASN C 226 -30.90 43.75 -54.32
C ASN C 226 -31.68 42.80 -55.20
N ARG C 227 -31.08 41.72 -55.66
CA ARG C 227 -31.78 40.70 -56.39
C ARG C 227 -31.67 39.41 -55.60
N PHE C 228 -32.43 38.40 -55.98
CA PHE C 228 -32.38 37.10 -55.33
C PHE C 228 -32.66 36.04 -56.38
N TYR C 229 -32.53 34.78 -55.98
CA TYR C 229 -33.11 33.72 -56.77
C TYR C 229 -33.48 32.64 -55.79
N MET C 230 -34.75 32.28 -55.70
CA MET C 230 -35.14 31.20 -54.82
C MET C 230 -35.92 30.20 -55.63
N THR C 231 -36.37 29.13 -54.98
CA THR C 231 -36.80 27.94 -55.71
C THR C 231 -37.65 27.04 -54.82
N VAL C 232 -38.95 27.28 -54.77
CA VAL C 232 -39.80 26.61 -53.80
C VAL C 232 -40.19 25.28 -54.42
N GLU C 233 -39.76 24.19 -53.80
CA GLU C 233 -40.34 22.90 -54.14
C GLU C 233 -41.42 22.49 -53.16
N THR C 234 -42.29 21.60 -53.62
CA THR C 234 -43.28 20.95 -52.77
C THR C 234 -43.41 19.50 -53.18
N THR C 235 -43.66 18.65 -52.19
CA THR C 235 -43.89 17.24 -52.43
C THR C 235 -45.16 16.98 -53.21
N GLY C 236 -46.01 17.97 -53.37
CA GLY C 236 -47.28 17.82 -54.04
C GLY C 236 -48.48 18.15 -53.20
N SER C 237 -48.31 18.19 -51.88
CA SER C 237 -49.43 18.45 -51.01
C SER C 237 -50.16 19.73 -51.35
N LEU C 238 -49.47 20.71 -51.91
CA LEU C 238 -50.11 21.94 -52.34
C LEU C 238 -49.61 22.29 -53.73
N LYS C 239 -50.19 23.34 -54.31
CA LYS C 239 -49.73 23.84 -55.59
C LYS C 239 -48.83 25.04 -55.39
N ALA C 240 -47.61 24.93 -55.92
CA ALA C 240 -46.52 25.84 -55.56
C ALA C 240 -46.98 27.29 -55.54
N ASN C 241 -47.79 27.67 -56.52
CA ASN C 241 -48.31 29.02 -56.49
C ASN C 241 -49.16 29.25 -55.25
N GLN C 242 -49.92 28.24 -54.82
CA GLN C 242 -50.60 28.42 -53.54
C GLN C 242 -49.60 28.54 -52.41
N VAL C 243 -48.48 27.82 -52.50
CA VAL C 243 -47.44 28.01 -51.51
C VAL C 243 -47.17 29.48 -51.34
N PHE C 244 -46.72 30.12 -52.41
CA PHE C 244 -46.26 31.49 -52.29
C PHE C 244 -47.42 32.39 -51.89
N SER C 245 -48.56 32.21 -52.53
CA SER C 245 -49.69 33.08 -52.25
C SER C 245 -50.09 32.98 -50.79
N ARG C 246 -49.95 31.80 -50.21
CA ARG C 246 -50.35 31.59 -48.84
C ARG C 246 -49.29 32.04 -47.86
N GLY C 247 -48.01 31.89 -48.20
CA GLY C 247 -47.00 32.50 -47.38
C GLY C 247 -47.30 33.98 -47.24
N ILE C 248 -47.62 34.63 -48.35
CA ILE C 248 -47.94 36.04 -48.31
C ILE C 248 -49.17 36.29 -47.46
N LYS C 249 -50.21 35.50 -47.66
CA LYS C 249 -51.42 35.74 -46.88
C LYS C 249 -51.12 35.60 -45.40
N THR C 250 -50.41 34.55 -45.02
CA THR C 250 -50.13 34.32 -43.61
C THR C 250 -49.37 35.48 -43.03
N LEU C 251 -48.41 35.98 -43.77
CA LEU C 251 -47.56 36.99 -43.18
C LEU C 251 -48.33 38.29 -43.04
N GLN C 252 -49.16 38.60 -44.04
CA GLN C 252 -50.12 39.66 -43.87
C GLN C 252 -50.93 39.47 -42.61
N GLU C 253 -51.41 38.26 -42.38
CA GLU C 253 -52.32 38.07 -41.26
C GLU C 253 -51.59 38.22 -39.94
N LYS C 254 -50.33 37.81 -39.91
CA LYS C 254 -49.56 37.94 -38.67
C LYS C 254 -49.30 39.41 -38.36
N LEU C 255 -48.83 40.17 -39.33
CA LEU C 255 -48.62 41.60 -39.09
C LEU C 255 -49.93 42.30 -38.81
N ALA C 256 -51.02 41.84 -39.41
CA ALA C 256 -52.30 42.42 -39.06
C ALA C 256 -52.62 42.17 -37.61
N ASN C 257 -52.37 40.96 -37.14
CA ASN C 257 -52.57 40.65 -35.73
C ASN C 257 -51.75 41.58 -34.87
N VAL C 258 -50.51 41.85 -35.27
CA VAL C 258 -49.65 42.71 -34.44
C VAL C 258 -50.17 44.14 -34.42
N LEU C 259 -50.51 44.67 -35.59
CA LEU C 259 -51.07 46.01 -35.64
C LEU C 259 -52.28 46.10 -34.75
N PHE C 260 -53.11 45.07 -34.81
CA PHE C 260 -54.29 45.04 -33.95
C PHE C 260 -53.91 45.00 -32.49
N GLU C 261 -52.85 44.30 -32.13
CA GLU C 261 -52.48 44.25 -30.72
C GLU C 261 -52.01 45.60 -30.23
N LEU C 262 -51.19 46.29 -31.02
CA LEU C 262 -50.81 47.65 -30.69
C LEU C 262 -52.04 48.50 -30.48
N GLU C 263 -52.94 48.50 -31.45
CA GLU C 263 -54.17 49.25 -31.29
C GLU C 263 -54.98 48.77 -30.10
N ASN C 264 -54.80 47.52 -29.70
CA ASN C 264 -55.56 46.97 -28.58
C ASN C 264 -55.11 47.59 -27.27
N SER C 265 -53.80 47.62 -27.03
CA SER C 265 -53.29 48.43 -25.93
C SER C 265 -53.83 49.85 -26.03
N ARG C 266 -53.94 50.36 -27.26
CA ARG C 266 -54.51 51.65 -27.53
C ARG C 266 -56.01 51.61 -27.33
N VAL D 3 -31.70 16.57 36.01
CA VAL D 3 -31.86 17.66 35.08
C VAL D 3 -31.07 18.87 35.54
N SER D 4 -31.44 19.40 36.71
CA SER D 4 -30.76 20.55 37.28
C SER D 4 -29.54 20.08 38.07
N THR D 5 -28.50 20.91 38.11
CA THR D 5 -27.19 20.49 38.59
C THR D 5 -26.66 21.47 39.64
N SER D 6 -25.39 21.27 39.99
CA SER D 6 -24.66 22.14 40.88
C SER D 6 -23.28 22.42 40.31
N THR D 7 -22.41 23.10 41.08
CA THR D 7 -21.10 23.46 40.57
C THR D 7 -20.20 22.23 40.43
N VAL D 8 -20.35 21.25 41.30
CA VAL D 8 -19.54 20.03 41.24
C VAL D 8 -20.42 18.87 40.77
N GLY D 9 -19.85 17.97 39.98
CA GLY D 9 -20.55 16.80 39.49
C GLY D 9 -19.72 15.54 39.48
N GLU D 22 -23.73 7.40 52.18
CA GLU D 22 -25.04 7.46 52.81
C GLU D 22 -25.12 8.50 53.92
N GLU D 23 -26.29 9.12 54.06
CA GLU D 23 -26.53 10.05 55.17
C GLU D 23 -26.77 9.30 56.46
N ASN D 24 -26.29 9.87 57.56
CA ASN D 24 -26.63 9.43 58.90
C ASN D 24 -26.57 10.64 59.82
N ALA D 25 -27.73 11.02 60.39
CA ALA D 25 -27.75 12.08 61.37
C ALA D 25 -26.89 11.75 62.58
N THR D 26 -26.63 10.45 62.80
CA THR D 26 -25.81 10.04 63.93
C THR D 26 -24.34 9.89 63.53
N LEU D 27 -24.07 9.50 62.29
CA LEU D 27 -22.69 9.29 61.86
C LEU D 27 -22.24 10.25 60.75
N LEU D 28 -22.62 11.52 60.81
CA LEU D 28 -21.78 12.63 60.32
C LEU D 28 -21.42 12.49 58.84
N ARG D 29 -22.43 12.33 57.98
CA ARG D 29 -22.26 12.29 56.53
C ARG D 29 -23.51 12.95 55.95
N LEU D 30 -23.38 13.58 54.78
CA LEU D 30 -24.54 14.15 54.10
C LEU D 30 -24.56 13.95 52.58
N GLY D 31 -23.46 13.58 51.95
CA GLY D 31 -23.49 13.36 50.52
C GLY D 31 -22.74 14.37 49.69
N PRO D 32 -23.09 14.46 48.40
CA PRO D 32 -22.19 15.11 47.43
C PRO D 32 -22.14 16.62 47.56
N GLU D 33 -23.27 17.28 47.74
CA GLU D 33 -23.28 18.73 47.84
C GLU D 33 -22.77 19.19 49.20
N PHE D 34 -22.82 18.31 50.20
CA PHE D 34 -22.73 18.74 51.58
C PHE D 34 -21.46 18.22 52.24
N ALA D 35 -20.37 18.21 51.48
CA ALA D 35 -19.04 18.28 52.09
C ALA D 35 -18.79 19.70 52.55
N LEU D 36 -17.62 19.93 53.14
CA LEU D 36 -17.41 21.21 53.85
C LEU D 36 -17.49 22.39 52.89
N LYS D 37 -16.52 22.52 51.99
CA LYS D 37 -16.29 23.75 51.25
C LYS D 37 -16.81 23.59 49.83
N GLN D 38 -17.65 24.52 49.40
CA GLN D 38 -18.09 24.61 48.01
C GLN D 38 -17.20 25.60 47.26
N TYR D 39 -17.41 25.68 45.95
CA TYR D 39 -16.75 26.66 45.13
C TYR D 39 -17.82 27.51 44.46
N ASP D 40 -17.71 28.82 44.63
CA ASP D 40 -18.78 29.68 44.15
C ASP D 40 -18.61 29.95 42.65
N HIS D 41 -19.50 30.77 42.11
CA HIS D 41 -19.63 31.01 40.68
C HIS D 41 -18.52 31.84 40.11
N ASP D 42 -17.40 31.98 40.82
CA ASP D 42 -16.31 32.86 40.43
C ASP D 42 -14.95 32.18 40.47
N GLY D 43 -14.78 31.13 41.28
CA GLY D 43 -13.47 30.62 41.61
C GLY D 43 -13.09 30.81 43.06
N ASN D 44 -13.91 31.48 43.85
CA ASN D 44 -13.67 31.60 45.29
C ASN D 44 -14.23 30.39 46.03
N GLU D 45 -13.54 30.02 47.11
CA GLU D 45 -14.02 28.97 47.99
C GLU D 45 -15.10 29.52 48.91
N HIS D 46 -16.00 28.65 49.37
CA HIS D 46 -17.12 29.09 50.20
C HIS D 46 -17.42 28.04 51.26
N ASP D 47 -17.93 28.49 52.40
CA ASP D 47 -18.59 27.61 53.36
C ASP D 47 -19.99 27.27 52.87
N LEU D 48 -20.47 26.10 53.26
CA LEU D 48 -21.85 25.73 53.04
C LEU D 48 -22.76 26.72 53.75
N ILE D 49 -23.98 26.86 53.24
CA ILE D 49 -25.02 27.63 53.91
C ILE D 49 -25.77 26.63 54.78
N ALA D 50 -25.65 26.79 56.10
CA ALA D 50 -26.52 26.11 57.04
C ALA D 50 -27.38 27.14 57.76
N LEU D 51 -28.69 26.97 57.66
CA LEU D 51 -29.64 28.01 58.04
C LEU D 51 -30.62 27.51 59.09
N SER D 52 -30.82 28.31 60.13
CA SER D 52 -31.76 28.01 61.19
C SER D 52 -33.13 28.61 60.89
N LEU D 53 -34.07 28.34 61.80
CA LEU D 53 -35.45 28.80 61.62
C LEU D 53 -35.55 30.33 61.65
N SER D 54 -34.89 30.98 62.60
CA SER D 54 -34.99 32.43 62.71
C SER D 54 -34.29 33.12 61.53
N GLU D 55 -33.05 32.74 61.23
CA GLU D 55 -32.29 33.37 60.15
C GLU D 55 -33.02 33.21 58.82
N SER D 56 -33.35 31.97 58.48
CA SER D 56 -34.07 31.71 57.24
C SER D 56 -35.41 32.42 57.22
N ARG D 57 -36.12 32.42 58.35
CA ARG D 57 -37.43 33.02 58.39
C ARG D 57 -37.36 34.51 58.12
N LEU D 58 -36.39 35.19 58.75
CA LEU D 58 -36.18 36.60 58.46
C LEU D 58 -35.91 36.82 56.98
N LEU D 59 -35.04 35.98 56.40
CA LEU D 59 -34.67 36.16 55.00
C LEU D 59 -35.87 35.98 54.08
N ILE D 60 -36.67 34.92 54.31
CA ILE D 60 -37.86 34.67 53.50
C ILE D 60 -38.84 35.82 53.62
N ARG D 61 -39.11 36.25 54.85
CA ARG D 61 -40.07 37.32 55.06
C ARG D 61 -39.65 38.60 54.35
N GLU D 62 -38.43 39.07 54.60
CA GLU D 62 -37.99 40.32 54.00
C GLU D 62 -37.91 40.20 52.48
N ALA D 63 -37.44 39.05 51.98
CA ALA D 63 -37.40 38.87 50.53
C ALA D 63 -38.81 38.95 49.94
N LEU D 64 -39.77 38.22 50.53
CA LEU D 64 -41.13 38.25 49.99
C LEU D 64 -41.70 39.65 50.00
N LYS D 65 -41.52 40.38 51.10
CA LYS D 65 -42.13 41.70 51.19
C LYS D 65 -41.47 42.72 50.27
N ALA D 66 -40.14 42.71 50.15
CA ALA D 66 -39.49 43.59 49.19
C ALA D 66 -39.89 43.23 47.76
N ARG D 67 -40.01 41.94 47.46
CA ARG D 67 -40.35 41.53 46.11
C ARG D 67 -41.77 41.93 45.76
N SER D 68 -42.72 41.79 46.71
CA SER D 68 -44.08 42.25 46.45
C SER D 68 -44.13 43.77 46.31
N ARG D 69 -43.39 44.49 47.14
CA ARG D 69 -43.39 45.94 47.03
C ARG D 69 -42.82 46.36 45.69
N ALA D 70 -41.91 45.55 45.13
CA ALA D 70 -41.49 45.77 43.76
C ALA D 70 -42.59 45.40 42.77
N ARG D 71 -43.37 44.36 43.08
CA ARG D 71 -44.51 44.00 42.26
C ARG D 71 -45.49 45.15 42.11
N ASN D 72 -45.71 45.93 43.16
CA ASN D 72 -46.61 47.07 43.15
C ASN D 72 -45.89 48.42 43.11
N GLY D 73 -44.55 48.43 43.24
CA GLY D 73 -43.82 49.61 42.83
C GLY D 73 -43.78 50.77 43.81
N GLY D 74 -43.33 50.56 45.04
CA GLY D 74 -43.16 51.66 45.98
C GLY D 74 -44.32 51.82 46.92
N VAL D 75 -44.89 50.71 47.37
CA VAL D 75 -46.03 50.70 48.27
C VAL D 75 -45.82 49.64 49.34
N ILE D 84 -47.48 41.71 55.72
CA ILE D 84 -47.81 41.87 57.12
C ILE D 84 -48.14 40.50 57.76
N ASP D 85 -48.95 39.68 57.09
CA ASP D 85 -49.28 38.34 57.56
C ASP D 85 -48.44 37.32 56.80
N ASP D 86 -48.73 36.03 57.02
CA ASP D 86 -48.40 35.03 56.01
C ASP D 86 -49.36 35.11 54.83
N ASP D 87 -50.59 35.59 55.07
CA ASP D 87 -51.60 35.60 54.03
C ASP D 87 -51.23 36.49 52.86
N GLU D 88 -50.98 37.77 53.10
CA GLU D 88 -50.55 38.63 52.01
C GLU D 88 -49.21 38.20 51.46
N LEU D 89 -48.34 37.69 52.33
CA LEU D 89 -46.92 37.60 52.01
C LEU D 89 -46.58 36.35 51.21
N ALA D 90 -47.40 35.31 51.30
CA ALA D 90 -47.23 34.15 50.43
C ALA D 90 -47.64 34.43 48.99
N LYS D 91 -48.27 35.58 48.73
CA LYS D 91 -48.64 35.96 47.38
C LYS D 91 -47.42 36.14 46.49
N VAL D 92 -46.24 36.30 47.08
CA VAL D 92 -45.11 36.83 46.33
C VAL D 92 -44.45 35.74 45.50
N THR D 93 -44.61 34.48 45.89
CA THR D 93 -44.06 33.40 45.10
C THR D 93 -44.88 33.24 43.82
N SER D 94 -44.42 32.30 42.99
CA SER D 94 -45.01 32.05 41.67
C SER D 94 -45.45 30.59 41.62
N GLY D 95 -46.76 30.36 41.59
CA GLY D 95 -47.24 29.01 41.34
C GLY D 95 -48.35 28.55 42.25
N ALA D 96 -49.37 27.91 41.66
CA ALA D 96 -50.39 27.25 42.47
C ALA D 96 -49.80 26.13 43.30
N VAL D 97 -48.95 25.30 42.68
CA VAL D 97 -48.13 24.37 43.45
C VAL D 97 -47.29 25.13 44.46
N ALA D 98 -46.81 26.31 44.06
CA ALA D 98 -46.08 27.15 45.00
C ALA D 98 -47.01 27.75 46.05
N ASN D 99 -48.26 28.07 45.68
CA ASN D 99 -49.23 28.43 46.71
C ASN D 99 -49.32 27.36 47.79
N GLY D 100 -49.51 26.11 47.37
CA GLY D 100 -49.56 25.02 48.33
C GLY D 100 -48.28 24.86 49.15
N VAL D 101 -47.15 24.84 48.45
CA VAL D 101 -45.87 24.63 49.12
C VAL D 101 -45.60 25.74 50.13
N VAL D 102 -45.76 27.00 49.71
CA VAL D 102 -45.50 28.13 50.59
C VAL D 102 -46.50 28.15 51.73
N LYS D 103 -47.74 27.73 51.48
CA LYS D 103 -48.75 27.71 52.54
C LYS D 103 -48.38 26.71 53.63
N LYS D 104 -48.10 25.47 53.23
CA LYS D 104 -47.69 24.44 54.21
C LYS D 104 -46.40 24.83 54.91
N THR D 105 -45.39 25.28 54.15
CA THR D 105 -44.12 25.61 54.77
C THR D 105 -44.24 26.83 55.67
N LEU D 106 -45.13 27.77 55.35
CA LEU D 106 -45.35 28.92 56.24
C LEU D 106 -45.99 28.49 57.54
N ASP D 107 -46.96 27.58 57.49
CA ASP D 107 -47.44 27.02 58.74
C ASP D 107 -46.28 26.43 59.54
N TYR D 108 -45.43 25.67 58.84
CA TYR D 108 -44.40 24.86 59.49
C TYR D 108 -43.24 25.71 60.00
N LEU D 109 -43.10 26.94 59.50
CA LEU D 109 -42.14 27.88 60.08
C LEU D 109 -42.80 28.93 60.96
N ASN D 110 -44.13 29.00 60.94
CA ASN D 110 -44.79 30.05 61.69
C ASN D 110 -45.16 29.59 63.09
N THR D 111 -45.50 28.32 63.28
CA THR D 111 -45.78 27.85 64.64
C THR D 111 -44.51 27.43 65.39
N PHE D 112 -43.33 27.81 64.90
CA PHE D 112 -42.08 27.38 65.53
C PHE D 112 -41.02 28.48 65.60
N ALA D 113 -41.37 29.74 65.40
CA ALA D 113 -40.37 30.80 65.32
C ALA D 113 -39.84 31.09 66.72
N ARG D 114 -38.52 30.92 66.91
CA ARG D 114 -37.93 31.14 68.22
C ARG D 114 -37.51 32.59 68.41
N PHE D 115 -36.64 33.10 67.54
CA PHE D 115 -36.18 34.48 67.60
C PHE D 115 -36.76 35.18 66.38
N LYS D 116 -37.60 36.19 66.64
CA LYS D 116 -38.50 36.66 65.60
C LYS D 116 -38.08 37.98 64.96
N ASP D 117 -36.92 38.53 65.34
CA ASP D 117 -36.38 39.71 64.67
C ASP D 117 -34.87 39.60 64.58
N GLU D 118 -34.24 40.61 63.98
CA GLU D 118 -32.83 40.49 63.59
C GLU D 118 -31.89 40.71 64.76
N GLU D 119 -32.31 41.47 65.78
CA GLU D 119 -31.39 41.88 66.83
C GLU D 119 -30.78 40.70 67.57
N THR D 120 -31.60 39.97 68.31
CA THR D 120 -31.07 38.83 69.05
C THR D 120 -30.75 37.68 68.10
N CYS D 121 -31.12 37.81 66.82
CA CYS D 121 -30.60 36.91 65.81
C CYS D 121 -29.10 37.13 65.59
N THR D 122 -28.68 38.39 65.48
CA THR D 122 -27.25 38.69 65.42
C THR D 122 -26.59 38.36 66.76
N ALA D 123 -27.32 38.53 67.85
CA ALA D 123 -26.84 37.99 69.12
C ALA D 123 -26.58 36.49 69.02
N VAL D 124 -27.50 35.75 68.39
CA VAL D 124 -27.29 34.30 68.26
C VAL D 124 -26.11 34.01 67.33
N ASP D 125 -25.88 34.87 66.33
CA ASP D 125 -24.68 34.71 65.50
C ASP D 125 -23.43 34.93 66.34
N GLN D 126 -23.50 35.84 67.30
CA GLN D 126 -22.46 35.92 68.32
C GLN D 126 -22.41 34.64 69.14
N LEU D 127 -23.58 34.01 69.32
CA LEU D 127 -23.74 32.95 70.31
C LEU D 127 -23.28 31.60 69.79
N LEU D 128 -24.07 31.00 68.90
CA LEU D 128 -23.83 29.66 68.37
C LEU D 128 -22.82 29.67 67.24
N HIS D 129 -22.32 30.85 66.87
CA HIS D 129 -21.23 30.94 65.91
C HIS D 129 -20.02 31.55 66.61
N LEU D 137 -18.05 23.95 66.27
CA LEU D 137 -19.26 24.66 65.84
C LEU D 137 -19.65 24.22 64.44
N HIS D 138 -20.38 23.12 64.34
CA HIS D 138 -20.78 22.61 63.03
C HIS D 138 -22.01 23.37 62.55
N PRO D 139 -21.98 23.90 61.33
CA PRO D 139 -23.10 24.76 60.89
C PRO D 139 -24.46 24.09 60.95
N PHE D 140 -24.55 22.84 60.52
CA PHE D 140 -25.81 22.10 60.61
C PHE D 140 -26.21 21.90 62.07
N GLU D 141 -25.24 21.58 62.94
CA GLU D 141 -25.58 21.46 64.35
C GLU D 141 -25.98 22.83 64.90
N ILE D 142 -25.44 23.92 64.31
CA ILE D 142 -25.83 25.24 64.76
C ILE D 142 -27.32 25.48 64.52
N ALA D 143 -27.77 25.25 63.30
CA ALA D 143 -29.20 25.38 63.03
C ALA D 143 -30.04 24.43 63.88
N GLN D 144 -29.52 23.23 64.18
CA GLN D 144 -30.20 22.34 65.12
C GLN D 144 -30.27 22.95 66.52
N LEU D 145 -29.25 23.72 66.88
CA LEU D 145 -29.23 24.34 68.21
C LEU D 145 -30.21 25.49 68.30
N SER D 146 -30.51 26.12 67.16
CA SER D 146 -31.68 26.99 67.07
C SER D 146 -32.92 26.19 66.71
N SER D 147 -32.78 24.87 66.61
CA SER D 147 -33.93 24.03 66.28
C SER D 147 -34.48 23.30 67.50
N LEU D 148 -33.60 22.77 68.36
CA LEU D 148 -33.99 21.88 69.44
C LEU D 148 -33.45 22.41 70.78
N GLY D 149 -34.34 22.90 71.63
CA GLY D 149 -33.93 23.34 72.95
C GLY D 149 -34.47 22.43 74.05
N CYS D 150 -33.60 22.08 74.99
CA CYS D 150 -33.90 21.02 75.95
C CYS D 150 -33.29 21.33 77.31
N GLU D 151 -33.20 20.29 78.15
CA GLU D 151 -32.76 20.42 79.54
C GLU D 151 -31.27 20.14 79.72
N ASP D 152 -30.87 18.88 79.49
CA ASP D 152 -29.54 18.40 79.77
C ASP D 152 -28.92 17.79 78.53
N VAL D 153 -27.59 17.87 78.45
CA VAL D 153 -26.86 17.29 77.33
C VAL D 153 -27.19 15.81 77.20
N ASP D 154 -27.57 15.18 78.30
CA ASP D 154 -27.86 13.75 78.28
C ASP D 154 -28.94 13.41 77.26
N GLU D 155 -29.74 14.42 76.87
CA GLU D 155 -30.51 14.31 75.64
C GLU D 155 -29.70 14.76 74.41
N ALA D 156 -28.79 15.70 74.59
CA ALA D 156 -28.14 16.34 73.43
C ALA D 156 -27.23 15.38 72.68
N ILE D 157 -26.44 14.58 73.40
CA ILE D 157 -25.65 13.53 72.75
C ILE D 157 -26.51 12.34 72.37
N THR D 158 -27.81 12.35 72.70
CA THR D 158 -28.70 11.30 72.23
C THR D 158 -29.29 11.64 70.87
N LEU D 159 -30.01 12.77 70.80
CA LEU D 159 -30.58 13.20 69.52
C LEU D 159 -29.48 13.53 68.51
N ILE D 160 -28.52 14.36 68.88
CA ILE D 160 -27.40 14.73 68.02
C ILE D 160 -26.11 14.30 68.70
N PRO D 161 -25.64 13.10 68.44
CA PRO D 161 -24.41 12.64 69.10
C PRO D 161 -23.16 13.25 68.50
N SER D 162 -23.33 14.24 67.63
CA SER D 162 -22.18 14.94 67.06
C SER D 162 -21.33 15.61 68.11
N LEU D 163 -21.94 16.07 69.20
CA LEU D 163 -21.24 16.65 70.34
C LEU D 163 -20.91 15.62 71.41
N ALA D 164 -20.86 14.33 71.08
CA ALA D 164 -20.67 13.28 72.08
C ALA D 164 -19.33 13.43 72.78
N ALA D 165 -18.24 13.18 72.05
CA ALA D 165 -16.90 13.26 72.62
C ALA D 165 -16.23 14.59 72.33
N LYS D 166 -16.74 15.68 72.90
CA LYS D 166 -16.15 16.99 72.69
C LYS D 166 -15.66 17.66 73.98
N LYS D 167 -16.44 17.61 75.05
CA LYS D 167 -16.01 18.03 76.38
C LYS D 167 -15.72 19.53 76.46
N GLU D 168 -16.40 20.31 75.61
CA GLU D 168 -16.51 21.76 75.78
C GLU D 168 -18.01 22.05 75.75
N VAL D 169 -18.64 21.96 76.92
CA VAL D 169 -20.08 21.77 76.98
C VAL D 169 -20.82 23.09 76.86
N ASN D 170 -20.74 23.92 77.91
CA ASN D 170 -21.33 25.26 77.92
C ASN D 170 -22.83 25.18 77.66
N LEU D 171 -23.34 23.95 77.55
CA LEU D 171 -24.55 23.62 76.82
C LEU D 171 -25.78 23.70 77.71
N GLN D 172 -25.63 23.34 78.98
CA GLN D 172 -26.70 23.63 79.95
C GLN D 172 -27.04 25.11 79.94
N ARG D 173 -26.02 25.95 80.10
CA ARG D 173 -26.24 27.39 79.99
C ARG D 173 -26.78 27.76 78.61
N ILE D 174 -26.35 27.04 77.57
CA ILE D 174 -26.87 27.29 76.23
C ILE D 174 -28.39 27.14 76.21
N LEU D 175 -28.87 25.96 76.60
CA LEU D 175 -30.29 25.65 76.49
C LEU D 175 -31.12 26.53 77.42
N ASP D 176 -30.59 26.87 78.60
CA ASP D 176 -31.38 27.72 79.49
C ASP D 176 -31.38 29.17 79.05
N GLU D 177 -30.24 29.67 78.56
CA GLU D 177 -30.21 30.99 77.95
C GLU D 177 -31.18 31.08 76.78
N LEU D 178 -31.28 30.00 76.00
CA LEU D 178 -32.23 29.98 74.89
C LEU D 178 -33.66 30.01 75.41
N ASN D 179 -34.00 29.08 76.31
CA ASN D 179 -35.33 29.08 76.92
C ASN D 179 -35.71 30.44 77.47
N ARG D 180 -34.76 31.19 78.02
CA ARG D 180 -35.09 32.54 78.46
C ARG D 180 -35.32 33.46 77.27
N LEU D 181 -34.36 33.55 76.35
CA LEU D 181 -34.54 34.40 75.17
C LEU D 181 -35.59 33.81 74.23
N GLU D 182 -35.91 32.53 74.39
CA GLU D 182 -37.09 31.98 73.75
C GLU D 182 -38.26 32.85 74.19
N ASP D 183 -38.81 33.65 73.29
CA ASP D 183 -39.85 34.57 73.67
C ASP D 183 -41.18 33.85 73.84
N PRO D 184 -42.01 34.29 74.79
CA PRO D 184 -43.25 33.57 75.09
C PRO D 184 -44.22 33.60 73.91
N TYR D 185 -45.09 32.59 73.89
CA TYR D 185 -45.98 32.36 72.75
C TYR D 185 -47.35 31.83 73.19
N GLU E 2 52.72 16.16 2.61
CA GLU E 2 52.38 14.77 2.44
C GLU E 2 51.14 14.42 3.25
N ASP E 3 50.92 13.12 3.45
CA ASP E 3 49.80 12.70 4.27
C ASP E 3 49.91 13.21 5.69
N ASN E 4 51.11 13.53 6.15
CA ASN E 4 51.24 14.22 7.42
C ASN E 4 50.57 15.59 7.37
N ASN E 5 50.81 16.35 6.30
CA ASN E 5 50.24 17.68 6.22
C ASN E 5 48.73 17.62 6.18
N ARG E 6 48.16 16.67 5.45
CA ARG E 6 46.71 16.64 5.44
C ARG E 6 46.15 16.32 6.81
N ILE E 7 46.75 15.36 7.52
CA ILE E 7 46.25 15.03 8.85
C ILE E 7 46.38 16.22 9.78
N ILE E 8 47.53 16.89 9.73
CA ILE E 8 47.71 18.02 10.62
C ILE E 8 46.73 19.13 10.26
N SER E 9 46.48 19.32 8.98
CA SER E 9 45.51 20.32 8.59
C SER E 9 44.14 19.98 9.12
N ARG E 10 43.77 18.71 9.04
CA ARG E 10 42.50 18.30 9.59
C ARG E 10 42.45 18.59 11.07
N LEU E 11 43.51 18.24 11.78
CA LEU E 11 43.54 18.51 13.21
C LEU E 11 43.42 19.99 13.47
N TRP E 12 44.10 20.79 12.67
CA TRP E 12 44.05 22.23 12.83
C TRP E 12 42.64 22.75 12.64
N ARG E 13 41.98 22.29 11.59
CA ARG E 13 40.61 22.75 11.37
C ARG E 13 39.73 22.29 12.49
N SER E 14 40.00 21.10 13.00
CA SER E 14 39.30 20.64 14.17
C SER E 14 39.44 21.63 15.30
N PHE E 15 40.67 22.01 15.58
CA PHE E 15 40.92 22.88 16.71
C PHE E 15 40.26 24.23 16.50
N ARG E 16 40.33 24.76 15.29
CA ARG E 16 39.70 26.05 15.07
C ARG E 16 38.19 25.93 15.22
N THR E 17 37.61 24.84 14.72
CA THR E 17 36.19 24.64 14.92
C THR E 17 35.86 24.67 16.40
N VAL E 18 36.68 24.00 17.18
CA VAL E 18 36.33 23.82 18.58
C VAL E 18 36.43 25.15 19.30
N LYS E 19 37.46 25.93 18.99
CA LYS E 19 37.51 27.25 19.57
C LYS E 19 36.31 28.07 19.14
N GLU E 20 35.89 27.94 17.89
CA GLU E 20 34.69 28.65 17.50
C GLU E 20 33.52 28.21 18.34
N MET E 21 33.44 26.93 18.61
CA MET E 21 32.33 26.43 19.42
C MET E 21 32.32 27.13 20.76
N ALA E 22 33.47 27.12 21.42
CA ALA E 22 33.54 27.71 22.74
C ALA E 22 33.25 29.19 22.68
N ALA E 23 33.57 29.82 21.57
CA ALA E 23 33.20 31.22 21.42
C ALA E 23 31.70 31.36 21.28
N ASP E 24 31.09 30.45 20.56
CA ASP E 24 29.67 30.54 20.29
C ASP E 24 28.89 30.38 21.56
N ARG E 25 29.33 29.47 22.41
CA ARG E 25 28.48 29.06 23.51
C ARG E 25 28.41 30.16 24.56
N GLY E 26 29.25 31.18 24.43
CA GLY E 26 29.20 32.32 25.31
C GLY E 26 30.53 32.63 25.95
N TYR E 27 31.47 31.71 25.82
CA TYR E 27 32.73 31.81 26.54
C TYR E 27 33.63 32.91 26.02
N PHE E 28 34.60 33.27 26.83
CA PHE E 28 35.60 34.27 26.49
C PHE E 28 36.79 33.59 25.83
N ILE E 29 37.12 34.06 24.64
CA ILE E 29 38.41 33.73 24.03
C ILE E 29 39.06 35.03 23.62
N SER E 30 40.34 35.17 23.95
CA SER E 30 41.10 36.32 23.49
C SER E 30 41.30 36.24 21.98
N GLN E 31 41.06 37.36 21.31
CA GLN E 31 41.03 37.36 19.85
C GLN E 31 42.36 36.95 19.25
N GLU E 32 43.46 37.08 19.98
CA GLU E 32 44.73 36.65 19.41
C GLU E 32 44.80 35.13 19.36
N GLU E 33 44.04 34.45 20.18
CA GLU E 33 44.05 33.00 20.10
C GLU E 33 43.06 32.49 19.08
N MET E 34 41.95 33.19 18.91
CA MET E 34 40.97 32.79 17.90
C MET E 34 41.63 32.46 16.56
N ASP E 35 42.70 33.17 16.22
CA ASP E 35 43.19 33.19 14.85
C ASP E 35 44.56 32.55 14.69
N GLN E 36 44.77 31.39 15.29
CA GLN E 36 46.01 30.68 15.08
C GLN E 36 46.12 30.25 13.62
N SER E 37 47.32 30.37 13.06
CA SER E 37 47.54 30.09 11.66
C SER E 37 47.51 28.60 11.40
N LEU E 38 48.24 28.16 10.39
CA LEU E 38 48.52 26.74 10.29
C LEU E 38 49.86 26.39 10.94
N GLU E 39 50.85 27.26 10.81
CA GLU E 39 52.20 26.79 11.09
C GLU E 39 52.59 26.95 12.55
N GLU E 40 52.15 28.00 13.22
CA GLU E 40 52.35 28.07 14.67
C GLU E 40 51.87 26.78 15.31
N PHE E 41 50.83 26.21 14.75
CA PHE E 41 50.29 24.95 15.20
C PHE E 41 51.36 23.87 15.16
N ARG E 42 51.96 23.66 13.99
CA ARG E 42 53.02 22.65 13.89
C ARG E 42 54.22 23.01 14.73
N SER E 43 54.37 24.27 15.09
CA SER E 43 55.42 24.64 16.03
C SER E 43 55.11 24.11 17.42
N LYS E 44 53.89 24.32 17.89
CA LYS E 44 53.56 23.95 19.25
C LYS E 44 53.27 22.46 19.36
N ILE E 45 52.39 21.96 18.52
CA ILE E 45 51.71 20.70 18.78
C ILE E 45 52.34 19.55 18.02
N CYS E 46 53.21 19.85 17.06
CA CYS E 46 53.92 18.77 16.41
C CYS E 46 55.09 18.30 17.26
N ASP E 47 55.61 17.13 16.90
CA ASP E 47 56.76 16.57 17.59
C ASP E 47 58.06 16.93 16.89
N SER E 48 59.11 16.16 17.18
CA SER E 48 60.34 16.19 16.40
C SER E 48 60.15 15.66 15.00
N MET E 49 58.97 15.12 14.70
CA MET E 49 58.62 14.56 13.42
C MET E 49 57.56 15.36 12.70
N GLY E 50 56.74 16.09 13.42
CA GLY E 50 55.60 16.74 12.83
C GLY E 50 54.34 15.95 13.11
N ASN E 51 54.22 15.43 14.32
CA ASN E 51 53.08 14.60 14.66
C ASN E 51 52.34 15.19 15.84
N PRO E 52 51.04 14.92 15.96
CA PRO E 52 50.23 15.63 16.95
C PRO E 52 50.57 15.23 18.37
N GLN E 53 50.32 16.17 19.29
CA GLN E 53 50.47 15.95 20.73
C GLN E 53 49.13 16.23 21.35
N ARG E 54 48.20 15.28 21.20
CA ARG E 54 46.81 15.56 21.49
C ARG E 54 46.62 16.11 22.89
N LYS E 55 47.10 15.41 23.90
CA LYS E 55 46.87 15.79 25.28
C LYS E 55 47.32 17.21 25.57
N LEU E 56 48.26 17.74 24.80
CA LEU E 56 48.78 19.09 24.97
C LEU E 56 47.78 20.15 24.55
N MET E 57 46.73 19.77 23.84
CA MET E 57 45.77 20.73 23.34
C MET E 57 44.62 20.97 24.30
N SER E 58 44.45 20.08 25.26
CA SER E 58 43.43 20.25 26.28
C SER E 58 43.54 21.65 26.84
N PHE E 59 42.43 22.24 27.24
CA PHE E 59 42.55 23.55 27.81
C PHE E 59 41.30 23.91 28.58
N LEU E 60 41.49 24.82 29.52
CA LEU E 60 40.42 25.45 30.26
C LEU E 60 39.98 26.67 29.49
N ALA E 61 38.73 27.05 29.69
CA ALA E 61 38.16 28.25 29.14
C ALA E 61 37.10 28.75 30.10
N ASN E 62 36.78 30.02 29.95
CA ASN E 62 36.03 30.76 30.94
C ASN E 62 34.98 31.57 30.22
N PRO E 63 33.97 32.05 30.92
CA PRO E 63 32.94 32.83 30.24
C PRO E 63 33.41 34.22 29.89
N THR E 64 32.91 34.73 28.79
CA THR E 64 32.83 36.17 28.68
C THR E 64 32.02 36.69 29.87
N PRO E 65 32.22 37.93 30.26
CA PRO E 65 31.33 38.49 31.29
C PRO E 65 29.91 38.66 30.81
N GLU E 66 29.66 38.64 29.51
CA GLU E 66 28.30 38.88 29.03
C GLU E 66 27.46 37.63 28.96
N ALA E 67 27.99 36.52 28.48
CA ALA E 67 27.28 35.27 28.63
C ALA E 67 26.96 35.04 30.10
N LEU E 68 27.98 35.12 30.94
CA LEU E 68 27.78 35.00 32.37
C LEU E 68 26.80 36.03 32.89
N GLU E 69 26.77 37.20 32.27
CA GLU E 69 25.75 38.19 32.55
C GLU E 69 24.37 37.65 32.24
N LYS E 70 24.29 36.81 31.21
CA LYS E 70 23.00 36.52 30.60
C LYS E 70 22.43 35.21 31.11
N TYR E 71 23.13 34.10 30.87
CA TYR E 71 22.64 32.77 31.22
C TYR E 71 23.29 32.37 32.55
N SER E 72 22.50 32.42 33.62
CA SER E 72 23.06 32.38 34.98
C SER E 72 23.95 31.18 35.23
N ASP E 73 24.06 30.26 34.30
CA ASP E 73 24.56 28.94 34.63
C ASP E 73 25.87 28.58 33.97
N LEU E 74 26.41 29.41 33.09
CA LEU E 74 27.60 28.97 32.41
C LEU E 74 28.69 28.89 33.47
N GLY E 75 29.17 27.67 33.72
CA GLY E 75 30.21 27.44 34.69
C GLY E 75 31.58 27.66 34.08
N THR E 76 32.43 26.64 34.08
CA THR E 76 33.71 26.70 33.41
C THR E 76 33.87 25.53 32.47
N LEU E 77 34.68 25.71 31.44
CA LEU E 77 34.68 24.80 30.30
C LEU E 77 36.03 24.15 30.16
N TRP E 78 36.08 22.84 30.33
CA TRP E 78 37.29 22.08 30.09
C TRP E 78 37.10 21.30 28.80
N VAL E 79 38.08 21.34 27.92
CA VAL E 79 37.98 20.70 26.63
C VAL E 79 39.21 19.84 26.42
N GLU E 80 39.04 18.61 25.93
CA GLU E 80 40.16 17.69 25.95
C GLU E 80 40.09 16.69 24.81
N PHE E 81 41.25 16.25 24.33
CA PHE E 81 41.33 15.27 23.26
C PHE E 81 41.91 13.99 23.83
N CYS E 82 42.25 13.04 22.96
CA CYS E 82 42.84 11.78 23.41
C CYS E 82 43.49 11.02 22.26
N ASP E 83 44.73 10.54 22.47
CA ASP E 83 45.42 9.70 21.48
C ASP E 83 44.83 8.33 21.32
N GLU E 84 43.98 7.95 22.17
CA GLU E 84 43.52 6.58 22.11
C GLU E 84 42.52 6.44 20.97
N PRO E 85 42.85 5.65 19.95
CA PRO E 85 41.94 5.52 18.81
C PRO E 85 40.56 5.00 19.19
N SER E 86 40.50 3.92 19.98
CA SER E 86 39.22 3.51 20.54
C SER E 86 39.24 3.71 22.05
N VAL E 87 38.26 4.42 22.58
CA VAL E 87 38.23 4.76 23.99
C VAL E 87 37.20 3.89 24.68
N GLY E 88 37.62 3.21 25.74
CA GLY E 88 36.71 2.42 26.54
C GLY E 88 36.37 3.11 27.85
N ILE E 89 35.78 2.37 28.79
CA ILE E 89 35.40 2.97 30.05
C ILE E 89 36.63 3.40 30.86
N LYS E 90 37.75 2.73 30.67
CA LYS E 90 38.97 3.07 31.36
C LYS E 90 39.25 4.57 31.29
N THR E 91 39.46 5.08 30.09
CA THR E 91 39.91 6.45 29.97
C THR E 91 38.78 7.40 30.32
N MET E 92 37.55 7.02 30.00
CA MET E 92 36.42 7.88 30.35
C MET E 92 36.33 8.09 31.84
N ARG E 93 36.47 7.04 32.62
CA ARG E 93 36.41 7.19 34.06
C ARG E 93 37.58 8.01 34.58
N ASN E 94 38.78 7.77 34.05
CA ASN E 94 39.90 8.65 34.39
C ASN E 94 39.53 10.10 34.14
N PHE E 95 38.91 10.36 33.00
CA PHE E 95 38.48 11.71 32.68
C PHE E 95 37.45 12.20 33.68
N CYS E 96 36.56 11.31 34.10
CA CYS E 96 35.54 11.69 35.07
C CYS E 96 36.18 12.20 36.34
N LEU E 97 37.17 11.45 36.82
CA LEU E 97 37.99 11.92 37.93
C LEU E 97 38.55 13.30 37.65
N ARG E 98 39.28 13.42 36.55
CA ARG E 98 40.02 14.65 36.30
C ARG E 98 39.08 15.83 36.24
N ILE E 99 37.83 15.60 35.87
CA ILE E 99 36.84 16.68 35.88
C ILE E 99 36.42 16.99 37.30
N GLN E 100 36.01 15.97 38.05
CA GLN E 100 35.56 16.22 39.42
C GLN E 100 36.63 16.90 40.23
N GLU E 101 37.88 16.81 39.78
CA GLU E 101 38.95 17.55 40.44
C GLU E 101 38.72 19.06 40.35
N LYS E 102 38.79 19.61 39.14
CA LYS E 102 38.88 21.05 39.01
C LYS E 102 37.52 21.72 39.06
N ASN E 103 36.53 21.07 39.67
CA ASN E 103 35.15 21.56 39.81
C ASN E 103 34.75 22.47 38.65
N PHE E 104 34.83 21.89 37.46
CA PHE E 104 34.35 22.52 36.25
C PHE E 104 32.84 22.65 36.30
N SER E 105 32.25 22.80 35.12
CA SER E 105 30.81 22.66 35.00
C SER E 105 30.36 22.13 33.66
N THR E 106 31.28 21.90 32.72
CA THR E 106 30.87 21.38 31.42
C THR E 106 32.08 20.77 30.74
N GLY E 107 32.03 19.46 30.48
CA GLY E 107 33.14 18.77 29.87
C GLY E 107 32.86 18.50 28.40
N ILE E 108 33.93 18.37 27.63
CA ILE E 108 33.84 18.13 26.19
C ILE E 108 35.00 17.25 25.80
N PHE E 109 34.69 16.06 25.33
CA PHE E 109 35.70 15.03 25.14
C PHE E 109 35.68 14.60 23.69
N ILE E 110 36.61 15.11 22.90
CA ILE E 110 36.66 14.81 21.49
C ILE E 110 37.60 13.63 21.29
N TYR E 111 37.03 12.50 20.98
CA TYR E 111 37.75 11.29 20.65
C TYR E 111 38.09 11.28 19.18
N GLN E 112 38.49 10.11 18.69
CA GLN E 112 38.65 9.97 17.26
C GLN E 112 37.64 9.01 16.65
N ASN E 113 37.50 7.81 17.20
CA ASN E 113 36.73 6.76 16.54
C ASN E 113 35.41 6.45 17.24
N ASN E 114 35.41 6.13 18.52
CA ASN E 114 34.17 5.67 19.10
C ASN E 114 34.29 5.58 20.61
N ILE E 115 33.16 5.30 21.26
CA ILE E 115 33.10 5.06 22.69
C ILE E 115 32.35 3.76 22.94
N THR E 116 32.92 2.93 23.80
CA THR E 116 32.18 1.76 24.25
C THR E 116 30.91 2.23 24.95
N PRO E 117 29.75 1.77 24.48
CA PRO E 117 28.50 2.26 25.07
C PRO E 117 28.45 2.04 26.55
N SER E 118 29.03 0.94 27.02
CA SER E 118 29.21 0.72 28.44
C SER E 118 29.83 1.94 29.09
N ALA E 119 30.83 2.54 28.43
CA ALA E 119 31.34 3.81 28.91
C ALA E 119 30.37 4.94 28.65
N ASN E 120 29.60 4.84 27.58
CA ASN E 120 28.69 5.94 27.25
C ASN E 120 27.61 6.09 28.31
N LYS E 121 27.47 5.10 29.18
CA LYS E 121 26.51 5.23 30.27
C LYS E 121 26.95 6.24 31.33
N MET E 122 28.25 6.38 31.56
CA MET E 122 28.77 7.10 32.71
C MET E 122 28.53 8.58 32.62
N ILE E 123 27.78 9.04 31.63
CA ILE E 123 27.70 10.47 31.40
C ILE E 123 26.73 11.11 32.39
N PRO E 124 25.45 10.75 32.44
CA PRO E 124 24.56 11.40 33.42
C PRO E 124 24.99 11.18 34.85
N THR E 125 25.60 10.05 35.16
CA THR E 125 25.94 9.70 36.54
C THR E 125 27.10 10.52 37.09
N VAL E 126 27.49 11.60 36.42
CA VAL E 126 28.50 12.48 36.96
C VAL E 126 27.98 13.92 37.03
N SER E 127 26.66 14.08 37.08
CA SER E 127 26.07 15.38 37.31
C SER E 127 26.46 15.89 38.69
N PRO E 128 26.35 17.21 38.93
CA PRO E 128 25.95 18.27 38.01
C PRO E 128 27.07 18.60 37.06
N ALA E 129 28.19 17.91 37.24
CA ALA E 129 29.30 18.05 36.31
C ALA E 129 28.84 17.45 34.99
N ILE E 130 28.25 18.27 34.14
CA ILE E 130 27.63 17.78 32.91
C ILE E 130 28.71 17.47 31.89
N ILE E 131 28.46 16.47 31.06
CA ILE E 131 29.44 15.93 30.16
C ILE E 131 28.83 15.83 28.77
N GLU E 132 29.67 15.90 27.75
CA GLU E 132 29.24 15.84 26.37
C GLU E 132 30.25 15.03 25.58
N THR E 133 29.94 14.76 24.33
CA THR E 133 30.96 14.41 23.38
C THR E 133 30.74 15.20 22.10
N PHE E 134 31.68 15.01 21.19
CA PHE E 134 31.53 15.30 19.77
C PHE E 134 32.49 14.35 19.11
N GLN E 135 32.17 13.92 17.91
CA GLN E 135 33.27 13.24 17.26
C GLN E 135 34.12 14.27 16.56
N GLU E 136 35.42 14.00 16.52
CA GLU E 136 36.34 14.88 15.81
C GLU E 136 35.90 15.13 14.38
N SER E 137 35.93 14.07 13.57
CA SER E 137 35.69 14.23 12.14
C SER E 137 34.32 14.82 11.86
N ASP E 138 33.47 14.93 12.88
CA ASP E 138 32.23 15.67 12.66
C ASP E 138 32.41 17.13 13.01
N LEU E 139 33.60 17.55 13.44
CA LEU E 139 33.87 18.95 13.74
C LEU E 139 34.85 19.55 12.76
N VAL E 140 34.99 18.93 11.60
CA VAL E 140 35.94 19.43 10.61
C VAL E 140 35.43 20.71 9.97
N VAL E 141 34.12 20.95 10.04
CA VAL E 141 33.54 22.16 9.47
C VAL E 141 32.53 22.74 10.44
N ASN E 142 32.77 23.95 10.89
CA ASN E 142 31.76 24.61 11.70
C ASN E 142 30.53 24.76 10.86
N ILE E 143 29.59 23.86 11.04
CA ILE E 143 28.47 23.85 10.13
C ILE E 143 27.63 25.09 10.26
N THR E 144 27.55 25.69 11.44
CA THR E 144 26.71 26.89 11.53
C THR E 144 27.23 28.05 10.70
N HIS E 145 28.33 27.90 9.98
CA HIS E 145 28.66 28.91 8.99
C HIS E 145 28.12 28.57 7.61
N HIS E 146 27.70 27.33 7.40
CA HIS E 146 27.23 26.89 6.10
C HIS E 146 26.00 27.69 5.67
N GLU E 147 25.78 27.75 4.36
CA GLU E 147 24.65 28.52 3.83
C GLU E 147 23.33 28.03 4.39
N LEU E 148 23.08 26.73 4.29
CA LEU E 148 21.76 26.21 4.55
C LEU E 148 21.40 26.27 6.02
N VAL E 149 22.31 25.91 6.92
CA VAL E 149 21.98 25.95 8.34
C VAL E 149 22.04 27.40 8.76
N PRO E 150 21.01 27.93 9.37
CA PRO E 150 21.08 29.30 9.86
C PRO E 150 21.57 29.39 11.29
N LYS E 151 21.50 30.56 11.86
CA LYS E 151 22.07 30.84 13.18
C LYS E 151 21.24 30.21 14.28
N HIS E 152 21.68 30.44 15.51
CA HIS E 152 20.96 29.94 16.67
C HIS E 152 21.32 30.80 17.85
N ILE E 153 20.36 31.53 18.37
CA ILE E 153 20.57 32.23 19.62
C ILE E 153 19.80 31.45 20.64
N ARG E 154 20.50 30.87 21.61
CA ARG E 154 19.81 30.25 22.71
C ARG E 154 19.08 31.32 23.49
N LEU E 155 18.03 30.95 24.19
CA LEU E 155 17.31 31.92 24.98
C LEU E 155 17.72 31.86 26.43
N SER E 156 17.62 33.01 27.07
CA SER E 156 17.71 33.13 28.50
C SER E 156 16.36 32.78 29.13
N ASP E 157 16.36 32.66 30.45
CA ASP E 157 15.14 32.25 31.13
C ASP E 157 14.10 33.36 31.14
N GLY E 158 14.51 34.58 31.48
CA GLY E 158 13.56 35.67 31.47
C GLY E 158 12.88 35.82 30.12
N GLU E 159 13.66 35.75 29.05
CA GLU E 159 13.10 35.87 27.72
C GLU E 159 12.29 34.65 27.31
N LYS E 160 12.72 33.44 27.70
CA LYS E 160 11.86 32.30 27.40
C LYS E 160 10.49 32.44 28.03
N SER E 161 10.42 32.61 29.34
CA SER E 161 9.11 32.69 29.96
C SER E 161 8.32 33.87 29.43
N GLN E 162 8.99 34.97 29.07
CA GLN E 162 8.26 36.03 28.40
C GLN E 162 7.63 35.55 27.12
N LEU E 163 8.39 34.82 26.29
CA LEU E 163 7.83 34.26 25.07
C LEU E 163 6.54 33.53 25.38
N LEU E 164 6.61 32.55 26.27
CA LEU E 164 5.40 31.79 26.53
C LEU E 164 4.24 32.67 26.95
N GLN E 165 4.47 33.70 27.73
CA GLN E 165 3.33 34.53 28.08
C GLN E 165 2.86 35.35 26.89
N ARG E 166 3.65 35.41 25.82
CA ARG E 166 3.12 36.00 24.59
C ARG E 166 2.13 35.05 23.93
N TYR E 167 2.58 33.85 23.54
CA TYR E 167 1.75 32.92 22.78
C TYR E 167 0.81 32.10 23.65
N LYS E 168 0.96 32.10 24.97
CA LYS E 168 0.06 31.40 25.87
C LYS E 168 0.05 29.90 25.57
N LEU E 169 1.17 29.27 25.88
CA LEU E 169 1.44 27.89 25.54
C LEU E 169 1.70 27.06 26.77
N LYS E 170 2.18 25.85 26.54
CA LYS E 170 2.85 25.06 27.55
C LYS E 170 4.02 24.37 26.86
N GLU E 171 5.18 24.50 27.49
CA GLU E 171 6.47 24.26 26.86
C GLU E 171 6.50 23.06 25.93
N SER E 172 5.61 22.08 26.11
CA SER E 172 5.60 20.95 25.19
C SER E 172 5.05 21.31 23.82
N GLN E 173 4.40 22.46 23.70
CA GLN E 173 3.67 22.85 22.50
C GLN E 173 4.48 23.72 21.58
N LEU E 174 5.74 23.50 21.43
CA LEU E 174 6.41 24.22 20.38
C LEU E 174 6.89 23.23 19.36
N PRO E 175 7.38 23.66 18.22
CA PRO E 175 8.11 22.72 17.38
C PRO E 175 9.30 22.24 18.16
N ARG E 176 9.81 21.08 17.81
CA ARG E 176 10.78 20.43 18.65
C ARG E 176 12.02 20.02 17.88
N ILE E 177 13.17 20.36 18.44
CA ILE E 177 14.44 19.89 17.90
C ILE E 177 14.94 18.72 18.71
N GLN E 178 15.39 17.68 18.03
CA GLN E 178 15.97 16.54 18.73
C GLN E 178 17.13 16.99 19.59
N ARG E 179 17.60 16.11 20.46
CA ARG E 179 18.67 16.51 21.35
C ARG E 179 20.02 16.46 20.66
N GLU E 180 20.34 15.36 19.97
CA GLU E 180 21.62 15.28 19.27
C GLU E 180 21.51 15.75 17.83
N ASP E 181 20.63 16.67 17.54
CA ASP E 181 20.61 17.29 16.24
C ASP E 181 21.82 18.22 16.13
N PRO E 182 22.82 17.86 15.31
CA PRO E 182 24.14 18.48 15.40
C PRO E 182 24.18 19.93 15.84
N VAL E 183 23.24 20.76 15.45
CA VAL E 183 23.30 22.12 15.96
C VAL E 183 22.95 22.15 17.45
N ALA E 184 21.97 21.35 17.86
CA ALA E 184 21.59 21.34 19.28
C ALA E 184 22.71 20.84 20.17
N ARG E 185 23.49 19.86 19.73
CA ARG E 185 24.75 19.55 20.39
C ARG E 185 25.70 20.70 20.35
N TYR E 186 25.80 21.36 19.20
CA TYR E 186 26.78 22.40 19.02
C TYR E 186 26.57 23.55 19.98
N LEU E 187 25.41 23.65 20.61
CA LEU E 187 25.22 24.67 21.62
C LEU E 187 24.97 24.11 22.99
N GLY E 188 24.99 22.79 23.12
CA GLY E 188 24.71 22.15 24.39
C GLY E 188 23.35 22.54 24.89
N LEU E 189 22.32 22.12 24.19
CA LEU E 189 21.02 22.35 24.75
C LEU E 189 20.73 21.33 25.84
N LYS E 190 19.78 21.68 26.68
CA LYS E 190 19.16 20.74 27.59
C LYS E 190 17.67 21.00 27.59
N ARG E 191 16.92 20.07 28.15
CA ARG E 191 15.48 20.13 28.13
C ARG E 191 14.99 21.46 28.68
N GLY E 192 13.91 21.98 28.10
CA GLY E 192 13.32 23.21 28.55
C GLY E 192 13.92 24.46 27.96
N GLN E 193 14.80 24.33 26.97
CA GLN E 193 15.50 25.48 26.41
C GLN E 193 14.94 25.80 25.04
N VAL E 194 14.84 27.07 24.72
CA VAL E 194 14.06 27.52 23.57
C VAL E 194 15.01 28.24 22.63
N VAL E 195 15.44 27.59 21.56
CA VAL E 195 16.42 28.24 20.71
C VAL E 195 15.71 29.03 19.65
N LYS E 196 16.30 30.13 19.22
CA LYS E 196 15.68 31.06 18.31
C LYS E 196 16.46 31.06 17.03
N ILE E 197 15.75 30.91 15.94
CA ILE E 197 16.37 30.82 14.64
C ILE E 197 15.79 31.95 13.80
N ILE E 198 16.56 32.50 12.89
CA ILE E 198 16.04 33.49 11.97
C ILE E 198 16.34 33.06 10.55
N ARG E 199 15.35 33.21 9.68
CA ARG E 199 15.43 32.70 8.32
C ARG E 199 15.06 33.74 7.27
N ARG E 200 15.66 33.53 6.11
CA ARG E 200 15.38 34.17 4.86
C ARG E 200 14.02 33.77 4.30
N SER E 201 13.01 34.57 4.56
CA SER E 201 11.69 34.40 3.99
C SER E 201 11.73 34.89 2.56
N GLU E 202 11.66 34.00 1.63
CA GLU E 202 11.56 34.63 0.34
C GLU E 202 10.22 35.26 0.10
N THR E 203 9.37 35.46 1.11
CA THR E 203 8.11 36.13 0.91
C THR E 203 7.76 37.12 2.00
N SER E 204 8.54 37.21 3.08
CA SER E 204 8.47 38.38 3.93
C SER E 204 9.82 38.80 4.50
N GLY E 205 10.91 38.30 3.96
CA GLY E 205 12.19 38.78 4.39
C GLY E 205 12.73 38.09 5.61
N ARG E 206 12.22 38.44 6.79
CA ARG E 206 12.87 37.99 8.01
C ARG E 206 11.87 37.30 8.91
N TYR E 207 11.90 35.97 8.93
CA TYR E 207 10.98 35.21 9.75
C TYR E 207 11.74 34.56 10.88
N ALA E 208 11.32 34.86 12.10
CA ALA E 208 12.09 34.52 13.30
C ALA E 208 11.36 33.41 14.03
N SER E 209 11.78 32.19 13.80
CA SER E 209 11.13 31.00 14.30
C SER E 209 11.64 30.62 15.68
N TYR E 210 10.80 29.90 16.42
CA TYR E 210 11.18 29.38 17.72
C TYR E 210 11.07 27.87 17.70
N ARG E 211 12.20 27.20 17.89
CA ARG E 211 12.21 25.76 18.05
C ARG E 211 12.65 25.43 19.46
N ILE E 212 11.98 24.46 20.07
CA ILE E 212 12.29 24.02 21.42
C ILE E 212 13.09 22.74 21.34
N CYS E 213 13.96 22.55 22.32
CA CYS E 213 14.66 21.29 22.43
C CYS E 213 13.95 20.38 23.41
N LEU E 214 14.52 19.19 23.57
CA LEU E 214 13.97 18.24 24.51
C LEU E 214 14.94 17.95 25.64
N GLU F 71 -12.42 33.07 35.55
CA GLU F 71 -11.22 32.28 35.36
C GLU F 71 -10.58 32.63 34.03
N LEU F 72 -11.42 32.84 33.02
CA LEU F 72 -10.94 33.01 31.66
C LEU F 72 -11.42 34.31 31.03
N ALA F 73 -12.64 34.75 31.34
CA ALA F 73 -13.31 35.79 30.56
C ALA F 73 -12.48 37.06 30.50
N ILE F 74 -12.13 37.44 29.27
CA ILE F 74 -11.18 38.53 29.06
C ILE F 74 -11.97 39.82 28.89
N LEU F 75 -11.43 40.87 29.49
CA LEU F 75 -12.02 42.19 29.47
C LEU F 75 -12.03 42.71 28.03
N LYS F 76 -12.84 43.74 27.77
CA LYS F 76 -13.02 44.25 26.42
C LYS F 76 -11.97 45.29 26.04
N GLU F 77 -10.88 45.36 26.78
CA GLU F 77 -9.91 46.44 26.65
C GLU F 77 -8.53 45.96 26.28
N GLU F 78 -8.17 44.75 26.69
CA GLU F 78 -6.94 44.10 26.27
C GLU F 78 -7.11 43.40 24.94
N ARG F 79 -8.12 43.77 24.16
CA ARG F 79 -8.54 42.98 23.02
C ARG F 79 -7.50 43.11 21.91
N THR F 80 -7.02 41.97 21.43
CA THR F 80 -5.90 41.91 20.51
C THR F 80 -6.15 41.02 19.31
N THR F 81 -7.34 41.07 18.73
CA THR F 81 -7.54 40.26 17.54
C THR F 81 -7.90 41.14 16.34
N THR F 82 -7.93 40.51 15.18
CA THR F 82 -8.27 41.24 13.97
C THR F 82 -9.63 41.89 14.14
N PRO F 83 -9.72 43.19 14.03
CA PRO F 83 -10.97 43.85 14.37
C PRO F 83 -11.91 43.97 13.19
N TYR F 84 -11.63 43.23 12.12
CA TYR F 84 -12.51 43.24 10.96
C TYR F 84 -13.35 41.98 10.87
N LEU F 85 -14.67 42.15 10.84
CA LEU F 85 -15.54 41.00 10.64
C LEU F 85 -15.10 40.25 9.40
N THR F 86 -14.66 39.02 9.56
CA THR F 86 -14.11 38.25 8.46
C THR F 86 -15.18 37.45 7.79
N LYS F 87 -14.78 36.73 6.73
CA LYS F 87 -15.78 36.04 5.93
C LYS F 87 -16.59 35.06 6.76
N TYR F 88 -15.94 34.19 7.53
CA TYR F 88 -16.73 33.20 8.24
C TYR F 88 -17.62 33.85 9.27
N GLU F 89 -17.07 34.83 9.96
CA GLU F 89 -17.84 35.62 10.90
C GLU F 89 -19.05 36.24 10.21
N ARG F 90 -18.82 36.99 9.15
CA ARG F 90 -19.92 37.62 8.44
C ARG F 90 -20.94 36.59 8.01
N ALA F 91 -20.47 35.43 7.55
CA ALA F 91 -21.38 34.44 7.01
C ALA F 91 -22.34 33.97 8.09
N ARG F 92 -21.80 33.55 9.23
CA ARG F 92 -22.72 33.00 10.21
C ARG F 92 -23.57 34.09 10.82
N ILE F 93 -23.03 35.31 10.93
CA ILE F 93 -23.88 36.39 11.39
C ILE F 93 -25.09 36.54 10.50
N LEU F 94 -24.87 36.68 9.20
CA LEU F 94 -26.00 36.83 8.28
C LEU F 94 -26.95 35.66 8.39
N GLY F 95 -26.42 34.45 8.27
CA GLY F 95 -27.30 33.29 8.28
C GLY F 95 -28.17 33.23 9.51
N THR F 96 -27.59 33.49 10.66
CA THR F 96 -28.38 33.32 11.86
C THR F 96 -29.34 34.46 12.05
N ARG F 97 -28.96 35.67 11.68
CA ARG F 97 -29.94 36.74 11.72
C ARG F 97 -31.12 36.42 10.84
N ALA F 98 -30.86 35.83 9.67
CA ALA F 98 -31.95 35.41 8.82
C ALA F 98 -32.81 34.37 9.51
N LEU F 99 -32.20 33.29 9.98
CA LEU F 99 -32.97 32.24 10.62
C LEU F 99 -33.84 32.82 11.71
N GLN F 100 -33.34 33.84 12.41
CA GLN F 100 -34.14 34.46 13.44
C GLN F 100 -35.32 35.21 12.85
N ILE F 101 -35.13 35.89 11.72
CA ILE F 101 -36.28 36.59 11.15
C ILE F 101 -37.32 35.62 10.60
N SER F 102 -36.89 34.60 9.87
CA SER F 102 -37.84 33.68 9.27
C SER F 102 -38.70 32.99 10.31
N MET F 103 -38.26 32.98 11.56
CA MET F 103 -39.10 32.57 12.67
C MET F 103 -39.72 33.78 13.33
N ASN F 104 -39.97 34.81 12.52
CA ASN F 104 -40.75 35.98 12.95
C ASN F 104 -40.05 36.74 14.08
N ALA F 105 -38.88 37.29 13.79
CA ALA F 105 -38.23 38.19 14.73
C ALA F 105 -38.69 39.61 14.46
N PRO F 106 -38.55 40.54 15.40
CA PRO F 106 -38.72 41.95 15.04
C PRO F 106 -37.71 42.37 14.00
N VAL F 107 -38.08 43.35 13.21
CA VAL F 107 -37.15 43.93 12.24
C VAL F 107 -36.82 45.34 12.67
N LEU F 108 -35.55 45.70 12.52
CA LEU F 108 -35.08 46.98 13.03
C LEU F 108 -35.00 48.03 11.93
N VAL F 109 -34.99 47.63 10.67
CA VAL F 109 -34.71 48.53 9.57
C VAL F 109 -35.95 48.71 8.70
N ASP F 110 -35.78 49.44 7.63
CA ASP F 110 -36.87 49.81 6.75
C ASP F 110 -36.97 48.83 5.59
N ILE F 111 -38.16 48.72 5.01
CA ILE F 111 -38.41 47.82 3.90
C ILE F 111 -38.68 48.69 2.69
N GLU F 112 -37.77 48.66 1.73
CA GLU F 112 -37.98 49.35 0.46
C GLU F 112 -38.83 48.44 -0.44
N GLY F 113 -38.28 47.28 -0.77
CA GLY F 113 -39.03 46.25 -1.47
C GLY F 113 -38.66 44.87 -0.96
N GLU F 114 -37.80 44.84 0.05
CA GLU F 114 -37.14 43.61 0.49
C GLU F 114 -38.14 42.77 1.28
N THR F 115 -38.35 41.54 0.80
CA THR F 115 -39.15 40.58 1.54
C THR F 115 -38.50 39.22 1.75
N ASP F 116 -37.48 38.87 0.99
CA ASP F 116 -36.71 37.68 1.33
C ASP F 116 -35.89 37.93 2.60
N PRO F 117 -35.70 36.92 3.44
CA PRO F 117 -34.97 37.16 4.68
C PRO F 117 -33.51 37.47 4.44
N LEU F 118 -32.84 36.68 3.60
CA LEU F 118 -31.40 36.83 3.42
C LEU F 118 -31.01 38.27 3.09
N GLN F 119 -31.79 38.92 2.23
CA GLN F 119 -31.42 40.30 1.91
C GLN F 119 -31.82 41.25 3.02
N ILE F 120 -32.80 40.89 3.86
CA ILE F 120 -33.00 41.69 5.05
C ILE F 120 -31.78 41.62 5.94
N ALA F 121 -31.19 40.44 6.04
CA ALA F 121 -29.95 40.33 6.77
C ALA F 121 -28.90 41.25 6.19
N MET F 122 -28.59 41.08 4.91
CA MET F 122 -27.54 41.89 4.32
C MET F 122 -27.84 43.39 4.42
N LYS F 123 -29.11 43.77 4.48
CA LYS F 123 -29.42 45.18 4.62
C LYS F 123 -29.20 45.66 6.04
N GLU F 124 -29.59 44.87 7.04
CA GLU F 124 -29.27 45.27 8.40
C GLU F 124 -27.76 45.33 8.61
N LEU F 125 -27.02 44.50 7.89
CA LEU F 125 -25.59 44.46 8.14
C LEU F 125 -24.92 45.76 7.75
N SER F 126 -25.00 46.16 6.47
CA SER F 126 -24.28 47.35 6.04
C SER F 126 -24.72 48.57 6.81
N GLN F 127 -25.84 48.49 7.52
CA GLN F 127 -26.20 49.51 8.47
C GLN F 127 -25.67 49.20 9.85
N ARG F 128 -25.31 47.95 10.12
CA ARG F 128 -24.71 47.56 11.38
C ARG F 128 -25.62 47.94 12.56
N LYS F 129 -26.84 47.41 12.48
CA LYS F 129 -27.83 47.56 13.54
C LYS F 129 -28.30 46.21 14.02
N ILE F 130 -27.40 45.24 14.10
CA ILE F 130 -27.76 43.83 14.29
C ILE F 130 -27.40 43.41 15.71
N PRO F 131 -28.39 43.13 16.58
CA PRO F 131 -28.08 42.79 17.98
C PRO F 131 -27.59 41.35 18.12
N LEU F 132 -26.28 41.18 17.99
CA LEU F 132 -25.62 39.92 18.28
C LEU F 132 -24.23 40.21 18.81
N VAL F 133 -23.56 39.15 19.27
CA VAL F 133 -22.22 39.28 19.83
C VAL F 133 -21.39 38.08 19.43
N ILE F 134 -20.19 38.33 18.91
CA ILE F 134 -19.27 37.29 18.52
C ILE F 134 -18.39 36.93 19.71
N ARG F 135 -18.07 35.65 19.81
CA ARG F 135 -17.22 35.13 20.85
C ARG F 135 -16.10 34.35 20.16
N ARG F 136 -14.95 34.97 20.02
CA ARG F 136 -13.84 34.31 19.35
C ARG F 136 -13.02 33.52 20.36
N TYR F 137 -13.15 32.20 20.33
CA TYR F 137 -12.39 31.36 21.25
C TYR F 137 -10.94 31.32 20.80
N LEU F 138 -10.08 32.04 21.50
CA LEU F 138 -8.66 31.90 21.28
C LEU F 138 -8.23 30.49 21.65
N PRO F 139 -7.10 30.00 21.13
CA PRO F 139 -6.75 28.60 21.31
C PRO F 139 -6.60 28.19 22.78
N ASP F 140 -6.16 29.09 23.64
CA ASP F 140 -5.93 28.69 25.01
C ASP F 140 -7.22 28.27 25.68
N GLY F 141 -8.34 28.83 25.26
CA GLY F 141 -9.59 28.58 25.95
C GLY F 141 -10.20 29.87 26.42
N SER F 142 -9.41 30.93 26.49
CA SER F 142 -9.98 32.23 26.77
C SER F 142 -10.80 32.71 25.56
N TYR F 143 -11.40 33.88 25.66
CA TYR F 143 -12.33 34.29 24.63
C TYR F 143 -12.69 35.77 24.79
N GLU F 144 -12.64 36.51 23.68
CA GLU F 144 -12.99 37.93 23.66
C GLU F 144 -14.43 38.06 23.22
N ASP F 145 -15.10 39.11 23.67
CA ASP F 145 -16.47 39.32 23.24
C ASP F 145 -16.62 40.56 22.40
N TRP F 146 -16.76 40.40 21.11
CA TRP F 146 -16.92 41.55 20.25
C TRP F 146 -18.40 41.84 20.02
N GLY F 147 -18.78 43.11 20.11
CA GLY F 147 -20.09 43.51 19.67
C GLY F 147 -20.11 43.73 18.18
N CYS F 148 -21.18 43.29 17.52
CA CYS F 148 -21.26 43.41 16.07
C CYS F 148 -21.07 44.86 15.66
N ASP F 149 -21.71 45.77 16.38
CA ASP F 149 -21.67 47.17 16.01
C ASP F 149 -20.30 47.78 16.22
N GLU F 150 -19.52 47.26 17.17
CA GLU F 150 -18.19 47.82 17.33
C GLU F 150 -17.21 47.23 16.33
N LEU F 151 -17.53 46.09 15.75
CA LEU F 151 -16.76 45.57 14.64
C LEU F 151 -16.85 46.47 13.43
N ILE F 152 -15.83 46.37 12.58
CA ILE F 152 -15.84 47.01 11.28
C ILE F 152 -16.10 45.95 10.22
N VAL F 153 -17.34 45.90 9.74
CA VAL F 153 -17.67 45.13 8.54
C VAL F 153 -16.85 45.68 7.38
N ASP F 154 -16.53 44.80 6.44
CA ASP F 154 -15.79 45.20 5.26
C ASP F 154 -16.45 46.37 4.55
N MET G 1 -35.72 20.96 57.45
CA MET G 1 -34.40 21.57 57.50
C MET G 1 -34.25 22.62 56.40
N PHE G 2 -33.57 23.72 56.69
CA PHE G 2 -33.45 24.82 55.73
C PHE G 2 -32.00 25.11 55.36
N PHE G 3 -31.79 25.44 54.09
CA PHE G 3 -30.49 25.84 53.57
C PHE G 3 -30.67 26.87 52.47
N LEU G 4 -29.60 27.60 52.16
CA LEU G 4 -29.47 28.27 50.88
C LEU G 4 -28.57 27.40 50.02
N LYS G 5 -28.83 27.37 48.72
CA LYS G 5 -27.99 26.59 47.83
C LYS G 5 -27.75 27.36 46.55
N ASP G 6 -26.57 27.15 45.97
CA ASP G 6 -26.11 27.84 44.77
C ASP G 6 -26.47 26.99 43.56
N LEU G 7 -27.45 27.45 42.79
CA LEU G 7 -28.09 26.69 41.72
C LEU G 7 -27.66 27.19 40.35
N SER G 8 -27.85 26.31 39.36
CA SER G 8 -27.62 26.63 37.97
C SER G 8 -28.62 25.86 37.11
N LEU G 9 -29.25 26.57 36.19
CA LEU G 9 -30.35 26.05 35.38
C LEU G 9 -30.10 26.38 33.93
N ILE G 10 -30.61 25.56 33.02
CA ILE G 10 -30.40 25.78 31.58
C ILE G 10 -31.75 26.02 30.92
N LEU G 11 -31.81 27.04 30.06
CA LEU G 11 -33.03 27.41 29.36
C LEU G 11 -32.79 27.57 27.87
N THR G 12 -33.85 27.41 27.10
CA THR G 12 -33.83 27.58 25.65
C THR G 12 -34.94 28.55 25.26
N LEU G 13 -34.59 29.59 24.51
CA LEU G 13 -35.47 30.72 24.29
C LEU G 13 -35.80 30.87 22.81
N HIS G 14 -37.10 30.89 22.51
CA HIS G 14 -37.61 31.18 21.19
C HIS G 14 -37.28 32.62 20.81
N PRO G 15 -37.07 32.90 19.53
CA PRO G 15 -36.58 34.23 19.15
C PRO G 15 -37.57 35.36 19.41
N SER G 16 -38.84 35.19 19.06
CA SER G 16 -39.75 36.33 19.00
C SER G 16 -39.89 37.06 20.33
N TYR G 17 -39.31 36.53 21.41
CA TYR G 17 -39.28 37.19 22.70
C TYR G 17 -38.15 38.20 22.80
N PHE G 18 -37.52 38.54 21.68
CA PHE G 18 -36.35 39.41 21.66
C PHE G 18 -36.79 40.87 21.48
N GLY G 19 -37.08 41.51 22.61
CA GLY G 19 -37.47 42.90 22.64
C GLY G 19 -36.73 43.67 23.70
N PRO G 20 -37.41 44.65 24.31
CA PRO G 20 -36.79 45.43 25.39
C PRO G 20 -36.81 44.72 26.72
N GLN G 21 -37.84 43.92 26.98
CA GLN G 21 -38.17 43.38 28.30
C GLN G 21 -37.42 42.09 28.58
N MET G 22 -36.27 41.91 27.92
CA MET G 22 -35.68 40.59 27.83
C MET G 22 -35.35 40.03 29.21
N ASN G 23 -34.31 40.59 29.85
CA ASN G 23 -33.80 40.00 31.09
C ASN G 23 -34.91 39.84 32.11
N GLN G 24 -35.90 40.74 32.08
CA GLN G 24 -36.96 40.65 33.07
C GLN G 24 -37.94 39.55 32.71
N TYR G 25 -38.23 39.37 31.42
CA TYR G 25 -39.04 38.21 31.05
C TYR G 25 -38.31 36.92 31.43
N LEU G 26 -36.98 36.95 31.41
CA LEU G 26 -36.20 35.79 31.79
C LEU G 26 -36.36 35.49 33.27
N ARG G 27 -36.15 36.51 34.11
CA ARG G 27 -36.30 36.32 35.56
C ARG G 27 -37.73 35.96 35.93
N GLU G 28 -38.71 36.44 35.16
CA GLU G 28 -40.09 36.08 35.42
C GLU G 28 -40.37 34.62 35.05
N LYS G 29 -39.78 34.14 33.95
CA LYS G 29 -39.86 32.71 33.65
C LYS G 29 -39.21 31.90 34.77
N LEU G 30 -38.05 32.34 35.24
CA LEU G 30 -37.35 31.62 36.30
C LEU G 30 -38.22 31.52 37.55
N LEU G 31 -38.84 32.63 37.95
CA LEU G 31 -39.78 32.54 39.06
C LEU G 31 -40.91 31.57 38.74
N THR G 32 -41.61 31.81 37.63
CA THR G 32 -42.84 31.08 37.33
C THR G 32 -42.62 29.57 37.38
N ASP G 33 -41.45 29.09 36.97
CA ASP G 33 -41.26 27.65 36.93
C ASP G 33 -40.21 27.12 37.90
N VAL G 34 -39.68 27.93 38.81
CA VAL G 34 -38.62 27.49 39.71
C VAL G 34 -39.10 27.37 41.16
N GLU G 35 -39.83 28.36 41.67
CA GLU G 35 -40.22 28.32 43.08
C GLU G 35 -41.31 27.29 43.32
N GLY G 36 -41.16 26.54 44.42
CA GLY G 36 -42.18 25.61 44.85
C GLY G 36 -41.97 24.17 44.44
N THR G 37 -41.11 23.90 43.48
CA THR G 37 -41.01 22.56 42.91
C THR G 37 -40.26 21.61 43.85
N CYS G 38 -40.28 20.33 43.48
CA CYS G 38 -39.66 19.27 44.26
C CYS G 38 -38.49 18.67 43.51
N THR G 39 -37.33 18.65 44.17
CA THR G 39 -36.13 18.05 43.60
C THR G 39 -35.55 17.07 44.61
N GLY G 40 -35.40 15.82 44.18
CA GLY G 40 -34.72 14.84 45.03
C GLY G 40 -33.28 15.20 45.32
N GLN G 41 -32.75 16.22 44.66
CA GLN G 41 -31.36 16.61 44.87
C GLN G 41 -31.24 17.74 45.89
N PHE G 42 -32.09 18.76 45.78
CA PHE G 42 -31.98 19.95 46.61
C PHE G 42 -33.07 20.07 47.67
N GLY G 43 -34.06 19.19 47.65
CA GLY G 43 -35.26 19.40 48.41
C GLY G 43 -36.28 20.16 47.60
N TYR G 44 -37.04 20.98 48.30
CA TYR G 44 -37.96 21.87 47.63
C TYR G 44 -37.27 23.20 47.37
N ILE G 45 -37.32 23.67 46.13
CA ILE G 45 -36.89 25.02 45.83
C ILE G 45 -37.94 25.94 46.43
N VAL G 46 -37.62 26.54 47.58
CA VAL G 46 -38.63 27.24 48.34
C VAL G 46 -38.89 28.61 47.74
N THR G 47 -37.92 29.51 47.85
CA THR G 47 -38.06 30.83 47.27
C THR G 47 -36.69 31.34 46.83
N VAL G 48 -36.72 32.52 46.22
CA VAL G 48 -35.54 33.18 45.71
C VAL G 48 -35.21 34.34 46.63
N LEU G 49 -33.93 34.59 46.86
CA LEU G 49 -33.49 35.88 47.37
C LEU G 49 -33.17 36.78 46.20
N ASP G 50 -33.61 38.04 46.29
CA ASP G 50 -33.29 39.03 45.28
C ASP G 50 -33.80 38.57 43.91
N GLY G 51 -35.12 38.44 43.81
CA GLY G 51 -35.70 37.92 42.58
C GLY G 51 -35.65 38.92 41.44
N MET G 52 -35.64 40.21 41.76
CA MET G 52 -35.71 41.25 40.74
C MET G 52 -34.35 41.69 40.24
N ASN G 53 -33.25 41.24 40.87
CA ASN G 53 -31.90 41.53 40.39
C ASN G 53 -31.12 40.26 40.08
N ILE G 54 -31.73 39.29 39.41
CA ILE G 54 -31.04 38.06 39.05
C ILE G 54 -30.23 38.30 37.79
N ASP G 55 -28.99 37.81 37.77
CA ASP G 55 -28.15 37.90 36.58
C ASP G 55 -28.18 36.56 35.84
N VAL G 56 -28.13 36.63 34.51
CA VAL G 56 -27.99 35.45 33.69
C VAL G 56 -26.62 35.36 33.01
N GLY G 57 -25.94 36.48 32.84
CA GLY G 57 -24.74 36.48 32.04
C GLY G 57 -25.05 36.69 30.57
N LYS G 58 -24.16 36.18 29.73
CA LYS G 58 -24.32 36.26 28.28
C LYS G 58 -24.90 34.98 27.75
N GLY G 59 -26.01 35.09 27.01
CA GLY G 59 -26.70 33.92 26.52
C GLY G 59 -26.26 33.55 25.12
N ARG G 60 -26.23 32.24 24.85
CA ARG G 60 -25.71 31.73 23.60
C ARG G 60 -26.85 31.25 22.71
N ILE G 61 -26.84 31.70 21.46
CA ILE G 61 -27.88 31.33 20.51
C ILE G 61 -27.64 29.90 20.06
N ILE G 62 -28.67 29.06 20.20
CA ILE G 62 -28.57 27.64 19.90
C ILE G 62 -28.06 27.45 18.49
N PRO G 63 -26.88 26.88 18.31
CA PRO G 63 -26.33 26.72 16.96
C PRO G 63 -27.14 25.74 16.13
N GLY G 64 -28.04 26.28 15.31
CA GLY G 64 -28.84 25.47 14.43
C GLY G 64 -30.34 25.66 14.56
N SER G 65 -30.81 26.44 15.52
CA SER G 65 -32.24 26.64 15.68
C SER G 65 -32.65 28.08 15.90
N GLY G 66 -31.71 29.00 16.08
CA GLY G 66 -32.05 30.38 16.33
C GLY G 66 -32.31 30.65 17.81
N SER G 67 -32.75 29.62 18.52
CA SER G 67 -33.06 29.76 19.94
C SER G 67 -31.81 30.09 20.74
N ALA G 68 -32.00 30.42 22.02
CA ALA G 68 -30.92 30.85 22.90
C ALA G 68 -30.75 29.88 24.06
N GLU G 69 -29.51 29.67 24.48
CA GLU G 69 -29.19 28.88 25.67
C GLU G 69 -28.81 29.82 26.80
N PHE G 70 -29.52 29.72 27.92
CA PHE G 70 -29.27 30.53 29.10
C PHE G 70 -28.83 29.66 30.27
N GLU G 71 -27.69 30.01 30.86
CA GLU G 71 -27.22 29.37 32.08
C GLU G 71 -27.52 30.31 33.23
N VAL G 72 -28.66 30.06 33.88
CA VAL G 72 -29.13 30.87 35.01
C VAL G 72 -28.37 30.42 36.26
N LYS G 73 -27.43 31.24 36.69
CA LYS G 73 -26.83 31.09 38.00
C LYS G 73 -27.71 31.80 39.03
N TYR G 74 -27.89 31.17 40.19
CA TYR G 74 -28.57 31.87 41.27
C TYR G 74 -28.28 31.16 42.58
N ARG G 75 -29.01 31.55 43.62
CA ARG G 75 -28.85 31.03 44.98
C ARG G 75 -30.18 31.18 45.70
N ALA G 76 -30.81 30.05 45.99
CA ALA G 76 -32.19 30.06 46.47
C ALA G 76 -32.33 29.23 47.74
N VAL G 77 -33.43 29.47 48.44
CA VAL G 77 -33.69 28.81 49.71
C VAL G 77 -34.31 27.45 49.41
N VAL G 78 -33.82 26.42 50.11
CA VAL G 78 -34.32 25.06 49.97
C VAL G 78 -34.70 24.52 51.35
N TRP G 79 -35.78 23.75 51.39
CA TRP G 79 -36.19 22.95 52.55
C TRP G 79 -35.97 21.50 52.15
N LYS G 80 -35.31 20.72 53.00
CA LYS G 80 -35.15 19.31 52.68
C LYS G 80 -35.00 18.50 53.96
N PRO G 81 -35.83 17.50 54.18
CA PRO G 81 -35.72 16.69 55.38
C PRO G 81 -34.65 15.62 55.23
N PHE G 82 -34.20 15.11 56.37
CA PHE G 82 -33.13 14.13 56.43
C PHE G 82 -33.60 12.92 57.22
N LYS G 83 -32.99 11.76 56.95
CA LYS G 83 -33.42 10.53 57.60
C LYS G 83 -32.79 10.39 58.98
N GLY G 84 -33.63 10.57 60.00
CA GLY G 84 -33.17 10.62 61.38
C GLY G 84 -33.49 11.92 62.10
N GLU G 85 -34.46 12.71 61.60
CA GLU G 85 -34.60 14.09 62.02
C GLU G 85 -35.63 14.24 63.14
N VAL G 86 -35.27 15.03 64.16
CA VAL G 86 -36.18 15.38 65.24
C VAL G 86 -37.07 16.54 64.80
N VAL G 87 -38.36 16.29 64.62
CA VAL G 87 -39.26 17.31 64.08
C VAL G 87 -40.57 17.33 64.86
N ASP G 88 -41.08 18.53 65.10
CA ASP G 88 -42.47 18.70 65.51
C ASP G 88 -43.37 18.82 64.29
N ALA G 89 -44.65 18.50 64.50
CA ALA G 89 -45.57 18.28 63.40
C ALA G 89 -46.98 18.44 63.92
N ILE G 90 -47.94 18.52 63.02
CA ILE G 90 -49.35 18.66 63.42
C ILE G 90 -50.15 17.55 62.76
N VAL G 91 -50.82 16.73 63.59
CA VAL G 91 -51.53 15.56 63.05
C VAL G 91 -52.68 16.01 62.18
N SER G 92 -52.81 15.37 61.02
CA SER G 92 -53.78 15.73 60.00
C SER G 92 -55.06 14.90 60.10
N ASN G 93 -54.93 13.57 60.16
CA ASN G 93 -56.05 12.67 60.40
C ASN G 93 -55.62 11.65 61.43
N VAL G 94 -56.56 10.83 61.86
CA VAL G 94 -56.28 9.70 62.74
C VAL G 94 -57.01 8.48 62.18
N SER G 95 -56.38 7.32 62.28
CA SER G 95 -56.96 6.11 61.73
C SER G 95 -56.93 5.00 62.76
N PRO G 96 -57.84 4.02 62.68
CA PRO G 96 -57.82 2.91 63.66
C PRO G 96 -56.50 2.14 63.67
N ILE G 97 -55.58 2.46 62.78
CA ILE G 97 -54.39 1.65 62.51
C ILE G 97 -53.09 2.44 62.67
N GLY G 98 -53.16 3.67 63.16
CA GLY G 98 -51.97 4.50 63.24
C GLY G 98 -52.31 5.95 62.95
N PHE G 99 -51.30 6.81 62.84
CA PHE G 99 -51.58 8.23 62.78
C PHE G 99 -50.76 8.92 61.69
N PHE G 100 -51.40 9.91 61.06
CA PHE G 100 -50.82 10.75 60.01
C PHE G 100 -50.63 12.16 60.54
N ALA G 101 -49.42 12.69 60.40
CA ALA G 101 -49.11 14.03 60.88
C ALA G 101 -48.33 14.79 59.83
N ASP G 102 -48.77 16.01 59.53
CA ASP G 102 -48.00 16.93 58.68
C ASP G 102 -46.65 17.17 59.35
N VAL G 103 -45.59 16.60 58.75
CA VAL G 103 -44.19 16.80 59.08
C VAL G 103 -43.54 17.60 57.97
N GLY G 104 -43.19 18.84 58.24
CA GLY G 104 -42.74 19.74 57.21
C GLY G 104 -43.79 19.85 56.14
N PRO G 105 -43.38 20.23 54.94
CA PRO G 105 -44.35 20.25 53.84
C PRO G 105 -44.98 18.90 53.55
N LEU G 106 -44.34 17.81 53.92
CA LEU G 106 -44.94 16.52 53.60
C LEU G 106 -45.66 15.98 54.84
N ASN G 107 -46.18 14.77 54.70
CA ASN G 107 -47.01 14.14 55.72
C ASN G 107 -46.42 12.76 56.02
N VAL G 108 -46.39 12.39 57.31
CA VAL G 108 -45.73 11.17 57.75
C VAL G 108 -46.71 10.31 58.52
N PHE G 109 -46.68 9.00 58.28
CA PHE G 109 -47.51 8.05 58.99
C PHE G 109 -46.67 7.21 59.93
N VAL G 110 -47.20 6.96 61.13
CA VAL G 110 -46.57 6.12 62.14
C VAL G 110 -47.64 5.15 62.65
N SER G 111 -47.39 3.85 62.51
CA SER G 111 -48.41 2.86 62.74
C SER G 111 -48.37 2.29 64.15
N THR G 112 -49.14 1.22 64.35
CA THR G 112 -49.30 0.60 65.66
C THR G 112 -47.98 0.06 66.20
N ARG G 113 -47.31 -0.81 65.45
CA ARG G 113 -46.11 -1.51 65.87
C ARG G 113 -44.99 -0.58 66.29
N LEU G 114 -45.16 0.73 66.12
CA LEU G 114 -44.18 1.72 66.51
C LEU G 114 -44.71 2.66 67.59
N ILE G 115 -45.77 2.26 68.28
CA ILE G 115 -46.42 3.07 69.30
C ILE G 115 -46.19 2.42 70.66
N PRO G 116 -45.76 3.15 71.69
CA PRO G 116 -45.60 2.54 73.00
C PRO G 116 -46.95 2.12 73.57
N ASP G 117 -47.02 0.87 74.01
CA ASP G 117 -48.31 0.24 74.31
C ASP G 117 -48.90 0.70 75.64
N ASN G 118 -48.40 1.79 76.21
CA ASN G 118 -49.19 2.50 77.20
C ASN G 118 -50.15 3.51 76.56
N LEU G 119 -49.88 3.95 75.33
CA LEU G 119 -50.70 4.94 74.64
C LEU G 119 -51.66 4.22 73.71
N VAL G 120 -52.94 4.18 74.08
CA VAL G 120 -53.95 3.43 73.33
C VAL G 120 -54.75 4.39 72.46
N TYR G 121 -54.93 4.02 71.20
CA TYR G 121 -55.79 4.76 70.30
C TYR G 121 -57.19 4.86 70.90
N ASN G 122 -57.86 5.98 70.70
CA ASN G 122 -59.18 6.19 71.30
C ASN G 122 -60.06 6.91 70.29
N PRO G 123 -60.86 6.19 69.50
CA PRO G 123 -61.67 6.86 68.47
C PRO G 123 -62.79 7.72 69.04
N SER G 124 -63.51 7.24 70.06
CA SER G 124 -64.62 8.01 70.60
C SER G 124 -64.13 9.18 71.43
N ASN G 125 -62.84 9.29 71.65
CA ASN G 125 -62.28 10.48 72.28
C ASN G 125 -62.46 11.68 71.36
N SER G 126 -62.60 12.86 71.93
CA SER G 126 -62.86 14.08 71.17
C SER G 126 -61.79 15.12 71.42
N PRO G 127 -60.82 15.31 70.50
CA PRO G 127 -60.68 14.55 69.26
C PRO G 127 -59.96 13.23 69.50
N PRO G 128 -60.04 12.29 68.57
CA PRO G 128 -59.37 11.01 68.77
C PRO G 128 -57.89 11.17 69.09
N ALA G 129 -57.43 10.38 70.05
CA ALA G 129 -56.11 10.58 70.62
C ALA G 129 -55.57 9.26 71.13
N TYR G 130 -54.24 9.18 71.20
CA TYR G 130 -53.54 8.08 71.84
C TYR G 130 -53.33 8.45 73.30
N MET G 131 -53.95 7.68 74.19
CA MET G 131 -54.13 8.05 75.58
C MET G 131 -53.23 7.24 76.50
N SER G 132 -52.65 7.95 77.46
CA SER G 132 -52.08 7.35 78.66
C SER G 132 -52.39 8.30 79.80
N ASN G 133 -51.83 8.01 80.97
CA ASN G 133 -52.12 8.74 82.19
C ASN G 133 -50.97 9.74 82.38
N ASP G 134 -51.30 11.04 82.29
CA ASP G 134 -50.39 12.17 82.17
C ASP G 134 -49.84 12.31 80.75
N GLU G 135 -50.34 11.47 79.83
CA GLU G 135 -49.87 11.47 78.45
C GLU G 135 -51.04 11.67 77.50
N LEU G 136 -50.74 12.27 76.34
CA LEU G 136 -51.77 12.57 75.35
C LEU G 136 -51.10 12.78 73.99
N ILE G 137 -51.62 12.13 72.96
CA ILE G 137 -51.25 12.47 71.58
C ILE G 137 -52.52 12.72 70.78
N THR G 138 -52.81 13.98 70.47
CA THR G 138 -54.12 14.35 69.95
C THR G 138 -54.03 15.34 68.80
N LYS G 139 -55.18 15.60 68.18
CA LYS G 139 -55.34 16.67 67.21
C LYS G 139 -55.31 18.02 67.91
N GLY G 140 -54.56 18.96 67.33
CA GLY G 140 -54.44 20.30 67.87
C GLY G 140 -53.22 20.52 68.73
N SER G 141 -52.89 19.56 69.60
CA SER G 141 -51.60 19.55 70.27
C SER G 141 -50.59 18.86 69.37
N LYS G 142 -49.51 19.56 69.05
CA LYS G 142 -48.54 19.07 68.08
C LYS G 142 -47.91 17.77 68.55
N VAL G 143 -47.32 17.04 67.61
CA VAL G 143 -46.70 15.75 67.88
C VAL G 143 -45.32 15.71 67.23
N ARG G 144 -44.35 15.18 67.97
CA ARG G 144 -42.97 15.08 67.50
C ARG G 144 -42.76 13.70 66.88
N LEU G 145 -41.94 13.62 65.83
CA LEU G 145 -41.47 12.35 65.31
C LEU G 145 -40.08 12.46 64.68
N LYS G 146 -39.64 11.31 64.13
CA LYS G 146 -38.32 11.11 63.56
C LYS G 146 -38.42 10.35 62.24
N VAL G 147 -37.97 10.98 61.16
CA VAL G 147 -37.91 10.35 59.84
C VAL G 147 -36.81 9.28 59.85
N VAL G 148 -37.20 8.03 59.64
CA VAL G 148 -36.27 6.91 59.74
C VAL G 148 -36.15 6.10 58.46
N GLY G 149 -37.09 6.23 57.51
CA GLY G 149 -36.99 5.41 56.31
C GLY G 149 -37.35 6.08 55.01
N THR G 150 -36.52 5.89 53.97
CA THR G 150 -36.61 6.65 52.73
C THR G 150 -36.77 5.73 51.53
N ARG G 151 -37.83 5.97 50.75
CA ARG G 151 -38.05 5.35 49.45
C ARG G 151 -38.26 6.45 48.40
N THR G 152 -37.34 6.53 47.44
CA THR G 152 -37.22 7.70 46.57
C THR G 152 -38.01 7.49 45.29
N ASP G 153 -39.26 7.94 45.31
CA ASP G 153 -40.02 8.20 44.10
C ASP G 153 -39.85 9.64 43.64
N VAL G 154 -38.78 9.93 42.90
CA VAL G 154 -38.09 11.22 42.91
C VAL G 154 -39.06 12.40 42.81
N ASN G 155 -40.21 12.21 42.16
CA ASN G 155 -41.21 13.25 42.07
C ASN G 155 -41.72 13.69 43.44
N GLU G 156 -41.91 12.75 44.36
CA GLU G 156 -41.97 13.02 45.79
C GLU G 156 -41.29 11.88 46.51
N ILE G 157 -40.14 12.14 47.11
CA ILE G 157 -39.48 11.12 47.92
C ILE G 157 -40.41 10.82 49.07
N TYR G 158 -40.37 9.59 49.58
CA TYR G 158 -41.30 9.20 50.63
C TYR G 158 -40.51 8.79 51.86
N ALA G 159 -40.86 9.41 53.00
CA ALA G 159 -40.22 9.14 54.27
C ALA G 159 -41.25 8.64 55.26
N ILE G 160 -40.84 7.69 56.08
CA ILE G 160 -41.65 7.13 57.15
C ILE G 160 -40.95 7.40 58.47
N GLY G 161 -41.72 7.83 59.46
CA GLY G 161 -41.22 8.22 60.76
C GLY G 161 -41.74 7.35 61.89
N SER G 162 -41.26 7.66 63.10
CA SER G 162 -41.64 6.90 64.29
C SER G 162 -41.18 7.65 65.52
N ILE G 163 -41.71 7.24 66.68
CA ILE G 163 -41.41 7.90 67.95
C ILE G 163 -40.85 6.91 68.98
N LYS G 164 -40.14 5.87 68.54
CA LYS G 164 -39.74 4.77 69.42
C LYS G 164 -38.27 4.84 69.87
N GLU G 165 -37.72 6.03 70.06
CA GLU G 165 -36.40 6.14 70.66
C GLU G 165 -36.45 7.07 71.85
N ASP G 166 -35.26 7.54 72.24
CA ASP G 166 -35.13 8.34 73.44
C ASP G 166 -35.81 9.69 73.30
N PHE G 167 -36.64 10.03 74.29
CA PHE G 167 -37.16 11.36 74.57
C PHE G 167 -38.25 11.80 73.61
N LEU G 168 -38.54 11.05 72.55
CA LEU G 168 -39.55 11.41 71.57
C LEU G 168 -40.92 11.00 72.10
N GLY G 169 -41.91 11.85 71.87
CA GLY G 169 -43.27 11.54 72.27
C GLY G 169 -44.09 12.79 72.49
N ALA G 170 -44.93 12.75 73.52
CA ALA G 170 -45.89 13.80 73.78
C ALA G 170 -45.24 15.06 74.33
N ILE G 171 -45.68 16.21 73.82
CA ILE G 171 -45.24 17.50 74.32
C ILE G 171 -46.46 18.36 74.60
N SER H 3 -12.56 75.39 -36.69
CA SER H 3 -12.15 74.93 -35.38
C SER H 3 -10.95 74.01 -35.55
N ALA H 4 -10.44 73.96 -36.76
CA ALA H 4 -9.26 73.17 -37.06
C ALA H 4 -8.12 73.54 -36.12
N LEU H 5 -7.54 72.53 -35.49
CA LEU H 5 -6.43 72.74 -34.59
C LEU H 5 -5.12 72.29 -35.21
N PHE H 6 -5.03 72.34 -36.52
CA PHE H 6 -3.86 71.93 -37.28
C PHE H 6 -4.23 72.13 -38.73
N ASP H 7 -3.24 72.04 -39.61
CA ASP H 7 -3.51 71.81 -41.02
C ASP H 7 -2.21 71.58 -41.74
N ASP H 8 -2.21 70.60 -42.63
CA ASP H 8 -1.03 70.51 -43.47
C ASP H 8 -1.34 69.65 -44.68
N ILE H 9 -0.37 69.57 -45.58
CA ILE H 9 -0.48 68.80 -46.80
C ILE H 9 0.66 67.80 -46.84
N PHE H 10 0.36 66.57 -47.23
CA PHE H 10 1.35 65.52 -47.12
C PHE H 10 1.51 64.75 -48.41
N THR H 11 2.72 64.24 -48.58
CA THR H 11 3.05 63.25 -49.59
C THR H 11 3.21 61.92 -48.90
N VAL H 12 2.64 60.90 -49.49
CA VAL H 12 2.72 59.54 -48.97
C VAL H 12 3.94 58.88 -49.55
N GLN H 13 4.84 58.42 -48.69
CA GLN H 13 6.02 57.77 -49.23
C GLN H 13 5.89 56.27 -49.34
N THR H 14 5.51 55.56 -48.29
CA THR H 14 5.33 54.11 -48.39
C THR H 14 4.02 53.69 -47.75
N VAL H 15 3.36 52.77 -48.43
CA VAL H 15 2.11 52.18 -47.97
C VAL H 15 2.26 50.67 -47.99
N ASP H 16 2.08 50.05 -46.84
CA ASP H 16 2.18 48.60 -46.72
C ASP H 16 0.83 48.01 -46.36
N ASN H 17 0.37 47.08 -47.19
CA ASN H 17 -0.72 46.22 -46.80
C ASN H 17 -0.19 45.11 -45.89
N GLY H 18 0.55 44.17 -46.46
CA GLY H 18 1.15 43.12 -45.67
C GLY H 18 0.15 42.33 -44.86
N ARG H 19 -0.04 42.76 -43.61
CA ARG H 19 -0.76 41.97 -42.65
C ARG H 19 -2.27 42.04 -42.79
N TYR H 20 -2.79 42.79 -43.75
CA TYR H 20 -4.23 42.94 -43.79
C TYR H 20 -4.75 43.01 -45.20
N ASN H 21 -6.06 42.88 -45.35
CA ASN H 21 -6.66 43.09 -46.64
C ASN H 21 -7.41 44.41 -46.73
N LYS H 22 -7.78 45.01 -45.61
CA LYS H 22 -8.52 46.26 -45.70
C LYS H 22 -7.77 47.46 -45.14
N VAL H 23 -6.85 47.29 -44.21
CA VAL H 23 -6.22 48.44 -43.60
C VAL H 23 -4.75 48.42 -43.92
N SER H 24 -4.27 49.51 -44.48
CA SER H 24 -2.86 49.65 -44.78
C SER H 24 -2.32 50.90 -44.13
N ARG H 25 -1.03 50.85 -43.81
CA ARG H 25 -0.37 51.91 -43.08
C ARG H 25 0.34 52.83 -44.05
N ILE H 26 0.23 54.13 -43.82
CA ILE H 26 0.83 55.14 -44.64
C ILE H 26 1.83 55.92 -43.80
N ILE H 27 2.87 56.39 -44.48
CA ILE H 27 3.90 57.22 -43.89
C ILE H 27 3.92 58.52 -44.66
N GLY H 28 3.34 59.56 -44.07
CA GLY H 28 3.23 60.85 -44.71
C GLY H 28 4.28 61.82 -44.23
N ILE H 29 4.83 62.60 -45.15
CA ILE H 29 5.75 63.67 -44.81
C ILE H 29 5.28 64.96 -45.46
N SER H 30 5.39 66.06 -44.74
CA SER H 30 4.90 67.32 -45.23
C SER H 30 5.77 67.83 -46.36
N THR H 31 5.32 68.92 -46.98
CA THR H 31 6.12 69.67 -47.93
C THR H 31 6.37 71.11 -47.45
N THR H 32 5.39 71.71 -46.78
CA THR H 32 5.61 73.02 -46.16
C THR H 32 6.74 72.98 -45.14
N ASN H 33 7.02 71.81 -44.56
CA ASN H 33 8.05 71.67 -43.55
C ASN H 33 8.27 70.21 -43.28
N SER H 34 9.48 69.70 -43.55
CA SER H 34 9.77 68.37 -43.07
C SER H 34 9.93 68.40 -41.56
N ALA H 35 10.39 67.30 -40.99
CA ALA H 35 10.41 67.13 -39.54
C ALA H 35 9.00 67.22 -38.96
N ILE H 36 8.01 66.85 -39.75
CA ILE H 36 6.68 66.53 -39.26
C ILE H 36 6.34 65.19 -39.87
N LYS H 37 6.71 64.11 -39.21
CA LYS H 37 6.55 62.78 -39.77
C LYS H 37 5.18 62.28 -39.34
N LEU H 38 4.56 61.46 -40.18
CA LEU H 38 3.19 61.07 -39.96
C LEU H 38 3.01 59.59 -40.27
N THR H 39 2.27 58.89 -39.43
CA THR H 39 1.99 57.49 -39.67
C THR H 39 0.56 57.17 -39.32
N LEU H 40 -0.17 56.63 -40.28
CA LEU H 40 -1.62 56.55 -40.16
C LEU H 40 -2.12 55.27 -40.79
N ASP H 41 -3.12 54.64 -40.20
CA ASP H 41 -3.69 53.45 -40.81
C ASP H 41 -5.02 53.81 -41.46
N ILE H 42 -5.31 53.18 -42.61
CA ILE H 42 -6.46 53.58 -43.39
C ILE H 42 -7.13 52.38 -44.01
N ASN H 43 -8.37 52.58 -44.43
CA ASN H 43 -9.25 51.51 -44.86
C ASN H 43 -9.32 51.43 -46.37
N ASN H 44 -8.63 50.46 -46.94
CA ASN H 44 -8.42 50.44 -48.38
C ASN H 44 -9.75 50.37 -49.13
N GLU H 45 -10.75 49.75 -48.54
CA GLU H 45 -12.03 49.67 -49.22
C GLU H 45 -12.85 50.93 -49.11
N MET H 46 -12.56 51.82 -48.18
CA MET H 46 -13.36 53.03 -48.05
C MET H 46 -12.59 54.27 -48.45
N PHE H 47 -11.28 54.15 -48.66
CA PHE H 47 -10.47 55.28 -49.09
C PHE H 47 -9.17 54.76 -49.66
N PRO H 48 -9.14 54.26 -50.87
CA PRO H 48 -7.90 53.73 -51.41
C PRO H 48 -6.90 54.85 -51.62
N VAL H 49 -5.62 54.51 -51.53
CA VAL H 49 -4.55 55.43 -51.85
C VAL H 49 -3.48 54.68 -52.63
N SER H 50 -2.50 55.43 -53.10
CA SER H 50 -1.37 54.87 -53.80
C SER H 50 -0.14 55.67 -53.42
N GLN H 51 1.01 55.13 -53.78
CA GLN H 51 2.26 55.73 -53.32
C GLN H 51 2.46 57.10 -53.95
N ASP H 52 3.14 57.98 -53.21
CA ASP H 52 3.61 59.25 -53.73
C ASP H 52 2.45 60.16 -54.12
N ASP H 53 1.35 60.02 -53.42
CA ASP H 53 0.19 60.84 -53.69
C ASP H 53 0.09 61.94 -52.62
N SER H 54 -1.05 62.58 -52.53
CA SER H 54 -1.21 63.74 -51.66
C SER H 54 -2.43 63.61 -50.78
N LEU H 55 -2.36 64.21 -49.60
CA LEU H 55 -3.45 64.20 -48.63
C LEU H 55 -3.50 65.56 -47.96
N THR H 56 -4.69 66.04 -47.63
CA THR H 56 -4.80 67.33 -46.97
C THR H 56 -5.36 67.14 -45.56
N VAL H 57 -4.49 67.02 -44.58
CA VAL H 57 -4.86 66.53 -43.26
C VAL H 57 -5.26 67.69 -42.37
N THR H 58 -6.28 67.46 -41.55
CA THR H 58 -6.84 68.45 -40.65
C THR H 58 -7.27 67.75 -39.38
N LEU H 59 -7.09 68.38 -38.22
CA LEU H 59 -7.40 67.75 -36.95
C LEU H 59 -8.28 68.65 -36.11
N ALA H 60 -9.53 68.23 -35.90
CA ALA H 60 -10.46 69.03 -35.13
C ALA H 60 -10.72 68.37 -33.79
N ASN H 61 -11.20 69.17 -32.85
CA ASN H 61 -11.72 68.65 -31.61
C ASN H 61 -13.20 68.86 -31.45
N SER H 62 -13.90 69.36 -32.47
CA SER H 62 -15.35 69.30 -32.49
C SER H 62 -15.84 69.63 -33.88
N LEU H 63 -16.45 68.66 -34.54
CA LEU H 63 -16.90 68.88 -35.90
C LEU H 63 -18.00 69.92 -36.00
N SER H 64 -18.51 70.41 -34.88
CA SER H 64 -19.49 71.47 -34.95
C SER H 64 -18.82 72.74 -35.45
N LEU H 65 -19.61 73.63 -36.02
CA LEU H 65 -19.06 74.83 -36.63
C LEU H 65 -19.54 76.09 -35.93
N LYS H 76 -25.82 62.34 -25.88
CA LYS H 76 -24.55 62.29 -26.57
C LYS H 76 -24.48 61.08 -27.48
N SER H 77 -25.61 60.41 -27.61
CA SER H 77 -25.66 59.16 -28.34
C SER H 77 -25.64 59.42 -29.84
N TRP H 78 -24.55 59.02 -30.46
CA TRP H 78 -24.40 59.28 -31.88
C TRP H 78 -25.46 58.60 -32.72
N ARG H 79 -26.38 59.32 -33.18
CA ARG H 79 -27.23 58.73 -34.19
C ARG H 79 -26.59 58.89 -35.54
N PRO H 80 -27.05 58.16 -36.55
CA PRO H 80 -26.72 58.52 -37.92
C PRO H 80 -27.25 59.92 -38.23
N PRO H 81 -26.56 60.67 -39.06
CA PRO H 81 -26.86 62.09 -39.19
C PRO H 81 -28.07 62.34 -40.04
N LYS H 82 -28.71 63.46 -39.79
CA LYS H 82 -29.71 63.97 -40.70
C LYS H 82 -29.05 64.34 -42.01
N PRO H 83 -29.81 64.45 -43.07
CA PRO H 83 -29.22 64.97 -44.32
C PRO H 83 -29.09 66.48 -44.26
N THR H 84 -29.97 67.11 -43.49
CA THR H 84 -30.12 68.56 -43.53
C THR H 84 -29.06 69.30 -42.74
N ASP H 85 -28.52 68.70 -41.69
CA ASP H 85 -27.54 69.37 -40.86
C ASP H 85 -26.16 69.31 -41.52
N LYS H 86 -25.24 70.11 -41.00
CA LYS H 86 -23.99 70.36 -41.73
C LYS H 86 -22.81 70.21 -40.79
N SER H 87 -21.68 69.82 -41.37
CA SER H 87 -20.51 69.44 -40.61
C SER H 87 -19.31 70.24 -41.06
N LEU H 88 -18.23 70.08 -40.32
CA LEU H 88 -16.94 70.38 -40.89
C LEU H 88 -16.54 69.32 -41.90
N ALA H 89 -17.08 68.12 -41.76
CA ALA H 89 -16.66 67.04 -42.62
C ALA H 89 -17.07 67.25 -44.04
N ASP H 90 -17.98 68.18 -44.28
CA ASP H 90 -18.67 68.21 -45.57
C ASP H 90 -17.73 68.59 -46.70
N ASP H 91 -16.42 68.56 -46.49
CA ASP H 91 -15.46 68.96 -47.50
C ASP H 91 -14.38 67.91 -47.71
N TYR H 92 -14.62 66.69 -47.24
CA TYR H 92 -13.56 65.69 -47.22
C TYR H 92 -14.15 64.34 -47.57
N ASP H 93 -13.40 63.30 -47.27
CA ASP H 93 -13.77 61.97 -47.70
C ASP H 93 -13.49 60.88 -46.70
N TYR H 94 -13.01 61.20 -45.50
CA TYR H 94 -12.65 60.16 -44.57
C TYR H 94 -12.41 60.86 -43.24
N VAL H 95 -13.42 60.81 -42.38
CA VAL H 95 -13.44 61.59 -41.17
C VAL H 95 -13.56 60.64 -40.00
N MET H 96 -12.42 60.31 -39.40
CA MET H 96 -12.34 59.27 -38.40
C MET H 96 -12.34 59.90 -37.02
N PHE H 97 -12.72 59.13 -36.02
CA PHE H 97 -12.72 59.61 -34.65
C PHE H 97 -11.77 58.78 -33.80
N GLY H 98 -11.16 59.42 -32.81
CA GLY H 98 -10.19 58.72 -31.98
C GLY H 98 -9.85 59.37 -30.67
N THR H 99 -8.85 58.85 -29.99
CA THR H 99 -8.55 59.38 -28.67
C THR H 99 -7.07 59.65 -28.55
N VAL H 100 -6.73 60.80 -28.00
CA VAL H 100 -5.35 61.13 -27.63
C VAL H 100 -4.98 60.21 -26.49
N TYR H 101 -4.02 59.32 -26.69
CA TYR H 101 -3.72 58.39 -25.63
C TYR H 101 -2.28 58.42 -25.20
N LYS H 102 -1.44 59.25 -25.82
CA LYS H 102 -0.05 59.41 -25.41
C LYS H 102 0.44 60.76 -25.90
N PHE H 103 1.07 61.53 -25.03
CA PHE H 103 1.53 62.87 -25.39
C PHE H 103 2.92 63.09 -24.81
N GLU H 104 3.94 62.68 -25.53
CA GLU H 104 5.26 62.50 -24.94
C GLU H 104 6.14 63.71 -25.24
N GLU H 105 6.07 64.72 -24.39
CA GLU H 105 6.80 65.97 -24.57
C GLU H 105 8.27 65.74 -24.31
N GLY H 106 9.01 65.27 -25.30
CA GLY H 106 10.37 64.86 -25.04
C GLY H 106 11.36 65.99 -25.16
N ASP H 107 12.28 65.88 -26.12
CA ASP H 107 13.33 66.86 -26.30
C ASP H 107 12.76 68.17 -26.82
N GLU H 108 13.65 69.04 -27.30
CA GLU H 108 13.24 70.34 -27.80
C GLU H 108 12.07 70.23 -28.77
N ASP H 109 12.13 69.29 -29.71
CA ASP H 109 11.02 69.23 -30.65
C ASP H 109 10.71 67.82 -31.13
N LYS H 110 11.14 66.78 -30.42
CA LYS H 110 10.67 65.44 -30.72
C LYS H 110 9.44 65.22 -29.88
N ILE H 111 8.31 65.73 -30.36
CA ILE H 111 7.04 65.63 -29.67
C ILE H 111 6.19 64.67 -30.48
N LYS H 112 6.09 63.44 -29.99
CA LYS H 112 5.29 62.41 -30.62
C LYS H 112 3.95 62.38 -29.93
N VAL H 113 2.88 62.34 -30.71
CA VAL H 113 1.53 62.21 -30.20
C VAL H 113 0.94 60.94 -30.76
N TYR H 114 0.36 60.13 -29.89
CA TYR H 114 -0.24 58.88 -30.32
C TYR H 114 -1.74 58.95 -30.06
N VAL H 115 -2.51 58.96 -31.13
CA VAL H 115 -3.95 58.94 -31.06
C VAL H 115 -4.41 57.63 -31.66
N SER H 116 -5.33 56.97 -31.00
CA SER H 116 -5.83 55.69 -31.43
C SER H 116 -7.27 55.83 -31.88
N PHE H 117 -7.53 55.40 -33.10
CA PHE H 117 -8.88 55.42 -33.67
C PHE H 117 -9.50 54.05 -33.58
N GLY H 118 -9.78 53.60 -32.36
CA GLY H 118 -10.42 52.33 -32.16
C GLY H 118 -9.69 51.26 -32.94
N GLY H 119 -8.48 50.93 -32.51
CA GLY H 119 -7.67 50.02 -33.25
C GLY H 119 -6.88 50.67 -34.36
N LEU H 120 -7.31 51.81 -34.85
CA LEU H 120 -6.51 52.59 -35.77
C LEU H 120 -5.65 53.55 -34.98
N LEU H 121 -4.40 53.72 -35.43
CA LEU H 121 -3.40 54.42 -34.65
C LEU H 121 -3.05 55.73 -35.32
N MET H 122 -2.15 56.49 -34.70
CA MET H 122 -1.65 57.68 -35.40
C MET H 122 -0.38 58.17 -34.71
N CYS H 123 0.75 58.05 -35.40
CA CYS H 123 2.00 58.64 -34.94
C CYS H 123 2.17 60.01 -35.55
N LEU H 124 2.07 61.03 -34.72
CA LEU H 124 2.19 62.40 -35.19
C LEU H 124 3.29 63.08 -34.39
N GLU H 125 4.07 63.91 -35.07
CA GLU H 125 5.27 64.53 -34.50
C GLU H 125 5.33 65.98 -34.93
N GLY H 126 6.39 66.67 -34.55
CA GLY H 126 6.65 67.95 -35.18
C GLY H 126 6.83 69.05 -34.19
N GLY H 127 6.64 70.28 -34.68
CA GLY H 127 7.02 71.45 -33.90
C GLY H 127 6.15 71.62 -32.66
N TYR H 128 6.82 71.89 -31.54
CA TYR H 128 6.09 72.09 -30.29
C TYR H 128 4.97 73.09 -30.45
N LYS H 129 5.28 74.25 -31.03
CA LYS H 129 4.31 75.30 -31.24
C LYS H 129 3.14 74.82 -32.07
N SER H 130 3.34 73.78 -32.88
CA SER H 130 2.27 73.27 -33.72
C SER H 130 1.36 72.35 -32.93
N LEU H 131 1.93 71.28 -32.41
CA LEU H 131 1.12 70.25 -31.80
C LEU H 131 0.60 70.65 -30.45
N ALA H 132 1.12 71.73 -29.88
CA ALA H 132 0.92 71.98 -28.45
C ALA H 132 -0.54 72.03 -28.05
N SER H 133 -1.44 72.36 -28.95
CA SER H 133 -2.85 72.38 -28.59
C SER H 133 -3.46 70.99 -28.58
N LEU H 134 -2.82 70.00 -29.20
CA LEU H 134 -3.38 68.65 -29.31
C LEU H 134 -3.50 67.94 -27.97
N LYS H 135 -3.30 68.61 -26.85
CA LYS H 135 -3.48 67.98 -25.56
C LYS H 135 -4.98 67.91 -25.28
N GLN H 136 -5.66 67.07 -26.06
CA GLN H 136 -7.11 66.90 -25.92
C GLN H 136 -7.43 65.42 -25.73
N ASP H 137 -8.69 65.04 -25.92
CA ASP H 137 -9.05 63.64 -25.83
C ASP H 137 -9.76 63.12 -27.07
N ASN H 138 -10.42 63.99 -27.81
CA ASN H 138 -11.19 63.61 -28.99
C ASN H 138 -10.61 64.35 -30.18
N LEU H 139 -10.14 63.62 -31.17
CA LEU H 139 -9.61 64.26 -32.36
C LEU H 139 -10.25 63.65 -33.61
N TYR H 140 -11.17 64.37 -34.21
CA TYR H 140 -11.58 63.97 -35.55
C TYR H 140 -10.35 64.08 -36.44
N ILE H 141 -10.43 63.51 -37.63
CA ILE H 141 -9.35 63.67 -38.60
C ILE H 141 -9.94 63.58 -39.99
N LEU H 142 -9.54 64.50 -40.88
CA LEU H 142 -10.36 64.77 -42.06
C LEU H 142 -9.50 64.63 -43.32
N ILE H 143 -9.27 63.40 -43.75
CA ILE H 143 -8.39 63.21 -44.89
C ILE H 143 -9.09 63.69 -46.15
N ARG H 144 -8.32 64.12 -47.12
CA ARG H 144 -8.81 64.71 -48.36
C ARG H 144 -8.19 63.98 -49.55
N ARG H 145 -8.90 64.00 -50.67
CA ARG H 145 -8.35 63.50 -51.93
C ARG H 145 -8.07 62.01 -51.98
N SER I 3 40.33 -23.80 -14.84
CA SER I 3 40.32 -24.83 -15.88
C SER I 3 40.89 -26.12 -15.32
N PHE I 4 40.02 -27.06 -14.98
CA PHE I 4 40.42 -28.29 -14.31
C PHE I 4 40.27 -29.46 -15.26
N ARG I 5 41.31 -30.29 -15.34
CA ARG I 5 41.29 -31.50 -16.15
C ARG I 5 41.03 -32.71 -15.27
N PHE I 6 40.74 -33.85 -15.90
CA PHE I 6 40.06 -34.93 -15.20
C PHE I 6 41.00 -36.06 -14.80
N CYS I 7 40.39 -37.05 -14.14
CA CYS I 7 41.08 -38.26 -13.74
C CYS I 7 40.92 -39.35 -14.79
N LEU I 8 41.75 -40.38 -14.68
CA LEU I 8 41.70 -41.52 -15.59
C LEU I 8 41.37 -42.83 -14.90
N GLU I 9 41.09 -42.81 -13.61
CA GLU I 9 40.98 -44.02 -12.82
C GLU I 9 39.65 -44.16 -12.11
N CYS I 10 39.15 -43.07 -11.53
CA CYS I 10 37.83 -43.07 -10.91
C CYS I 10 36.95 -41.97 -11.50
N ASN I 11 37.31 -41.45 -12.68
CA ASN I 11 36.50 -40.52 -13.45
C ASN I 11 36.21 -39.23 -12.69
N ASN I 12 37.15 -38.79 -11.86
CA ASN I 12 36.87 -37.63 -11.03
C ASN I 12 37.59 -36.39 -11.55
N MET I 13 37.32 -35.28 -10.90
CA MET I 13 38.07 -34.06 -11.11
C MET I 13 39.36 -34.10 -10.30
N LEU I 14 40.19 -33.08 -10.49
CA LEU I 14 41.47 -33.06 -9.81
C LEU I 14 41.57 -31.87 -8.86
N TYR I 15 42.77 -31.69 -8.32
CA TYR I 15 43.12 -30.55 -7.51
C TYR I 15 44.59 -30.21 -7.70
N PRO I 16 44.96 -28.95 -7.53
CA PRO I 16 46.37 -28.60 -7.35
C PRO I 16 46.85 -29.05 -5.98
N LYS I 17 48.14 -29.38 -5.92
CA LYS I 17 48.75 -29.81 -4.68
C LYS I 17 50.25 -29.59 -4.75
N GLU I 18 50.77 -28.85 -3.78
CA GLU I 18 52.15 -28.41 -3.79
C GLU I 18 53.08 -29.52 -3.32
N ASP I 19 53.92 -30.03 -4.22
CA ASP I 19 54.89 -31.05 -3.84
C ASP I 19 56.10 -30.35 -3.23
N LYS I 20 56.12 -30.29 -1.90
CA LYS I 20 57.03 -29.38 -1.23
C LYS I 20 58.47 -29.90 -1.21
N GLU I 21 58.66 -31.21 -1.34
CA GLU I 21 60.02 -31.76 -1.36
C GLU I 21 60.75 -31.33 -2.62
N ASN I 22 60.23 -31.69 -3.78
CA ASN I 22 60.92 -31.50 -5.04
C ASN I 22 60.73 -30.10 -5.60
N GLN I 23 60.08 -29.21 -4.86
CA GLN I 23 59.81 -27.85 -5.30
C GLN I 23 59.11 -27.82 -6.65
N ARG I 24 57.89 -28.32 -6.72
CA ARG I 24 57.04 -28.21 -7.89
C ARG I 24 55.58 -28.27 -7.46
N LEU I 25 54.70 -28.09 -8.43
CA LEU I 25 53.28 -28.26 -8.23
C LEU I 25 52.87 -29.61 -8.79
N LEU I 26 51.70 -30.08 -8.41
CA LEU I 26 51.15 -31.34 -8.90
C LEU I 26 49.67 -31.17 -9.22
N TYR I 27 49.04 -32.29 -9.53
CA TYR I 27 47.59 -32.41 -9.58
C TYR I 27 47.26 -33.78 -9.02
N SER I 28 46.46 -33.82 -7.98
CA SER I 28 46.09 -35.08 -7.37
C SER I 28 44.59 -35.25 -7.41
N CYS I 29 44.17 -36.51 -7.39
CA CYS I 29 42.77 -36.83 -7.23
C CYS I 29 42.42 -36.81 -5.75
N ARG I 30 41.17 -37.13 -5.49
CA ARG I 30 40.69 -37.30 -4.13
C ARG I 30 39.93 -38.61 -3.97
N ASN I 31 39.43 -39.17 -5.07
CA ASN I 31 38.78 -40.47 -5.01
C ASN I 31 39.62 -41.59 -5.59
N CYS I 32 40.84 -41.31 -6.02
CA CYS I 32 41.80 -42.36 -6.28
C CYS I 32 43.16 -41.89 -5.76
N ASP I 33 44.21 -42.57 -6.15
CA ASP I 33 45.55 -42.21 -5.72
C ASP I 33 46.48 -41.99 -6.90
N TYR I 34 45.88 -41.76 -8.06
CA TYR I 34 46.63 -41.24 -9.19
C TYR I 34 47.23 -39.90 -8.78
N THR I 35 48.39 -39.60 -9.31
CA THR I 35 49.09 -38.39 -8.93
C THR I 35 49.88 -37.91 -10.14
N GLU I 36 49.89 -36.61 -10.40
CA GLU I 36 50.58 -36.23 -11.62
C GLU I 36 51.30 -34.90 -11.43
N LEU I 37 52.26 -34.66 -12.31
CA LEU I 37 53.03 -33.44 -12.45
C LEU I 37 52.12 -32.29 -12.85
N ALA I 38 52.66 -31.09 -12.74
CA ALA I 38 51.92 -29.88 -13.06
C ALA I 38 52.33 -29.32 -14.41
N GLU I 39 51.61 -28.29 -14.86
CA GLU I 39 51.78 -27.70 -16.18
C GLU I 39 51.65 -26.18 -16.21
N ASP I 40 51.24 -25.52 -15.14
CA ASP I 40 50.99 -24.08 -15.16
C ASP I 40 51.06 -23.50 -13.76
N PRO I 41 51.87 -22.46 -13.53
CA PRO I 41 51.73 -21.71 -12.28
C PRO I 41 50.35 -21.11 -12.14
N LYS I 42 49.78 -20.59 -13.23
CA LYS I 42 48.42 -20.05 -13.14
C LYS I 42 47.44 -21.20 -12.99
N VAL I 43 47.09 -21.54 -11.75
CA VAL I 43 46.10 -22.58 -11.53
C VAL I 43 44.74 -21.92 -11.57
N TYR I 44 44.67 -20.73 -11.02
CA TYR I 44 43.43 -19.98 -10.97
C TYR I 44 43.55 -18.73 -11.81
N ARG I 45 42.41 -18.23 -12.25
CA ARG I 45 42.31 -16.96 -12.93
C ARG I 45 40.87 -16.49 -12.79
N HIS I 46 40.68 -15.18 -12.86
CA HIS I 46 39.33 -14.63 -12.97
C HIS I 46 39.47 -13.26 -13.60
N GLU I 47 38.74 -13.03 -14.68
CA GLU I 47 38.93 -11.79 -15.40
C GLU I 47 37.91 -10.76 -14.97
N LEU I 48 38.33 -9.49 -15.00
CA LEU I 48 37.45 -8.37 -14.74
C LEU I 48 37.07 -7.63 -16.01
N ILE I 49 37.99 -7.51 -16.95
CA ILE I 49 37.73 -6.86 -18.23
C ILE I 49 37.94 -7.87 -19.34
N THR I 50 36.88 -8.16 -20.08
CA THR I 50 36.97 -9.03 -21.24
C THR I 50 36.03 -8.49 -22.32
N ASN I 51 36.18 -9.05 -23.52
CA ASN I 51 35.33 -8.69 -24.66
C ASN I 51 34.87 -9.95 -25.36
N ILE I 52 34.92 -11.08 -24.66
CA ILE I 52 34.66 -12.41 -25.21
C ILE I 52 33.16 -12.71 -25.07
N GLY I 53 32.62 -13.39 -26.07
CA GLY I 53 31.20 -13.47 -26.28
C GLY I 53 30.73 -12.70 -27.48
N GLU I 54 31.57 -12.58 -28.51
CA GLU I 54 31.55 -11.47 -29.44
C GLU I 54 30.99 -11.85 -30.80
N THR I 55 31.61 -12.81 -31.46
CA THR I 55 31.20 -13.28 -32.79
C THR I 55 30.29 -14.49 -32.64
N ALA I 56 29.39 -14.44 -31.67
CA ALA I 56 28.67 -15.64 -31.24
C ALA I 56 27.92 -16.29 -32.39
N GLY I 57 26.85 -15.64 -32.85
CA GLY I 57 25.90 -16.31 -33.72
C GLY I 57 26.42 -16.61 -35.11
N ILE I 58 27.57 -17.29 -35.19
CA ILE I 58 28.20 -17.62 -36.46
C ILE I 58 28.31 -19.13 -36.57
N VAL I 59 27.83 -19.68 -37.68
CA VAL I 59 28.02 -21.06 -38.09
C VAL I 59 28.25 -21.05 -39.59
N ASP I 60 28.35 -22.23 -40.20
CA ASP I 60 28.51 -22.25 -41.65
C ASP I 60 27.20 -21.91 -42.37
N ASP I 61 26.06 -22.18 -41.75
CA ASP I 61 24.78 -21.74 -42.30
C ASP I 61 24.28 -20.49 -41.64
N ILE I 62 25.17 -19.58 -41.26
CA ILE I 62 24.73 -18.31 -40.69
C ILE I 62 23.96 -17.50 -41.73
N GLY I 63 24.50 -17.39 -42.94
CA GLY I 63 23.91 -16.51 -43.93
C GLY I 63 22.52 -16.92 -44.38
N GLN I 64 22.24 -18.22 -44.37
CA GLN I 64 20.93 -18.67 -44.80
C GLN I 64 19.84 -18.17 -43.86
N ASP I 65 20.21 -17.49 -42.79
CA ASP I 65 19.18 -16.72 -42.11
C ASP I 65 18.87 -15.50 -42.96
N PRO I 66 17.64 -15.33 -43.37
CA PRO I 66 17.30 -14.13 -44.13
C PRO I 66 16.88 -12.99 -43.22
N THR I 67 17.08 -13.12 -41.91
CA THR I 67 16.90 -11.96 -41.06
C THR I 67 18.19 -11.18 -40.89
N LEU I 68 19.28 -11.66 -41.48
CA LEU I 68 20.56 -11.00 -41.41
C LEU I 68 20.75 -10.18 -42.68
N PRO I 69 20.89 -8.88 -42.58
CA PRO I 69 21.06 -8.07 -43.78
C PRO I 69 22.34 -8.40 -44.52
N ARG I 70 22.22 -8.47 -45.84
CA ARG I 70 23.37 -8.65 -46.71
C ARG I 70 23.96 -7.29 -47.04
N SER I 71 25.28 -7.16 -46.90
CA SER I 71 25.93 -5.86 -46.99
C SER I 71 26.91 -5.80 -48.15
N ASP I 72 27.62 -4.67 -48.23
CA ASP I 72 28.39 -4.29 -49.40
C ASP I 72 29.81 -3.83 -49.07
N LYS I 73 30.59 -4.66 -48.37
CA LYS I 73 32.01 -4.36 -48.24
C LYS I 73 32.85 -5.30 -49.10
N GLU I 74 34.13 -4.97 -49.15
CA GLU I 74 35.12 -5.75 -49.88
C GLU I 74 35.52 -6.94 -49.02
N CYS I 75 35.48 -8.12 -49.60
CA CYS I 75 35.91 -9.27 -48.83
C CYS I 75 37.42 -9.28 -48.71
N PRO I 76 37.95 -9.42 -47.50
CA PRO I 76 39.40 -9.53 -47.35
C PRO I 76 39.96 -10.78 -47.99
N GLU I 77 39.14 -11.82 -48.21
CA GLU I 77 39.67 -13.09 -48.72
C GLU I 77 39.39 -13.28 -50.20
N CYS I 78 38.12 -13.21 -50.60
CA CYS I 78 37.76 -13.41 -52.00
C CYS I 78 37.37 -12.12 -52.70
N HIS I 79 37.59 -10.96 -52.09
CA HIS I 79 37.43 -9.67 -52.74
C HIS I 79 35.98 -9.40 -53.13
N SER I 80 35.03 -10.13 -52.54
CA SER I 80 33.63 -9.99 -52.89
C SER I 80 33.06 -8.69 -52.37
N ARG I 81 31.94 -8.27 -52.96
CA ARG I 81 31.13 -7.17 -52.44
C ARG I 81 30.03 -7.70 -51.53
N ASP I 82 29.92 -9.02 -51.42
CA ASP I 82 28.73 -9.65 -50.87
C ASP I 82 29.05 -10.31 -49.56
N CYS I 83 28.49 -9.79 -48.48
CA CYS I 83 28.72 -10.31 -47.14
C CYS I 83 27.64 -9.74 -46.24
N VAL I 84 27.47 -10.38 -45.07
CA VAL I 84 26.42 -9.97 -44.13
C VAL I 84 27.09 -9.45 -42.86
N PHE I 85 26.40 -8.61 -42.09
CA PHE I 85 27.01 -8.14 -40.86
C PHE I 85 26.00 -8.11 -39.75
N PHE I 86 26.52 -7.97 -38.53
CA PHE I 86 25.74 -7.92 -37.31
C PHE I 86 26.67 -7.55 -36.17
N GLN I 87 26.12 -6.86 -35.18
CA GLN I 87 26.92 -6.39 -34.07
C GLN I 87 27.37 -7.57 -33.22
N SER I 88 28.17 -7.29 -32.21
CA SER I 88 28.54 -8.30 -31.24
C SER I 88 27.34 -8.67 -30.39
N GLN I 89 27.02 -9.95 -30.35
CA GLN I 89 25.90 -10.44 -29.54
C GLN I 89 26.21 -10.46 -28.05
N GLN I 90 27.42 -10.09 -27.63
CA GLN I 90 27.64 -9.70 -26.26
C GLN I 90 26.61 -8.67 -25.85
N ARG I 91 26.06 -8.81 -24.65
CA ARG I 91 24.94 -7.97 -24.27
C ARG I 91 25.22 -7.11 -23.04
N ARG I 92 26.48 -6.97 -22.67
CA ARG I 92 26.83 -5.97 -21.66
C ARG I 92 26.46 -4.59 -22.18
N LYS I 93 26.15 -3.69 -21.25
CA LYS I 93 25.73 -2.34 -21.63
C LYS I 93 26.80 -1.63 -22.46
N ASP I 94 28.01 -2.17 -22.49
CA ASP I 94 29.11 -1.66 -23.31
C ASP I 94 29.32 -2.46 -24.58
N THR I 95 28.26 -2.95 -25.21
CA THR I 95 28.45 -3.79 -26.38
C THR I 95 29.27 -3.07 -27.44
N ASN I 96 30.43 -3.63 -27.74
CA ASN I 96 31.31 -3.08 -28.75
C ASN I 96 30.57 -3.04 -30.07
N MET I 97 29.78 -2.01 -30.31
CA MET I 97 28.78 -2.03 -31.37
C MET I 97 29.37 -2.21 -32.76
N THR I 98 30.64 -2.53 -32.86
CA THR I 98 31.30 -2.64 -34.14
C THR I 98 30.67 -3.71 -35.01
N LEU I 99 30.49 -3.36 -36.28
CA LEU I 99 29.89 -4.22 -37.28
C LEU I 99 30.82 -5.37 -37.61
N PHE I 100 30.27 -6.56 -37.63
CA PHE I 100 31.06 -7.75 -37.94
C PHE I 100 30.71 -8.19 -39.34
N TYR I 101 31.42 -7.69 -40.33
CA TYR I 101 31.16 -8.13 -41.69
C TYR I 101 31.55 -9.58 -41.75
N VAL I 102 30.68 -10.43 -41.22
CA VAL I 102 30.85 -11.86 -41.35
C VAL I 102 30.49 -12.24 -42.78
N CYS I 103 31.51 -12.59 -43.55
CA CYS I 103 31.39 -12.61 -45.00
C CYS I 103 30.45 -13.70 -45.47
N LEU I 104 30.30 -13.79 -46.78
CA LEU I 104 29.55 -14.88 -47.40
C LEU I 104 30.44 -15.81 -48.22
N ASN I 105 31.76 -15.75 -48.00
CA ASN I 105 32.69 -16.78 -48.49
C ASN I 105 33.35 -17.52 -47.34
N CYS I 106 34.24 -16.84 -46.61
CA CYS I 106 34.96 -17.42 -45.49
C CYS I 106 34.53 -16.84 -44.16
N LYS I 107 33.80 -15.72 -44.19
CA LYS I 107 33.13 -15.16 -43.03
C LYS I 107 34.13 -14.56 -42.05
N LYS I 108 35.20 -13.99 -42.61
CA LYS I 108 36.25 -13.35 -41.81
C LYS I 108 35.69 -12.12 -41.11
N THR I 109 35.45 -12.27 -39.83
CA THR I 109 34.72 -11.27 -39.07
C THR I 109 35.59 -10.04 -38.85
N PHE I 110 35.54 -9.10 -39.78
CA PHE I 110 36.27 -7.85 -39.60
C PHE I 110 35.27 -6.76 -39.23
N ARG I 111 35.77 -5.55 -39.11
CA ARG I 111 35.11 -4.53 -38.28
C ARG I 111 35.18 -3.19 -38.97
N ASP I 112 34.93 -2.14 -38.19
CA ASP I 112 34.91 -0.77 -38.66
C ASP I 112 35.80 0.16 -37.85
N GLU I 113 36.64 -0.37 -36.97
CA GLU I 113 37.68 0.45 -36.33
C GLU I 113 38.70 0.93 -37.35
N MET J 1 -34.71 -2.23 -43.18
CA MET J 1 -36.12 -1.99 -42.97
C MET J 1 -36.59 -1.19 -44.17
N ILE J 2 -37.82 -0.70 -44.16
CA ILE J 2 -38.45 -0.32 -45.41
C ILE J 2 -38.23 1.16 -45.67
N ILE J 3 -38.02 1.49 -46.94
CA ILE J 3 -37.56 2.80 -47.41
C ILE J 3 -38.36 3.90 -46.73
N PRO J 4 -37.76 4.99 -46.37
CA PRO J 4 -38.47 5.93 -45.50
C PRO J 4 -39.55 6.70 -46.21
N VAL J 5 -40.11 7.66 -45.49
CA VAL J 5 -41.16 8.48 -46.04
C VAL J 5 -40.57 9.73 -46.63
N ARG J 6 -39.95 10.54 -45.79
CA ARG J 6 -39.30 11.72 -46.30
C ARG J 6 -37.80 11.49 -46.31
N CYS J 7 -37.12 12.02 -47.31
CA CYS J 7 -35.68 12.16 -47.15
C CYS J 7 -35.40 12.87 -45.84
N PHE J 8 -34.29 12.50 -45.22
CA PHE J 8 -34.04 13.00 -43.88
C PHE J 8 -33.77 14.50 -43.84
N SER J 9 -32.79 14.94 -44.61
CA SER J 9 -32.35 16.33 -44.57
C SER J 9 -33.35 17.25 -45.27
N CYS J 10 -33.61 17.01 -46.54
CA CYS J 10 -34.49 17.93 -47.25
C CYS J 10 -35.94 17.68 -46.87
N GLY J 11 -36.57 16.67 -47.46
CA GLY J 11 -37.98 16.50 -47.25
C GLY J 11 -38.77 16.36 -48.54
N LYS J 12 -38.16 15.74 -49.53
CA LYS J 12 -38.85 15.35 -50.75
C LYS J 12 -39.21 13.88 -50.65
N VAL J 13 -40.50 13.56 -50.78
CA VAL J 13 -40.97 12.18 -50.64
C VAL J 13 -40.08 11.27 -51.46
N VAL J 14 -39.58 10.23 -50.82
CA VAL J 14 -38.72 9.27 -51.50
C VAL J 14 -39.32 7.88 -51.56
N GLY J 15 -40.25 7.55 -50.67
CA GLY J 15 -40.69 6.16 -50.56
C GLY J 15 -41.05 5.53 -51.88
N ASP J 16 -42.07 6.06 -52.55
CA ASP J 16 -42.49 5.51 -53.81
C ASP J 16 -41.33 5.19 -54.72
N LYS J 17 -40.39 6.11 -54.83
CA LYS J 17 -39.33 6.00 -55.80
C LYS J 17 -38.45 4.79 -55.56
N TRP J 18 -38.80 3.94 -54.61
CA TRP J 18 -37.96 2.78 -54.37
C TRP J 18 -38.11 1.74 -55.47
N ASP J 19 -39.34 1.28 -55.69
CA ASP J 19 -39.56 0.15 -56.58
C ASP J 19 -38.91 0.37 -57.93
N ALA J 20 -39.34 1.41 -58.64
CA ALA J 20 -38.76 1.72 -59.93
C ALA J 20 -37.26 1.60 -59.88
N TYR J 21 -36.66 2.13 -58.83
CA TYR J 21 -35.21 2.11 -58.75
C TYR J 21 -34.66 0.68 -58.85
N LEU J 22 -35.15 -0.23 -58.04
CA LEU J 22 -34.71 -1.61 -58.20
C LEU J 22 -34.92 -2.07 -59.63
N ARG J 23 -36.10 -1.82 -60.17
CA ARG J 23 -36.40 -2.18 -61.56
C ARG J 23 -35.37 -1.60 -62.51
N LEU J 24 -34.93 -0.36 -62.27
CA LEU J 24 -33.91 0.20 -63.14
C LEU J 24 -32.63 -0.61 -63.06
N LEU J 25 -32.24 -1.00 -61.87
CA LEU J 25 -31.07 -1.85 -61.73
C LEU J 25 -31.19 -3.13 -62.53
N GLU J 26 -32.42 -3.54 -62.80
CA GLU J 26 -32.63 -4.83 -63.44
C GLU J 26 -32.26 -4.75 -64.91
N GLU J 27 -31.99 -3.56 -65.42
CA GLU J 27 -31.61 -3.40 -66.81
C GLU J 27 -30.12 -3.16 -67.00
N GLY J 28 -29.37 -3.04 -65.91
CA GLY J 28 -27.97 -2.73 -65.97
C GLY J 28 -27.62 -1.28 -65.77
N LYS J 29 -28.51 -0.48 -65.21
CA LYS J 29 -28.26 0.95 -65.07
C LYS J 29 -27.08 1.22 -64.14
N GLN J 30 -26.88 2.50 -63.88
CA GLN J 30 -25.97 2.96 -62.83
C GLN J 30 -26.72 3.81 -61.83
N GLU J 31 -26.33 3.65 -60.58
CA GLU J 31 -26.98 4.33 -59.48
C GLU J 31 -26.99 5.83 -59.72
N GLY J 32 -25.90 6.36 -60.27
CA GLY J 32 -25.92 7.74 -60.68
C GLY J 32 -26.96 7.98 -61.75
N ASP J 33 -26.86 7.26 -62.87
CA ASP J 33 -27.82 7.43 -63.93
C ASP J 33 -29.22 7.10 -63.46
N ALA J 34 -29.35 6.08 -62.61
CA ALA J 34 -30.67 5.74 -62.10
C ALA J 34 -31.26 6.90 -61.32
N LEU J 35 -30.58 7.32 -60.27
CA LEU J 35 -31.04 8.46 -59.49
C LEU J 35 -31.36 9.66 -60.36
N ASP J 36 -30.51 9.94 -61.33
CA ASP J 36 -30.75 11.09 -62.18
C ASP J 36 -32.04 10.91 -62.95
N GLU J 37 -32.30 9.70 -63.42
CA GLU J 37 -33.56 9.44 -64.07
C GLU J 37 -34.69 9.44 -63.06
N LEU J 38 -34.41 9.07 -61.82
CA LEU J 38 -35.46 9.25 -60.83
C LEU J 38 -35.56 10.67 -60.37
N LYS J 39 -34.71 11.55 -60.88
CA LYS J 39 -34.79 12.97 -60.61
C LYS J 39 -34.62 13.26 -59.12
N LEU J 40 -33.45 12.87 -58.62
CA LEU J 40 -32.98 13.27 -57.31
C LEU J 40 -31.70 14.05 -57.52
N LYS J 41 -31.82 15.37 -57.52
CA LYS J 41 -30.73 16.24 -57.90
C LYS J 41 -29.79 16.59 -56.75
N ARG J 42 -30.31 16.94 -55.59
CA ARG J 42 -29.44 17.14 -54.44
C ARG J 42 -28.87 15.81 -54.00
N TYR J 43 -27.91 15.85 -53.08
CA TYR J 43 -27.47 14.55 -52.61
C TYR J 43 -28.23 14.08 -51.36
N CYS J 44 -28.80 14.97 -50.56
CA CYS J 44 -29.51 14.53 -49.37
C CYS J 44 -30.50 13.44 -49.72
N CYS J 45 -31.40 13.72 -50.64
CA CYS J 45 -32.16 12.63 -51.20
C CYS J 45 -31.27 11.56 -51.78
N ARG J 46 -30.16 11.88 -52.42
CA ARG J 46 -29.44 10.83 -53.11
C ARG J 46 -28.80 9.84 -52.17
N ARG J 47 -28.54 10.23 -50.93
CA ARG J 47 -28.19 9.20 -49.97
C ARG J 47 -29.43 8.52 -49.40
N MET J 48 -30.53 9.23 -49.23
CA MET J 48 -31.68 8.52 -48.69
C MET J 48 -32.15 7.41 -49.60
N VAL J 49 -31.52 7.18 -50.72
CA VAL J 49 -31.86 6.03 -51.53
C VAL J 49 -30.61 5.26 -51.90
N LEU J 50 -29.49 5.95 -52.05
CA LEU J 50 -28.30 5.21 -52.43
C LEU J 50 -27.81 4.35 -51.28
N THR J 51 -28.03 4.79 -50.06
CA THR J 51 -27.62 3.91 -48.98
C THR J 51 -28.65 2.85 -48.72
N HIS J 52 -29.92 3.22 -48.70
CA HIS J 52 -30.88 2.48 -47.91
C HIS J 52 -30.84 0.99 -48.13
N VAL J 53 -30.73 0.28 -47.03
CA VAL J 53 -30.80 -1.17 -47.02
C VAL J 53 -32.18 -1.54 -46.53
N ASP J 54 -32.78 -2.51 -47.22
CA ASP J 54 -34.15 -2.92 -47.01
C ASP J 54 -34.13 -4.30 -46.36
N LEU J 55 -34.38 -4.34 -45.06
CA LEU J 55 -34.40 -5.58 -44.31
C LEU J 55 -35.66 -6.38 -44.46
N ILE J 56 -36.81 -5.71 -44.47
CA ILE J 56 -38.05 -6.36 -44.12
C ILE J 56 -38.24 -7.68 -44.83
N GLU J 57 -37.45 -7.95 -45.88
CA GLU J 57 -37.52 -9.26 -46.52
C GLU J 57 -37.20 -10.37 -45.54
N LYS J 58 -36.09 -10.23 -44.83
CA LYS J 58 -35.86 -11.20 -43.78
C LYS J 58 -37.01 -11.21 -42.80
N PHE J 59 -37.32 -10.06 -42.18
CA PHE J 59 -38.32 -10.01 -41.12
C PHE J 59 -39.59 -10.73 -41.50
N LEU J 60 -39.89 -10.81 -42.78
CA LEU J 60 -40.99 -11.68 -43.13
C LEU J 60 -40.57 -13.13 -43.15
N ARG J 61 -39.42 -13.46 -43.74
CA ARG J 61 -39.18 -14.83 -44.17
C ARG J 61 -39.51 -15.90 -43.15
N TYR J 62 -39.93 -15.55 -41.94
CA TYR J 62 -40.37 -16.54 -40.97
C TYR J 62 -41.81 -16.93 -41.27
N ASN J 63 -42.02 -18.22 -41.44
CA ASN J 63 -43.37 -18.71 -41.68
C ASN J 63 -44.30 -18.23 -40.57
N PRO J 64 -45.61 -18.19 -40.79
CA PRO J 64 -46.44 -17.13 -40.18
C PRO J 64 -46.17 -16.96 -38.71
N LEU J 65 -46.04 -15.72 -38.28
CA LEU J 65 -45.96 -15.49 -36.85
C LEU J 65 -47.22 -16.01 -36.17
N GLU J 66 -48.32 -16.04 -36.90
CA GLU J 66 -49.52 -16.74 -36.47
C GLU J 66 -49.53 -18.14 -37.08
N MET K 1 -38.63 13.57 -22.10
CA MET K 1 -39.85 13.64 -21.30
C MET K 1 -40.28 15.06 -21.04
N ASN K 2 -39.55 15.76 -20.19
CA ASN K 2 -40.00 17.02 -19.61
C ASN K 2 -40.06 18.15 -20.62
N ALA K 3 -40.16 17.81 -21.92
CA ALA K 3 -40.30 18.81 -22.97
C ALA K 3 -41.66 19.47 -22.84
N PRO K 4 -41.75 20.80 -22.98
CA PRO K 4 -43.06 21.44 -22.94
C PRO K 4 -43.83 21.05 -24.18
N ASP K 5 -45.12 21.33 -24.23
CA ASP K 5 -45.91 20.92 -25.38
C ASP K 5 -45.33 21.55 -26.65
N ARG K 6 -45.31 20.77 -27.73
CA ARG K 6 -44.74 21.24 -28.99
C ARG K 6 -45.62 22.29 -29.66
N PHE K 7 -46.75 22.64 -29.05
CA PHE K 7 -47.53 23.78 -29.53
C PHE K 7 -47.34 25.00 -28.63
N GLU K 8 -46.48 24.92 -27.61
CA GLU K 8 -46.16 26.10 -26.82
C GLU K 8 -45.36 27.14 -27.62
N LEU K 9 -45.20 26.94 -28.93
CA LEU K 9 -44.44 27.85 -29.76
C LEU K 9 -45.30 28.89 -30.47
N PHE K 10 -46.59 28.66 -30.61
CA PHE K 10 -47.44 29.68 -31.22
C PHE K 10 -48.66 30.08 -30.39
N ILE K 11 -49.27 29.17 -29.65
CA ILE K 11 -50.46 29.52 -28.88
C ILE K 11 -50.04 30.48 -27.77
N LEU K 12 -50.52 31.70 -27.88
CA LEU K 12 -50.35 32.67 -26.81
C LEU K 12 -50.92 32.11 -25.51
N PRO K 13 -50.32 32.44 -24.37
CA PRO K 13 -50.92 32.05 -23.10
C PRO K 13 -52.26 32.73 -22.87
N ASP K 14 -53.01 32.28 -21.87
CA ASP K 14 -54.37 32.78 -21.68
C ASP K 14 -54.39 34.26 -21.32
N ASP K 15 -53.74 34.63 -20.21
CA ASP K 15 -53.73 36.02 -19.75
C ASP K 15 -52.42 36.74 -20.03
N VAL K 16 -51.46 36.08 -20.65
CA VAL K 16 -50.25 36.74 -21.15
C VAL K 16 -50.56 37.25 -22.54
N PRO K 17 -50.76 38.55 -22.72
CA PRO K 17 -51.22 39.05 -24.02
C PRO K 17 -50.19 38.84 -25.10
N LYS K 18 -50.61 39.05 -26.35
CA LYS K 18 -49.74 38.80 -27.48
C LYS K 18 -48.46 39.61 -27.42
N LEU K 19 -48.50 40.76 -26.75
CA LEU K 19 -47.45 41.75 -26.92
C LEU K 19 -47.52 42.74 -25.77
N LYS K 20 -46.51 42.73 -24.91
CA LYS K 20 -46.50 43.55 -23.71
C LYS K 20 -45.50 44.68 -23.89
N ILE K 21 -45.87 45.89 -23.50
CA ILE K 21 -45.05 47.06 -23.72
C ILE K 21 -44.50 47.55 -22.39
N THR K 22 -43.21 47.88 -22.35
CA THR K 22 -42.61 48.46 -21.16
C THR K 22 -41.76 49.67 -21.50
N PRO K 23 -42.02 50.83 -20.89
CA PRO K 23 -41.30 52.03 -21.28
C PRO K 23 -39.89 52.02 -20.72
N ASP K 24 -38.91 52.24 -21.59
CA ASP K 24 -37.51 52.21 -21.18
C ASP K 24 -37.19 53.48 -20.42
N SER K 25 -36.36 53.34 -19.39
CA SER K 25 -36.12 54.44 -18.46
C SER K 25 -34.77 55.11 -18.69
N ARG K 26 -33.89 54.48 -19.45
CA ARG K 26 -32.52 54.98 -19.54
C ARG K 26 -32.44 56.27 -20.36
N VAL K 27 -32.72 56.18 -21.65
CA VAL K 27 -32.58 57.35 -22.51
C VAL K 27 -33.98 57.89 -22.82
N PRO K 28 -34.12 59.13 -23.29
CA PRO K 28 -35.46 59.69 -23.49
C PRO K 28 -36.12 59.07 -24.71
N ASN K 29 -37.44 58.90 -24.62
CA ASN K 29 -38.24 58.52 -25.77
C ASN K 29 -37.78 57.19 -26.37
N CYS K 30 -37.81 56.14 -25.56
CA CYS K 30 -37.44 54.82 -26.00
C CYS K 30 -38.17 53.80 -25.16
N ILE K 31 -38.50 52.66 -25.77
CA ILE K 31 -39.35 51.68 -25.12
C ILE K 31 -38.95 50.26 -25.51
N ILE K 32 -39.68 49.31 -24.93
CA ILE K 32 -39.42 47.89 -25.04
C ILE K 32 -40.72 47.20 -25.37
N ILE K 33 -40.65 46.17 -26.21
CA ILE K 33 -41.79 45.32 -26.49
C ILE K 33 -41.35 43.88 -26.28
N LYS K 34 -42.14 43.14 -25.50
CA LYS K 34 -41.97 41.71 -25.31
C LYS K 34 -42.98 41.05 -26.23
N PHE K 35 -42.46 40.35 -27.23
CA PHE K 35 -43.30 39.55 -28.12
C PHE K 35 -43.60 38.20 -27.50
N GLU K 36 -44.53 37.48 -28.10
CA GLU K 36 -44.79 36.11 -27.68
C GLU K 36 -44.96 35.19 -28.88
N ARG K 37 -44.38 34.00 -28.76
CA ARG K 37 -44.63 32.91 -29.69
C ARG K 37 -44.15 33.27 -31.10
N GLU K 38 -43.26 34.24 -31.16
CA GLU K 38 -42.79 34.71 -32.44
C GLU K 38 -41.33 34.36 -32.54
N ASP K 39 -40.78 34.51 -33.74
CA ASP K 39 -39.39 34.15 -33.96
C ASP K 39 -38.76 35.23 -34.81
N HIS K 40 -37.56 34.92 -35.28
CA HIS K 40 -36.89 35.76 -36.25
C HIS K 40 -37.79 36.10 -37.41
N THR K 41 -38.63 35.16 -37.84
CA THR K 41 -39.52 35.37 -38.97
C THR K 41 -40.28 36.67 -38.84
N LEU K 42 -40.56 37.12 -37.62
CA LEU K 42 -41.24 38.39 -37.51
C LEU K 42 -40.30 39.50 -37.07
N ALA K 43 -39.47 39.22 -36.10
CA ALA K 43 -38.63 40.27 -35.53
C ALA K 43 -37.67 40.82 -36.56
N ASN K 44 -36.95 39.93 -37.25
CA ASN K 44 -35.98 40.36 -38.24
C ASN K 44 -36.61 41.32 -39.23
N LEU K 45 -37.85 41.05 -39.61
CA LEU K 45 -38.53 41.84 -40.62
C LEU K 45 -38.93 43.19 -40.07
N LEU K 46 -39.64 43.21 -38.93
CA LEU K 46 -39.95 44.47 -38.32
C LEU K 46 -38.71 45.33 -38.10
N ARG K 47 -37.62 44.74 -37.61
CA ARG K 47 -36.41 45.54 -37.44
C ARG K 47 -35.99 46.17 -38.74
N GLU K 48 -35.64 45.36 -39.73
CA GLU K 48 -35.10 45.99 -40.93
C GLU K 48 -36.01 47.09 -41.44
N GLU K 49 -37.31 46.85 -41.46
CA GLU K 49 -38.17 47.94 -41.88
C GLU K 49 -38.05 49.15 -40.96
N LEU K 50 -37.73 48.95 -39.70
CA LEU K 50 -37.45 50.13 -38.91
C LEU K 50 -36.04 50.65 -39.09
N ALA K 51 -35.19 49.95 -39.84
CA ALA K 51 -33.80 50.39 -39.97
C ALA K 51 -33.61 51.25 -41.20
N LEU K 52 -34.67 51.50 -41.95
CA LEU K 52 -34.57 52.40 -43.08
C LEU K 52 -35.24 53.73 -42.82
N TYR K 53 -35.90 53.88 -41.72
CA TYR K 53 -36.66 55.11 -41.60
C TYR K 53 -35.81 56.27 -41.15
N PRO K 54 -36.17 57.45 -41.57
CA PRO K 54 -35.46 58.64 -41.13
C PRO K 54 -35.54 58.84 -39.64
N ASP K 55 -36.74 58.95 -39.10
CA ASP K 55 -36.82 59.39 -37.73
C ASP K 55 -36.54 58.29 -36.74
N VAL K 56 -36.24 57.07 -37.19
CA VAL K 56 -35.88 56.00 -36.27
C VAL K 56 -34.41 56.09 -35.91
N THR K 57 -34.13 56.21 -34.62
CA THR K 57 -32.76 56.42 -34.18
C THR K 57 -32.08 55.13 -33.74
N PHE K 58 -32.71 54.36 -32.87
CA PHE K 58 -32.12 53.10 -32.45
C PHE K 58 -33.18 52.07 -32.18
N VAL K 59 -33.03 50.90 -32.78
CA VAL K 59 -34.01 49.84 -32.61
C VAL K 59 -33.36 48.51 -32.93
N ALA K 60 -33.64 47.53 -32.07
CA ALA K 60 -33.06 46.21 -32.25
C ALA K 60 -33.78 45.20 -31.37
N TYR K 61 -33.66 43.93 -31.73
CA TYR K 61 -34.26 42.86 -30.96
C TYR K 61 -33.20 41.90 -30.48
N LYS K 62 -33.54 41.11 -29.47
CA LYS K 62 -32.79 39.91 -29.16
C LYS K 62 -33.74 38.80 -28.75
N VAL K 63 -33.24 37.57 -28.83
CA VAL K 63 -34.05 36.37 -28.64
C VAL K 63 -33.51 35.63 -27.43
N GLU K 64 -34.08 35.91 -26.26
CA GLU K 64 -33.46 35.51 -25.01
C GLU K 64 -32.93 34.09 -25.07
N HIS K 65 -33.81 33.12 -25.28
CA HIS K 65 -33.25 31.79 -25.31
C HIS K 65 -34.13 30.85 -26.10
N PRO K 66 -33.57 30.13 -27.07
CA PRO K 66 -34.42 29.42 -28.04
C PRO K 66 -35.33 28.39 -27.43
N LEU K 67 -35.08 27.95 -26.20
CA LEU K 67 -36.04 27.12 -25.51
C LEU K 67 -37.24 27.91 -25.06
N PHE K 68 -37.43 29.09 -25.64
CA PHE K 68 -38.54 29.94 -25.24
C PHE K 68 -39.00 30.71 -26.47
N ALA K 69 -40.25 30.51 -26.83
CA ALA K 69 -40.78 31.13 -28.02
C ALA K 69 -41.12 32.59 -27.78
N ASN K 70 -40.11 33.44 -27.63
CA ASN K 70 -40.35 34.86 -27.49
C ASN K 70 -39.09 35.62 -27.84
N PHE K 71 -39.22 36.93 -27.82
CA PHE K 71 -38.07 37.81 -28.00
C PHE K 71 -38.51 39.21 -27.58
N VAL K 72 -37.58 40.14 -27.69
CA VAL K 72 -37.83 41.49 -27.21
C VAL K 72 -37.19 42.47 -28.15
N MET K 73 -37.86 43.61 -28.33
CA MET K 73 -37.43 44.66 -29.22
C MET K 73 -37.39 45.98 -28.47
N ARG K 74 -36.48 46.86 -28.90
CA ARG K 74 -36.29 48.15 -28.29
C ARG K 74 -36.26 49.23 -29.35
N LEU K 75 -36.98 50.31 -29.07
CA LEU K 75 -37.37 51.28 -30.09
C LEU K 75 -37.14 52.70 -29.59
N GLN K 76 -36.52 53.53 -30.41
CA GLN K 76 -36.33 54.94 -30.12
C GLN K 76 -36.21 55.74 -31.40
N THR K 77 -37.17 56.62 -31.61
CA THR K 77 -37.09 57.62 -32.65
C THR K 77 -36.77 58.97 -32.02
N GLU K 78 -36.72 60.01 -32.83
CA GLU K 78 -36.30 61.31 -32.34
C GLU K 78 -37.41 61.92 -31.50
N GLU K 79 -37.28 63.21 -31.19
CA GLU K 79 -38.15 63.82 -30.19
C GLU K 79 -39.58 63.99 -30.73
N GLY K 80 -39.75 63.89 -32.04
CA GLY K 80 -41.05 64.13 -32.62
C GLY K 80 -42.03 63.00 -32.52
N THR K 81 -41.63 61.79 -32.88
CA THR K 81 -42.57 60.71 -33.12
C THR K 81 -42.67 59.78 -31.91
N ARG K 82 -43.87 59.63 -31.37
CA ARG K 82 -44.11 58.57 -30.41
C ARG K 82 -43.76 57.25 -31.06
N PRO K 83 -43.05 56.35 -30.38
CA PRO K 83 -42.55 55.14 -31.06
C PRO K 83 -43.64 54.23 -31.59
N LYS K 84 -44.69 54.13 -30.80
CA LYS K 84 -45.94 53.51 -31.22
C LYS K 84 -46.25 53.82 -32.68
N GLN K 85 -46.42 55.10 -32.99
CA GLN K 85 -46.87 55.50 -34.32
C GLN K 85 -45.95 54.98 -35.40
N ALA K 86 -44.64 55.11 -35.17
CA ALA K 86 -43.70 54.62 -36.16
C ALA K 86 -43.91 53.15 -36.41
N LEU K 87 -44.11 52.40 -35.34
CA LEU K 87 -44.30 50.97 -35.51
C LEU K 87 -45.52 50.70 -36.37
N GLU K 88 -46.58 51.46 -36.15
CA GLU K 88 -47.76 51.31 -37.00
C GLU K 88 -47.43 51.59 -38.44
N ARG K 89 -46.69 52.66 -38.71
CA ARG K 89 -46.41 52.98 -40.10
C ARG K 89 -45.60 51.88 -40.75
N ALA K 90 -44.71 51.25 -39.98
CA ALA K 90 -43.93 50.15 -40.53
C ALA K 90 -44.83 48.97 -40.88
N CYS K 91 -45.77 48.66 -39.99
CA CYS K 91 -46.73 47.60 -40.30
C CYS K 91 -47.46 47.90 -41.60
N ALA K 92 -48.00 49.11 -41.71
CA ALA K 92 -48.69 49.48 -42.93
C ALA K 92 -47.79 49.25 -44.13
N SER K 93 -46.53 49.65 -44.04
CA SER K 93 -45.69 49.58 -45.21
C SER K 93 -45.40 48.14 -45.59
N ILE K 94 -45.12 47.30 -44.61
CA ILE K 94 -44.78 45.93 -44.96
C ILE K 94 -46.00 45.22 -45.53
N ILE K 95 -47.16 45.43 -44.90
CA ILE K 95 -48.39 44.91 -45.46
C ILE K 95 -48.54 45.34 -46.90
N ASN K 96 -48.32 46.63 -47.19
CA ASN K 96 -48.60 47.15 -48.51
C ASN K 96 -47.65 46.56 -49.53
N LYS K 97 -46.37 46.50 -49.18
CA LYS K 97 -45.41 45.87 -50.07
C LYS K 97 -45.84 44.46 -50.38
N LEU K 98 -46.31 43.75 -49.37
CA LEU K 98 -46.64 42.35 -49.59
C LEU K 98 -47.90 42.18 -50.41
N LYS K 99 -48.92 43.01 -50.17
CA LYS K 99 -50.07 42.98 -51.03
C LYS K 99 -49.68 43.17 -52.48
N THR K 100 -48.86 44.19 -52.76
CA THR K 100 -48.39 44.41 -54.11
C THR K 100 -47.67 43.19 -54.64
N LEU K 101 -46.89 42.55 -53.78
CA LEU K 101 -46.12 41.41 -54.22
C LEU K 101 -47.03 40.27 -54.66
N ASP K 102 -47.99 39.94 -53.82
CA ASP K 102 -49.02 38.97 -54.19
C ASP K 102 -49.65 39.30 -55.53
N HIS K 103 -50.11 40.54 -55.66
CA HIS K 103 -50.78 40.98 -56.87
C HIS K 103 -49.93 40.67 -58.09
N LYS K 104 -48.67 41.09 -58.04
CA LYS K 104 -47.81 40.93 -59.19
C LYS K 104 -47.48 39.48 -59.44
N PHE K 105 -47.38 38.66 -58.40
CA PHE K 105 -47.06 37.27 -58.67
C PHE K 105 -48.23 36.54 -59.30
N ASN K 106 -49.44 36.79 -58.85
CA ASN K 106 -50.58 36.21 -59.55
C ASN K 106 -50.57 36.61 -61.01
N GLU K 107 -50.45 37.92 -61.26
CA GLU K 107 -50.50 38.37 -62.65
C GLU K 107 -49.44 37.65 -63.48
N GLU K 108 -48.23 37.57 -62.94
CA GLU K 108 -47.14 36.92 -63.63
C GLU K 108 -47.39 35.45 -63.85
N TRP K 109 -47.90 34.76 -62.85
CA TRP K 109 -48.12 33.33 -62.98
C TRP K 109 -49.17 33.03 -64.03
N ASN K 110 -50.19 33.87 -64.12
CA ASN K 110 -51.18 33.68 -65.17
C ASN K 110 -50.62 34.02 -66.54
N ILE K 111 -49.65 34.94 -66.59
CA ILE K 111 -49.01 35.19 -67.89
C ILE K 111 -48.18 34.00 -68.32
N LYS K 112 -47.38 33.44 -67.43
CA LYS K 112 -46.52 32.34 -67.83
C LYS K 112 -47.28 31.17 -68.39
N ASN K 113 -48.43 30.84 -67.79
CA ASN K 113 -49.17 29.69 -68.23
C ASN K 113 -49.76 29.88 -69.62
N GLY L 28 -59.41 -18.90 -20.37
CA GLY L 28 -60.46 -18.71 -21.34
C GLY L 28 -60.11 -17.76 -22.46
N VAL L 29 -59.25 -16.78 -22.19
CA VAL L 29 -58.94 -15.78 -23.20
C VAL L 29 -58.01 -16.40 -24.23
N LYS L 30 -58.29 -16.12 -25.49
CA LYS L 30 -57.84 -16.93 -26.62
C LYS L 30 -56.33 -17.08 -26.57
N TYR L 31 -55.88 -18.29 -26.24
CA TYR L 31 -54.46 -18.58 -26.23
C TYR L 31 -54.07 -19.16 -27.58
N THR L 32 -53.33 -18.39 -28.36
CA THR L 32 -52.87 -18.88 -29.65
C THR L 32 -51.65 -19.75 -29.47
N CYS L 33 -51.63 -20.88 -30.16
CA CYS L 33 -50.40 -21.66 -30.17
C CYS L 33 -49.47 -21.15 -31.25
N GLY L 34 -48.21 -21.55 -31.18
CA GLY L 34 -47.20 -20.99 -32.05
C GLY L 34 -47.32 -21.32 -33.53
N ALA L 35 -47.79 -22.51 -33.88
CA ALA L 35 -47.81 -22.94 -35.27
C ALA L 35 -49.22 -23.04 -35.81
N CYS L 36 -50.10 -23.72 -35.08
CA CYS L 36 -51.43 -24.05 -35.57
C CYS L 36 -52.39 -22.89 -35.49
N ALA L 37 -52.09 -21.88 -34.67
CA ALA L 37 -53.01 -20.78 -34.39
C ALA L 37 -54.37 -21.27 -33.92
N HIS L 38 -54.45 -22.51 -33.41
CA HIS L 38 -55.71 -23.03 -32.95
C HIS L 38 -56.17 -22.22 -31.75
N ASN L 39 -57.11 -21.31 -31.97
CA ASN L 39 -57.43 -20.28 -31.00
C ASN L 39 -58.20 -20.90 -29.84
N PHE L 40 -57.65 -21.94 -29.24
CA PHE L 40 -58.34 -22.67 -28.19
C PHE L 40 -58.05 -22.01 -26.86
N SER L 41 -59.05 -21.99 -25.99
CA SER L 41 -58.88 -21.42 -24.68
C SER L 41 -58.41 -22.49 -23.71
N LEU L 42 -57.92 -22.05 -22.57
CA LEU L 42 -57.66 -22.92 -21.44
C LEU L 42 -58.53 -22.48 -20.27
N ASN L 43 -58.53 -23.32 -19.23
CA ASN L 43 -59.63 -23.32 -18.26
C ASN L 43 -59.14 -23.25 -16.83
N LYS L 44 -57.96 -22.68 -16.61
CA LYS L 44 -57.26 -22.66 -15.32
C LYS L 44 -56.98 -24.07 -14.77
N SER L 45 -57.16 -25.11 -15.56
CA SER L 45 -56.79 -26.45 -15.09
C SER L 45 -56.12 -27.34 -16.13
N ASP L 46 -56.30 -27.11 -17.42
CA ASP L 46 -55.78 -28.05 -18.39
C ASP L 46 -54.26 -28.00 -18.40
N PRO L 47 -53.60 -29.09 -18.78
CA PRO L 47 -52.15 -29.04 -18.99
C PRO L 47 -51.82 -28.15 -20.18
N VAL L 48 -51.00 -27.14 -19.94
CA VAL L 48 -50.87 -26.02 -20.83
C VAL L 48 -50.06 -26.49 -22.04
N ARG L 49 -50.77 -26.80 -23.12
CA ARG L 49 -50.15 -27.31 -24.33
C ARG L 49 -51.10 -27.07 -25.49
N CYS L 50 -50.57 -27.20 -26.69
CA CYS L 50 -51.36 -27.03 -27.90
C CYS L 50 -52.40 -28.15 -27.98
N LYS L 51 -53.59 -27.81 -28.46
CA LYS L 51 -54.54 -28.86 -28.78
C LYS L 51 -54.32 -29.46 -30.16
N GLU L 52 -53.12 -29.30 -30.72
CA GLU L 52 -52.74 -29.95 -31.96
C GLU L 52 -51.56 -30.87 -31.79
N CYS L 53 -50.45 -30.38 -31.22
CA CYS L 53 -49.19 -31.10 -31.24
C CYS L 53 -48.43 -31.05 -29.92
N GLY L 54 -49.12 -31.02 -28.79
CA GLY L 54 -48.44 -30.94 -27.50
C GLY L 54 -47.58 -29.72 -27.34
N HIS L 55 -47.64 -28.79 -28.27
CA HIS L 55 -46.72 -27.66 -28.28
C HIS L 55 -47.07 -26.75 -27.12
N ARG L 56 -46.29 -26.84 -26.04
CA ARG L 56 -46.67 -26.25 -24.76
C ARG L 56 -46.47 -24.76 -24.68
N VAL L 57 -46.37 -24.09 -25.81
CA VAL L 57 -46.09 -22.67 -25.88
C VAL L 57 -47.34 -21.96 -26.34
N ILE L 58 -47.96 -21.20 -25.45
CA ILE L 58 -49.14 -20.44 -25.81
C ILE L 58 -48.83 -18.96 -25.64
N TYR L 59 -49.52 -18.15 -26.42
CA TYR L 59 -49.42 -16.71 -26.28
C TYR L 59 -50.81 -16.20 -25.98
N LYS L 60 -50.89 -15.19 -25.15
CA LYS L 60 -52.17 -14.52 -25.08
C LYS L 60 -52.44 -13.80 -26.38
N ALA L 61 -53.54 -14.13 -27.02
CA ALA L 61 -53.97 -13.34 -28.15
C ALA L 61 -54.40 -11.97 -27.64
N ARG L 62 -54.73 -11.09 -28.57
CA ARG L 62 -54.67 -9.66 -28.34
C ARG L 62 -55.93 -9.16 -27.63
N THR L 63 -55.81 -8.01 -27.00
CA THR L 63 -56.96 -7.40 -26.35
C THR L 63 -58.08 -7.16 -27.37
N LYS L 64 -59.30 -6.95 -26.86
CA LYS L 64 -60.43 -6.52 -27.66
C LYS L 64 -60.40 -5.04 -27.93
N ARG L 65 -59.58 -4.31 -27.20
CA ARG L 65 -59.70 -2.87 -27.17
C ARG L 65 -59.30 -2.23 -28.49
N MET L 66 -59.30 -0.92 -28.47
CA MET L 66 -58.84 -0.06 -29.56
C MET L 66 -57.76 0.85 -28.99
N ILE L 67 -56.59 0.84 -29.61
CA ILE L 67 -55.48 1.64 -29.10
C ILE L 67 -55.22 2.85 -29.99
N GLN L 68 -54.63 3.88 -29.42
CA GLN L 68 -54.37 5.12 -30.13
C GLN L 68 -52.88 5.39 -30.19
N PHE L 69 -52.52 6.47 -30.88
CA PHE L 69 -51.13 6.92 -30.93
C PHE L 69 -51.11 8.38 -31.30
N ASP L 70 -49.93 8.84 -31.74
CA ASP L 70 -49.74 10.21 -32.20
C ASP L 70 -48.96 10.28 -33.49
N ALA L 71 -48.62 9.14 -34.07
CA ALA L 71 -47.88 9.09 -35.32
C ALA L 71 -46.54 9.79 -35.25
N ARG L 72 -46.18 10.34 -34.10
CA ARG L 72 -44.92 11.07 -33.97
C ARG L 72 -43.89 10.12 -33.41
N PRO P 42 108.37 -55.93 45.04
CA PRO P 42 107.87 -56.83 43.99
C PRO P 42 106.82 -56.18 43.11
N HIS P 43 105.69 -56.88 42.92
CA HIS P 43 104.63 -56.43 42.03
C HIS P 43 103.42 -55.89 42.78
N ARG P 44 103.66 -55.10 43.83
CA ARG P 44 102.69 -54.54 44.79
C ARG P 44 101.39 -54.01 44.18
N TYR P 45 101.49 -53.36 43.03
CA TYR P 45 100.35 -52.89 42.24
C TYR P 45 99.47 -51.87 42.96
N ARG P 46 99.86 -50.60 42.90
CA ARG P 46 98.93 -49.48 43.08
C ARG P 46 97.59 -49.79 42.44
N PRO P 47 96.49 -49.55 43.15
CA PRO P 47 95.31 -50.42 43.05
C PRO P 47 94.50 -50.21 41.79
N GLY P 48 93.45 -51.01 41.64
CA GLY P 48 92.48 -50.85 40.58
C GLY P 48 92.03 -52.15 39.95
N THR P 49 92.96 -53.10 39.80
CA THR P 49 92.63 -54.36 39.12
C THR P 49 92.03 -55.35 40.10
N VAL P 50 92.38 -55.21 41.38
CA VAL P 50 91.94 -56.15 42.41
C VAL P 50 90.44 -56.11 42.58
N ALA P 51 89.90 -54.93 42.89
CA ALA P 51 88.48 -54.77 43.18
C ALA P 51 87.62 -55.09 41.97
N LEU P 52 87.97 -54.52 40.82
CA LEU P 52 87.16 -54.69 39.62
C LEU P 52 87.28 -56.09 39.07
N ARG P 53 88.44 -56.71 39.25
CA ARG P 53 88.63 -58.09 38.85
C ARG P 53 87.77 -59.02 39.70
N GLU P 54 87.69 -58.75 41.00
CA GLU P 54 86.85 -59.59 41.84
C GLU P 54 85.37 -59.31 41.59
N ILE P 55 85.03 -58.11 41.15
CA ILE P 55 83.68 -57.85 40.68
C ILE P 55 83.38 -58.69 39.45
N ARG P 56 84.34 -58.79 38.53
CA ARG P 56 84.18 -59.65 37.36
C ARG P 56 84.03 -61.10 37.76
N ARG P 57 84.78 -61.53 38.77
CA ARG P 57 84.65 -62.91 39.22
C ARG P 57 83.30 -63.17 39.88
N TYR P 58 82.86 -62.27 40.75
CA TYR P 58 81.61 -62.48 41.46
C TYR P 58 80.39 -62.22 40.60
N GLN P 59 80.58 -61.63 39.42
CA GLN P 59 79.47 -61.55 38.48
C GLN P 59 79.56 -62.63 37.41
N LYS P 60 80.72 -63.28 37.27
CA LYS P 60 80.74 -64.57 36.59
C LYS P 60 80.12 -65.65 37.45
N SER P 61 80.03 -65.41 38.75
CA SER P 61 79.69 -66.41 39.73
C SER P 61 78.22 -66.77 39.65
N THR P 62 77.86 -67.84 40.37
CA THR P 62 76.48 -68.27 40.48
C THR P 62 76.00 -68.24 41.92
N GLU P 63 76.74 -68.89 42.82
CA GLU P 63 76.23 -69.29 44.11
C GLU P 63 76.31 -68.20 45.18
N LEU P 64 76.15 -68.60 46.43
CA LEU P 64 76.02 -67.65 47.53
C LEU P 64 77.34 -67.01 47.89
N LEU P 65 77.31 -66.16 48.91
CA LEU P 65 78.53 -65.61 49.48
C LEU P 65 78.61 -65.76 50.98
N ILE P 66 77.51 -65.56 51.68
CA ILE P 66 77.52 -65.75 53.12
C ILE P 66 77.49 -67.23 53.41
N ARG P 67 78.42 -67.70 54.24
CA ARG P 67 78.47 -69.13 54.48
C ARG P 67 77.53 -69.51 55.62
N LYS P 68 77.25 -70.82 55.69
CA LYS P 68 75.95 -71.32 56.08
C LYS P 68 75.67 -71.17 57.58
N LEU P 69 76.47 -71.85 58.39
CA LEU P 69 76.33 -71.98 59.83
C LEU P 69 76.12 -70.69 60.63
N PRO P 70 76.92 -69.61 60.44
CA PRO P 70 76.68 -68.44 61.30
C PRO P 70 75.39 -67.74 60.97
N PHE P 71 75.03 -67.73 59.69
CA PHE P 71 73.75 -67.21 59.27
C PHE P 71 72.62 -68.02 59.86
N GLN P 72 72.76 -69.35 59.88
CA GLN P 72 71.74 -70.20 60.48
C GLN P 72 71.57 -69.93 61.97
N ARG P 73 72.68 -69.75 62.68
CA ARG P 73 72.61 -69.51 64.11
C ARG P 73 72.01 -68.15 64.41
N LEU P 74 72.27 -67.16 63.56
CA LEU P 74 71.63 -65.86 63.71
C LEU P 74 70.13 -65.95 63.49
N VAL P 75 69.74 -66.73 62.49
CA VAL P 75 68.33 -66.98 62.22
C VAL P 75 67.66 -67.59 63.44
N ARG P 76 68.30 -68.59 64.05
CA ARG P 76 67.69 -69.23 65.20
C ARG P 76 67.67 -68.31 66.41
N GLU P 77 68.61 -67.37 66.50
CA GLU P 77 68.57 -66.43 67.62
C GLU P 77 67.42 -65.44 67.47
N ILE P 78 67.22 -64.94 66.25
CA ILE P 78 66.02 -64.14 66.00
C ILE P 78 64.77 -64.98 66.18
N ALA P 79 64.83 -66.25 65.82
CA ALA P 79 63.69 -67.14 65.92
C ALA P 79 63.35 -67.46 67.38
N GLN P 80 64.30 -67.29 68.28
CA GLN P 80 64.08 -67.70 69.66
C GLN P 80 63.40 -66.59 70.45
N ASP P 81 62.71 -65.68 69.78
CA ASP P 81 62.22 -64.47 70.41
C ASP P 81 60.71 -64.37 70.46
N PHE P 82 59.99 -65.01 69.54
CA PHE P 82 58.54 -64.87 69.49
C PHE P 82 57.80 -66.13 69.86
N LYS P 83 58.24 -67.27 69.35
CA LYS P 83 57.81 -68.56 69.88
C LYS P 83 59.06 -69.38 70.07
N THR P 84 59.19 -69.98 71.24
CA THR P 84 60.37 -70.76 71.56
C THR P 84 60.35 -72.06 70.79
N ASP P 85 61.54 -72.63 70.61
CA ASP P 85 61.74 -74.06 70.37
C ASP P 85 61.10 -74.50 69.04
N LEU P 86 61.59 -73.91 67.96
CA LEU P 86 61.00 -74.18 66.67
C LEU P 86 61.98 -74.88 65.76
N ARG P 87 61.47 -75.82 64.98
CA ARG P 87 62.32 -76.64 64.12
C ARG P 87 62.12 -76.25 62.67
N PHE P 88 63.09 -76.59 61.84
CA PHE P 88 63.23 -76.00 60.52
C PHE P 88 63.72 -77.04 59.52
N GLN P 89 63.27 -76.92 58.28
CA GLN P 89 63.89 -77.66 57.20
C GLN P 89 64.86 -76.77 56.46
N SER P 90 65.82 -77.38 55.79
CA SER P 90 66.98 -76.64 55.30
C SER P 90 66.64 -75.74 54.14
N ALA P 91 65.64 -76.13 53.35
CA ALA P 91 65.30 -75.37 52.16
C ALA P 91 64.72 -74.01 52.50
N ALA P 92 64.00 -73.92 53.63
CA ALA P 92 63.54 -72.63 54.14
C ALA P 92 64.70 -71.70 54.42
N ILE P 93 65.73 -72.23 55.06
CA ILE P 93 66.90 -71.45 55.42
C ILE P 93 67.65 -71.00 54.19
N GLY P 94 67.71 -71.88 53.17
CA GLY P 94 68.36 -71.51 51.93
C GLY P 94 67.61 -70.43 51.18
N ALA P 95 66.29 -70.48 51.22
CA ALA P 95 65.48 -69.42 50.63
C ALA P 95 65.70 -68.11 51.35
N LEU P 96 65.78 -68.18 52.69
CA LEU P 96 66.05 -66.99 53.49
C LEU P 96 67.39 -66.37 53.14
N GLN P 97 68.40 -67.22 52.95
CA GLN P 97 69.73 -66.74 52.60
C GLN P 97 69.73 -66.13 51.20
N GLU P 98 69.03 -66.76 50.27
CA GLU P 98 68.88 -66.27 48.91
C GLU P 98 68.27 -64.88 48.86
N ALA P 99 67.10 -64.73 49.49
CA ALA P 99 66.38 -63.47 49.44
C ALA P 99 67.09 -62.41 50.25
N SER P 100 67.81 -62.82 51.28
CA SER P 100 68.60 -61.88 52.07
C SER P 100 69.70 -61.27 51.22
N GLU P 101 70.46 -62.13 50.52
CA GLU P 101 71.55 -61.62 49.69
C GLU P 101 71.02 -60.81 48.52
N ALA P 102 69.85 -61.17 47.99
CA ALA P 102 69.27 -60.37 46.92
C ALA P 102 68.85 -58.98 47.42
N TYR P 103 68.27 -58.94 48.62
CA TYR P 103 67.83 -57.68 49.24
C TYR P 103 69.01 -56.75 49.43
N LEU P 104 70.12 -57.31 49.90
CA LEU P 104 71.29 -56.50 50.15
C LEU P 104 71.97 -56.11 48.85
N VAL P 105 71.90 -56.96 47.83
CA VAL P 105 72.45 -56.62 46.53
C VAL P 105 71.73 -55.42 45.94
N GLY P 106 70.40 -55.40 46.05
CA GLY P 106 69.66 -54.25 45.55
C GLY P 106 69.95 -52.99 46.32
N LEU P 107 70.10 -53.11 47.65
CA LEU P 107 70.53 -51.98 48.46
C LEU P 107 71.88 -51.44 47.99
N PHE P 108 72.82 -52.35 47.73
CA PHE P 108 74.13 -51.94 47.26
C PHE P 108 74.09 -51.30 45.89
N GLU P 109 73.22 -51.78 44.99
CA GLU P 109 73.15 -51.19 43.66
C GLU P 109 72.66 -49.75 43.72
N ASP P 110 71.55 -49.50 44.42
CA ASP P 110 71.07 -48.13 44.49
C ASP P 110 72.00 -47.26 45.32
N THR P 111 72.68 -47.85 46.31
CA THR P 111 73.67 -47.10 47.07
C THR P 111 74.84 -46.69 46.20
N ASN P 112 75.23 -47.59 45.29
CA ASN P 112 76.30 -47.33 44.34
C ASN P 112 75.92 -46.19 43.42
N LEU P 113 74.68 -46.18 42.95
CA LEU P 113 74.28 -45.08 42.08
C LEU P 113 74.16 -43.77 42.84
N CYS P 114 73.79 -43.84 44.12
CA CYS P 114 73.81 -42.65 44.96
C CYS P 114 75.21 -42.09 45.12
N ALA P 115 76.18 -42.98 45.24
CA ALA P 115 77.56 -42.55 45.38
C ALA P 115 78.09 -41.95 44.08
N ILE P 116 77.69 -42.55 42.95
CA ILE P 116 78.11 -42.03 41.66
C ILE P 116 77.51 -40.64 41.44
N HIS P 117 76.27 -40.44 41.88
CA HIS P 117 75.72 -39.10 41.83
C HIS P 117 76.37 -38.17 42.83
N ALA P 118 76.94 -38.72 43.90
CA ALA P 118 77.66 -37.89 44.86
C ALA P 118 79.05 -37.48 44.40
N LYS P 119 79.41 -37.79 43.14
CA LYS P 119 80.73 -37.57 42.55
C LYS P 119 81.84 -38.20 43.38
N ARG P 120 81.54 -39.33 43.99
CA ARG P 120 82.48 -40.05 44.83
C ARG P 120 82.42 -41.52 44.48
N VAL P 121 83.42 -42.26 44.92
CA VAL P 121 83.36 -43.71 44.88
C VAL P 121 83.25 -44.30 46.28
N THR P 122 83.68 -43.56 47.30
CA THR P 122 83.50 -43.99 48.67
C THR P 122 82.03 -43.92 49.05
N ILE P 123 81.52 -45.02 49.59
CA ILE P 123 80.15 -45.03 50.07
C ILE P 123 80.04 -44.30 51.40
N MET P 124 78.82 -44.02 51.79
CA MET P 124 78.50 -43.40 53.07
C MET P 124 77.29 -44.08 53.66
N PRO P 125 77.07 -43.97 54.97
CA PRO P 125 75.87 -44.58 55.55
C PRO P 125 74.59 -43.88 55.15
N LYS P 126 74.62 -42.55 55.03
CA LYS P 126 73.38 -41.85 54.73
C LYS P 126 72.96 -42.07 53.29
N ASP P 127 73.86 -42.55 52.45
CA ASP P 127 73.48 -43.15 51.17
C ASP P 127 72.46 -44.27 51.35
N ILE P 128 72.79 -45.24 52.22
CA ILE P 128 71.87 -46.34 52.47
C ILE P 128 70.60 -45.84 53.12
N GLN P 129 70.72 -44.81 53.97
CA GLN P 129 69.52 -44.26 54.59
C GLN P 129 68.62 -43.55 53.57
N LEU P 130 69.22 -42.89 52.59
CA LEU P 130 68.43 -42.27 51.53
C LEU P 130 67.79 -43.32 50.64
N ALA P 131 68.51 -44.41 50.38
CA ALA P 131 67.99 -45.47 49.54
C ALA P 131 66.79 -46.15 50.17
N ARG P 132 66.90 -46.47 51.45
CA ARG P 132 65.75 -47.01 52.15
C ARG P 132 64.66 -45.98 52.41
N ARG P 133 65.00 -44.69 52.40
CA ARG P 133 63.97 -43.66 52.46
C ARG P 133 63.12 -43.67 51.21
N ILE P 134 63.77 -43.81 50.06
CA ILE P 134 63.03 -43.81 48.82
C ILE P 134 62.29 -45.13 48.63
N ARG P 135 62.84 -46.23 49.15
CA ARG P 135 62.15 -47.50 48.99
C ARG P 135 60.93 -47.66 49.87
N GLY P 136 60.67 -46.71 50.77
CA GLY P 136 59.51 -46.83 51.64
C GLY P 136 59.59 -47.93 52.67
N GLU P 137 60.79 -48.40 52.97
CA GLU P 137 61.00 -49.48 53.92
C GLU P 137 61.75 -48.89 55.12
N ARG P 138 61.00 -48.32 56.05
CA ARG P 138 61.54 -47.37 56.99
C ARG P 138 62.20 -48.06 58.19
N ARG Q 27 73.31 -65.71 70.91
CA ARG Q 27 74.01 -64.49 71.29
C ARG Q 27 75.15 -64.18 70.32
N ASP Q 28 75.23 -62.90 69.93
CA ASP Q 28 76.41 -62.31 69.27
C ASP Q 28 76.65 -62.87 67.87
N ASN Q 29 75.70 -63.64 67.35
CA ASN Q 29 75.77 -64.07 65.95
C ASN Q 29 75.47 -62.94 65.00
N ILE Q 30 74.86 -61.86 65.50
CA ILE Q 30 74.83 -60.60 64.76
C ILE Q 30 76.23 -60.13 64.44
N GLN Q 31 77.16 -60.34 65.36
CA GLN Q 31 78.58 -60.11 65.10
C GLN Q 31 79.23 -61.27 64.38
N GLY Q 32 78.47 -62.32 64.08
CA GLY Q 32 78.97 -63.35 63.19
C GLY Q 32 79.04 -62.91 61.74
N ILE Q 33 78.41 -61.77 61.42
CA ILE Q 33 78.56 -61.17 60.12
C ILE Q 33 80.00 -60.69 59.97
N THR Q 34 80.67 -61.16 58.92
CA THR Q 34 82.08 -60.82 58.73
C THR Q 34 82.21 -59.70 57.72
N LYS Q 35 83.20 -58.84 57.97
CA LYS Q 35 83.57 -57.82 56.99
C LYS Q 35 83.93 -58.36 55.60
N PRO Q 36 84.68 -59.46 55.41
CA PRO Q 36 84.88 -59.96 54.03
C PRO Q 36 83.62 -60.45 53.36
N ALA Q 37 82.62 -60.90 54.11
CA ALA Q 37 81.35 -61.24 53.47
C ALA Q 37 80.66 -59.99 52.94
N ILE Q 38 80.71 -58.91 53.71
CA ILE Q 38 80.16 -57.64 53.28
C ILE Q 38 80.91 -57.14 52.06
N ARG Q 39 82.23 -57.35 52.04
CA ARG Q 39 83.05 -57.07 50.87
C ARG Q 39 82.56 -57.83 49.64
N ARG Q 40 82.36 -59.14 49.79
CA ARG Q 40 81.94 -59.97 48.67
C ARG Q 40 80.58 -59.53 48.15
N LEU Q 41 79.68 -59.19 49.07
CA LEU Q 41 78.38 -58.68 48.68
C LEU Q 41 78.47 -57.34 47.99
N ALA Q 42 79.43 -56.51 48.38
CA ALA Q 42 79.61 -55.25 47.69
C ALA Q 42 80.16 -55.48 46.29
N ARG Q 43 81.00 -56.50 46.12
CA ARG Q 43 81.62 -56.70 44.81
C ARG Q 43 80.63 -57.28 43.82
N ARG Q 44 79.84 -58.28 44.23
CA ARG Q 44 78.76 -58.72 43.35
C ARG Q 44 77.71 -57.63 43.23
N GLY Q 45 77.52 -56.85 44.30
CA GLY Q 45 76.75 -55.63 44.20
C GLY Q 45 77.41 -54.54 43.38
N GLY Q 46 78.69 -54.71 43.07
CA GLY Q 46 79.34 -53.82 42.12
C GLY Q 46 79.97 -52.63 42.80
N VAL Q 47 79.92 -52.62 44.11
CA VAL Q 47 80.46 -51.50 44.85
C VAL Q 47 81.97 -51.57 44.85
N LYS Q 48 82.61 -50.46 44.49
CA LYS Q 48 84.07 -50.43 44.48
C LYS Q 48 84.65 -50.09 45.85
N ARG Q 49 84.36 -48.91 46.36
CA ARG Q 49 85.07 -48.36 47.52
C ARG Q 49 84.19 -48.47 48.76
N ILE Q 50 84.76 -48.98 49.84
CA ILE Q 50 84.02 -49.33 51.03
C ILE Q 50 84.45 -48.43 52.18
N SER Q 51 83.51 -47.75 52.80
CA SER Q 51 83.83 -46.98 53.99
C SER Q 51 83.77 -47.87 55.22
N GLY Q 52 84.29 -47.37 56.34
CA GLY Q 52 84.39 -48.18 57.53
C GLY Q 52 83.18 -48.10 58.44
N LEU Q 53 82.37 -47.07 58.26
CA LEU Q 53 81.21 -46.90 59.11
C LEU Q 53 79.97 -47.58 58.55
N ILE Q 54 80.15 -48.69 57.85
CA ILE Q 54 79.06 -49.24 57.07
C ILE Q 54 78.55 -50.54 57.68
N TYR Q 55 79.43 -51.26 58.38
CA TYR Q 55 79.22 -52.68 58.61
C TYR Q 55 78.12 -52.92 59.64
N GLU Q 56 78.13 -52.16 60.73
CA GLU Q 56 77.12 -52.39 61.74
C GLU Q 56 75.77 -51.83 61.33
N GLU Q 57 75.78 -50.77 60.52
CA GLU Q 57 74.55 -50.28 59.91
C GLU Q 57 73.93 -51.35 59.02
N THR Q 58 74.77 -52.01 58.24
CA THR Q 58 74.37 -53.15 57.41
C THR Q 58 73.78 -54.27 58.26
N ARG Q 59 74.44 -54.56 59.37
CA ARG Q 59 73.96 -55.60 60.29
C ARG Q 59 72.58 -55.24 60.85
N GLY Q 60 72.37 -53.97 61.19
CA GLY Q 60 71.08 -53.57 61.74
C GLY Q 60 69.96 -53.66 60.73
N VAL Q 61 70.23 -53.25 59.48
CA VAL Q 61 69.20 -53.32 58.45
C VAL Q 61 68.85 -54.77 58.13
N LEU Q 62 69.88 -55.62 57.98
CA LEU Q 62 69.69 -57.05 57.76
C LEU Q 62 68.87 -57.67 58.89
N LYS Q 63 69.14 -57.23 60.12
CA LYS Q 63 68.47 -57.77 61.28
C LYS Q 63 66.98 -57.42 61.27
N VAL Q 64 66.64 -56.16 60.98
CA VAL Q 64 65.24 -55.73 60.99
C VAL Q 64 64.44 -56.41 59.88
N PHE Q 65 65.07 -56.54 58.70
CA PHE Q 65 64.55 -57.33 57.60
C PHE Q 65 64.16 -58.73 58.07
N LEU Q 66 65.13 -59.46 58.61
CA LEU Q 66 64.88 -60.83 59.03
C LEU Q 66 63.91 -60.93 60.20
N GLU Q 67 63.84 -59.88 61.02
CA GLU Q 67 62.83 -59.81 62.08
C GLU Q 67 61.44 -59.90 61.51
N ASN Q 68 61.10 -59.01 60.57
CA ASN Q 68 59.75 -58.99 60.02
C ASN Q 68 59.46 -60.28 59.27
N VAL Q 69 60.47 -60.80 58.57
CA VAL Q 69 60.32 -62.04 57.81
C VAL Q 69 59.96 -63.20 58.71
N ILE Q 70 60.79 -63.46 59.72
CA ILE Q 70 60.60 -64.65 60.51
C ILE Q 70 59.40 -64.50 61.44
N ARG Q 71 59.06 -63.27 61.85
CA ARG Q 71 57.80 -63.05 62.57
C ARG Q 71 56.61 -63.54 61.77
N ASP Q 72 56.55 -63.14 60.50
CA ASP Q 72 55.41 -63.52 59.69
C ASP Q 72 55.41 -65.01 59.38
N ALA Q 73 56.60 -65.59 59.17
CA ALA Q 73 56.69 -67.02 58.87
C ALA Q 73 56.26 -67.86 60.07
N VAL Q 74 56.71 -67.46 61.26
CA VAL Q 74 56.31 -68.17 62.46
C VAL Q 74 54.83 -67.98 62.73
N THR Q 75 54.25 -66.85 62.35
CA THR Q 75 52.81 -66.68 62.55
C THR Q 75 52.01 -67.60 61.63
N TYR Q 76 52.43 -67.68 60.37
CA TYR Q 76 51.90 -68.71 59.46
C TYR Q 76 52.05 -70.11 60.01
N THR Q 77 53.11 -70.36 60.76
CA THR Q 77 53.24 -71.70 61.30
C THR Q 77 52.44 -71.87 62.60
N GLU Q 78 52.18 -70.75 63.29
CA GLU Q 78 51.32 -70.75 64.47
C GLU Q 78 49.94 -71.25 64.11
N HIS Q 79 49.37 -70.71 63.04
CA HIS Q 79 48.09 -71.25 62.62
C HIS Q 79 48.23 -72.63 62.00
N ALA Q 80 49.43 -73.04 61.59
CA ALA Q 80 49.59 -74.36 61.01
C ALA Q 80 49.47 -75.48 62.03
N LYS Q 81 49.59 -75.18 63.34
CA LYS Q 81 49.54 -76.15 64.43
C LYS Q 81 50.56 -77.26 64.25
N ARG Q 82 51.71 -76.90 63.70
CA ARG Q 82 52.85 -77.79 63.58
C ARG Q 82 54.05 -77.02 64.05
N LYS Q 83 54.86 -77.64 64.90
CA LYS Q 83 55.95 -76.92 65.56
C LYS Q 83 57.16 -76.75 64.64
N THR Q 84 57.05 -77.12 63.37
CA THR Q 84 58.14 -76.99 62.41
C THR Q 84 57.69 -76.13 61.25
N VAL Q 85 58.54 -75.16 60.87
CA VAL Q 85 58.24 -74.24 59.79
C VAL Q 85 58.83 -74.81 58.50
N THR Q 86 58.06 -74.75 57.41
CA THR Q 86 58.53 -75.29 56.14
C THR Q 86 59.04 -74.19 55.25
N ALA Q 87 59.65 -74.63 54.14
CA ALA Q 87 60.03 -73.72 53.09
C ALA Q 87 58.83 -73.03 52.49
N MET Q 88 57.73 -73.78 52.38
CA MET Q 88 56.51 -73.25 51.79
C MET Q 88 55.98 -72.09 52.61
N ASP Q 89 56.11 -72.20 53.93
CA ASP Q 89 55.67 -71.14 54.86
C ASP Q 89 56.40 -69.84 54.59
N VAL Q 90 57.72 -69.93 54.48
CA VAL Q 90 58.54 -68.76 54.26
C VAL Q 90 58.25 -68.17 52.89
N VAL Q 91 57.98 -69.05 51.91
CA VAL Q 91 57.57 -68.60 50.58
C VAL Q 91 56.30 -67.78 50.65
N TYR Q 92 55.30 -68.27 51.39
CA TYR Q 92 54.01 -67.61 51.43
C TYR Q 92 54.14 -66.27 52.16
N ALA Q 93 54.94 -66.28 53.22
CA ALA Q 93 55.14 -65.07 54.01
C ALA Q 93 55.87 -64.00 53.21
N LEU Q 94 56.85 -64.41 52.42
CA LEU Q 94 57.54 -63.37 51.66
C LEU Q 94 56.72 -62.92 50.47
N LYS Q 95 55.80 -63.76 50.01
CA LYS Q 95 54.84 -63.27 49.03
C LYS Q 95 53.94 -62.23 49.65
N ARG Q 96 53.60 -62.40 50.93
CA ARG Q 96 52.81 -61.41 51.66
C ARG Q 96 53.53 -60.07 51.77
N GLN Q 97 54.85 -60.07 51.84
CA GLN Q 97 55.58 -58.81 51.87
C GLN Q 97 55.74 -58.22 50.47
N GLY Q 98 55.59 -59.03 49.44
CA GLY Q 98 55.68 -58.49 48.10
C GLY Q 98 57.11 -58.47 47.60
N ARG Q 99 57.97 -59.17 48.31
CA ARG Q 99 59.37 -59.34 47.97
C ARG Q 99 59.56 -60.72 47.36
N THR Q 100 58.60 -61.07 46.53
CA THR Q 100 58.24 -62.47 46.30
C THR Q 100 59.31 -63.20 45.51
N LEU Q 101 59.68 -64.36 46.01
CA LEU Q 101 60.81 -65.13 45.52
C LEU Q 101 60.29 -66.46 44.99
N TYR Q 102 60.79 -66.87 43.84
CA TYR Q 102 60.43 -68.16 43.25
C TYR Q 102 61.40 -69.22 43.75
N GLY Q 103 61.41 -70.35 43.06
CA GLY Q 103 62.48 -71.31 43.17
C GLY Q 103 62.17 -72.56 43.94
N PHE Q 104 61.47 -72.43 45.06
CA PHE Q 104 61.24 -73.56 45.93
C PHE Q 104 59.79 -73.98 45.95
N GLY Q 105 58.96 -73.43 45.07
CA GLY Q 105 57.56 -73.79 45.01
C GLY Q 105 56.72 -73.11 46.06
N GLY Q 106 55.50 -72.73 45.71
CA GLY Q 106 54.59 -72.13 46.68
C GLY Q 106 53.52 -71.22 46.12
N THR R 20 19.19 -58.35 66.87
CA THR R 20 20.42 -58.38 66.08
C THR R 20 21.57 -58.93 66.87
N ARG R 21 22.35 -59.79 66.23
CA ARG R 21 23.51 -60.42 66.84
C ARG R 21 24.55 -59.42 67.33
N SER R 22 24.63 -58.25 66.70
CA SER R 22 25.56 -57.21 67.11
C SER R 22 25.22 -56.69 68.50
N SER R 23 23.95 -56.37 68.72
CA SER R 23 23.47 -56.09 70.06
C SER R 23 23.63 -57.28 70.97
N ARG R 24 23.42 -58.49 70.47
CA ARG R 24 23.65 -59.68 71.27
C ARG R 24 25.13 -59.94 71.48
N ALA R 25 26.00 -59.37 70.65
CA ALA R 25 27.41 -59.27 70.97
C ALA R 25 27.77 -57.98 71.66
N GLY R 26 26.83 -57.05 71.80
CA GLY R 26 27.09 -55.79 72.46
C GLY R 26 28.02 -54.89 71.69
N LEU R 27 27.91 -54.91 70.37
CA LEU R 27 28.85 -54.17 69.53
C LEU R 27 28.08 -53.24 68.60
N GLN R 28 28.75 -52.69 67.59
CA GLN R 28 28.08 -51.73 66.72
C GLN R 28 28.12 -52.08 65.24
N PHE R 29 28.74 -53.19 64.85
CA PHE R 29 28.65 -53.38 63.41
C PHE R 29 27.72 -54.53 63.05
N PRO R 30 26.93 -54.35 62.00
CA PRO R 30 25.97 -55.39 61.61
C PRO R 30 26.65 -56.67 61.13
N VAL R 31 26.36 -57.73 61.87
CA VAL R 31 26.97 -59.04 61.66
C VAL R 31 26.52 -59.62 60.33
N GLY R 32 25.19 -59.67 60.16
CA GLY R 32 24.63 -60.45 59.06
C GLY R 32 24.93 -59.86 57.69
N ARG R 33 25.10 -58.54 57.63
CA ARG R 33 25.57 -57.92 56.39
C ARG R 33 26.96 -58.43 56.05
N VAL R 34 27.80 -58.54 57.06
CA VAL R 34 29.15 -59.04 56.84
C VAL R 34 29.10 -60.52 56.49
N HIS R 35 28.22 -61.27 57.16
CA HIS R 35 28.03 -62.68 56.87
C HIS R 35 27.55 -62.88 55.43
N ARG R 36 26.72 -61.98 54.95
CA ARG R 36 26.28 -61.99 53.56
C ARG R 36 27.44 -61.72 52.62
N LEU R 37 28.23 -60.70 52.94
CA LEU R 37 29.32 -60.30 52.04
C LEU R 37 30.42 -61.35 52.02
N LEU R 38 30.58 -62.09 53.11
CA LEU R 38 31.52 -63.20 53.10
C LEU R 38 31.08 -64.30 52.16
N ARG R 39 29.77 -64.58 52.13
CA ARG R 39 29.21 -65.52 51.18
C ARG R 39 29.40 -65.08 49.74
N LYS R 40 29.01 -63.86 49.42
CA LYS R 40 29.05 -63.44 48.02
C LYS R 40 30.43 -63.01 47.56
N GLY R 41 31.45 -63.16 48.40
CA GLY R 41 32.81 -62.82 48.02
C GLY R 41 33.59 -63.98 47.48
N ASN R 42 32.95 -65.16 47.43
CA ASN R 42 33.60 -66.45 47.16
C ASN R 42 34.75 -66.69 48.11
N TYR R 43 34.56 -66.30 49.36
CA TYR R 43 35.67 -66.28 50.30
C TYR R 43 36.00 -67.65 50.82
N SER R 44 35.03 -68.54 50.89
CA SER R 44 35.26 -69.94 51.19
C SER R 44 34.10 -70.72 50.61
N GLU R 45 33.96 -71.96 51.05
CA GLU R 45 32.75 -72.69 50.70
C GLU R 45 31.72 -72.55 51.82
N ARG R 46 32.13 -72.74 53.07
CA ARG R 46 31.21 -72.54 54.18
C ARG R 46 31.74 -71.48 55.14
N VAL R 47 30.82 -70.93 55.92
CA VAL R 47 31.06 -69.77 56.78
C VAL R 47 30.63 -70.14 58.19
N GLY R 48 31.54 -69.96 59.15
CA GLY R 48 31.27 -70.33 60.52
C GLY R 48 30.28 -69.42 61.24
N ALA R 49 30.16 -69.64 62.55
CA ALA R 49 29.19 -68.87 63.32
C ALA R 49 29.70 -67.48 63.67
N GLY R 50 30.77 -67.41 64.45
CA GLY R 50 31.17 -66.16 65.05
C GLY R 50 32.35 -65.44 64.43
N ALA R 51 32.93 -66.00 63.37
CA ALA R 51 33.94 -65.27 62.60
C ALA R 51 33.54 -63.85 62.17
N PRO R 52 32.31 -63.57 61.71
CA PRO R 52 31.99 -62.16 61.41
C PRO R 52 31.93 -61.29 62.63
N VAL R 53 31.62 -61.85 63.80
CA VAL R 53 31.63 -61.06 65.02
C VAL R 53 33.04 -60.59 65.32
N TYR R 54 34.00 -61.51 65.18
CA TYR R 54 35.39 -61.19 65.45
C TYR R 54 35.91 -60.16 64.48
N LEU R 55 35.56 -60.32 63.20
CA LEU R 55 36.00 -59.38 62.19
C LEU R 55 35.38 -58.01 62.39
N ALA R 56 34.11 -57.98 62.79
CA ALA R 56 33.42 -56.71 63.02
C ALA R 56 34.02 -55.98 64.20
N ALA R 57 34.38 -56.71 65.24
CA ALA R 57 35.03 -56.09 66.39
C ALA R 57 36.39 -55.55 66.02
N VAL R 58 37.11 -56.26 65.14
CA VAL R 58 38.40 -55.78 64.66
C VAL R 58 38.24 -54.45 63.94
N LEU R 59 37.27 -54.40 63.02
CA LEU R 59 36.94 -53.17 62.32
C LEU R 59 36.58 -52.06 63.29
N GLU R 60 35.83 -52.41 64.33
CA GLU R 60 35.31 -51.46 65.28
C GLU R 60 36.45 -50.82 66.08
N TYR R 61 37.40 -51.62 66.53
CA TYR R 61 38.51 -51.06 67.28
C TYR R 61 39.44 -50.27 66.37
N LEU R 62 39.60 -50.72 65.11
CA LEU R 62 40.43 -49.99 64.17
C LEU R 62 39.89 -48.59 63.91
N THR R 63 38.61 -48.51 63.56
CA THR R 63 38.04 -47.21 63.29
C THR R 63 37.95 -46.37 64.55
N ALA R 64 37.84 -47.01 65.72
CA ALA R 64 37.84 -46.27 66.97
C ALA R 64 39.18 -45.58 67.18
N GLU R 65 40.27 -46.32 66.96
CA GLU R 65 41.60 -45.76 67.15
C GLU R 65 41.89 -44.65 66.14
N ILE R 66 41.53 -44.89 64.88
CA ILE R 66 41.79 -43.93 63.82
C ILE R 66 41.03 -42.64 64.08
N LEU R 67 39.72 -42.75 64.31
CA LEU R 67 38.95 -41.56 64.48
C LEU R 67 39.17 -40.93 65.84
N GLU R 68 39.73 -41.67 66.79
CA GLU R 68 40.12 -41.05 68.05
C GLU R 68 41.28 -40.10 67.84
N LEU R 69 42.28 -40.55 67.06
CA LEU R 69 43.37 -39.65 66.72
C LEU R 69 42.89 -38.50 65.85
N ALA R 70 41.88 -38.75 65.01
CA ALA R 70 41.29 -37.70 64.22
C ALA R 70 40.58 -36.68 65.09
N GLY R 71 39.95 -37.14 66.16
CA GLY R 71 39.32 -36.24 67.10
C GLY R 71 40.34 -35.37 67.80
N ASN R 72 41.49 -35.96 68.13
CA ASN R 72 42.58 -35.15 68.68
C ASN R 72 43.09 -34.16 67.64
N ALA R 73 43.11 -34.55 66.38
CA ALA R 73 43.53 -33.64 65.32
C ALA R 73 42.58 -32.46 65.19
N ALA R 74 41.30 -32.70 65.37
CA ALA R 74 40.34 -31.59 65.37
C ALA R 74 40.49 -30.74 66.62
N ARG R 75 40.87 -31.38 67.75
CA ARG R 75 41.16 -30.63 68.96
C ARG R 75 42.35 -29.70 68.76
N ASP R 76 43.29 -30.08 67.90
CA ASP R 76 44.46 -29.26 67.64
C ASP R 76 44.06 -27.96 66.95
N ASN R 77 43.35 -28.07 65.83
CA ASN R 77 43.00 -26.93 65.03
C ASN R 77 41.81 -26.18 65.58
N LYS R 78 41.17 -26.72 66.63
CA LYS R 78 39.91 -26.25 67.19
C LYS R 78 38.84 -26.20 66.10
N LYS R 79 38.70 -27.31 65.40
CA LYS R 79 37.65 -27.48 64.41
C LYS R 79 36.65 -28.50 64.93
N THR R 80 35.39 -28.33 64.53
CA THR R 80 34.35 -29.22 65.01
C THR R 80 34.00 -30.30 64.01
N ARG R 81 33.89 -29.94 62.74
CA ARG R 81 33.67 -30.91 61.68
C ARG R 81 35.00 -31.42 61.19
N ILE R 82 35.08 -32.72 60.95
CA ILE R 82 36.33 -33.33 60.54
C ILE R 82 36.56 -33.00 59.08
N ILE R 83 37.70 -32.38 58.77
CA ILE R 83 38.13 -32.26 57.39
C ILE R 83 39.06 -33.43 57.11
N PRO R 84 39.20 -33.87 55.86
CA PRO R 84 40.13 -34.96 55.56
C PRO R 84 41.59 -34.66 55.82
N ARG R 85 41.96 -33.38 55.90
CA ARG R 85 43.33 -33.02 56.23
C ARG R 85 43.71 -33.52 57.60
N HIS R 86 42.77 -33.44 58.54
CA HIS R 86 42.92 -34.03 59.86
C HIS R 86 43.23 -35.51 59.75
N LEU R 87 42.56 -36.19 58.83
CA LEU R 87 42.71 -37.63 58.69
C LEU R 87 44.10 -37.97 58.19
N GLN R 88 44.55 -37.24 57.17
CA GLN R 88 45.87 -37.51 56.61
C GLN R 88 46.96 -37.20 57.61
N LEU R 89 46.80 -36.12 58.38
CA LEU R 89 47.77 -35.76 59.40
C LEU R 89 47.86 -36.82 60.48
N ALA R 90 46.70 -37.27 60.97
CA ALA R 90 46.72 -38.28 62.02
C ALA R 90 47.23 -39.61 61.51
N ILE R 91 47.08 -39.88 60.21
CA ILE R 91 47.75 -41.04 59.65
C ILE R 91 49.25 -40.84 59.63
N ARG R 92 49.71 -39.66 59.23
CA ARG R 92 51.14 -39.45 59.07
C ARG R 92 51.86 -39.19 60.38
N ASN R 93 51.15 -39.06 61.49
CA ASN R 93 51.84 -38.85 62.75
C ASN R 93 52.21 -40.17 63.42
N ASP R 94 51.22 -41.02 63.64
CA ASP R 94 51.43 -42.29 64.34
C ASP R 94 52.28 -43.23 63.50
N GLU R 95 53.09 -44.03 64.19
CA GLU R 95 54.06 -44.87 63.51
C GLU R 95 53.39 -46.05 62.81
N GLU R 96 52.77 -46.95 63.60
CA GLU R 96 52.27 -48.22 63.08
C GLU R 96 51.17 -48.01 62.06
N LEU R 97 50.35 -46.99 62.26
CA LEU R 97 49.32 -46.64 61.31
C LEU R 97 49.88 -46.17 60.00
N ASN R 98 50.93 -45.37 60.03
CA ASN R 98 51.54 -44.90 58.80
C ASN R 98 52.30 -46.02 58.09
N LYS R 99 52.84 -46.98 58.84
CA LYS R 99 53.48 -48.11 58.18
C LYS R 99 52.43 -49.02 57.56
N LEU R 100 51.25 -49.08 58.18
CA LEU R 100 50.12 -49.77 57.58
C LEU R 100 49.70 -49.12 56.28
N LEU R 101 49.37 -47.84 56.33
CA LEU R 101 48.81 -47.17 55.16
C LEU R 101 49.90 -46.45 54.36
N GLY R 102 50.98 -47.15 54.07
CA GLY R 102 52.10 -46.54 53.38
C GLY R 102 51.78 -46.31 51.93
N ARG R 103 51.14 -47.30 51.32
CA ARG R 103 50.73 -47.19 49.94
C ARG R 103 49.37 -46.53 49.78
N VAL R 104 48.94 -45.73 50.74
CA VAL R 104 47.59 -45.19 50.77
C VAL R 104 47.69 -43.70 50.57
N THR R 105 46.91 -43.17 49.63
CA THR R 105 46.73 -41.73 49.63
C THR R 105 45.25 -41.39 49.63
N ILE R 106 44.97 -40.13 49.97
CA ILE R 106 43.61 -39.65 50.15
C ILE R 106 43.47 -38.35 49.38
N ALA R 107 42.37 -38.21 48.63
CA ALA R 107 42.03 -36.92 48.04
C ALA R 107 41.81 -35.89 49.13
N GLN R 108 42.18 -34.64 48.82
CA GLN R 108 42.35 -33.57 49.80
C GLN R 108 43.25 -33.99 50.94
N GLY R 109 44.33 -34.69 50.62
CA GLY R 109 45.23 -35.19 51.65
C GLY R 109 46.27 -34.21 52.14
N GLY R 110 47.13 -33.73 51.24
CA GLY R 110 48.28 -32.99 51.67
C GLY R 110 49.32 -33.91 52.30
N VAL R 111 50.38 -33.30 52.81
CA VAL R 111 51.47 -34.04 53.41
C VAL R 111 51.87 -33.39 54.72
N LEU R 112 52.96 -33.90 55.28
CA LEU R 112 53.54 -33.35 56.49
C LEU R 112 54.07 -31.94 56.24
N PRO R 113 53.72 -31.00 57.12
CA PRO R 113 54.38 -29.69 57.04
C PRO R 113 55.82 -29.86 57.47
N ASN R 114 56.74 -29.93 56.51
CA ASN R 114 58.08 -30.43 56.78
C ASN R 114 59.08 -29.61 55.98
N ILE R 115 60.15 -29.20 56.64
CA ILE R 115 61.17 -28.34 56.06
C ILE R 115 62.52 -28.92 56.42
N GLN R 116 63.34 -29.20 55.41
CA GLN R 116 64.72 -29.55 55.65
C GLN R 116 65.50 -28.32 56.08
N ALA R 117 65.95 -28.31 57.33
CA ALA R 117 66.55 -27.11 57.92
C ALA R 117 67.90 -26.79 57.31
N VAL R 118 68.51 -27.74 56.59
CA VAL R 118 69.67 -27.45 55.78
C VAL R 118 69.36 -26.52 54.62
N LEU R 119 68.09 -26.37 54.27
CA LEU R 119 67.67 -25.40 53.29
C LEU R 119 67.09 -24.16 53.91
N LEU R 120 66.99 -24.12 55.23
CA LEU R 120 66.72 -22.85 55.88
C LEU R 120 67.92 -21.93 55.75
N PRO R 121 67.71 -20.63 55.60
CA PRO R 121 68.83 -19.71 55.46
C PRO R 121 69.55 -19.49 56.78
N LYS R 122 70.67 -18.80 56.69
CA LYS R 122 71.54 -18.64 57.85
C LYS R 122 71.47 -17.20 58.38
N ARG S 35 14.23 -47.62 41.97
CA ARG S 35 15.40 -47.02 42.62
C ARG S 35 16.22 -48.10 43.30
N SER S 36 17.42 -48.36 42.78
CA SER S 36 18.29 -49.38 43.33
C SER S 36 18.88 -48.92 44.65
N ARG S 37 18.90 -49.82 45.63
CA ARG S 37 19.30 -49.49 46.99
C ARG S 37 20.81 -49.68 47.11
N LYS S 38 21.51 -48.59 47.40
CA LYS S 38 22.96 -48.62 47.53
C LYS S 38 23.37 -48.74 49.00
N GLU S 39 24.66 -49.05 49.20
CA GLU S 39 25.19 -49.38 50.51
C GLU S 39 26.04 -48.24 51.05
N SER S 40 26.13 -48.17 52.37
CA SER S 40 27.10 -47.33 53.07
C SER S 40 27.34 -47.94 54.44
N TYR S 41 28.41 -47.52 55.09
CA TYR S 41 28.64 -47.94 56.46
C TYR S 41 28.57 -46.73 57.38
N SER S 42 27.91 -45.68 56.90
CA SER S 42 28.06 -44.36 57.50
C SER S 42 27.42 -44.29 58.88
N ILE S 43 26.27 -44.93 59.04
CA ILE S 43 25.53 -44.78 60.28
C ILE S 43 26.23 -45.50 61.43
N TYR S 44 26.94 -46.57 61.12
CA TYR S 44 27.57 -47.42 62.13
C TYR S 44 28.77 -46.72 62.75
N VAL S 45 29.72 -46.38 61.91
CA VAL S 45 30.91 -45.65 62.33
C VAL S 45 30.53 -44.26 62.80
N TYR S 46 29.42 -43.73 62.29
CA TYR S 46 28.84 -42.50 62.82
C TYR S 46 28.48 -42.64 64.29
N LYS S 47 27.78 -43.72 64.65
CA LYS S 47 27.49 -44.02 66.05
C LYS S 47 28.76 -44.21 66.86
N VAL S 48 29.76 -44.87 66.29
CA VAL S 48 31.00 -45.11 67.01
C VAL S 48 31.72 -43.79 67.29
N LEU S 49 31.70 -42.89 66.31
CA LEU S 49 32.24 -41.55 66.48
C LEU S 49 31.50 -40.79 67.56
N LYS S 50 30.16 -40.90 67.56
CA LYS S 50 29.37 -40.29 68.61
C LYS S 50 29.68 -40.87 69.99
N GLN S 51 30.02 -42.15 70.05
CA GLN S 51 30.46 -42.74 71.31
C GLN S 51 31.76 -42.11 71.77
N VAL S 52 32.79 -42.18 70.93
CA VAL S 52 34.11 -41.76 71.37
C VAL S 52 34.26 -40.26 71.43
N HIS S 53 33.41 -39.51 70.73
CA HIS S 53 33.41 -38.05 70.81
C HIS S 53 32.00 -37.58 70.60
N PRO S 54 31.28 -37.26 71.66
CA PRO S 54 29.93 -36.74 71.50
C PRO S 54 29.90 -35.36 70.90
N ASP S 55 30.85 -34.51 71.25
CA ASP S 55 30.89 -33.15 70.73
C ASP S 55 31.87 -33.05 69.56
N THR S 56 31.45 -33.57 68.41
CA THR S 56 32.30 -33.62 67.21
C THR S 56 31.44 -33.79 65.98
N GLY S 57 31.63 -32.92 64.98
CA GLY S 57 31.01 -33.10 63.68
C GLY S 57 31.97 -33.72 62.69
N ILE S 58 31.47 -33.93 61.47
CA ILE S 58 32.24 -34.62 60.44
C ILE S 58 31.72 -34.17 59.07
N SER S 59 32.60 -34.20 58.06
CA SER S 59 32.21 -33.95 56.69
C SER S 59 31.76 -35.23 56.01
N SER S 60 30.97 -35.07 54.95
CA SER S 60 30.40 -36.21 54.27
C SER S 60 31.45 -36.99 53.49
N LYS S 61 32.37 -36.26 52.84
CA LYS S 61 33.40 -36.92 52.05
C LYS S 61 34.28 -37.78 52.91
N ALA S 62 34.61 -37.29 54.12
CA ALA S 62 35.40 -38.08 55.05
C ALA S 62 34.67 -39.32 55.51
N MET S 63 33.34 -39.24 55.59
CA MET S 63 32.57 -40.42 55.91
C MET S 63 32.68 -41.45 54.80
N GLY S 64 32.67 -40.98 53.56
CA GLY S 64 32.93 -41.88 52.45
C GLY S 64 34.33 -42.46 52.48
N ILE S 65 35.29 -41.65 52.93
CA ILE S 65 36.68 -42.11 53.04
C ILE S 65 36.77 -43.24 54.03
N MET S 66 36.07 -43.10 55.15
CA MET S 66 36.10 -44.15 56.15
C MET S 66 35.39 -45.40 55.66
N ASN S 67 34.37 -45.22 54.83
CA ASN S 67 33.72 -46.38 54.24
C ASN S 67 34.68 -47.12 53.32
N SER S 68 35.45 -46.37 52.54
CA SER S 68 36.48 -46.97 51.70
C SER S 68 37.57 -47.62 52.54
N PHE S 69 37.84 -47.05 53.71
CA PHE S 69 38.84 -47.59 54.62
C PHE S 69 38.44 -48.97 55.10
N VAL S 70 37.19 -49.08 55.55
CA VAL S 70 36.65 -50.37 55.98
C VAL S 70 36.66 -51.36 54.84
N ASN S 71 36.34 -50.89 53.64
CA ASN S 71 36.40 -51.73 52.45
C ASN S 71 37.78 -52.31 52.25
N ASP S 72 38.80 -51.46 52.31
CA ASP S 72 40.16 -51.88 52.00
C ASP S 72 40.68 -52.86 53.04
N ILE S 73 40.43 -52.55 54.32
CA ILE S 73 40.94 -53.42 55.37
C ILE S 73 40.25 -54.77 55.32
N PHE S 74 38.94 -54.75 55.08
CA PHE S 74 38.17 -55.97 54.93
C PHE S 74 38.66 -56.81 53.77
N GLU S 75 39.00 -56.16 52.65
CA GLU S 75 39.45 -56.89 51.48
C GLU S 75 40.79 -57.55 51.70
N ARG S 76 41.73 -56.85 52.35
CA ARG S 76 43.03 -57.44 52.61
C ARG S 76 42.91 -58.61 53.58
N ILE S 77 42.07 -58.46 54.59
CA ILE S 77 41.81 -59.53 55.54
C ILE S 77 41.22 -60.75 54.85
N ALA S 78 40.23 -60.52 53.98
CA ALA S 78 39.55 -61.63 53.34
C ALA S 78 40.47 -62.35 52.37
N GLY S 79 41.34 -61.60 51.70
CA GLY S 79 42.31 -62.23 50.83
C GLY S 79 43.29 -63.06 51.61
N GLU S 80 43.67 -62.59 52.79
CA GLU S 80 44.53 -63.40 53.64
C GLU S 80 43.77 -64.61 54.16
N ALA S 81 42.46 -64.48 54.32
CA ALA S 81 41.66 -65.62 54.74
C ALA S 81 41.59 -66.68 53.65
N SER S 82 41.48 -66.25 52.40
CA SER S 82 41.44 -67.21 51.31
C SER S 82 42.79 -67.90 51.17
N ARG S 83 43.87 -67.15 51.34
CA ARG S 83 45.17 -67.80 51.35
C ARG S 83 45.34 -68.69 52.57
N LEU S 84 44.74 -68.33 53.71
CA LEU S 84 44.73 -69.22 54.87
C LEU S 84 44.06 -70.54 54.54
N ALA S 85 42.96 -70.46 53.79
CA ALA S 85 42.25 -71.64 53.35
C ALA S 85 43.12 -72.51 52.47
N HIS S 86 43.73 -71.90 51.45
CA HIS S 86 44.43 -72.70 50.44
C HIS S 86 45.78 -73.17 50.93
N TYR S 87 46.38 -72.46 51.88
CA TYR S 87 47.57 -73.04 52.48
C TYR S 87 47.22 -73.89 53.68
N ASN S 88 45.94 -74.08 53.95
CA ASN S 88 45.55 -75.06 54.94
C ASN S 88 44.64 -76.13 54.38
N LYS S 89 44.28 -76.06 53.09
CA LYS S 89 43.50 -77.06 52.38
C LYS S 89 42.15 -77.30 53.05
N ARG S 90 41.60 -76.25 53.64
CA ARG S 90 40.33 -76.31 54.34
C ARG S 90 39.45 -75.20 53.82
N SER S 91 38.14 -75.34 54.01
CA SER S 91 37.22 -74.37 53.45
C SER S 91 36.24 -73.85 54.48
N THR S 92 36.44 -74.14 55.75
CA THR S 92 35.62 -73.60 56.81
C THR S 92 36.34 -72.35 57.29
N ILE S 93 35.58 -71.33 57.66
CA ILE S 93 36.18 -70.16 58.29
C ILE S 93 35.67 -70.03 59.71
N THR S 94 36.59 -70.08 60.68
CA THR S 94 36.27 -69.72 62.05
C THR S 94 36.98 -68.43 62.43
N SER S 95 36.77 -67.99 63.67
CA SER S 95 37.37 -66.78 64.20
C SER S 95 38.87 -66.87 64.39
N ARG S 96 39.39 -68.10 64.54
CA ARG S 96 40.83 -68.29 64.74
C ARG S 96 41.60 -67.83 63.51
N GLU S 97 41.05 -68.08 62.34
CA GLU S 97 41.65 -67.64 61.10
C GLU S 97 41.62 -66.14 60.97
N ILE S 98 40.57 -65.52 61.50
CA ILE S 98 40.48 -64.07 61.47
C ILE S 98 41.54 -63.47 62.37
N GLN S 99 41.76 -64.08 63.55
CA GLN S 99 42.78 -63.63 64.48
C GLN S 99 44.16 -63.72 63.85
N THR S 100 44.47 -64.87 63.26
CA THR S 100 45.81 -65.01 62.69
C THR S 100 45.96 -64.14 61.45
N ALA S 101 44.86 -63.83 60.76
CA ALA S 101 44.94 -62.90 59.65
C ALA S 101 45.25 -61.50 60.10
N VAL S 102 44.59 -61.05 61.17
CA VAL S 102 44.80 -59.70 61.66
C VAL S 102 46.23 -59.54 62.16
N ARG S 103 46.73 -60.51 62.92
CA ARG S 103 48.11 -60.37 63.38
C ARG S 103 49.12 -60.76 62.31
N LEU S 104 48.67 -61.22 61.16
CA LEU S 104 49.57 -61.20 60.01
C LEU S 104 49.61 -59.83 59.36
N LEU S 105 48.48 -59.14 59.30
CA LEU S 105 48.48 -57.90 58.54
C LEU S 105 48.89 -56.71 59.37
N LEU S 106 48.31 -56.55 60.45
CA LEU S 106 48.55 -55.34 61.19
C LEU S 106 49.83 -55.42 62.02
N PRO S 107 50.48 -54.29 62.27
CA PRO S 107 51.66 -54.29 63.13
C PRO S 107 51.31 -54.50 64.59
N GLY S 108 52.28 -55.03 65.32
CA GLY S 108 52.14 -55.71 66.60
C GLY S 108 51.25 -55.17 67.70
N GLU S 109 51.53 -53.97 68.20
CA GLU S 109 50.88 -53.49 69.42
C GLU S 109 49.42 -53.18 69.19
N LEU S 110 49.15 -52.41 68.13
CA LEU S 110 47.81 -52.19 67.62
C LEU S 110 47.07 -53.50 67.41
N ALA S 111 47.75 -54.46 66.78
CA ALA S 111 47.14 -55.75 66.48
C ALA S 111 46.75 -56.50 67.73
N LYS S 112 47.61 -56.48 68.75
CA LYS S 112 47.31 -57.23 69.96
C LYS S 112 46.16 -56.59 70.72
N HIS S 113 46.10 -55.26 70.72
CA HIS S 113 44.94 -54.59 71.31
C HIS S 113 43.66 -54.95 70.58
N ALA S 114 43.71 -55.00 69.25
CA ALA S 114 42.53 -55.35 68.49
C ALA S 114 42.12 -56.79 68.72
N VAL S 115 43.10 -57.69 68.85
CA VAL S 115 42.83 -59.09 69.13
C VAL S 115 42.17 -59.22 70.49
N SER S 116 42.61 -58.40 71.45
CA SER S 116 42.00 -58.40 72.78
C SER S 116 40.54 -57.98 72.72
N GLU S 117 40.27 -56.90 71.96
CA GLU S 117 38.90 -56.42 71.81
C GLU S 117 38.01 -57.48 71.16
N GLY S 118 38.51 -58.11 70.10
CA GLY S 118 37.73 -59.12 69.42
C GLY S 118 37.52 -60.36 70.27
N THR S 119 38.52 -60.73 71.05
CA THR S 119 38.40 -61.95 71.85
C THR S 119 37.42 -61.75 72.99
N LYS S 120 37.46 -60.57 73.62
CA LYS S 120 36.50 -60.27 74.68
C LYS S 120 35.09 -60.17 74.11
N ALA S 121 34.97 -59.68 72.88
CA ALA S 121 33.66 -59.68 72.25
C ALA S 121 33.17 -61.09 71.94
N VAL S 122 34.09 -61.97 71.53
CA VAL S 122 33.75 -63.38 71.28
C VAL S 122 33.23 -64.03 72.55
N THR S 123 33.89 -63.75 73.67
CA THR S 123 33.46 -64.28 74.95
C THR S 123 32.09 -63.74 75.34
N LYS S 124 31.88 -62.43 75.20
CA LYS S 124 30.61 -61.83 75.63
C LYS S 124 29.45 -62.29 74.77
N TYR S 125 29.67 -62.47 73.46
CA TYR S 125 28.61 -63.00 72.63
C TYR S 125 28.36 -64.48 72.87
N THR S 126 29.35 -65.32 72.64
CA THR S 126 29.15 -66.76 72.70
C THR S 126 28.96 -67.31 74.09
N SER S 127 29.22 -66.50 75.13
CA SER S 127 28.89 -66.90 76.49
C SER S 127 27.38 -66.94 76.68
N ALA S 128 26.68 -65.93 76.20
CA ALA S 128 25.25 -65.98 76.01
C ALA S 128 24.97 -66.63 74.66
N LYS S 129 23.75 -66.49 74.17
CA LYS S 129 23.41 -67.01 72.84
C LYS S 129 24.14 -66.22 71.76
N HIS T 43 61.66 -1.78 47.24
CA HIS T 43 63.05 -2.20 47.11
C HIS T 43 63.08 -3.68 46.78
N ARG T 44 64.26 -4.29 46.78
CA ARG T 44 64.40 -5.68 46.36
C ARG T 44 64.64 -6.57 47.58
N TYR T 45 63.96 -7.71 47.60
CA TYR T 45 64.14 -8.70 48.65
C TYR T 45 65.27 -9.67 48.29
N ARG T 46 65.81 -10.33 49.29
CA ARG T 46 66.92 -11.25 49.07
C ARG T 46 66.41 -12.65 48.82
N PRO T 47 67.02 -13.38 47.88
CA PRO T 47 66.36 -14.56 47.31
C PRO T 47 66.30 -15.73 48.27
N GLY T 48 65.42 -16.67 47.94
CA GLY T 48 65.20 -17.85 48.73
C GLY T 48 64.10 -17.71 49.76
N THR T 49 63.80 -16.48 50.16
CA THR T 49 62.93 -16.27 51.32
C THR T 49 61.47 -16.52 50.96
N VAL T 50 61.01 -15.87 49.89
CA VAL T 50 59.61 -15.91 49.50
C VAL T 50 59.20 -17.33 49.13
N ALA T 51 60.13 -18.09 48.57
CA ALA T 51 59.89 -19.49 48.22
C ALA T 51 59.56 -20.32 49.44
N LEU T 52 60.36 -20.18 50.50
CA LEU T 52 60.12 -20.96 51.70
C LEU T 52 58.88 -20.48 52.43
N ARG T 53 58.60 -19.18 52.35
CA ARG T 53 57.38 -18.65 52.95
C ARG T 53 56.16 -19.22 52.26
N GLU T 54 56.21 -19.35 50.94
CA GLU T 54 55.09 -19.97 50.26
C GLU T 54 55.12 -21.49 50.33
N ILE T 55 56.25 -22.09 50.71
CA ILE T 55 56.22 -23.49 51.11
C ILE T 55 55.38 -23.66 52.36
N ARG T 56 55.59 -22.77 53.33
CA ARG T 56 54.78 -22.78 54.55
C ARG T 56 53.32 -22.44 54.25
N ARG T 57 53.10 -21.65 53.21
CA ARG T 57 51.73 -21.40 52.82
C ARG T 57 51.10 -22.59 52.10
N TYR T 58 51.86 -23.28 51.22
CA TYR T 58 51.34 -24.33 50.35
C TYR T 58 51.38 -25.70 50.98
N GLN T 59 51.86 -25.80 52.21
CA GLN T 59 51.66 -27.01 52.99
C GLN T 59 50.35 -26.97 53.76
N LYS T 60 49.46 -26.04 53.44
CA LYS T 60 48.25 -25.87 54.21
C LYS T 60 46.99 -26.29 53.50
N SER T 61 46.68 -25.69 52.36
CA SER T 61 45.46 -26.01 51.64
C SER T 61 45.72 -27.18 50.71
N THR T 62 44.95 -28.24 50.86
CA THR T 62 45.07 -29.41 50.00
C THR T 62 44.29 -29.27 48.71
N GLU T 63 44.01 -28.06 48.28
CA GLU T 63 43.28 -27.85 47.04
C GLU T 63 44.18 -28.16 45.86
N LEU T 64 43.54 -28.46 44.72
CA LEU T 64 44.26 -28.94 43.56
C LEU T 64 45.07 -27.82 42.91
N LEU T 65 46.33 -28.12 42.63
CA LEU T 65 47.23 -27.13 42.07
C LEU T 65 47.01 -26.88 40.58
N ILE T 66 47.01 -27.91 39.76
CA ILE T 66 46.75 -27.72 38.34
C ILE T 66 45.26 -27.48 38.16
N ARG T 67 44.88 -26.36 37.55
CA ARG T 67 43.46 -26.12 37.38
C ARG T 67 42.93 -26.86 36.16
N LYS T 68 41.60 -26.84 36.02
CA LYS T 68 40.88 -28.01 35.53
C LYS T 68 41.02 -28.20 34.03
N LEU T 69 40.50 -27.24 33.25
CA LEU T 69 40.39 -27.25 31.80
C LEU T 69 41.64 -27.68 31.03
N PRO T 70 42.85 -27.18 31.32
CA PRO T 70 44.00 -27.65 30.54
C PRO T 70 44.37 -29.08 30.88
N PHE T 71 44.27 -29.44 32.15
CA PHE T 71 44.50 -30.80 32.59
C PHE T 71 43.53 -31.76 31.93
N GLN T 72 42.27 -31.34 31.84
CA GLN T 72 41.25 -32.13 31.19
C GLN T 72 41.55 -32.31 29.71
N ARG T 73 42.01 -31.24 29.04
CA ARG T 73 42.37 -31.36 27.64
C ARG T 73 43.54 -32.30 27.43
N LEU T 74 44.51 -32.27 28.33
CA LEU T 74 45.66 -33.15 28.20
C LEU T 74 45.28 -34.61 28.38
N VAL T 75 44.45 -34.86 29.40
CA VAL T 75 43.98 -36.22 29.64
C VAL T 75 43.13 -36.72 28.48
N ARG T 76 42.26 -35.85 27.94
CA ARG T 76 41.46 -36.24 26.78
C ARG T 76 42.30 -36.52 25.56
N GLU T 77 43.37 -35.75 25.36
CA GLU T 77 44.19 -35.93 24.17
C GLU T 77 44.95 -37.24 24.24
N ILE T 78 45.43 -37.60 25.42
CA ILE T 78 46.11 -38.89 25.54
C ILE T 78 45.10 -40.01 25.44
N ALA T 79 43.89 -39.78 25.94
CA ALA T 79 42.84 -40.79 25.87
C ALA T 79 42.30 -40.96 24.46
N GLN T 80 42.60 -40.03 23.56
CA GLN T 80 42.08 -40.09 22.20
C GLN T 80 42.60 -41.31 21.45
N ASP T 81 43.82 -41.75 21.75
CA ASP T 81 44.49 -42.71 20.89
C ASP T 81 44.37 -44.15 21.39
N PHE T 82 43.25 -44.49 22.00
CA PHE T 82 42.99 -45.89 22.32
C PHE T 82 41.71 -46.41 21.72
N LYS T 83 40.60 -45.69 21.91
CA LYS T 83 39.40 -45.88 21.12
C LYS T 83 38.72 -44.54 21.08
N THR T 84 38.03 -44.27 19.97
CA THR T 84 37.69 -42.90 19.61
C THR T 84 36.59 -42.32 20.50
N ASP T 85 36.91 -41.19 21.13
CA ASP T 85 35.96 -40.25 21.71
C ASP T 85 35.11 -40.88 22.81
N LEU T 86 35.76 -41.21 23.91
CA LEU T 86 35.08 -41.78 25.06
C LEU T 86 34.61 -40.67 25.98
N ARG T 87 33.37 -40.76 26.44
CA ARG T 87 32.86 -39.79 27.40
C ARG T 87 33.50 -40.03 28.77
N PHE T 88 33.37 -39.04 29.64
CA PHE T 88 34.04 -39.07 30.94
C PHE T 88 33.17 -38.59 32.07
N GLN T 89 33.30 -39.26 33.21
CA GLN T 89 32.78 -38.77 34.45
C GLN T 89 33.72 -37.71 35.03
N SER T 90 33.14 -36.58 35.42
CA SER T 90 33.93 -35.49 35.97
C SER T 90 34.56 -35.84 37.30
N ALA T 91 33.88 -36.68 38.09
CA ALA T 91 34.46 -37.14 39.35
C ALA T 91 35.69 -38.00 39.08
N ALA T 92 35.65 -38.79 38.01
CA ALA T 92 36.83 -39.56 37.62
C ALA T 92 37.97 -38.64 37.21
N ILE T 93 37.65 -37.51 36.59
CA ILE T 93 38.66 -36.54 36.22
C ILE T 93 39.30 -35.94 37.46
N GLY T 94 38.48 -35.63 38.47
CA GLY T 94 39.03 -35.17 39.74
C GLY T 94 39.89 -36.22 40.42
N ALA T 95 39.53 -37.49 40.26
CA ALA T 95 40.32 -38.57 40.83
C ALA T 95 41.70 -38.65 40.19
N LEU T 96 41.74 -38.62 38.86
CA LEU T 96 42.98 -38.56 38.11
C LEU T 96 43.82 -37.37 38.53
N GLN T 97 43.19 -36.23 38.73
CA GLN T 97 43.90 -35.01 39.10
C GLN T 97 44.53 -35.13 40.47
N GLU T 98 43.75 -35.61 41.44
CA GLU T 98 44.24 -35.83 42.80
C GLU T 98 45.42 -36.79 42.81
N ALA T 99 45.27 -37.94 42.18
CA ALA T 99 46.28 -38.98 42.22
C ALA T 99 47.55 -38.52 41.55
N SER T 100 47.41 -37.79 40.45
CA SER T 100 48.55 -37.29 39.72
C SER T 100 49.32 -36.27 40.56
N GLU T 101 48.60 -35.35 41.20
CA GLU T 101 49.29 -34.30 41.94
C GLU T 101 49.99 -34.84 43.17
N ALA T 102 49.35 -35.76 43.90
CA ALA T 102 50.00 -36.33 45.08
C ALA T 102 51.21 -37.17 44.69
N TYR T 103 51.08 -37.93 43.60
CA TYR T 103 52.17 -38.71 43.02
C TYR T 103 53.39 -37.88 42.74
N LEU T 104 53.19 -36.80 41.99
CA LEU T 104 54.29 -35.93 41.64
C LEU T 104 54.87 -35.21 42.85
N VAL T 105 54.05 -34.87 43.85
CA VAL T 105 54.58 -34.20 45.04
C VAL T 105 55.50 -35.13 45.81
N GLY T 106 55.09 -36.38 45.99
CA GLY T 106 55.93 -37.32 46.71
C GLY T 106 57.22 -37.64 45.97
N LEU T 107 57.14 -37.76 44.65
CA LEU T 107 58.33 -38.01 43.87
C LEU T 107 59.27 -36.81 43.92
N PHE T 108 58.71 -35.60 43.99
CA PHE T 108 59.52 -34.43 44.26
C PHE T 108 60.20 -34.47 45.61
N GLU T 109 59.51 -34.99 46.62
CA GLU T 109 60.10 -35.05 47.95
C GLU T 109 61.34 -35.93 47.96
N ASP T 110 61.22 -37.12 47.35
CA ASP T 110 62.39 -37.99 47.26
C ASP T 110 63.49 -37.37 46.41
N THR T 111 63.13 -36.68 45.34
CA THR T 111 64.15 -36.05 44.49
C THR T 111 64.86 -34.93 45.22
N ASN T 112 64.11 -34.17 46.02
CA ASN T 112 64.67 -33.09 46.81
C ASN T 112 65.63 -33.64 47.85
N LEU T 113 65.27 -34.75 48.49
CA LEU T 113 66.17 -35.33 49.47
C LEU T 113 67.41 -35.92 48.81
N CYS T 114 67.28 -36.39 47.56
CA CYS T 114 68.45 -36.81 46.80
C CYS T 114 69.41 -35.66 46.59
N ALA T 115 68.88 -34.50 46.21
CA ALA T 115 69.74 -33.35 45.96
C ALA T 115 70.36 -32.81 47.24
N ILE T 116 69.63 -32.86 48.35
CA ILE T 116 70.17 -32.49 49.65
C ILE T 116 71.32 -33.40 50.02
N HIS T 117 71.18 -34.68 49.72
CA HIS T 117 72.30 -35.59 49.88
C HIS T 117 73.44 -35.26 48.93
N ALA T 118 73.12 -34.70 47.77
CA ALA T 118 74.12 -34.44 46.75
C ALA T 118 74.92 -33.16 46.99
N LYS T 119 74.91 -32.66 48.23
CA LYS T 119 75.71 -31.52 48.68
C LYS T 119 75.35 -30.26 47.91
N ARG T 120 74.09 -30.18 47.49
CA ARG T 120 73.59 -29.09 46.69
C ARG T 120 72.22 -28.69 47.21
N VAL T 121 71.68 -27.62 46.63
CA VAL T 121 70.34 -27.18 46.97
C VAL T 121 69.40 -27.26 45.77
N THR T 122 69.89 -27.04 44.57
CA THR T 122 69.05 -26.96 43.39
C THR T 122 68.84 -28.34 42.81
N ILE T 123 67.66 -28.57 42.26
CA ILE T 123 67.36 -29.83 41.61
C ILE T 123 68.10 -29.95 40.29
N MET T 124 68.19 -31.19 39.80
CA MET T 124 68.75 -31.52 38.50
C MET T 124 67.85 -32.58 37.90
N PRO T 125 67.82 -32.70 36.57
CA PRO T 125 67.07 -33.82 35.97
C PRO T 125 67.66 -35.17 36.27
N LYS T 126 68.99 -35.23 36.41
CA LYS T 126 69.66 -36.47 36.82
C LYS T 126 69.21 -36.93 38.19
N ASP T 127 68.75 -36.02 39.03
CA ASP T 127 68.21 -36.40 40.33
C ASP T 127 66.92 -37.17 40.17
N ILE T 128 66.07 -36.72 39.25
CA ILE T 128 64.83 -37.42 38.94
C ILE T 128 65.14 -38.79 38.37
N GLN T 129 66.18 -38.86 37.54
CA GLN T 129 66.60 -40.15 37.00
C GLN T 129 67.08 -41.09 38.09
N LEU T 130 67.79 -40.55 39.08
CA LEU T 130 68.27 -41.36 40.18
C LEU T 130 67.13 -41.89 41.02
N ALA T 131 66.17 -41.03 41.33
CA ALA T 131 65.04 -41.45 42.14
C ALA T 131 64.18 -42.48 41.42
N ARG T 132 63.95 -42.26 40.12
CA ARG T 132 63.19 -43.21 39.34
C ARG T 132 63.93 -44.53 39.19
N ARG T 133 65.26 -44.47 39.10
CA ARG T 133 66.07 -45.68 39.01
C ARG T 133 66.02 -46.46 40.31
N ILE T 134 65.83 -45.77 41.42
CA ILE T 134 65.64 -46.48 42.68
C ILE T 134 64.25 -47.11 42.74
N ARG T 135 63.22 -46.36 42.35
CA ARG T 135 61.88 -46.93 42.41
C ARG T 135 61.63 -47.99 41.35
N GLY T 136 62.19 -47.84 40.15
CA GLY T 136 62.08 -48.89 39.15
C GLY T 136 61.00 -48.71 38.12
N GLU T 137 60.69 -47.47 37.74
CA GLU T 137 59.78 -47.27 36.62
C GLU T 137 60.44 -47.68 35.31
N ARG T 138 61.47 -46.93 34.92
CA ARG T 138 62.29 -47.28 33.77
C ARG T 138 63.15 -48.47 34.13
N ALA T 139 63.50 -49.28 33.13
CA ALA T 139 64.52 -50.30 33.29
C ALA T 139 65.87 -49.61 33.52
N ASN U 29 49.29 -29.00 23.76
CA ASN U 29 49.21 -30.44 23.97
C ASN U 29 49.72 -30.75 25.38
N ILE U 30 50.91 -31.36 25.43
CA ILE U 30 51.60 -31.56 26.71
C ILE U 30 52.09 -30.23 27.27
N GLN U 31 52.19 -29.20 26.43
CA GLN U 31 52.66 -27.89 26.83
C GLN U 31 51.60 -27.06 27.52
N GLY U 32 50.45 -27.67 27.83
CA GLY U 32 49.49 -27.01 28.70
C GLY U 32 49.88 -27.02 30.16
N ILE U 33 50.98 -27.68 30.50
CA ILE U 33 51.51 -27.65 31.84
C ILE U 33 52.34 -26.40 32.01
N THR U 34 51.91 -25.50 32.88
CA THR U 34 52.66 -24.26 33.05
C THR U 34 53.85 -24.47 33.97
N LYS U 35 54.87 -23.64 33.77
CA LYS U 35 56.00 -23.56 34.70
C LYS U 35 55.60 -23.32 36.16
N PRO U 36 54.74 -22.34 36.51
CA PRO U 36 54.40 -22.20 37.93
C PRO U 36 53.57 -23.33 38.49
N ALA U 37 52.97 -24.17 37.65
CA ALA U 37 52.31 -25.36 38.16
C ALA U 37 53.31 -26.34 38.74
N ILE U 38 54.36 -26.67 37.99
CA ILE U 38 55.38 -27.56 38.50
C ILE U 38 56.16 -26.90 39.62
N ARG U 39 56.23 -25.56 39.61
CA ARG U 39 56.78 -24.84 40.76
C ARG U 39 55.93 -25.04 42.00
N ARG U 40 54.60 -24.95 41.86
CA ARG U 40 53.72 -25.21 42.99
C ARG U 40 53.83 -26.66 43.45
N LEU U 41 54.09 -27.57 42.50
CA LEU U 41 54.37 -28.95 42.86
C LEU U 41 55.64 -29.08 43.68
N ALA U 42 56.64 -28.26 43.38
CA ALA U 42 57.81 -28.23 44.23
C ALA U 42 57.50 -27.63 45.59
N ARG U 43 56.58 -26.68 45.62
CA ARG U 43 56.28 -25.98 46.87
C ARG U 43 55.52 -26.88 47.84
N ARG U 44 54.52 -27.62 47.36
CA ARG U 44 53.84 -28.57 48.23
C ARG U 44 54.75 -29.74 48.55
N GLY U 45 55.64 -30.09 47.62
CA GLY U 45 56.74 -30.95 47.98
C GLY U 45 57.72 -30.30 48.94
N GLY U 46 57.82 -28.99 48.91
CA GLY U 46 58.73 -28.28 49.77
C GLY U 46 60.11 -28.10 49.19
N VAL U 47 60.22 -27.83 47.90
CA VAL U 47 61.51 -27.79 47.24
C VAL U 47 61.85 -26.34 46.96
N LYS U 48 63.10 -25.96 47.19
CA LYS U 48 63.44 -24.55 47.19
C LYS U 48 63.87 -24.07 45.80
N ARG U 49 64.93 -24.64 45.24
CA ARG U 49 65.59 -24.00 44.11
C ARG U 49 65.55 -24.90 42.88
N ILE U 50 65.24 -24.29 41.74
CA ILE U 50 64.74 -24.98 40.55
C ILE U 50 65.70 -24.79 39.39
N SER U 51 65.98 -25.87 38.65
CA SER U 51 66.80 -25.79 37.44
C SER U 51 65.96 -25.61 36.18
N GLY U 52 66.57 -25.85 35.02
CA GLY U 52 65.92 -25.59 33.75
C GLY U 52 65.18 -26.76 33.10
N LEU U 53 65.87 -27.86 32.84
CA LEU U 53 65.34 -28.98 32.04
C LEU U 53 64.29 -29.80 32.80
N ILE U 54 64.16 -29.50 34.08
CA ILE U 54 63.16 -30.01 35.02
C ILE U 54 61.77 -30.05 34.41
N TYR U 55 61.41 -29.00 33.67
CA TYR U 55 60.05 -28.80 33.21
C TYR U 55 59.65 -29.86 32.21
N GLU U 56 60.48 -30.04 31.20
CA GLU U 56 60.18 -30.98 30.14
C GLU U 56 60.32 -32.41 30.64
N GLU U 57 61.29 -32.63 31.55
CA GLU U 57 61.42 -33.94 32.15
C GLU U 57 60.19 -34.32 32.97
N THR U 58 59.63 -33.32 33.67
CA THR U 58 58.44 -33.51 34.48
C THR U 58 57.26 -33.87 33.62
N ARG U 59 57.08 -33.14 32.52
CA ARG U 59 55.98 -33.41 31.59
C ARG U 59 56.09 -34.81 31.02
N GLY U 60 57.31 -35.26 30.75
CA GLY U 60 57.50 -36.60 30.21
C GLY U 60 57.11 -37.70 31.19
N VAL U 61 57.55 -37.57 32.43
CA VAL U 61 57.27 -38.63 33.39
C VAL U 61 55.77 -38.65 33.74
N LEU U 62 55.17 -37.46 33.84
CA LEU U 62 53.73 -37.35 34.03
C LEU U 62 52.97 -38.01 32.89
N LYS U 63 53.49 -37.85 31.67
CA LYS U 63 52.85 -38.43 30.50
C LYS U 63 52.84 -39.95 30.57
N VAL U 64 53.99 -40.55 30.89
CA VAL U 64 54.08 -42.02 30.92
C VAL U 64 53.21 -42.58 32.03
N PHE U 65 53.16 -41.87 33.16
CA PHE U 65 52.27 -42.21 34.28
C PHE U 65 50.82 -42.28 33.84
N LEU U 66 50.33 -41.19 33.25
CA LEU U 66 48.96 -41.15 32.77
C LEU U 66 48.70 -42.14 31.66
N GLU U 67 49.74 -42.45 30.86
CA GLU U 67 49.63 -43.42 29.79
C GLU U 67 49.24 -44.80 30.32
N ASN U 68 50.01 -45.30 31.28
CA ASN U 68 49.69 -46.62 31.84
C ASN U 68 48.35 -46.61 32.55
N VAL U 69 48.07 -45.54 33.30
CA VAL U 69 46.85 -45.45 34.08
C VAL U 69 45.62 -45.48 33.17
N ILE U 70 45.59 -44.59 32.18
CA ILE U 70 44.40 -44.47 31.37
C ILE U 70 44.30 -45.61 30.38
N ARG U 71 45.43 -46.26 30.04
CA ARG U 71 45.38 -47.46 29.21
C ARG U 71 44.61 -48.57 29.89
N ASP U 72 44.99 -48.92 31.11
CA ASP U 72 44.25 -50.00 31.74
C ASP U 72 42.87 -49.54 32.21
N ALA U 73 42.67 -48.24 32.38
CA ALA U 73 41.32 -47.75 32.68
C ALA U 73 40.39 -47.98 31.49
N VAL U 74 40.85 -47.66 30.30
CA VAL U 74 40.05 -47.90 29.12
C VAL U 74 39.95 -49.39 28.84
N THR U 75 40.90 -50.19 29.32
CA THR U 75 40.74 -51.63 29.26
C THR U 75 39.58 -52.10 30.11
N TYR U 76 39.48 -51.58 31.33
CA TYR U 76 38.31 -51.82 32.18
C TYR U 76 37.02 -51.43 31.50
N THR U 77 37.00 -50.27 30.85
CA THR U 77 35.75 -49.82 30.26
C THR U 77 35.44 -50.60 28.98
N GLU U 78 36.48 -51.09 28.30
CA GLU U 78 36.30 -52.04 27.21
C GLU U 78 35.58 -53.29 27.68
N HIS U 79 35.97 -53.82 28.83
CA HIS U 79 35.21 -54.95 29.33
C HIS U 79 33.83 -54.54 29.80
N ALA U 80 33.66 -53.28 30.20
CA ALA U 80 32.35 -52.80 30.63
C ALA U 80 31.34 -52.70 29.50
N LYS U 81 31.79 -52.73 28.25
CA LYS U 81 30.94 -52.60 27.04
C LYS U 81 30.17 -51.29 27.02
N ARG U 82 30.71 -50.27 27.67
CA ARG U 82 30.04 -49.00 27.84
C ARG U 82 30.97 -47.89 27.39
N LYS U 83 30.38 -46.75 27.09
CA LYS U 83 31.10 -45.71 26.37
C LYS U 83 31.60 -44.59 27.28
N THR U 84 31.54 -44.79 28.59
CA THR U 84 32.09 -43.82 29.54
C THR U 84 32.91 -44.59 30.57
N VAL U 85 34.13 -44.14 30.80
CA VAL U 85 34.97 -44.76 31.81
C VAL U 85 34.40 -44.38 33.17
N THR U 86 34.20 -45.38 34.02
CA THR U 86 33.66 -45.09 35.34
C THR U 86 34.78 -44.59 36.24
N ALA U 87 34.39 -43.81 37.25
CA ALA U 87 35.33 -43.48 38.31
C ALA U 87 35.75 -44.73 39.07
N MET U 88 34.84 -45.70 39.17
CA MET U 88 35.16 -46.99 39.78
C MET U 88 36.31 -47.67 39.07
N ASP U 89 36.29 -47.69 37.74
CA ASP U 89 37.35 -48.33 36.96
C ASP U 89 38.68 -47.60 37.14
N VAL U 90 38.63 -46.28 37.27
CA VAL U 90 39.84 -45.51 37.58
C VAL U 90 40.41 -45.95 38.91
N VAL U 91 39.54 -46.11 39.90
CA VAL U 91 39.97 -46.53 41.23
C VAL U 91 40.56 -47.92 41.18
N TYR U 92 39.90 -48.83 40.46
CA TYR U 92 40.39 -50.20 40.41
C TYR U 92 41.68 -50.31 39.62
N ALA U 93 41.87 -49.45 38.63
CA ALA U 93 43.13 -49.45 37.90
C ALA U 93 44.26 -48.93 38.77
N LEU U 94 43.95 -47.94 39.62
CA LEU U 94 44.93 -47.50 40.60
C LEU U 94 45.28 -48.61 41.57
N LYS U 95 44.29 -49.41 41.97
CA LYS U 95 44.57 -50.58 42.78
C LYS U 95 45.45 -51.57 42.02
N ARG U 96 45.23 -51.68 40.71
CA ARG U 96 45.99 -52.63 39.91
C ARG U 96 47.43 -52.19 39.78
N GLN U 97 47.70 -50.90 39.82
CA GLN U 97 49.08 -50.46 39.93
C GLN U 97 49.52 -50.28 41.37
N GLY U 98 48.77 -50.78 42.34
CA GLY U 98 49.16 -50.66 43.72
C GLY U 98 49.17 -49.26 44.22
N ARG U 99 48.24 -48.44 43.76
CA ARG U 99 48.21 -47.01 44.03
C ARG U 99 46.88 -46.64 44.63
N THR U 100 46.52 -47.36 45.68
CA THR U 100 45.19 -47.31 46.25
C THR U 100 44.86 -45.93 46.82
N LEU U 101 43.79 -45.35 46.30
CA LEU U 101 43.32 -44.03 46.66
C LEU U 101 41.91 -44.13 47.19
N TYR U 102 41.69 -43.58 48.38
CA TYR U 102 40.38 -43.56 48.99
C TYR U 102 39.57 -42.38 48.44
N GLY U 103 38.50 -42.06 49.13
CA GLY U 103 37.83 -40.80 48.92
C GLY U 103 36.67 -40.84 47.96
N PHE U 104 36.80 -41.51 46.84
CA PHE U 104 35.79 -41.39 45.80
C PHE U 104 35.04 -42.69 45.59
N GLY U 105 34.74 -43.41 46.66
CA GLY U 105 33.99 -44.64 46.56
C GLY U 105 34.80 -45.74 45.92
N GLY U 106 35.73 -46.33 46.66
CA GLY U 106 36.54 -47.41 46.14
C GLY U 106 36.63 -48.62 47.05
N ALA V 18 38.94 -87.02 18.35
CA ALA V 18 39.78 -86.78 19.52
C ALA V 18 38.96 -86.87 20.80
N LYS V 19 39.31 -87.83 21.66
CA LYS V 19 38.60 -87.99 22.94
C LYS V 19 38.95 -86.84 23.89
N THR V 20 40.23 -86.59 24.09
CA THR V 20 40.66 -85.60 25.06
C THR V 20 40.54 -84.20 24.50
N ARG V 21 40.12 -83.27 25.36
CA ARG V 21 39.98 -81.88 24.98
C ARG V 21 41.31 -81.22 24.64
N SER V 22 42.41 -81.75 25.20
CA SER V 22 43.73 -81.26 24.81
C SER V 22 44.02 -81.59 23.36
N SER V 23 43.65 -82.79 22.92
CA SER V 23 43.75 -83.09 21.50
C SER V 23 42.69 -82.34 20.70
N ARG V 24 41.55 -82.04 21.33
CA ARG V 24 40.56 -81.20 20.66
C ARG V 24 40.97 -79.74 20.59
N ALA V 25 41.96 -79.35 21.40
CA ALA V 25 42.52 -78.01 21.28
C ALA V 25 43.86 -78.01 20.57
N GLY V 26 44.48 -79.18 20.37
CA GLY V 26 45.78 -79.23 19.73
C GLY V 26 46.88 -78.60 20.55
N LEU V 27 46.77 -78.63 21.86
CA LEU V 27 47.67 -77.94 22.76
C LEU V 27 48.37 -78.96 23.65
N GLN V 28 49.06 -78.47 24.66
CA GLN V 28 49.87 -79.33 25.50
C GLN V 28 49.50 -79.30 26.98
N PHE V 29 48.51 -78.52 27.37
CA PHE V 29 48.16 -78.43 28.78
C PHE V 29 46.85 -79.14 29.07
N PRO V 30 46.62 -79.66 30.28
CA PRO V 30 45.33 -80.27 30.59
C PRO V 30 44.31 -79.20 30.97
N VAL V 31 43.22 -79.15 30.20
CA VAL V 31 42.25 -78.09 30.42
C VAL V 31 41.37 -78.39 31.62
N GLY V 32 40.93 -79.65 31.76
CA GLY V 32 40.04 -80.00 32.85
C GLY V 32 40.72 -79.91 34.20
N ARG V 33 42.04 -80.07 34.22
CA ARG V 33 42.88 -79.62 35.31
C ARG V 33 42.56 -78.19 35.69
N VAL V 34 42.62 -77.29 34.72
CA VAL V 34 42.44 -75.87 34.98
C VAL V 34 41.02 -75.58 35.40
N HIS V 35 40.06 -76.29 34.80
CA HIS V 35 38.66 -76.09 35.17
C HIS V 35 38.40 -76.55 36.60
N ARG V 36 39.07 -77.63 37.02
CA ARG V 36 38.91 -78.06 38.40
C ARG V 36 39.62 -77.11 39.35
N LEU V 37 40.75 -76.55 38.90
CA LEU V 37 41.44 -75.51 39.65
C LEU V 37 40.56 -74.29 39.85
N LEU V 38 39.83 -73.92 38.82
CA LEU V 38 38.87 -72.85 38.94
C LEU V 38 37.73 -73.22 39.88
N ARG V 39 37.27 -74.47 39.78
CA ARG V 39 36.22 -74.92 40.68
C ARG V 39 36.73 -75.06 42.09
N LYS V 40 37.87 -75.73 42.27
CA LYS V 40 38.52 -75.76 43.59
C LYS V 40 39.43 -74.55 43.77
N GLY V 41 38.85 -73.37 43.56
CA GLY V 41 39.59 -72.15 43.71
C GLY V 41 38.85 -71.19 44.60
N ASN V 42 37.54 -71.41 44.73
CA ASN V 42 36.60 -70.39 45.20
C ASN V 42 36.79 -69.09 44.42
N TYR V 43 36.84 -69.24 43.11
CA TYR V 43 37.10 -68.12 42.22
C TYR V 43 35.82 -67.48 41.74
N SER V 44 35.00 -68.23 40.99
CA SER V 44 33.64 -67.83 40.66
C SER V 44 32.71 -68.90 41.21
N GLU V 45 31.42 -68.74 40.96
CA GLU V 45 30.52 -69.82 41.28
C GLU V 45 30.41 -70.80 40.12
N ARG V 46 30.24 -70.31 38.91
CA ARG V 46 30.25 -71.17 37.75
C ARG V 46 31.38 -70.74 36.82
N VAL V 47 31.81 -71.68 35.99
CA VAL V 47 32.90 -71.46 35.04
C VAL V 47 32.45 -71.99 33.69
N GLY V 48 32.52 -71.15 32.68
CA GLY V 48 32.15 -71.54 31.33
C GLY V 48 33.15 -72.47 30.67
N ALA V 49 32.91 -72.72 29.38
CA ALA V 49 33.67 -73.70 28.63
C ALA V 49 34.86 -73.11 27.89
N GLY V 50 34.84 -71.83 27.58
CA GLY V 50 35.88 -71.27 26.74
C GLY V 50 37.01 -70.60 27.49
N ALA V 51 36.66 -70.03 28.65
CA ALA V 51 37.66 -69.44 29.52
C ALA V 51 38.83 -70.36 29.91
N PRO V 52 38.65 -71.64 30.31
CA PRO V 52 39.84 -72.43 30.69
C PRO V 52 40.73 -72.74 29.52
N VAL V 53 40.13 -73.00 28.37
CA VAL V 53 40.88 -73.19 27.14
C VAL V 53 41.68 -71.93 26.82
N TYR V 54 41.03 -70.77 26.96
CA TYR V 54 41.64 -69.49 26.61
C TYR V 54 42.84 -69.21 27.49
N LEU V 55 42.66 -69.41 28.79
CA LEU V 55 43.73 -69.15 29.75
C LEU V 55 44.88 -70.12 29.57
N ALA V 56 44.57 -71.40 29.30
CA ALA V 56 45.63 -72.37 29.08
C ALA V 56 46.43 -72.05 27.84
N ALA V 57 45.76 -71.55 26.80
CA ALA V 57 46.47 -71.13 25.60
C ALA V 57 47.39 -69.95 25.87
N VAL V 58 46.93 -69.01 26.72
CA VAL V 58 47.77 -67.88 27.11
C VAL V 58 49.01 -68.38 27.85
N LEU V 59 48.81 -69.33 28.75
CA LEU V 59 49.91 -69.93 29.50
C LEU V 59 50.91 -70.59 28.58
N GLU V 60 50.41 -71.32 27.59
CA GLU V 60 51.28 -72.04 26.68
C GLU V 60 52.08 -71.07 25.83
N TYR V 61 51.46 -69.96 25.42
CA TYR V 61 52.19 -68.94 24.69
C TYR V 61 53.28 -68.30 25.55
N LEU V 62 52.97 -68.07 26.83
CA LEU V 62 53.96 -67.44 27.72
C LEU V 62 55.14 -68.35 27.94
N THR V 63 54.88 -69.66 28.10
CA THR V 63 55.95 -70.63 28.24
C THR V 63 56.85 -70.63 27.01
N ALA V 64 56.25 -70.74 25.82
CA ALA V 64 57.06 -70.82 24.60
C ALA V 64 57.84 -69.53 24.37
N GLU V 65 57.21 -68.39 24.66
CA GLU V 65 57.83 -67.09 24.46
C GLU V 65 59.05 -66.91 25.35
N ILE V 66 58.93 -67.26 26.63
CA ILE V 66 60.07 -67.03 27.50
C ILE V 66 61.13 -68.10 27.31
N LEU V 67 60.70 -69.32 26.98
CA LEU V 67 61.67 -70.35 26.68
C LEU V 67 62.44 -70.10 25.41
N GLU V 68 61.95 -69.26 24.51
CA GLU V 68 62.78 -68.80 23.40
C GLU V 68 64.01 -68.05 23.90
N LEU V 69 63.79 -67.06 24.78
CA LEU V 69 64.92 -66.30 25.33
C LEU V 69 65.79 -67.18 26.21
N ALA V 70 65.18 -68.19 26.84
CA ALA V 70 65.94 -69.17 27.59
C ALA V 70 66.86 -69.97 26.68
N GLY V 71 66.35 -70.39 25.52
CA GLY V 71 67.15 -71.18 24.61
C GLY V 71 68.33 -70.40 24.06
N ASN V 72 68.10 -69.15 23.67
CA ASN V 72 69.22 -68.35 23.17
C ASN V 72 70.21 -68.02 24.29
N ALA V 73 69.71 -67.73 25.49
CA ALA V 73 70.60 -67.37 26.58
C ALA V 73 71.44 -68.55 27.05
N ALA V 74 70.87 -69.76 27.00
CA ALA V 74 71.65 -70.94 27.34
C ALA V 74 72.62 -71.29 26.23
N ARG V 75 72.24 -71.04 24.98
CA ARG V 75 73.12 -71.30 23.85
C ARG V 75 74.27 -70.32 23.79
N ASP V 76 74.17 -69.20 24.52
CA ASP V 76 75.27 -68.25 24.61
C ASP V 76 76.53 -68.83 25.25
N ASN V 77 76.41 -69.93 25.99
CA ASN V 77 77.55 -70.45 26.75
C ASN V 77 77.86 -71.91 26.47
N LYS V 78 77.40 -72.44 25.32
CA LYS V 78 77.72 -73.79 24.83
C LYS V 78 77.29 -74.86 25.83
N LYS V 79 76.15 -74.65 26.46
CA LYS V 79 75.65 -75.58 27.45
C LYS V 79 74.24 -75.99 27.08
N THR V 80 74.00 -77.30 27.08
CA THR V 80 72.74 -77.84 26.61
C THR V 80 71.64 -77.58 27.64
N ARG V 81 72.01 -77.41 28.90
CA ARG V 81 71.04 -77.34 29.98
C ARG V 81 70.83 -75.89 30.41
N ILE V 82 69.58 -75.54 30.68
CA ILE V 82 69.25 -74.20 31.15
C ILE V 82 69.56 -74.13 32.64
N ILE V 83 70.28 -73.10 33.05
CA ILE V 83 70.57 -72.91 34.47
C ILE V 83 69.73 -71.72 34.91
N PRO V 84 69.54 -71.50 36.22
CA PRO V 84 68.79 -70.30 36.64
C PRO V 84 69.43 -68.99 36.25
N ARG V 85 70.76 -68.92 36.19
CA ARG V 85 71.44 -67.71 35.75
C ARG V 85 71.06 -67.36 34.32
N HIS V 86 70.90 -68.38 33.47
CA HIS V 86 70.39 -68.17 32.12
C HIS V 86 69.02 -67.52 32.14
N LEU V 87 68.15 -67.98 33.03
CA LEU V 87 66.79 -67.47 33.07
C LEU V 87 66.76 -66.03 33.52
N GLN V 88 67.57 -65.70 34.52
CA GLN V 88 67.63 -64.32 34.99
C GLN V 88 68.22 -63.41 33.93
N LEU V 89 69.25 -63.88 33.22
CA LEU V 89 69.83 -63.12 32.12
C LEU V 89 68.81 -62.87 31.02
N ALA V 90 68.05 -63.91 30.67
CA ALA V 90 67.08 -63.78 29.58
C ALA V 90 65.95 -62.87 29.98
N ILE V 91 65.59 -62.86 31.26
CA ILE V 91 64.57 -61.94 31.71
C ILE V 91 65.07 -60.51 31.66
N ARG V 92 66.23 -60.26 32.25
CA ARG V 92 66.74 -58.90 32.32
C ARG V 92 67.16 -58.36 30.96
N ASN V 93 67.45 -59.24 30.01
CA ASN V 93 67.73 -58.77 28.67
C ASN V 93 66.45 -58.49 27.90
N ASP V 94 65.31 -58.94 28.40
CA ASP V 94 64.04 -58.53 27.82
C ASP V 94 63.60 -57.22 28.44
N GLU V 95 62.73 -56.50 27.74
CA GLU V 95 62.11 -55.33 28.33
C GLU V 95 60.75 -55.63 28.95
N GLU V 96 59.84 -56.25 28.20
CA GLU V 96 58.50 -56.54 28.72
C GLU V 96 58.54 -57.52 29.88
N LEU V 97 59.40 -58.52 29.80
CA LEU V 97 59.50 -59.48 30.88
C LEU V 97 60.15 -58.88 32.12
N ASN V 98 61.03 -57.89 31.94
CA ASN V 98 61.68 -57.29 33.09
C ASN V 98 60.72 -56.39 33.84
N LYS V 99 59.91 -55.62 33.10
CA LYS V 99 58.88 -54.83 33.77
C LYS V 99 57.76 -55.73 34.27
N LEU V 100 57.59 -56.92 33.66
CA LEU V 100 56.74 -57.93 34.25
C LEU V 100 57.27 -58.38 35.60
N LEU V 101 58.53 -58.77 35.65
CA LEU V 101 59.08 -59.43 36.82
C LEU V 101 59.83 -58.47 37.73
N GLY V 102 59.32 -57.25 37.89
CA GLY V 102 60.05 -56.22 38.62
C GLY V 102 60.15 -56.48 40.10
N ARG V 103 59.08 -56.95 40.72
CA ARG V 103 59.12 -57.32 42.11
C ARG V 103 59.59 -58.76 42.31
N VAL V 104 60.15 -59.37 41.29
CA VAL V 104 60.35 -60.81 41.25
C VAL V 104 61.83 -61.13 41.32
N THR V 105 62.17 -62.17 42.06
CA THR V 105 63.55 -62.60 42.22
C THR V 105 63.60 -64.09 41.95
N ILE V 106 64.63 -64.52 41.27
CA ILE V 106 64.85 -65.93 40.96
C ILE V 106 65.90 -66.47 41.93
N ALA V 107 65.67 -67.69 42.42
CA ALA V 107 66.71 -68.37 43.16
C ALA V 107 67.89 -68.68 42.25
N GLN V 108 69.09 -68.57 42.82
CA GLN V 108 70.36 -68.68 42.11
C GLN V 108 70.46 -67.71 40.94
N GLY V 109 69.94 -66.50 41.10
CA GLY V 109 69.91 -65.55 40.01
C GLY V 109 71.11 -64.63 39.86
N GLY V 110 71.41 -63.83 40.88
CA GLY V 110 72.36 -62.74 40.69
C GLY V 110 71.73 -61.63 39.84
N VAL V 111 72.58 -60.73 39.35
CA VAL V 111 72.15 -59.64 38.50
C VAL V 111 73.10 -59.49 37.32
N LEU V 112 72.84 -58.47 36.51
CA LEU V 112 73.55 -58.26 35.26
C LEU V 112 74.96 -57.76 35.51
N PRO V 113 75.84 -57.85 34.51
CA PRO V 113 77.11 -57.11 34.60
C PRO V 113 76.86 -55.63 34.49
N ASN V 114 76.98 -54.93 35.62
CA ASN V 114 76.86 -53.48 35.65
C ASN V 114 78.20 -52.91 36.07
N ILE V 115 79.11 -52.78 35.10
CA ILE V 115 80.40 -52.15 35.31
C ILE V 115 80.25 -50.71 34.88
N GLN V 116 80.40 -49.79 35.82
CA GLN V 116 80.27 -48.38 35.49
C GLN V 116 81.51 -47.90 34.76
N ALA V 117 81.34 -46.87 33.93
CA ALA V 117 82.41 -46.39 33.07
C ALA V 117 83.48 -45.67 33.87
N VAL V 118 83.15 -45.23 35.09
CA VAL V 118 84.11 -44.61 35.98
C VAL V 118 85.08 -45.59 36.61
N LEU V 119 85.02 -46.87 36.24
CA LEU V 119 85.72 -47.90 36.98
C LEU V 119 86.85 -48.54 36.18
N LEU V 120 86.75 -48.54 34.86
CA LEU V 120 87.76 -49.20 34.05
C LEU V 120 89.06 -48.40 34.06
N PRO V 121 90.22 -49.06 34.09
CA PRO V 121 91.49 -48.33 34.08
C PRO V 121 91.76 -47.68 32.74
N LYS V 122 91.67 -46.36 32.70
CA LYS V 122 91.76 -45.60 31.47
C LYS V 122 93.13 -44.93 31.31
N LYS W 38 51.42 -85.28 43.38
CA LYS W 38 51.20 -83.84 43.41
C LYS W 38 51.91 -83.25 42.20
N GLU W 39 51.16 -82.99 41.13
CA GLU W 39 51.75 -82.93 39.80
C GLU W 39 52.47 -81.62 39.55
N SER W 40 53.62 -81.72 38.91
CA SER W 40 54.31 -80.57 38.33
C SER W 40 54.10 -80.62 36.83
N TYR W 41 54.69 -79.69 36.09
CA TYR W 41 54.31 -79.50 34.69
C TYR W 41 55.45 -79.90 33.77
N SER W 42 56.17 -80.97 34.13
CA SER W 42 57.52 -81.19 33.62
C SER W 42 57.52 -81.59 32.14
N ILE W 43 56.71 -82.59 31.79
CA ILE W 43 56.72 -83.05 30.41
C ILE W 43 56.04 -82.05 29.51
N TYR W 44 55.19 -81.19 30.08
CA TYR W 44 54.63 -80.09 29.32
C TYR W 44 55.72 -79.14 28.89
N VAL W 45 56.63 -78.84 29.83
CA VAL W 45 57.81 -78.07 29.53
C VAL W 45 58.71 -78.76 28.53
N TYR W 46 58.85 -80.09 28.64
CA TYR W 46 59.66 -80.84 27.68
C TYR W 46 59.09 -80.73 26.27
N LYS W 47 57.77 -80.78 26.14
CA LYS W 47 57.18 -80.74 24.82
C LYS W 47 57.22 -79.33 24.23
N VAL W 48 57.05 -78.30 25.07
CA VAL W 48 57.23 -76.93 24.60
C VAL W 48 58.67 -76.71 24.15
N LEU W 49 59.60 -77.24 24.92
CA LEU W 49 61.02 -77.09 24.63
C LEU W 49 61.40 -77.80 23.34
N LYS W 50 60.87 -79.00 23.13
CA LYS W 50 61.13 -79.69 21.87
C LYS W 50 60.42 -79.04 20.71
N GLN W 51 59.33 -78.31 20.97
CA GLN W 51 58.73 -77.50 19.93
C GLN W 51 59.49 -76.21 19.67
N VAL W 52 60.42 -75.81 20.54
CA VAL W 52 61.10 -74.55 20.27
C VAL W 52 62.59 -74.74 20.02
N HIS W 53 63.33 -75.19 21.04
CA HIS W 53 64.74 -75.50 20.86
C HIS W 53 64.90 -76.99 21.11
N PRO W 54 64.73 -77.84 20.10
CA PRO W 54 64.57 -79.28 20.36
C PRO W 54 65.86 -80.02 20.70
N ASP W 55 66.96 -79.33 20.94
CA ASP W 55 68.22 -79.98 21.32
C ASP W 55 68.74 -79.37 22.62
N THR W 56 67.86 -79.25 23.60
CA THR W 56 68.16 -78.45 24.78
C THR W 56 67.79 -79.21 26.03
N GLY W 57 68.73 -79.33 26.96
CA GLY W 57 68.45 -79.93 28.24
C GLY W 57 68.03 -78.89 29.25
N ILE W 58 67.90 -79.34 30.50
CA ILE W 58 67.41 -78.49 31.58
C ILE W 58 67.81 -79.14 32.89
N SER W 59 68.02 -78.32 33.91
CA SER W 59 68.28 -78.82 35.25
C SER W 59 66.96 -79.02 35.99
N SER W 60 67.05 -79.61 37.16
CA SER W 60 65.88 -79.83 37.99
C SER W 60 65.35 -78.51 38.52
N LYS W 61 66.23 -77.70 39.10
CA LYS W 61 65.76 -76.50 39.76
C LYS W 61 65.32 -75.44 38.78
N ALA W 62 65.81 -75.52 37.54
CA ALA W 62 65.27 -74.68 36.47
C ALA W 62 63.80 -74.98 36.26
N MET W 63 63.45 -76.27 36.19
CA MET W 63 62.05 -76.68 36.10
C MET W 63 61.26 -76.21 37.30
N GLY W 64 61.89 -76.24 38.49
CA GLY W 64 61.20 -75.77 39.67
C GLY W 64 60.87 -74.29 39.62
N ILE W 65 61.80 -73.48 39.14
CA ILE W 65 61.56 -72.05 39.01
C ILE W 65 60.51 -71.80 37.95
N MET W 66 60.53 -72.59 36.88
CA MET W 66 59.52 -72.46 35.84
C MET W 66 58.13 -72.75 36.36
N ASN W 67 57.99 -73.77 37.20
CA ASN W 67 56.66 -74.10 37.68
C ASN W 67 56.20 -73.10 38.73
N SER W 68 57.16 -72.55 39.49
CA SER W 68 56.89 -71.42 40.37
C SER W 68 56.33 -70.25 39.58
N PHE W 69 56.98 -69.96 38.46
CA PHE W 69 56.56 -68.91 37.54
C PHE W 69 55.15 -69.15 37.03
N VAL W 70 54.88 -70.36 36.57
CA VAL W 70 53.59 -70.67 35.97
C VAL W 70 52.47 -70.55 36.98
N ASN W 71 52.72 -71.03 38.20
CA ASN W 71 51.71 -70.92 39.25
C ASN W 71 51.45 -69.48 39.64
N ASP W 72 52.50 -68.66 39.71
CA ASP W 72 52.33 -67.24 40.01
C ASP W 72 51.47 -66.57 38.96
N ILE W 73 51.76 -66.83 37.69
CA ILE W 73 51.02 -66.19 36.61
C ILE W 73 49.58 -66.62 36.62
N PHE W 74 49.34 -67.91 36.81
CA PHE W 74 47.98 -68.44 36.86
C PHE W 74 47.19 -67.83 38.00
N GLU W 75 47.82 -67.70 39.17
CA GLU W 75 47.14 -67.12 40.31
C GLU W 75 46.83 -65.65 40.10
N ARG W 76 47.75 -64.91 39.49
CA ARG W 76 47.53 -63.49 39.29
C ARG W 76 46.40 -63.24 38.32
N ILE W 77 46.38 -64.01 37.22
CA ILE W 77 45.33 -63.83 36.23
C ILE W 77 43.98 -64.22 36.81
N ALA W 78 43.95 -65.35 37.52
CA ALA W 78 42.69 -65.87 38.03
C ALA W 78 42.09 -64.94 39.07
N GLY W 79 42.93 -64.41 39.96
CA GLY W 79 42.45 -63.46 40.94
C GLY W 79 41.99 -62.18 40.29
N GLU W 80 42.67 -61.77 39.22
CA GLU W 80 42.24 -60.56 38.55
C GLU W 80 40.91 -60.78 37.84
N ALA W 81 40.69 -62.00 37.36
CA ALA W 81 39.40 -62.33 36.76
C ALA W 81 38.30 -62.37 37.80
N SER W 82 38.64 -62.83 39.01
CA SER W 82 37.66 -62.81 40.08
C SER W 82 37.33 -61.38 40.47
N ARG W 83 38.33 -60.49 40.42
CA ARG W 83 38.07 -59.07 40.58
C ARG W 83 37.17 -58.54 39.47
N LEU W 84 37.35 -59.05 38.25
CA LEU W 84 36.47 -58.63 37.17
C LEU W 84 35.03 -59.01 37.44
N ALA W 85 34.83 -60.22 37.95
CA ALA W 85 33.49 -60.68 38.29
C ALA W 85 32.87 -59.82 39.37
N HIS W 86 33.56 -59.66 40.50
CA HIS W 86 32.98 -58.93 41.62
C HIS W 86 32.91 -57.43 41.36
N TYR W 87 33.78 -56.88 40.51
CA TYR W 87 33.63 -55.49 40.13
C TYR W 87 32.58 -55.33 39.05
N ASN W 88 32.12 -56.43 38.47
CA ASN W 88 31.16 -56.35 37.39
C ASN W 88 29.90 -57.16 37.62
N LYS W 89 29.78 -57.82 38.78
CA LYS W 89 28.56 -58.51 39.23
C LYS W 89 28.14 -59.61 38.25
N ARG W 90 29.12 -60.21 37.61
CA ARG W 90 28.85 -61.26 36.64
C ARG W 90 29.14 -62.58 37.33
N SER W 91 28.13 -63.44 37.41
CA SER W 91 28.19 -64.60 38.28
C SER W 91 29.05 -65.73 37.73
N THR W 92 29.55 -65.59 36.51
CA THR W 92 30.53 -66.53 36.00
C THR W 92 31.55 -65.78 35.16
N ILE W 93 32.47 -66.53 34.59
CA ILE W 93 33.56 -65.99 33.80
C ILE W 93 33.65 -66.75 32.50
N THR W 94 33.61 -66.02 31.39
CA THR W 94 33.84 -66.56 30.06
C THR W 94 35.23 -66.16 29.60
N SER W 95 35.51 -66.40 28.33
CA SER W 95 36.83 -66.10 27.78
C SER W 95 37.09 -64.60 27.62
N ARG W 96 36.03 -63.79 27.49
CA ARG W 96 36.20 -62.35 27.29
C ARG W 96 36.84 -61.68 28.49
N GLU W 97 36.45 -62.14 29.68
CA GLU W 97 37.06 -61.72 30.92
C GLU W 97 38.54 -62.08 30.94
N ILE W 98 38.88 -63.24 30.41
CA ILE W 98 40.27 -63.68 30.43
C ILE W 98 41.08 -62.82 29.48
N GLN W 99 40.49 -62.47 28.33
CA GLN W 99 41.16 -61.59 27.39
C GLN W 99 41.44 -60.24 28.00
N THR W 100 40.43 -59.63 28.62
CA THR W 100 40.67 -58.31 29.19
C THR W 100 41.60 -58.37 30.40
N ALA W 101 41.65 -59.50 31.11
CA ALA W 101 42.58 -59.60 32.23
C ALA W 101 44.02 -59.74 31.74
N VAL W 102 44.22 -60.51 30.68
CA VAL W 102 45.54 -60.62 30.07
C VAL W 102 46.00 -59.27 29.53
N ARG W 103 45.07 -58.47 29.01
CA ARG W 103 45.38 -57.07 28.71
C ARG W 103 45.80 -56.31 29.95
N LEU W 104 45.13 -56.55 31.08
CA LEU W 104 45.41 -55.77 32.27
C LEU W 104 46.75 -56.13 32.90
N LEU W 105 47.24 -57.33 32.65
CA LEU W 105 48.50 -57.71 33.28
C LEU W 105 49.68 -57.49 32.35
N LEU W 106 49.66 -58.09 31.21
CA LEU W 106 50.87 -58.01 30.41
C LEU W 106 50.85 -56.76 29.54
N PRO W 107 52.00 -56.13 29.32
CA PRO W 107 52.06 -54.98 28.41
C PRO W 107 51.97 -55.37 26.94
N GLY W 108 52.01 -54.36 26.07
CA GLY W 108 51.53 -54.37 24.69
C GLY W 108 51.80 -55.53 23.73
N GLU W 109 53.07 -55.78 23.41
CA GLU W 109 53.39 -56.78 22.38
C GLU W 109 53.03 -58.18 22.83
N LEU W 110 53.44 -58.53 24.05
CA LEU W 110 53.04 -59.78 24.67
C LEU W 110 51.54 -59.92 24.73
N ALA W 111 50.84 -58.83 25.05
CA ALA W 111 49.39 -58.86 25.17
C ALA W 111 48.72 -59.15 23.84
N LYS W 112 49.20 -58.49 22.79
CA LYS W 112 48.54 -58.65 21.49
C LYS W 112 48.81 -60.03 20.93
N HIS W 113 50.05 -60.52 21.06
CA HIS W 113 50.35 -61.87 20.59
C HIS W 113 49.62 -62.93 21.40
N ALA W 114 49.43 -62.68 22.69
CA ALA W 114 48.70 -63.62 23.52
C ALA W 114 47.23 -63.66 23.15
N VAL W 115 46.64 -62.48 22.88
CA VAL W 115 45.24 -62.42 22.44
C VAL W 115 45.08 -63.17 21.13
N SER W 116 46.07 -63.03 20.24
CA SER W 116 46.03 -63.74 18.97
C SER W 116 46.07 -65.24 19.15
N GLU W 117 46.98 -65.71 20.00
CA GLU W 117 47.10 -67.15 20.24
C GLU W 117 45.86 -67.72 20.91
N GLY W 118 45.29 -66.96 21.85
CA GLY W 118 44.11 -67.43 22.54
C GLY W 118 42.91 -67.52 21.62
N THR W 119 42.71 -66.51 20.77
CA THR W 119 41.59 -66.56 19.85
C THR W 119 41.78 -67.64 18.79
N LYS W 120 43.04 -67.91 18.41
CA LYS W 120 43.28 -69.01 17.46
C LYS W 120 42.96 -70.36 18.08
N ALA W 121 43.29 -70.52 19.36
CA ALA W 121 42.94 -71.75 20.05
C ALA W 121 41.43 -71.89 20.21
N VAL W 122 40.75 -70.78 20.53
CA VAL W 122 39.29 -70.75 20.58
C VAL W 122 38.70 -71.16 19.25
N THR W 123 39.29 -70.68 18.17
CA THR W 123 38.82 -70.99 16.83
C THR W 123 38.96 -72.47 16.51
N LYS W 124 40.14 -73.03 16.77
CA LYS W 124 40.36 -74.41 16.36
C LYS W 124 39.62 -75.38 17.27
N TYR W 125 39.46 -75.03 18.54
CA TYR W 125 38.65 -75.88 19.41
C TYR W 125 37.17 -75.75 19.09
N THR W 126 36.74 -74.58 18.61
CA THR W 126 35.32 -74.36 18.33
C THR W 126 34.93 -75.05 17.02
N SER W 127 35.88 -75.11 16.08
CA SER W 127 35.62 -75.78 14.81
C SER W 127 35.43 -77.28 14.99
N ALA W 128 36.09 -77.86 15.99
CA ALA W 128 35.96 -79.28 16.29
C ALA W 128 36.27 -79.54 17.76
#